data_1UAP
#
_entry.id   1UAP
#
_entity_poly.entity_id   1
_entity_poly.type   'polypeptide(L)'
_entity_poly.pdbx_seq_one_letter_code
;MGSSHHHHHHSSGLVPRGSHMLESPDAPTCPKQCRRTGTLQSNFCASSLVVTATVKSMVREPGEGLAVTVSLIGAYKTGG
LDLPSPPTGASLKFYVPCKQCPPMKKGVSYLLMGQVEENRGPVLPPESFVVLHRPNQDQILTNLSKRKCPSQPV
;
_entity_poly.pdbx_strand_id   A
#
# COMPACT_ATOMS: atom_id res chain seq x y z
N SER A 24 -4.31 8.37 -7.16
CA SER A 24 -5.06 8.28 -8.41
C SER A 24 -6.53 8.51 -8.08
N PRO A 25 -7.10 9.71 -8.28
CA PRO A 25 -8.43 10.04 -7.78
C PRO A 25 -9.49 9.61 -8.78
N ASP A 26 -9.41 8.34 -9.14
CA ASP A 26 -10.21 7.65 -10.14
C ASP A 26 -10.60 6.26 -9.70
N ALA A 27 -10.79 6.18 -8.39
CA ALA A 27 -11.26 5.03 -7.64
C ALA A 27 -12.76 5.29 -7.46
N PRO A 28 -13.65 4.47 -8.06
CA PRO A 28 -15.07 4.66 -8.02
C PRO A 28 -15.68 4.18 -6.69
N THR A 29 -17.00 4.07 -6.67
CA THR A 29 -17.81 3.54 -5.57
C THR A 29 -17.19 2.18 -5.17
N CYS A 30 -17.46 1.67 -3.97
CA CYS A 30 -16.79 0.44 -3.55
C CYS A 30 -17.55 -0.77 -4.12
N PRO A 31 -16.87 -1.63 -4.92
CA PRO A 31 -17.48 -2.81 -5.53
C PRO A 31 -17.69 -3.90 -4.49
N LYS A 32 -18.40 -4.96 -4.87
CA LYS A 32 -18.60 -6.11 -3.98
C LYS A 32 -17.37 -7.00 -3.93
N GLN A 33 -16.44 -6.88 -4.89
CA GLN A 33 -15.22 -7.66 -4.95
C GLN A 33 -14.45 -7.53 -3.64
N CYS A 34 -14.08 -8.69 -3.09
CA CYS A 34 -13.32 -8.79 -1.85
C CYS A 34 -12.26 -9.86 -2.09
N ARG A 35 -11.37 -9.64 -3.07
CA ARG A 35 -10.34 -10.61 -3.47
C ARG A 35 -9.17 -9.93 -4.17
N ARG A 36 -8.02 -10.63 -4.23
CA ARG A 36 -6.75 -10.22 -4.83
C ARG A 36 -6.40 -11.12 -6.02
N THR A 37 -5.59 -10.63 -6.95
CA THR A 37 -5.17 -11.26 -8.21
C THR A 37 -3.69 -10.95 -8.52
N GLY A 38 -3.15 -11.53 -9.60
CA GLY A 38 -1.80 -11.30 -10.12
C GLY A 38 -0.67 -11.83 -9.24
N THR A 39 0.59 -11.63 -9.65
CA THR A 39 1.77 -12.01 -8.86
C THR A 39 2.22 -10.84 -7.97
N LEU A 40 3.21 -11.10 -7.11
CA LEU A 40 3.83 -10.08 -6.27
C LEU A 40 4.57 -9.08 -7.17
N GLN A 41 5.38 -9.54 -8.14
CA GLN A 41 6.08 -8.64 -9.05
C GLN A 41 5.10 -7.83 -9.88
N SER A 42 4.09 -8.47 -10.47
CA SER A 42 3.06 -7.82 -11.26
C SER A 42 2.47 -6.63 -10.50
N ASN A 43 1.96 -6.91 -9.31
CA ASN A 43 1.30 -5.92 -8.49
C ASN A 43 2.26 -4.86 -7.97
N PHE A 44 3.49 -5.22 -7.54
CA PHE A 44 4.50 -4.25 -7.09
C PHE A 44 4.74 -3.19 -8.18
N CYS A 45 4.91 -3.63 -9.43
CA CYS A 45 5.15 -2.77 -10.57
C CYS A 45 3.90 -1.97 -10.98
N ALA A 46 2.70 -2.46 -10.65
CA ALA A 46 1.46 -1.74 -10.91
C ALA A 46 1.31 -0.61 -9.88
N SER A 47 1.48 -0.93 -8.60
CA SER A 47 1.30 0.00 -7.48
C SER A 47 2.28 1.16 -7.54
N SER A 48 1.77 2.39 -7.37
CA SER A 48 2.58 3.59 -7.31
C SER A 48 3.15 3.80 -5.89
N LEU A 49 2.71 2.99 -4.91
CA LEU A 49 3.12 3.06 -3.51
C LEU A 49 3.42 1.65 -3.04
N VAL A 50 4.62 1.39 -2.50
CA VAL A 50 4.96 0.09 -1.94
C VAL A 50 5.73 0.32 -0.65
N VAL A 51 5.16 -0.10 0.48
CA VAL A 51 5.72 0.04 1.82
C VAL A 51 5.33 -1.14 2.70
N THR A 52 5.90 -1.22 3.91
CA THR A 52 5.62 -2.20 4.93
C THR A 52 5.37 -1.39 6.22
N ALA A 53 4.38 -1.79 7.03
CA ALA A 53 4.06 -1.07 8.25
C ALA A 53 3.30 -1.97 9.23
N THR A 54 3.05 -1.45 10.42
CA THR A 54 2.26 -2.08 11.47
C THR A 54 1.13 -1.11 11.75
N VAL A 55 -0.09 -1.65 11.86
CA VAL A 55 -1.29 -0.86 12.05
C VAL A 55 -1.37 -0.44 13.51
N LYS A 56 -1.26 0.87 13.75
CA LYS A 56 -1.40 1.45 15.07
C LYS A 56 -2.89 1.50 15.40
N SER A 57 -3.69 2.13 14.53
CA SER A 57 -5.12 2.34 14.75
C SER A 57 -5.89 2.20 13.44
N MET A 58 -7.21 2.19 13.54
CA MET A 58 -8.17 2.15 12.44
C MET A 58 -9.27 3.13 12.81
N VAL A 59 -9.66 3.99 11.87
CA VAL A 59 -10.64 5.06 12.07
C VAL A 59 -11.57 5.07 10.85
N ARG A 60 -12.88 5.29 11.03
CA ARG A 60 -13.81 5.32 9.90
C ARG A 60 -13.56 6.56 9.06
N GLU A 61 -13.87 6.46 7.77
CA GLU A 61 -13.67 7.49 6.76
C GLU A 61 -14.96 7.58 5.90
N PRO A 62 -15.06 8.54 4.95
CA PRO A 62 -16.22 8.71 4.08
C PRO A 62 -16.54 7.47 3.22
N GLY A 63 -17.79 7.42 2.74
CA GLY A 63 -18.29 6.33 1.92
C GLY A 63 -18.15 5.01 2.66
N GLU A 64 -17.82 3.94 1.94
CA GLU A 64 -17.56 2.62 2.51
C GLU A 64 -16.09 2.52 2.99
N GLY A 65 -15.42 3.66 3.15
CA GLY A 65 -14.01 3.76 3.49
C GLY A 65 -13.71 3.60 4.97
N LEU A 66 -12.41 3.42 5.22
CA LEU A 66 -11.77 3.15 6.50
C LEU A 66 -10.32 3.64 6.35
N ALA A 67 -9.76 4.26 7.38
CA ALA A 67 -8.36 4.70 7.39
C ALA A 67 -7.63 3.76 8.33
N VAL A 68 -6.37 3.49 8.00
CA VAL A 68 -5.50 2.68 8.82
C VAL A 68 -4.35 3.61 9.19
N THR A 69 -4.10 3.80 10.48
CA THR A 69 -2.99 4.61 10.95
C THR A 69 -1.80 3.65 11.08
N VAL A 70 -0.63 4.04 10.58
CA VAL A 70 0.56 3.20 10.54
C VAL A 70 1.81 4.00 10.97
N SER A 71 2.97 3.34 11.13
CA SER A 71 4.21 3.95 11.58
C SER A 71 5.42 3.57 10.73
N LEU A 72 5.24 3.47 9.40
CA LEU A 72 6.31 3.21 8.39
C LEU A 72 7.40 2.25 8.83
N ILE A 73 7.18 0.93 8.76
CA ILE A 73 8.22 -0.04 9.09
C ILE A 73 9.27 -0.14 7.96
N GLY A 74 8.88 0.03 6.69
CA GLY A 74 9.77 0.00 5.52
C GLY A 74 9.10 0.67 4.33
N ALA A 75 9.90 1.06 3.33
CA ALA A 75 9.44 1.69 2.11
C ALA A 75 10.32 1.24 0.94
N TYR A 76 9.72 1.11 -0.25
CA TYR A 76 10.39 0.60 -1.44
C TYR A 76 10.12 1.53 -2.64
N LYS A 77 8.90 2.04 -2.79
CA LYS A 77 8.50 2.99 -3.83
C LYS A 77 7.55 3.99 -3.17
N THR A 78 7.86 5.28 -3.24
CA THR A 78 7.10 6.40 -2.69
C THR A 78 7.21 7.56 -3.68
N GLY A 79 6.74 7.33 -4.91
CA GLY A 79 6.82 8.29 -6.01
C GLY A 79 5.70 9.32 -6.01
N GLY A 80 5.28 9.76 -4.82
CA GLY A 80 4.30 10.80 -4.60
C GLY A 80 4.34 11.42 -3.19
N LEU A 81 5.10 10.86 -2.25
CA LEU A 81 5.27 11.38 -0.90
C LEU A 81 6.59 12.11 -0.78
N ASP A 82 6.53 13.33 -0.28
CA ASP A 82 7.70 14.15 0.01
C ASP A 82 8.14 13.74 1.42
N LEU A 83 8.63 12.51 1.54
CA LEU A 83 9.08 11.96 2.83
C LEU A 83 10.18 12.85 3.41
N PRO A 84 10.33 12.89 4.74
CA PRO A 84 11.30 13.76 5.40
C PRO A 84 12.74 13.38 5.03
N SER A 85 13.70 14.21 5.44
CA SER A 85 15.12 13.98 5.25
C SER A 85 15.49 12.58 5.78
N PRO A 86 15.29 12.25 7.07
CA PRO A 86 15.54 10.90 7.53
C PRO A 86 14.46 10.00 6.93
N PRO A 87 14.80 8.79 6.47
CA PRO A 87 13.83 7.85 5.90
C PRO A 87 12.87 7.28 6.95
N THR A 88 12.32 6.12 6.62
CA THR A 88 11.34 5.31 7.31
C THR A 88 11.48 5.36 8.84
N GLY A 89 10.34 5.56 9.51
CA GLY A 89 10.22 5.70 10.95
C GLY A 89 9.29 6.87 11.28
N ALA A 90 8.25 7.10 10.46
CA ALA A 90 7.30 8.20 10.54
C ALA A 90 5.89 7.63 10.43
N SER A 91 4.87 8.43 10.75
CA SER A 91 3.50 7.95 10.75
C SER A 91 2.73 8.44 9.53
N LEU A 92 1.76 7.62 9.10
CA LEU A 92 0.86 7.92 7.98
C LEU A 92 -0.52 7.33 8.29
N LYS A 93 -1.49 7.68 7.46
CA LYS A 93 -2.87 7.18 7.47
C LYS A 93 -3.08 6.70 6.04
N PHE A 94 -3.29 5.40 5.84
CA PHE A 94 -3.58 4.88 4.50
C PHE A 94 -5.09 4.93 4.34
N TYR A 95 -5.55 5.67 3.33
CA TYR A 95 -6.96 5.82 3.01
C TYR A 95 -7.43 4.56 2.28
N VAL A 96 -8.31 3.75 2.85
CA VAL A 96 -8.86 2.57 2.19
C VAL A 96 -10.30 2.93 1.83
N PRO A 97 -10.69 3.06 0.56
CA PRO A 97 -12.07 3.41 0.19
C PRO A 97 -13.05 2.23 0.34
N CYS A 98 -12.58 1.04 0.72
CA CYS A 98 -13.38 -0.16 0.95
C CYS A 98 -12.97 -0.83 2.27
N LYS A 99 -13.85 -0.85 3.28
CA LYS A 99 -13.59 -1.53 4.55
C LYS A 99 -13.71 -3.06 4.48
N GLN A 100 -14.14 -3.59 3.33
CA GLN A 100 -14.37 -5.02 3.16
C GLN A 100 -13.05 -5.76 2.94
N CYS A 101 -12.26 -5.30 1.97
CA CYS A 101 -11.00 -5.88 1.51
C CYS A 101 -10.10 -4.79 0.87
N PRO A 102 -8.80 -5.05 0.65
CA PRO A 102 -8.07 -6.27 1.02
C PRO A 102 -8.03 -6.42 2.56
N PRO A 103 -7.94 -7.65 3.09
CA PRO A 103 -7.99 -7.88 4.53
C PRO A 103 -6.75 -7.34 5.23
N MET A 104 -6.96 -6.72 6.40
CA MET A 104 -5.93 -6.16 7.25
C MET A 104 -6.46 -6.27 8.68
N LYS A 105 -5.63 -6.00 9.69
CA LYS A 105 -6.02 -6.03 11.11
C LYS A 105 -5.31 -4.95 11.91
N LYS A 106 -5.98 -4.43 12.94
CA LYS A 106 -5.40 -3.47 13.87
C LYS A 106 -4.34 -4.22 14.66
N GLY A 107 -3.18 -3.62 14.89
CA GLY A 107 -2.13 -4.21 15.71
C GLY A 107 -1.44 -5.40 15.05
N VAL A 108 -1.24 -5.40 13.73
CA VAL A 108 -0.51 -6.43 12.99
C VAL A 108 0.33 -5.73 11.92
N SER A 109 1.35 -6.43 11.41
CA SER A 109 2.29 -5.93 10.40
C SER A 109 1.91 -6.44 9.02
N TYR A 110 1.95 -5.56 8.03
CA TYR A 110 1.55 -5.82 6.65
C TYR A 110 2.49 -5.19 5.63
N LEU A 111 2.30 -5.61 4.38
CA LEU A 111 2.94 -5.16 3.16
C LEU A 111 1.78 -4.46 2.47
N LEU A 112 1.94 -3.18 2.12
CA LEU A 112 0.90 -2.35 1.53
C LEU A 112 1.40 -1.92 0.15
N MET A 113 0.73 -2.39 -0.89
CA MET A 113 1.01 -2.01 -2.27
C MET A 113 -0.27 -1.34 -2.73
N GLY A 114 -0.23 -0.04 -2.99
CA GLY A 114 -1.37 0.80 -3.36
C GLY A 114 -0.89 1.97 -4.21
N GLN A 115 -1.44 3.16 -4.01
CA GLN A 115 -1.11 4.34 -4.80
C GLN A 115 -0.91 5.54 -3.87
N VAL A 116 -0.52 6.68 -4.42
CA VAL A 116 -0.36 7.91 -3.65
C VAL A 116 -1.31 8.97 -4.22
N GLU A 117 -1.62 9.98 -3.42
CA GLU A 117 -2.42 11.15 -3.73
C GLU A 117 -1.57 12.32 -3.26
N GLU A 118 -1.08 13.12 -4.21
CA GLU A 118 -0.22 14.27 -3.97
C GLU A 118 -1.15 15.45 -3.67
N ASN A 119 -1.87 15.28 -2.55
CA ASN A 119 -2.91 16.14 -2.02
C ASN A 119 -3.44 15.61 -0.67
N ARG A 120 -3.45 14.28 -0.51
CA ARG A 120 -4.01 13.61 0.68
C ARG A 120 -3.12 12.62 1.39
N GLY A 121 -1.97 12.28 0.81
CA GLY A 121 -1.05 11.29 1.35
C GLY A 121 -1.28 9.94 0.66
N PRO A 122 -0.99 8.82 1.33
CA PRO A 122 -1.09 7.50 0.73
C PRO A 122 -2.54 7.02 0.70
N VAL A 123 -2.87 6.31 -0.37
CA VAL A 123 -4.19 5.77 -0.63
C VAL A 123 -3.99 4.27 -0.89
N LEU A 124 -5.00 3.48 -0.54
CA LEU A 124 -4.92 2.03 -0.62
C LEU A 124 -6.25 1.49 -1.19
N PRO A 125 -6.48 1.63 -2.52
CA PRO A 125 -7.72 1.23 -3.20
C PRO A 125 -7.97 -0.29 -3.15
N PRO A 126 -9.14 -0.81 -3.57
CA PRO A 126 -9.42 -2.24 -3.52
C PRO A 126 -8.48 -3.09 -4.40
N GLU A 127 -7.80 -2.51 -5.40
CA GLU A 127 -6.80 -3.17 -6.23
C GLU A 127 -5.41 -3.18 -5.55
N SER A 128 -5.35 -3.06 -4.23
CA SER A 128 -4.09 -3.05 -3.50
C SER A 128 -3.72 -4.47 -3.05
N PHE A 129 -2.45 -4.83 -3.19
CA PHE A 129 -1.99 -6.13 -2.71
C PHE A 129 -1.62 -5.95 -1.24
N VAL A 130 -2.35 -6.60 -0.32
CA VAL A 130 -2.07 -6.56 1.11
C VAL A 130 -1.97 -7.99 1.64
N VAL A 131 -0.86 -8.27 2.31
CA VAL A 131 -0.55 -9.52 2.98
C VAL A 131 0.28 -9.17 4.22
N LEU A 132 0.41 -10.10 5.16
CA LEU A 132 1.21 -9.87 6.36
C LEU A 132 2.68 -9.70 5.97
N HIS A 133 3.43 -8.91 6.74
CA HIS A 133 4.82 -8.61 6.47
C HIS A 133 5.65 -9.85 6.79
N ARG A 134 6.42 -10.34 5.81
CA ARG A 134 7.35 -11.46 5.95
C ARG A 134 8.75 -10.96 5.62
N PRO A 135 9.83 -11.59 6.13
CA PRO A 135 11.20 -11.23 5.79
C PRO A 135 11.49 -11.55 4.34
N ASN A 136 11.05 -12.73 3.86
CA ASN A 136 11.22 -13.14 2.47
C ASN A 136 10.66 -12.09 1.52
N GLN A 137 9.39 -11.70 1.72
CA GLN A 137 8.74 -10.68 0.94
C GLN A 137 9.52 -9.36 1.00
N ASP A 138 9.99 -8.95 2.18
CA ASP A 138 10.75 -7.71 2.37
C ASP A 138 11.99 -7.70 1.47
N GLN A 139 12.79 -8.77 1.57
CA GLN A 139 14.00 -8.96 0.78
C GLN A 139 13.69 -8.98 -0.72
N ILE A 140 12.55 -9.55 -1.13
CA ILE A 140 12.08 -9.58 -2.51
C ILE A 140 11.78 -8.15 -2.95
N LEU A 141 10.85 -7.43 -2.30
CA LEU A 141 10.43 -6.09 -2.72
C LEU A 141 11.62 -5.13 -2.74
N THR A 142 12.56 -5.29 -1.81
CA THR A 142 13.78 -4.49 -1.79
C THR A 142 14.53 -4.74 -3.10
N ASN A 143 14.74 -6.01 -3.49
CA ASN A 143 15.36 -6.34 -4.76
C ASN A 143 14.53 -5.89 -5.96
N LEU A 144 13.20 -5.85 -5.87
CA LEU A 144 12.33 -5.35 -6.92
C LEU A 144 12.49 -3.84 -7.11
N SER A 145 12.80 -3.10 -6.04
CA SER A 145 13.06 -1.66 -6.11
C SER A 145 14.48 -1.42 -6.68
N LYS A 146 15.44 -2.31 -6.36
CA LYS A 146 16.81 -2.20 -6.86
C LYS A 146 16.78 -2.46 -8.37
N ARG A 147 16.30 -3.62 -8.80
CA ARG A 147 16.20 -3.99 -10.19
C ARG A 147 15.08 -3.23 -10.87
N LYS A 148 15.12 -3.14 -12.19
CA LYS A 148 14.02 -2.50 -12.93
C LYS A 148 12.86 -3.50 -12.98
N CYS A 149 11.61 -3.06 -13.10
CA CYS A 149 10.48 -3.98 -13.24
C CYS A 149 10.64 -4.78 -14.53
N PRO A 150 10.64 -6.12 -14.49
CA PRO A 150 10.78 -6.90 -15.70
C PRO A 150 9.45 -6.95 -16.45
N SER A 151 9.29 -6.01 -17.37
CA SER A 151 8.20 -5.81 -18.30
C SER A 151 8.78 -4.80 -19.29
N GLN A 152 9.51 -5.25 -20.32
CA GLN A 152 10.14 -4.33 -21.27
C GLN A 152 9.63 -4.72 -22.67
N PRO A 153 8.84 -3.85 -23.31
CA PRO A 153 8.31 -4.08 -24.65
C PRO A 153 8.93 -3.08 -25.64
N VAL A 154 8.47 -3.14 -26.90
CA VAL A 154 8.85 -2.25 -27.98
C VAL A 154 7.58 -1.48 -28.38
N SER A 24 -4.66 9.04 -11.79
CA SER A 24 -4.96 7.73 -11.19
C SER A 24 -5.42 6.76 -12.28
N PRO A 25 -5.10 5.47 -12.17
CA PRO A 25 -5.51 4.47 -13.15
C PRO A 25 -7.03 4.28 -13.09
N ASP A 26 -7.61 3.72 -14.17
CA ASP A 26 -9.03 3.46 -14.32
C ASP A 26 -9.39 2.09 -13.76
N ALA A 27 -9.17 1.93 -12.46
CA ALA A 27 -9.54 0.72 -11.73
C ALA A 27 -11.05 0.82 -11.43
N PRO A 28 -11.85 -0.24 -11.64
CA PRO A 28 -13.29 -0.20 -11.46
C PRO A 28 -13.72 -0.09 -9.99
N THR A 29 -15.03 0.01 -9.77
CA THR A 29 -15.67 0.07 -8.46
C THR A 29 -15.23 -1.12 -7.60
N CYS A 30 -15.16 -0.88 -6.29
CA CYS A 30 -14.77 -1.80 -5.24
C CYS A 30 -16.01 -2.60 -4.88
N PRO A 31 -16.07 -3.90 -5.23
CA PRO A 31 -17.21 -4.75 -4.99
C PRO A 31 -17.23 -5.23 -3.52
N LYS A 32 -18.32 -5.87 -3.12
CA LYS A 32 -18.39 -6.46 -1.78
C LYS A 32 -17.52 -7.73 -1.75
N GLN A 33 -17.25 -8.34 -2.90
CA GLN A 33 -16.38 -9.49 -3.08
C GLN A 33 -14.95 -9.12 -2.64
N CYS A 34 -14.17 -10.10 -2.22
CA CYS A 34 -12.82 -9.91 -1.68
C CYS A 34 -11.88 -10.98 -2.23
N ARG A 35 -11.05 -10.62 -3.21
CA ARG A 35 -10.13 -11.52 -3.93
C ARG A 35 -8.76 -10.86 -4.01
N ARG A 36 -7.74 -11.65 -4.37
CA ARG A 36 -6.36 -11.24 -4.58
C ARG A 36 -5.99 -11.65 -6.01
N THR A 37 -5.15 -10.86 -6.68
CA THR A 37 -4.73 -11.08 -8.06
C THR A 37 -3.22 -10.82 -8.24
N GLY A 38 -2.70 -11.13 -9.43
CA GLY A 38 -1.32 -10.88 -9.81
C GLY A 38 -0.30 -11.71 -9.02
N THR A 39 0.95 -11.24 -9.04
CA THR A 39 2.08 -11.78 -8.30
C THR A 39 2.65 -10.62 -7.49
N LEU A 40 3.60 -10.88 -6.58
CA LEU A 40 4.24 -9.81 -5.83
C LEU A 40 5.02 -8.91 -6.79
N GLN A 41 5.77 -9.46 -7.75
CA GLN A 41 6.48 -8.67 -8.74
C GLN A 41 5.52 -7.85 -9.61
N SER A 42 4.48 -8.50 -10.16
CA SER A 42 3.51 -7.85 -11.03
C SER A 42 2.87 -6.65 -10.32
N ASN A 43 2.47 -6.86 -9.07
CA ASN A 43 1.77 -5.87 -8.27
C ASN A 43 2.69 -4.76 -7.79
N PHE A 44 3.91 -5.04 -7.30
CA PHE A 44 4.83 -4.00 -6.82
C PHE A 44 5.06 -2.96 -7.91
N CYS A 45 5.27 -3.43 -9.14
CA CYS A 45 5.51 -2.55 -10.28
C CYS A 45 4.25 -1.80 -10.72
N ALA A 46 3.05 -2.31 -10.43
CA ALA A 46 1.79 -1.62 -10.73
C ALA A 46 1.54 -0.49 -9.72
N SER A 47 1.73 -0.78 -8.44
CA SER A 47 1.53 0.16 -7.34
C SER A 47 2.60 1.25 -7.36
N SER A 48 2.23 2.53 -7.24
CA SER A 48 3.19 3.63 -7.15
C SER A 48 3.70 3.75 -5.70
N LEU A 49 3.05 3.07 -4.74
CA LEU A 49 3.36 3.07 -3.33
C LEU A 49 3.63 1.66 -2.84
N VAL A 50 4.78 1.40 -2.22
CA VAL A 50 5.10 0.11 -1.65
C VAL A 50 5.85 0.37 -0.33
N VAL A 51 5.22 0.00 0.79
CA VAL A 51 5.73 0.19 2.14
C VAL A 51 5.25 -0.98 3.03
N THR A 52 5.84 -1.12 4.21
CA THR A 52 5.45 -2.10 5.22
C THR A 52 5.16 -1.28 6.47
N ALA A 53 4.24 -1.73 7.31
CA ALA A 53 3.86 -0.97 8.48
C ALA A 53 3.21 -1.87 9.51
N THR A 54 2.98 -1.32 10.70
CA THR A 54 2.29 -1.96 11.79
C THR A 54 1.16 -0.98 12.09
N VAL A 55 -0.07 -1.47 12.13
CA VAL A 55 -1.25 -0.65 12.31
C VAL A 55 -1.32 -0.20 13.77
N LYS A 56 -1.17 1.11 13.99
CA LYS A 56 -1.30 1.72 15.30
C LYS A 56 -2.76 2.03 15.60
N SER A 57 -3.55 2.46 14.61
CA SER A 57 -4.96 2.75 14.80
C SER A 57 -5.73 2.52 13.49
N MET A 58 -7.05 2.46 13.56
CA MET A 58 -7.98 2.33 12.44
C MET A 58 -9.19 3.19 12.79
N VAL A 59 -9.56 4.13 11.93
CA VAL A 59 -10.66 5.07 12.17
C VAL A 59 -11.48 5.19 10.89
N ARG A 60 -12.80 5.39 10.99
CA ARG A 60 -13.68 5.43 9.82
C ARG A 60 -13.34 6.65 8.96
N GLU A 61 -13.59 6.56 7.66
CA GLU A 61 -13.41 7.62 6.67
C GLU A 61 -14.66 7.67 5.76
N PRO A 62 -14.81 8.70 4.90
CA PRO A 62 -15.98 8.93 4.06
C PRO A 62 -16.64 7.70 3.43
N GLY A 63 -17.97 7.70 3.55
CA GLY A 63 -18.82 6.61 3.09
C GLY A 63 -18.45 5.33 3.81
N GLU A 64 -18.13 4.32 3.03
CA GLU A 64 -17.70 3.00 3.49
C GLU A 64 -16.17 2.97 3.68
N GLY A 65 -15.51 4.13 3.87
CA GLY A 65 -14.07 4.26 3.98
C GLY A 65 -13.52 3.95 5.36
N LEU A 66 -12.20 3.78 5.43
CA LEU A 66 -11.45 3.49 6.64
C LEU A 66 -10.03 4.04 6.47
N ALA A 67 -9.46 4.66 7.50
CA ALA A 67 -8.09 5.16 7.52
C ALA A 67 -7.34 4.25 8.47
N VAL A 68 -6.20 3.73 8.02
CA VAL A 68 -5.34 2.90 8.85
C VAL A 68 -4.20 3.84 9.24
N THR A 69 -3.95 4.03 10.53
CA THR A 69 -2.87 4.87 11.01
C THR A 69 -1.69 3.92 11.21
N VAL A 70 -0.56 4.22 10.59
CA VAL A 70 0.64 3.41 10.58
C VAL A 70 1.84 4.18 11.11
N SER A 71 3.01 3.54 11.28
CA SER A 71 4.22 4.21 11.74
C SER A 71 5.43 3.77 10.89
N LEU A 72 5.22 3.65 9.58
CA LEU A 72 6.20 3.33 8.51
C LEU A 72 7.24 2.29 8.92
N ILE A 73 6.96 1.00 8.96
CA ILE A 73 7.96 0.03 9.41
C ILE A 73 9.02 -0.22 8.33
N GLY A 74 8.70 0.04 7.06
CA GLY A 74 9.65 -0.05 5.96
C GLY A 74 9.08 0.64 4.74
N ALA A 75 9.95 1.03 3.81
CA ALA A 75 9.59 1.75 2.60
C ALA A 75 10.42 1.21 1.44
N TYR A 76 9.82 1.08 0.27
CA TYR A 76 10.45 0.50 -0.90
C TYR A 76 10.18 1.34 -2.15
N LYS A 77 9.01 1.98 -2.27
CA LYS A 77 8.63 2.81 -3.39
C LYS A 77 7.70 3.90 -2.84
N THR A 78 8.01 5.17 -3.06
CA THR A 78 7.32 6.36 -2.56
C THR A 78 7.23 7.35 -3.72
N GLY A 79 6.59 6.93 -4.81
CA GLY A 79 6.48 7.70 -6.04
C GLY A 79 5.33 8.70 -6.02
N GLY A 80 5.06 9.31 -4.87
CA GLY A 80 4.05 10.34 -4.75
C GLY A 80 4.16 11.26 -3.53
N LEU A 81 4.78 10.86 -2.41
CA LEU A 81 4.99 11.76 -1.28
C LEU A 81 6.45 12.01 -1.00
N ASP A 82 6.66 13.15 -0.36
CA ASP A 82 7.90 13.69 0.14
C ASP A 82 8.24 13.01 1.45
N LEU A 83 9.05 11.95 1.42
CA LEU A 83 9.49 11.34 2.67
C LEU A 83 10.33 12.40 3.39
N PRO A 84 10.08 12.65 4.68
CA PRO A 84 10.78 13.70 5.40
C PRO A 84 12.22 13.27 5.72
N SER A 85 12.94 14.17 6.41
CA SER A 85 14.29 13.94 6.90
C SER A 85 14.28 12.65 7.73
N PRO A 86 13.48 12.52 8.81
CA PRO A 86 13.38 11.27 9.56
C PRO A 86 12.76 10.16 8.71
N PRO A 87 13.47 9.07 8.39
CA PRO A 87 12.94 7.98 7.59
C PRO A 87 12.03 7.07 8.43
N THR A 88 11.98 5.81 8.01
CA THR A 88 11.18 4.70 8.47
C THR A 88 10.94 4.77 9.98
N GLY A 89 9.67 4.76 10.36
CA GLY A 89 9.16 4.88 11.72
C GLY A 89 8.11 6.00 11.81
N ALA A 90 8.04 6.89 10.81
CA ALA A 90 7.17 8.05 10.81
C ALA A 90 5.71 7.65 10.55
N SER A 91 4.78 8.44 11.09
CA SER A 91 3.36 8.13 11.00
C SER A 91 2.69 8.63 9.73
N LEU A 92 1.72 7.87 9.23
CA LEU A 92 0.88 8.17 8.08
C LEU A 92 -0.52 7.59 8.28
N LYS A 93 -1.50 8.03 7.49
CA LYS A 93 -2.87 7.53 7.49
C LYS A 93 -3.04 6.96 6.07
N PHE A 94 -3.19 5.66 5.91
CA PHE A 94 -3.45 5.04 4.60
C PHE A 94 -4.96 5.01 4.40
N TYR A 95 -5.42 5.69 3.36
CA TYR A 95 -6.81 5.86 3.02
C TYR A 95 -7.33 4.61 2.31
N VAL A 96 -8.24 3.86 2.90
CA VAL A 96 -8.84 2.68 2.28
C VAL A 96 -10.28 3.09 1.94
N PRO A 97 -10.67 3.17 0.65
CA PRO A 97 -12.03 3.58 0.28
C PRO A 97 -13.10 2.54 0.64
N CYS A 98 -12.70 1.37 1.15
CA CYS A 98 -13.55 0.25 1.48
C CYS A 98 -13.08 -0.34 2.82
N LYS A 99 -13.91 -0.24 3.86
CA LYS A 99 -13.62 -0.81 5.18
C LYS A 99 -13.78 -2.32 5.21
N GLN A 100 -14.29 -2.89 4.12
CA GLN A 100 -14.54 -4.30 3.93
C GLN A 100 -13.24 -5.00 3.54
N CYS A 101 -12.59 -4.56 2.46
CA CYS A 101 -11.38 -5.17 1.90
C CYS A 101 -10.52 -4.15 1.15
N PRO A 102 -9.22 -4.40 0.91
CA PRO A 102 -8.49 -5.63 1.23
C PRO A 102 -8.39 -5.85 2.76
N PRO A 103 -8.10 -7.08 3.22
CA PRO A 103 -8.09 -7.42 4.64
C PRO A 103 -7.08 -6.58 5.43
N MET A 104 -7.46 -6.15 6.64
CA MET A 104 -6.64 -5.31 7.50
C MET A 104 -7.01 -5.54 8.96
N LYS A 105 -6.07 -5.36 9.89
CA LYS A 105 -6.31 -5.52 11.34
C LYS A 105 -5.49 -4.50 12.12
N LYS A 106 -6.00 -4.10 13.28
CA LYS A 106 -5.28 -3.19 14.18
C LYS A 106 -4.24 -4.00 14.95
N GLY A 107 -3.03 -3.46 15.13
CA GLY A 107 -2.00 -4.10 15.91
C GLY A 107 -1.46 -5.36 15.24
N VAL A 108 -1.23 -5.30 13.92
CA VAL A 108 -0.65 -6.36 13.12
C VAL A 108 0.26 -5.67 12.10
N SER A 109 1.26 -6.39 11.57
CA SER A 109 2.20 -5.86 10.60
C SER A 109 1.86 -6.35 9.20
N TYR A 110 1.75 -5.41 8.27
CA TYR A 110 1.36 -5.61 6.88
C TYR A 110 2.38 -5.04 5.90
N LEU A 111 2.15 -5.36 4.62
CA LEU A 111 2.82 -4.94 3.42
C LEU A 111 1.69 -4.27 2.64
N LEU A 112 1.85 -3.01 2.26
CA LEU A 112 0.85 -2.20 1.59
C LEU A 112 1.42 -1.84 0.24
N MET A 113 0.82 -2.34 -0.84
CA MET A 113 1.21 -1.98 -2.20
C MET A 113 -0.04 -1.31 -2.72
N GLY A 114 0.00 0.00 -3.00
CA GLY A 114 -1.15 0.79 -3.42
C GLY A 114 -0.70 2.00 -4.23
N GLN A 115 -1.36 3.14 -4.06
CA GLN A 115 -1.07 4.35 -4.82
C GLN A 115 -0.88 5.51 -3.85
N VAL A 116 -0.64 6.70 -4.38
CA VAL A 116 -0.42 7.91 -3.58
C VAL A 116 -1.20 9.06 -4.21
N GLU A 117 -1.69 9.98 -3.41
CA GLU A 117 -2.37 11.17 -3.87
C GLU A 117 -1.62 12.31 -3.22
N GLU A 118 -0.93 13.14 -4.01
CA GLU A 118 -0.18 14.29 -3.55
C GLU A 118 -1.18 15.42 -3.29
N ASN A 119 -2.08 15.20 -2.33
CA ASN A 119 -3.19 16.07 -1.97
C ASN A 119 -3.97 15.52 -0.78
N ARG A 120 -3.96 14.20 -0.58
CA ARG A 120 -4.66 13.54 0.54
C ARG A 120 -3.80 12.52 1.27
N GLY A 121 -2.60 12.23 0.77
CA GLY A 121 -1.71 11.26 1.36
C GLY A 121 -1.80 9.90 0.66
N PRO A 122 -1.29 8.83 1.29
CA PRO A 122 -1.26 7.52 0.68
C PRO A 122 -2.67 6.94 0.60
N VAL A 123 -3.02 6.39 -0.55
CA VAL A 123 -4.34 5.87 -0.85
C VAL A 123 -4.14 4.37 -1.14
N LEU A 124 -4.98 3.53 -0.58
CA LEU A 124 -4.91 2.07 -0.63
C LEU A 124 -6.19 1.52 -1.29
N PRO A 125 -6.31 1.62 -2.65
CA PRO A 125 -7.48 1.22 -3.42
C PRO A 125 -7.73 -0.30 -3.39
N PRO A 126 -8.85 -0.81 -3.93
CA PRO A 126 -9.18 -2.24 -3.86
C PRO A 126 -8.20 -3.16 -4.60
N GLU A 127 -7.62 -2.73 -5.72
CA GLU A 127 -6.70 -3.55 -6.52
C GLU A 127 -5.25 -3.46 -5.98
N SER A 128 -5.09 -3.13 -4.71
CA SER A 128 -3.80 -3.08 -4.01
C SER A 128 -3.44 -4.46 -3.48
N PHE A 129 -2.15 -4.83 -3.43
CA PHE A 129 -1.75 -6.11 -2.85
C PHE A 129 -1.48 -5.80 -1.38
N VAL A 130 -2.29 -6.36 -0.48
CA VAL A 130 -2.21 -6.08 0.94
C VAL A 130 -2.25 -7.39 1.71
N VAL A 131 -1.13 -7.72 2.36
CA VAL A 131 -0.96 -8.97 3.08
C VAL A 131 -0.11 -8.74 4.32
N LEU A 132 -0.09 -9.70 5.24
CA LEU A 132 0.75 -9.64 6.44
C LEU A 132 2.22 -9.66 6.01
N HIS A 133 3.09 -8.99 6.75
CA HIS A 133 4.52 -8.90 6.46
C HIS A 133 5.16 -10.30 6.66
N ARG A 134 6.21 -10.60 5.90
CA ARG A 134 7.05 -11.80 5.95
C ARG A 134 8.45 -11.35 5.50
N PRO A 135 9.55 -11.99 5.93
CA PRO A 135 10.90 -11.64 5.50
C PRO A 135 11.16 -11.98 4.03
N ASN A 136 10.60 -13.09 3.55
CA ASN A 136 10.74 -13.44 2.13
C ASN A 136 10.11 -12.36 1.26
N GLN A 137 8.86 -11.98 1.57
CA GLN A 137 8.16 -10.91 0.88
C GLN A 137 9.02 -9.64 0.93
N ASP A 138 9.43 -9.21 2.13
CA ASP A 138 10.25 -8.04 2.41
C ASP A 138 11.43 -7.93 1.46
N GLN A 139 12.23 -9.00 1.39
CA GLN A 139 13.39 -9.08 0.53
C GLN A 139 13.02 -8.83 -0.94
N ILE A 140 11.93 -9.43 -1.41
CA ILE A 140 11.54 -9.32 -2.81
C ILE A 140 11.18 -7.87 -3.13
N LEU A 141 10.47 -7.17 -2.23
CA LEU A 141 10.16 -5.76 -2.42
C LEU A 141 11.48 -5.00 -2.58
N THR A 142 12.49 -5.29 -1.75
CA THR A 142 13.81 -4.67 -1.85
C THR A 142 14.47 -5.01 -3.20
N ASN A 143 14.38 -6.25 -3.69
CA ASN A 143 14.92 -6.63 -5.00
C ASN A 143 14.29 -5.77 -6.09
N LEU A 144 12.97 -5.55 -6.00
CA LEU A 144 12.16 -4.77 -6.93
C LEU A 144 12.34 -3.26 -6.75
N SER A 145 12.75 -2.81 -5.57
CA SER A 145 13.03 -1.41 -5.26
C SER A 145 14.36 -1.00 -5.90
N LYS A 146 15.31 -1.93 -5.95
CA LYS A 146 16.61 -1.72 -6.57
C LYS A 146 16.45 -1.80 -8.09
N ARG A 147 16.10 -2.98 -8.63
CA ARG A 147 16.01 -3.15 -10.07
C ARG A 147 14.87 -2.31 -10.64
N LYS A 148 15.03 -1.91 -11.90
CA LYS A 148 13.99 -1.18 -12.62
C LYS A 148 12.85 -2.12 -12.97
N CYS A 149 11.62 -1.60 -12.95
CA CYS A 149 10.46 -2.37 -13.38
C CYS A 149 10.56 -2.35 -14.91
N PRO A 150 10.57 -3.50 -15.61
CA PRO A 150 10.74 -3.51 -17.06
C PRO A 150 9.54 -2.83 -17.70
N SER A 151 9.78 -1.77 -18.48
CA SER A 151 8.76 -1.01 -19.19
C SER A 151 9.22 -0.90 -20.64
N GLN A 152 9.27 -2.05 -21.30
CA GLN A 152 9.66 -2.22 -22.69
C GLN A 152 8.71 -3.26 -23.28
N PRO A 153 7.97 -2.94 -24.36
CA PRO A 153 7.11 -3.91 -25.02
C PRO A 153 7.93 -4.96 -25.78
N VAL A 154 7.74 -6.22 -25.39
CA VAL A 154 8.27 -7.47 -25.94
C VAL A 154 7.38 -8.51 -25.28
N SER A 24 -1.42 4.02 -12.58
CA SER A 24 -2.84 3.68 -12.47
C SER A 24 -3.49 4.67 -11.51
N PRO A 25 -4.56 5.36 -11.94
CA PRO A 25 -4.92 6.65 -11.38
C PRO A 25 -5.50 6.52 -9.98
N ASP A 26 -5.58 7.66 -9.30
CA ASP A 26 -6.16 7.91 -7.98
C ASP A 26 -7.71 7.90 -7.99
N ALA A 27 -8.26 7.07 -8.86
CA ALA A 27 -9.67 6.89 -9.17
C ALA A 27 -10.49 6.77 -7.87
N PRO A 28 -11.37 7.74 -7.56
CA PRO A 28 -12.22 7.73 -6.38
C PRO A 28 -13.39 6.80 -6.62
N THR A 29 -13.14 5.50 -6.58
CA THR A 29 -14.06 4.42 -6.87
C THR A 29 -13.78 3.25 -5.92
N CYS A 30 -14.72 2.31 -5.86
CA CYS A 30 -14.64 1.08 -5.11
C CYS A 30 -15.58 0.04 -5.75
N PRO A 31 -15.09 -1.00 -6.41
CA PRO A 31 -15.94 -2.06 -6.94
C PRO A 31 -16.33 -2.97 -5.76
N LYS A 32 -17.36 -3.79 -5.95
CA LYS A 32 -17.81 -4.77 -4.95
C LYS A 32 -16.79 -5.88 -4.74
N GLN A 33 -15.86 -6.10 -5.68
CA GLN A 33 -14.79 -7.10 -5.58
C GLN A 33 -14.08 -6.98 -4.23
N CYS A 34 -13.97 -8.11 -3.55
CA CYS A 34 -13.37 -8.20 -2.23
C CYS A 34 -12.71 -9.56 -2.08
N ARG A 35 -11.44 -9.64 -2.49
CA ARG A 35 -10.63 -10.85 -2.36
C ARG A 35 -9.18 -10.37 -2.40
N ARG A 36 -8.24 -11.23 -1.98
CA ARG A 36 -6.81 -10.91 -2.05
C ARG A 36 -6.41 -11.76 -3.26
N THR A 37 -5.83 -11.19 -4.30
CA THR A 37 -5.49 -11.88 -5.53
C THR A 37 -4.35 -11.12 -6.22
N GLY A 38 -3.85 -11.67 -7.34
CA GLY A 38 -2.84 -11.03 -8.16
C GLY A 38 -1.47 -11.65 -8.01
N THR A 39 -0.51 -10.96 -8.62
CA THR A 39 0.91 -11.28 -8.68
C THR A 39 1.66 -10.43 -7.65
N LEU A 40 2.90 -10.79 -7.35
CA LEU A 40 3.70 -9.97 -6.44
C LEU A 40 4.53 -9.02 -7.27
N GLN A 41 5.31 -9.56 -8.21
CA GLN A 41 6.21 -8.76 -9.00
C GLN A 41 5.45 -7.78 -9.88
N SER A 42 4.36 -8.22 -10.54
CA SER A 42 3.68 -7.30 -11.45
C SER A 42 2.99 -6.21 -10.63
N ASN A 43 2.25 -6.61 -9.59
CA ASN A 43 1.46 -5.71 -8.76
C ASN A 43 2.39 -4.72 -8.06
N PHE A 44 3.60 -5.13 -7.62
CA PHE A 44 4.56 -4.20 -7.01
C PHE A 44 4.89 -3.05 -7.95
N CYS A 45 5.10 -3.33 -9.24
CA CYS A 45 5.37 -2.32 -10.25
C CYS A 45 4.11 -1.53 -10.65
N ALA A 46 2.91 -2.07 -10.47
CA ALA A 46 1.66 -1.33 -10.74
C ALA A 46 1.38 -0.28 -9.66
N SER A 47 1.73 -0.56 -8.41
CA SER A 47 1.57 0.33 -7.28
C SER A 47 2.61 1.46 -7.22
N SER A 48 2.15 2.71 -7.12
CA SER A 48 3.01 3.89 -6.95
C SER A 48 3.43 3.99 -5.45
N LEU A 49 2.77 3.20 -4.58
CA LEU A 49 2.95 3.14 -3.15
C LEU A 49 3.35 1.73 -2.76
N VAL A 50 4.56 1.52 -2.24
CA VAL A 50 4.95 0.21 -1.76
C VAL A 50 5.71 0.48 -0.46
N VAL A 51 5.13 0.05 0.65
CA VAL A 51 5.63 0.27 2.01
C VAL A 51 5.17 -0.91 2.88
N THR A 52 5.73 -1.06 4.07
CA THR A 52 5.34 -2.06 5.05
C THR A 52 5.16 -1.33 6.37
N ALA A 53 4.16 -1.73 7.16
CA ALA A 53 3.90 -1.06 8.42
C ALA A 53 3.03 -1.92 9.33
N THR A 54 2.85 -1.47 10.57
CA THR A 54 1.99 -2.09 11.54
C THR A 54 0.79 -1.16 11.67
N VAL A 55 -0.42 -1.72 11.69
CA VAL A 55 -1.63 -0.96 11.90
C VAL A 55 -1.69 -0.61 13.38
N LYS A 56 -1.59 0.68 13.71
CA LYS A 56 -1.69 1.20 15.07
C LYS A 56 -3.16 1.39 15.41
N SER A 57 -3.89 2.14 14.58
CA SER A 57 -5.32 2.38 14.69
C SER A 57 -5.96 2.35 13.30
N MET A 58 -7.29 2.33 13.27
CA MET A 58 -8.12 2.38 12.07
C MET A 58 -9.20 3.38 12.44
N VAL A 59 -9.50 4.34 11.56
CA VAL A 59 -10.45 5.42 11.82
C VAL A 59 -11.47 5.41 10.69
N ARG A 60 -12.74 5.72 10.98
CA ARG A 60 -13.79 5.72 9.97
C ARG A 60 -13.59 6.93 9.04
N GLU A 61 -13.84 6.77 7.74
CA GLU A 61 -13.65 7.75 6.65
C GLU A 61 -14.99 7.96 5.91
N PRO A 62 -15.10 8.87 4.92
CA PRO A 62 -16.36 9.17 4.25
C PRO A 62 -16.96 7.95 3.55
N GLY A 63 -18.29 7.93 3.47
CA GLY A 63 -19.05 6.82 2.92
C GLY A 63 -18.81 5.60 3.81
N GLU A 64 -18.35 4.51 3.21
CA GLU A 64 -17.99 3.29 3.91
C GLU A 64 -16.47 3.12 3.94
N GLY A 65 -15.74 4.24 3.82
CA GLY A 65 -14.30 4.27 3.87
C GLY A 65 -13.76 3.95 5.26
N LEU A 66 -12.47 3.69 5.31
CA LEU A 66 -11.73 3.35 6.51
C LEU A 66 -10.30 3.85 6.31
N ALA A 67 -9.73 4.56 7.28
CA ALA A 67 -8.35 5.03 7.26
C ALA A 67 -7.56 4.09 8.13
N VAL A 68 -6.37 3.70 7.69
CA VAL A 68 -5.49 2.85 8.49
C VAL A 68 -4.35 3.76 8.93
N THR A 69 -4.11 3.85 10.23
CA THR A 69 -3.03 4.65 10.81
C THR A 69 -1.89 3.68 11.08
N VAL A 70 -0.70 3.98 10.55
CA VAL A 70 0.48 3.13 10.62
C VAL A 70 1.72 3.90 11.09
N SER A 71 2.87 3.22 11.26
CA SER A 71 4.11 3.83 11.76
C SER A 71 5.36 3.41 10.95
N LEU A 72 5.24 3.31 9.62
CA LEU A 72 6.32 3.02 8.65
C LEU A 72 7.41 2.01 9.06
N ILE A 73 7.16 0.70 8.92
CA ILE A 73 8.16 -0.32 9.22
C ILE A 73 9.17 -0.46 8.06
N GLY A 74 8.78 -0.20 6.81
CA GLY A 74 9.64 -0.21 5.64
C GLY A 74 9.01 0.62 4.52
N ALA A 75 9.82 1.05 3.55
CA ALA A 75 9.38 1.78 2.38
C ALA A 75 10.28 1.44 1.21
N TYR A 76 9.68 1.35 0.02
CA TYR A 76 10.35 0.95 -1.23
C TYR A 76 10.08 2.03 -2.28
N LYS A 77 8.82 2.44 -2.46
CA LYS A 77 8.41 3.49 -3.38
C LYS A 77 7.29 4.28 -2.71
N THR A 78 7.26 5.60 -2.88
CA THR A 78 6.28 6.55 -2.40
C THR A 78 6.21 7.65 -3.46
N GLY A 79 5.62 7.36 -4.62
CA GLY A 79 5.58 8.27 -5.77
C GLY A 79 4.45 9.28 -5.67
N GLY A 80 4.23 9.75 -4.44
CA GLY A 80 3.29 10.79 -4.07
C GLY A 80 3.57 11.38 -2.68
N LEU A 81 4.47 10.80 -1.85
CA LEU A 81 4.86 11.32 -0.56
C LEU A 81 6.33 11.64 -0.60
N ASP A 82 6.57 12.90 -0.30
CA ASP A 82 7.90 13.48 -0.17
C ASP A 82 8.41 13.10 1.22
N LEU A 83 8.82 11.83 1.38
CA LEU A 83 9.33 11.32 2.66
C LEU A 83 10.39 12.29 3.17
N PRO A 84 10.42 12.60 4.48
CA PRO A 84 11.34 13.58 5.03
C PRO A 84 12.80 13.13 4.91
N SER A 85 13.74 13.98 5.32
CA SER A 85 15.16 13.64 5.33
C SER A 85 15.37 12.27 6.00
N PRO A 86 14.89 12.04 7.24
CA PRO A 86 14.97 10.73 7.86
C PRO A 86 13.97 9.79 7.14
N PRO A 87 14.36 8.54 6.85
CA PRO A 87 13.55 7.57 6.15
C PRO A 87 12.45 6.96 7.05
N THR A 88 12.05 5.75 6.68
CA THR A 88 11.12 4.84 7.31
C THR A 88 11.16 4.97 8.84
N GLY A 89 10.00 5.26 9.43
CA GLY A 89 9.80 5.51 10.86
C GLY A 89 8.74 6.59 11.15
N ALA A 90 8.11 7.18 10.13
CA ALA A 90 7.09 8.22 10.30
C ALA A 90 5.70 7.58 10.36
N SER A 91 4.78 8.21 11.08
CA SER A 91 3.40 7.77 11.14
C SER A 91 2.59 8.39 10.01
N LEU A 92 1.66 7.63 9.44
CA LEU A 92 0.85 8.04 8.29
C LEU A 92 -0.55 7.44 8.41
N LYS A 93 -1.51 8.02 7.68
CA LYS A 93 -2.91 7.58 7.55
C LYS A 93 -3.12 7.20 6.08
N PHE A 94 -3.60 5.98 5.80
CA PHE A 94 -3.87 5.46 4.46
C PHE A 94 -5.38 5.39 4.22
N TYR A 95 -5.90 6.05 3.17
CA TYR A 95 -7.31 6.10 2.81
C TYR A 95 -7.76 4.81 2.11
N VAL A 96 -8.65 4.02 2.69
CA VAL A 96 -9.22 2.82 2.09
C VAL A 96 -10.67 3.23 1.74
N PRO A 97 -11.08 3.31 0.46
CA PRO A 97 -12.41 3.80 0.09
C PRO A 97 -13.59 2.87 0.46
N CYS A 98 -13.33 1.63 0.90
CA CYS A 98 -14.33 0.68 1.35
C CYS A 98 -13.71 -0.19 2.44
N LYS A 99 -14.39 -0.36 3.58
CA LYS A 99 -13.85 -1.11 4.72
C LYS A 99 -13.81 -2.62 4.53
N GLN A 100 -14.33 -3.16 3.43
CA GLN A 100 -14.40 -4.61 3.23
C GLN A 100 -13.05 -5.25 2.95
N CYS A 101 -12.30 -4.73 1.97
CA CYS A 101 -11.03 -5.25 1.49
C CYS A 101 -10.02 -4.14 1.19
N PRO A 102 -8.72 -4.45 1.05
CA PRO A 102 -8.10 -5.77 1.20
C PRO A 102 -8.14 -6.27 2.65
N PRO A 103 -7.93 -7.58 2.90
CA PRO A 103 -8.04 -8.18 4.22
C PRO A 103 -6.93 -7.74 5.21
N MET A 104 -7.17 -6.62 5.90
CA MET A 104 -6.29 -6.02 6.89
C MET A 104 -6.95 -6.09 8.27
N LYS A 105 -6.18 -5.92 9.34
CA LYS A 105 -6.64 -6.03 10.72
C LYS A 105 -5.89 -5.05 11.62
N LYS A 106 -6.49 -4.72 12.76
CA LYS A 106 -5.93 -3.87 13.81
C LYS A 106 -4.79 -4.59 14.53
N GLY A 107 -3.70 -3.87 14.84
CA GLY A 107 -2.57 -4.36 15.61
C GLY A 107 -1.77 -5.48 14.93
N VAL A 108 -1.62 -5.45 13.61
CA VAL A 108 -0.93 -6.46 12.83
C VAL A 108 -0.01 -5.74 11.83
N SER A 109 1.09 -6.39 11.43
CA SER A 109 2.01 -5.86 10.42
C SER A 109 1.68 -6.45 9.05
N TYR A 110 1.66 -5.57 8.05
CA TYR A 110 1.30 -5.85 6.67
C TYR A 110 2.19 -5.13 5.65
N LEU A 111 2.06 -5.56 4.39
CA LEU A 111 2.69 -5.03 3.21
C LEU A 111 1.56 -4.25 2.54
N LEU A 112 1.83 -3.02 2.13
CA LEU A 112 0.85 -2.16 1.47
C LEU A 112 1.38 -1.83 0.10
N MET A 113 0.72 -2.32 -0.94
CA MET A 113 1.04 -2.00 -2.33
C MET A 113 -0.25 -1.31 -2.76
N GLY A 114 -0.22 -0.02 -3.10
CA GLY A 114 -1.39 0.79 -3.42
C GLY A 114 -1.01 1.96 -4.33
N GLN A 115 -1.65 3.12 -4.16
CA GLN A 115 -1.32 4.34 -4.88
C GLN A 115 -1.15 5.49 -3.88
N VAL A 116 -0.83 6.68 -4.35
CA VAL A 116 -0.73 7.87 -3.50
C VAL A 116 -1.41 9.02 -4.22
N GLU A 117 -2.10 9.85 -3.45
CA GLU A 117 -2.76 11.07 -3.88
C GLU A 117 -1.93 12.20 -3.30
N GLU A 118 -1.27 12.98 -4.16
CA GLU A 118 -0.48 14.11 -3.73
C GLU A 118 -1.45 15.30 -3.55
N ASN A 119 -2.38 15.13 -2.60
CA ASN A 119 -3.49 16.01 -2.23
C ASN A 119 -4.12 15.52 -0.92
N ARG A 120 -4.26 14.18 -0.76
CA ARG A 120 -4.93 13.54 0.38
C ARG A 120 -4.09 12.49 1.10
N GLY A 121 -2.91 12.16 0.58
CA GLY A 121 -1.99 11.23 1.21
C GLY A 121 -2.02 9.88 0.52
N PRO A 122 -1.47 8.81 1.14
CA PRO A 122 -1.53 7.50 0.54
C PRO A 122 -2.98 7.03 0.49
N VAL A 123 -3.33 6.43 -0.65
CA VAL A 123 -4.64 5.91 -0.93
C VAL A 123 -4.40 4.43 -1.20
N LEU A 124 -5.10 3.60 -0.45
CA LEU A 124 -4.97 2.16 -0.45
C LEU A 124 -6.29 1.58 -0.98
N PRO A 125 -6.51 1.58 -2.31
CA PRO A 125 -7.75 1.14 -2.95
C PRO A 125 -7.99 -0.37 -2.78
N PRO A 126 -9.17 -0.90 -3.14
CA PRO A 126 -9.42 -2.34 -3.05
C PRO A 126 -8.48 -3.18 -3.94
N GLU A 127 -7.90 -2.63 -5.01
CA GLU A 127 -6.92 -3.34 -5.86
C GLU A 127 -5.50 -3.21 -5.30
N SER A 128 -5.35 -2.96 -4.00
CA SER A 128 -4.06 -2.91 -3.33
C SER A 128 -3.64 -4.33 -2.95
N PHE A 129 -2.43 -4.77 -3.31
CA PHE A 129 -1.99 -6.09 -2.88
C PHE A 129 -1.52 -5.91 -1.44
N VAL A 130 -2.22 -6.51 -0.48
CA VAL A 130 -1.94 -6.35 0.94
C VAL A 130 -1.87 -7.72 1.58
N VAL A 131 -0.69 -8.06 2.10
CA VAL A 131 -0.41 -9.38 2.67
C VAL A 131 0.45 -9.26 3.93
N LEU A 132 0.66 -10.40 4.58
CA LEU A 132 1.37 -10.53 5.82
C LEU A 132 2.84 -10.14 5.61
N HIS A 133 3.35 -9.17 6.38
CA HIS A 133 4.75 -8.76 6.27
C HIS A 133 5.64 -9.81 6.94
N ARG A 134 6.81 -10.08 6.36
CA ARG A 134 7.88 -10.95 6.82
C ARG A 134 9.17 -10.44 6.19
N PRO A 135 10.36 -10.70 6.77
CA PRO A 135 11.63 -10.20 6.24
C PRO A 135 12.01 -10.82 4.91
N ASN A 136 11.71 -12.10 4.67
CA ASN A 136 11.99 -12.70 3.36
C ASN A 136 11.30 -11.89 2.25
N GLN A 137 9.99 -11.65 2.43
CA GLN A 137 9.20 -10.86 1.50
C GLN A 137 9.69 -9.41 1.43
N ASP A 138 10.20 -8.84 2.53
CA ASP A 138 10.76 -7.49 2.56
C ASP A 138 11.91 -7.38 1.58
N GLN A 139 12.88 -8.28 1.70
CA GLN A 139 14.04 -8.32 0.84
C GLN A 139 13.66 -8.56 -0.62
N ILE A 140 12.63 -9.38 -0.88
CA ILE A 140 12.14 -9.62 -2.23
C ILE A 140 11.72 -8.29 -2.86
N LEU A 141 10.89 -7.50 -2.16
CA LEU A 141 10.38 -6.24 -2.67
C LEU A 141 11.53 -5.24 -2.79
N THR A 142 12.43 -5.18 -1.81
CA THR A 142 13.57 -4.27 -1.84
C THR A 142 14.45 -4.55 -3.06
N ASN A 143 14.74 -5.83 -3.35
CA ASN A 143 15.51 -6.21 -4.54
C ASN A 143 14.76 -5.86 -5.82
N LEU A 144 13.42 -5.90 -5.80
CA LEU A 144 12.61 -5.50 -6.95
C LEU A 144 12.58 -3.97 -7.06
N SER A 145 12.74 -3.24 -5.95
CA SER A 145 12.69 -1.79 -5.88
C SER A 145 13.91 -1.20 -6.57
N LYS A 146 15.10 -1.74 -6.30
CA LYS A 146 16.33 -1.29 -6.95
C LYS A 146 16.24 -1.65 -8.44
N ARG A 147 15.72 -2.84 -8.76
CA ARG A 147 15.49 -3.33 -10.11
C ARG A 147 14.24 -2.61 -10.70
N LYS A 148 13.92 -2.92 -11.96
CA LYS A 148 12.74 -2.41 -12.66
C LYS A 148 12.04 -3.65 -13.22
N CYS A 149 10.72 -3.62 -13.40
CA CYS A 149 10.04 -4.74 -14.02
C CYS A 149 10.33 -4.72 -15.53
N PRO A 150 10.35 -5.88 -16.21
CA PRO A 150 10.53 -5.92 -17.65
C PRO A 150 9.24 -5.45 -18.32
N SER A 151 9.36 -4.85 -19.50
CA SER A 151 8.24 -4.41 -20.32
C SER A 151 8.73 -4.31 -21.77
N GLN A 152 8.91 -5.46 -22.44
CA GLN A 152 9.28 -5.51 -23.84
C GLN A 152 8.64 -6.76 -24.46
N PRO A 153 7.74 -6.63 -25.45
CA PRO A 153 7.17 -7.78 -26.12
C PRO A 153 8.23 -8.42 -27.03
N VAL A 154 8.17 -9.73 -27.14
CA VAL A 154 8.97 -10.63 -27.97
C VAL A 154 8.22 -11.96 -27.98
N SER A 24 -7.50 10.03 -10.88
CA SER A 24 -8.21 8.85 -10.38
C SER A 24 -9.69 8.94 -10.70
N PRO A 25 -10.25 7.90 -11.36
CA PRO A 25 -11.66 7.86 -11.68
C PRO A 25 -12.50 7.71 -10.42
N ASP A 26 -13.74 8.19 -10.47
CA ASP A 26 -14.73 8.07 -9.42
C ASP A 26 -15.40 6.71 -9.50
N ALA A 27 -14.62 5.69 -9.15
CA ALA A 27 -15.06 4.31 -9.07
C ALA A 27 -16.24 4.16 -8.08
N PRO A 28 -17.16 3.21 -8.31
CA PRO A 28 -18.33 3.00 -7.46
C PRO A 28 -17.92 2.48 -6.07
N THR A 29 -18.91 2.30 -5.18
CA THR A 29 -18.71 1.76 -3.84
C THR A 29 -17.88 0.48 -3.93
N CYS A 30 -17.04 0.21 -2.92
CA CYS A 30 -16.17 -0.94 -2.99
C CYS A 30 -16.95 -2.19 -2.57
N PRO A 31 -17.03 -3.23 -3.41
CA PRO A 31 -17.82 -4.41 -3.14
C PRO A 31 -17.28 -5.28 -2.00
N LYS A 32 -18.14 -6.19 -1.54
CA LYS A 32 -17.80 -7.18 -0.53
C LYS A 32 -16.86 -8.26 -1.07
N GLN A 33 -16.82 -8.46 -2.39
CA GLN A 33 -15.99 -9.49 -3.01
C GLN A 33 -14.52 -9.22 -2.65
N CYS A 34 -13.77 -10.30 -2.44
CA CYS A 34 -12.39 -10.26 -2.01
C CYS A 34 -11.64 -11.28 -2.87
N ARG A 35 -10.63 -10.82 -3.59
CA ARG A 35 -9.75 -11.62 -4.45
C ARG A 35 -8.41 -10.90 -4.53
N ARG A 36 -7.38 -11.61 -4.99
CA ARG A 36 -6.02 -11.15 -5.17
C ARG A 36 -5.58 -11.78 -6.49
N THR A 37 -4.95 -11.03 -7.39
CA THR A 37 -4.49 -11.57 -8.67
C THR A 37 -3.03 -11.17 -8.92
N GLY A 38 -2.44 -11.69 -9.99
CA GLY A 38 -1.08 -11.34 -10.41
C GLY A 38 -0.01 -12.01 -9.54
N THR A 39 1.18 -11.42 -9.56
CA THR A 39 2.38 -11.89 -8.89
C THR A 39 2.95 -10.72 -8.10
N LEU A 40 3.69 -10.99 -7.03
CA LEU A 40 4.21 -9.93 -6.18
C LEU A 40 5.18 -9.07 -6.97
N GLN A 41 6.02 -9.67 -7.81
CA GLN A 41 6.96 -8.95 -8.63
C GLN A 41 6.26 -8.01 -9.60
N SER A 42 5.25 -8.51 -10.32
CA SER A 42 4.56 -7.67 -11.29
C SER A 42 3.83 -6.54 -10.57
N ASN A 43 3.11 -6.88 -9.49
CA ASN A 43 2.30 -5.94 -8.74
C ASN A 43 3.18 -4.88 -8.07
N PHE A 44 4.41 -5.22 -7.65
CA PHE A 44 5.35 -4.25 -7.07
C PHE A 44 5.69 -3.19 -8.12
N CYS A 45 5.88 -3.57 -9.38
CA CYS A 45 6.17 -2.62 -10.45
C CYS A 45 4.91 -1.84 -10.86
N ALA A 46 3.72 -2.44 -10.80
CA ALA A 46 2.46 -1.81 -11.19
C ALA A 46 1.99 -0.70 -10.22
N SER A 47 2.14 -0.92 -8.91
CA SER A 47 1.76 0.02 -7.86
C SER A 47 2.76 1.17 -7.76
N SER A 48 2.34 2.42 -7.53
CA SER A 48 3.26 3.56 -7.34
C SER A 48 3.71 3.64 -5.87
N LEU A 49 3.06 2.93 -4.95
CA LEU A 49 3.42 2.89 -3.53
C LEU A 49 3.69 1.46 -3.10
N VAL A 50 4.83 1.19 -2.49
CA VAL A 50 5.16 -0.12 -1.95
C VAL A 50 5.88 0.14 -0.64
N VAL A 51 5.27 -0.23 0.48
CA VAL A 51 5.78 -0.07 1.83
C VAL A 51 5.33 -1.26 2.69
N THR A 52 5.86 -1.35 3.90
CA THR A 52 5.47 -2.36 4.88
C THR A 52 5.30 -1.60 6.18
N ALA A 53 4.32 -1.97 7.00
CA ALA A 53 4.11 -1.30 8.27
C ALA A 53 3.25 -2.13 9.21
N THR A 54 3.20 -1.71 10.47
CA THR A 54 2.37 -2.31 11.51
C THR A 54 1.24 -1.29 11.75
N VAL A 55 0.00 -1.79 11.80
CA VAL A 55 -1.18 -0.97 12.04
C VAL A 55 -1.19 -0.53 13.49
N LYS A 56 -1.06 0.77 13.71
CA LYS A 56 -1.13 1.41 15.01
C LYS A 56 -2.60 1.48 15.41
N SER A 57 -3.43 2.11 14.58
CA SER A 57 -4.85 2.31 14.82
C SER A 57 -5.62 2.29 13.49
N MET A 58 -6.95 2.30 13.55
CA MET A 58 -7.89 2.38 12.43
C MET A 58 -8.97 3.40 12.81
N VAL A 59 -9.50 4.13 11.83
CA VAL A 59 -10.50 5.19 12.01
C VAL A 59 -11.52 5.06 10.88
N ARG A 60 -12.83 5.21 11.09
CA ARG A 60 -13.76 5.16 9.95
C ARG A 60 -13.56 6.40 9.08
N GLU A 61 -13.89 6.27 7.79
CA GLU A 61 -13.72 7.30 6.76
C GLU A 61 -15.00 7.48 5.94
N PRO A 62 -15.04 8.44 4.99
CA PRO A 62 -16.17 8.65 4.08
C PRO A 62 -16.48 7.42 3.21
N GLY A 63 -17.61 7.46 2.48
CA GLY A 63 -18.05 6.36 1.63
C GLY A 63 -18.14 5.09 2.46
N GLU A 64 -17.54 4.00 1.99
CA GLU A 64 -17.48 2.74 2.73
C GLU A 64 -16.00 2.49 3.11
N GLY A 65 -15.27 3.59 3.34
CA GLY A 65 -13.86 3.60 3.63
C GLY A 65 -13.54 3.44 5.10
N LEU A 66 -12.26 3.21 5.37
CA LEU A 66 -11.68 2.95 6.67
C LEU A 66 -10.20 3.37 6.58
N ALA A 67 -9.74 4.25 7.45
CA ALA A 67 -8.36 4.71 7.51
C ALA A 67 -7.58 3.70 8.32
N VAL A 68 -6.32 3.53 7.97
CA VAL A 68 -5.44 2.66 8.74
C VAL A 68 -4.24 3.54 9.06
N THR A 69 -3.91 3.69 10.34
CA THR A 69 -2.78 4.46 10.81
C THR A 69 -1.63 3.45 10.94
N VAL A 70 -0.50 3.70 10.28
CA VAL A 70 0.63 2.78 10.26
C VAL A 70 1.92 3.54 10.58
N SER A 71 3.04 2.86 10.86
CA SER A 71 4.31 3.52 11.26
C SER A 71 5.57 3.11 10.48
N LEU A 72 5.43 2.89 9.15
CA LEU A 72 6.52 2.58 8.23
C LEU A 72 7.61 1.62 8.72
N ILE A 73 7.38 0.32 8.68
CA ILE A 73 8.40 -0.69 9.05
C ILE A 73 9.45 -0.72 7.91
N GLY A 74 9.08 -0.42 6.66
CA GLY A 74 9.98 -0.34 5.52
C GLY A 74 9.30 0.39 4.37
N ALA A 75 10.09 0.88 3.42
CA ALA A 75 9.65 1.54 2.22
C ALA A 75 10.46 0.95 1.05
N TYR A 76 9.82 0.82 -0.11
CA TYR A 76 10.41 0.19 -1.29
C TYR A 76 10.09 0.98 -2.55
N LYS A 77 9.00 1.74 -2.58
CA LYS A 77 8.61 2.61 -3.66
C LYS A 77 7.71 3.67 -3.03
N THR A 78 8.00 4.94 -3.30
CA THR A 78 7.29 6.13 -2.92
C THR A 78 7.28 7.03 -4.13
N GLY A 79 6.46 6.64 -5.10
CA GLY A 79 6.36 7.31 -6.40
C GLY A 79 5.38 8.48 -6.34
N GLY A 80 5.33 9.16 -5.18
CA GLY A 80 4.53 10.31 -4.87
C GLY A 80 5.08 10.98 -3.61
N LEU A 81 4.92 10.31 -2.46
CA LEU A 81 5.27 10.79 -1.13
C LEU A 81 6.63 11.48 -0.97
N ASP A 82 6.58 12.60 -0.27
CA ASP A 82 7.71 13.42 0.13
C ASP A 82 8.24 12.82 1.43
N LEU A 83 8.75 11.59 1.35
CA LEU A 83 9.37 10.97 2.52
C LEU A 83 10.47 11.93 2.94
N PRO A 84 10.48 12.37 4.21
CA PRO A 84 11.42 13.35 4.68
C PRO A 84 12.85 12.82 4.80
N SER A 85 13.74 13.75 5.16
CA SER A 85 15.15 13.53 5.42
C SER A 85 15.36 12.25 6.25
N PRO A 86 14.81 12.08 7.47
CA PRO A 86 14.93 10.83 8.20
C PRO A 86 14.07 9.78 7.46
N PRO A 87 14.65 8.63 7.03
CA PRO A 87 13.92 7.59 6.31
C PRO A 87 12.97 6.79 7.22
N THR A 88 12.69 5.55 6.82
CA THR A 88 11.78 4.59 7.41
C THR A 88 11.73 4.68 8.95
N GLY A 89 10.50 4.85 9.47
CA GLY A 89 10.22 5.02 10.89
C GLY A 89 9.34 6.24 11.18
N ALA A 90 8.44 6.64 10.27
CA ALA A 90 7.47 7.72 10.43
C ALA A 90 6.07 7.15 10.22
N SER A 91 5.01 7.81 10.73
CA SER A 91 3.66 7.29 10.63
C SER A 91 2.82 8.06 9.61
N LEU A 92 1.85 7.37 9.01
CA LEU A 92 0.96 7.84 7.95
C LEU A 92 -0.43 7.24 8.17
N LYS A 93 -1.45 7.81 7.52
CA LYS A 93 -2.82 7.30 7.53
C LYS A 93 -3.08 6.87 6.09
N PHE A 94 -3.27 5.58 5.83
CA PHE A 94 -3.56 5.09 4.49
C PHE A 94 -5.08 5.13 4.35
N TYR A 95 -5.55 5.87 3.36
CA TYR A 95 -6.95 5.97 3.01
C TYR A 95 -7.36 4.64 2.36
N VAL A 96 -8.31 3.89 2.90
CA VAL A 96 -8.78 2.67 2.25
C VAL A 96 -10.25 2.91 1.91
N PRO A 97 -10.66 2.98 0.63
CA PRO A 97 -12.07 3.18 0.24
C PRO A 97 -12.91 1.91 0.44
N CYS A 98 -12.34 0.86 1.03
CA CYS A 98 -12.97 -0.44 1.20
C CYS A 98 -12.81 -0.92 2.64
N LYS A 99 -13.90 -1.03 3.41
CA LYS A 99 -13.81 -1.58 4.77
C LYS A 99 -13.80 -3.11 4.74
N GLN A 100 -14.49 -3.73 3.78
CA GLN A 100 -14.68 -5.17 3.64
C GLN A 100 -13.36 -5.93 3.50
N CYS A 101 -12.49 -5.47 2.60
CA CYS A 101 -11.20 -6.03 2.20
C CYS A 101 -10.34 -4.89 1.65
N PRO A 102 -9.01 -5.05 1.47
CA PRO A 102 -8.20 -6.23 1.79
C PRO A 102 -8.20 -6.53 3.29
N PRO A 103 -7.92 -7.77 3.71
CA PRO A 103 -7.96 -8.17 5.11
C PRO A 103 -6.94 -7.38 5.94
N MET A 104 -7.45 -6.50 6.81
CA MET A 104 -6.68 -5.60 7.65
C MET A 104 -7.01 -5.84 9.12
N LYS A 105 -6.00 -5.76 10.01
CA LYS A 105 -6.16 -5.97 11.44
C LYS A 105 -5.27 -4.97 12.16
N LYS A 106 -5.83 -4.32 13.18
CA LYS A 106 -5.07 -3.39 14.01
C LYS A 106 -4.07 -4.19 14.85
N GLY A 107 -2.86 -3.63 15.06
CA GLY A 107 -1.84 -4.26 15.86
C GLY A 107 -1.25 -5.49 15.20
N VAL A 108 -1.09 -5.48 13.87
CA VAL A 108 -0.48 -6.54 13.07
C VAL A 108 0.33 -5.87 11.95
N SER A 109 1.32 -6.57 11.39
CA SER A 109 2.21 -6.07 10.35
C SER A 109 1.78 -6.56 8.96
N TYR A 110 1.90 -5.69 7.97
CA TYR A 110 1.48 -5.89 6.59
C TYR A 110 2.51 -5.39 5.59
N LEU A 111 2.18 -5.64 4.32
CA LEU A 111 2.83 -5.25 3.09
C LEU A 111 1.68 -4.51 2.40
N LEU A 112 1.92 -3.26 2.02
CA LEU A 112 0.94 -2.42 1.35
C LEU A 112 1.56 -2.05 0.01
N MET A 113 0.96 -2.54 -1.07
CA MET A 113 1.35 -2.20 -2.43
C MET A 113 0.09 -1.53 -2.93
N GLY A 114 0.12 -0.24 -3.21
CA GLY A 114 -1.04 0.53 -3.60
C GLY A 114 -0.61 1.77 -4.35
N GLN A 115 -1.24 2.91 -4.05
CA GLN A 115 -0.96 4.14 -4.78
C GLN A 115 -0.75 5.30 -3.82
N VAL A 116 -0.44 6.45 -4.42
CA VAL A 116 -0.29 7.72 -3.75
C VAL A 116 -0.96 8.74 -4.66
N GLU A 117 -1.91 9.50 -4.13
CA GLU A 117 -2.55 10.57 -4.89
C GLU A 117 -1.82 11.73 -4.21
N GLU A 118 -0.96 12.42 -4.97
CA GLU A 118 -0.16 13.44 -4.36
C GLU A 118 -0.96 14.74 -4.34
N ASN A 119 -1.56 14.90 -3.17
CA ASN A 119 -2.48 15.88 -2.66
C ASN A 119 -2.80 15.50 -1.22
N ARG A 120 -2.89 14.20 -0.92
CA ARG A 120 -3.17 13.65 0.41
C ARG A 120 -2.20 12.56 0.82
N GLY A 121 -1.35 12.10 -0.09
CA GLY A 121 -0.37 11.07 0.18
C GLY A 121 -0.95 9.69 -0.15
N PRO A 122 -0.79 8.68 0.73
CA PRO A 122 -1.22 7.33 0.43
C PRO A 122 -2.73 7.13 0.40
N VAL A 123 -3.13 6.33 -0.58
CA VAL A 123 -4.47 5.87 -0.85
C VAL A 123 -4.25 4.41 -1.23
N LEU A 124 -5.04 3.51 -0.66
CA LEU A 124 -4.91 2.07 -0.82
C LEU A 124 -6.15 1.51 -1.53
N PRO A 125 -6.29 1.73 -2.86
CA PRO A 125 -7.46 1.34 -3.66
C PRO A 125 -7.60 -0.18 -3.81
N PRO A 126 -8.73 -0.71 -4.33
CA PRO A 126 -8.93 -2.16 -4.43
C PRO A 126 -7.99 -2.86 -5.42
N GLU A 127 -7.22 -2.17 -6.26
CA GLU A 127 -6.22 -2.79 -7.16
C GLU A 127 -4.86 -2.91 -6.46
N SER A 128 -4.83 -2.94 -5.12
CA SER A 128 -3.64 -2.99 -4.30
C SER A 128 -3.34 -4.43 -3.88
N PHE A 129 -2.06 -4.82 -3.78
CA PHE A 129 -1.69 -6.14 -3.29
C PHE A 129 -1.40 -5.91 -1.81
N VAL A 130 -2.22 -6.50 -0.93
CA VAL A 130 -2.11 -6.30 0.51
C VAL A 130 -2.20 -7.64 1.19
N VAL A 131 -1.18 -7.96 1.99
CA VAL A 131 -1.01 -9.24 2.68
C VAL A 131 -0.26 -8.99 3.99
N LEU A 132 -0.22 -10.02 4.85
CA LEU A 132 0.54 -9.99 6.09
C LEU A 132 2.04 -9.88 5.76
N HIS A 133 2.80 -9.27 6.65
CA HIS A 133 4.24 -9.15 6.49
C HIS A 133 4.88 -10.52 6.63
N ARG A 134 5.89 -10.81 5.82
CA ARG A 134 6.70 -12.03 5.86
C ARG A 134 8.13 -11.57 5.58
N PRO A 135 9.17 -12.05 6.27
CA PRO A 135 10.54 -11.68 5.97
C PRO A 135 10.93 -12.06 4.54
N ASN A 136 10.44 -13.22 4.08
CA ASN A 136 10.63 -13.70 2.70
C ASN A 136 10.19 -12.64 1.69
N GLN A 137 9.03 -12.02 1.90
CA GLN A 137 8.56 -10.97 1.03
C GLN A 137 9.41 -9.72 1.18
N ASP A 138 9.75 -9.34 2.41
CA ASP A 138 10.50 -8.12 2.73
C ASP A 138 11.79 -8.06 1.91
N GLN A 139 12.52 -9.17 1.90
CA GLN A 139 13.74 -9.33 1.11
C GLN A 139 13.43 -9.12 -0.38
N ILE A 140 12.38 -9.74 -0.90
CA ILE A 140 12.02 -9.66 -2.32
C ILE A 140 11.74 -8.19 -2.69
N LEU A 141 10.91 -7.46 -1.93
CA LEU A 141 10.57 -6.08 -2.26
C LEU A 141 11.83 -5.21 -2.16
N THR A 142 12.74 -5.50 -1.22
CA THR A 142 14.00 -4.79 -1.09
C THR A 142 14.81 -4.97 -2.39
N ASN A 143 14.92 -6.21 -2.88
CA ASN A 143 15.64 -6.48 -4.13
C ASN A 143 14.95 -5.81 -5.31
N LEU A 144 13.61 -5.80 -5.34
CA LEU A 144 12.82 -5.15 -6.37
C LEU A 144 12.99 -3.63 -6.33
N SER A 145 13.23 -3.02 -5.17
CA SER A 145 13.49 -1.58 -5.04
C SER A 145 14.82 -1.24 -5.71
N LYS A 146 15.84 -2.08 -5.53
CA LYS A 146 17.16 -1.90 -6.11
C LYS A 146 17.09 -2.10 -7.62
N ARG A 147 16.37 -3.12 -8.08
CA ARG A 147 16.14 -3.40 -9.48
C ARG A 147 15.11 -2.40 -10.03
N LYS A 148 14.87 -2.48 -11.33
CA LYS A 148 13.87 -1.71 -12.07
C LYS A 148 13.23 -2.72 -13.04
N CYS A 149 11.90 -2.73 -13.18
CA CYS A 149 11.26 -3.60 -14.17
C CYS A 149 11.50 -3.06 -15.57
N PRO A 150 11.42 -3.91 -16.62
CA PRO A 150 11.56 -3.47 -18.01
C PRO A 150 10.33 -2.63 -18.40
N SER A 151 10.53 -1.35 -18.66
CA SER A 151 9.51 -0.37 -19.00
C SER A 151 9.94 0.21 -20.33
N GLN A 152 9.78 -0.59 -21.39
CA GLN A 152 10.21 -0.23 -22.74
C GLN A 152 8.94 -0.07 -23.59
N PRO A 153 8.66 1.17 -24.06
CA PRO A 153 7.49 1.51 -24.86
C PRO A 153 7.82 1.31 -26.34
N VAL A 154 7.13 2.04 -27.21
CA VAL A 154 7.34 2.09 -28.64
C VAL A 154 7.42 3.60 -28.90
N SER A 24 -5.75 9.62 -14.16
CA SER A 24 -6.73 8.86 -14.93
C SER A 24 -7.84 8.38 -14.01
N PRO A 25 -9.07 8.88 -14.15
CA PRO A 25 -10.25 8.26 -13.54
C PRO A 25 -10.63 7.04 -14.38
N ASP A 26 -9.79 6.01 -14.37
CA ASP A 26 -9.92 4.78 -15.15
C ASP A 26 -9.79 3.53 -14.28
N ALA A 27 -10.28 3.67 -13.08
CA ALA A 27 -10.29 2.64 -12.05
C ALA A 27 -11.67 2.00 -12.01
N PRO A 28 -11.80 0.69 -11.78
CA PRO A 28 -13.08 0.03 -11.64
C PRO A 28 -13.69 0.36 -10.27
N THR A 29 -14.99 0.10 -10.12
CA THR A 29 -15.70 0.27 -8.86
C THR A 29 -15.14 -0.75 -7.86
N CYS A 30 -15.39 -0.53 -6.56
CA CYS A 30 -15.00 -1.46 -5.50
C CYS A 30 -16.22 -2.31 -5.21
N PRO A 31 -16.26 -3.58 -5.66
CA PRO A 31 -17.36 -4.47 -5.35
C PRO A 31 -17.25 -4.88 -3.88
N LYS A 32 -18.35 -5.37 -3.28
CA LYS A 32 -18.29 -5.87 -1.91
C LYS A 32 -17.54 -7.19 -1.87
N GLN A 33 -17.46 -7.93 -2.99
CA GLN A 33 -16.67 -9.14 -3.06
C GLN A 33 -15.22 -8.71 -2.89
N CYS A 34 -14.39 -9.63 -2.41
CA CYS A 34 -13.00 -9.38 -2.10
C CYS A 34 -12.19 -10.51 -2.70
N ARG A 35 -11.10 -10.16 -3.37
CA ARG A 35 -10.21 -11.06 -4.11
C ARG A 35 -8.90 -10.31 -4.32
N ARG A 36 -7.85 -11.02 -4.71
CA ARG A 36 -6.55 -10.50 -5.07
C ARG A 36 -6.22 -11.14 -6.41
N THR A 37 -5.50 -10.41 -7.25
CA THR A 37 -5.07 -10.83 -8.58
C THR A 37 -3.63 -10.34 -8.84
N GLY A 38 -3.04 -10.77 -9.96
CA GLY A 38 -1.68 -10.41 -10.34
C GLY A 38 -0.63 -11.18 -9.55
N THR A 39 0.61 -10.68 -9.57
CA THR A 39 1.77 -11.23 -8.87
C THR A 39 2.44 -10.10 -8.09
N LEU A 40 3.23 -10.41 -7.06
CA LEU A 40 3.84 -9.39 -6.21
C LEU A 40 4.80 -8.51 -7.00
N GLN A 41 5.68 -9.08 -7.79
CA GLN A 41 6.58 -8.28 -8.62
C GLN A 41 5.80 -7.38 -9.55
N SER A 42 4.78 -7.91 -10.24
CA SER A 42 4.04 -7.13 -11.23
C SER A 42 3.25 -6.01 -10.57
N ASN A 43 2.62 -6.31 -9.42
CA ASN A 43 1.82 -5.36 -8.69
C ASN A 43 2.72 -4.28 -8.07
N PHE A 44 3.96 -4.60 -7.64
CA PHE A 44 4.92 -3.61 -7.13
C PHE A 44 5.21 -2.54 -8.21
N CYS A 45 5.15 -2.93 -9.49
CA CYS A 45 5.32 -2.01 -10.61
C CYS A 45 4.10 -1.08 -10.75
N ALA A 46 2.89 -1.64 -10.73
CA ALA A 46 1.64 -0.90 -10.89
C ALA A 46 1.42 0.13 -9.78
N SER A 47 1.54 -0.34 -8.53
CA SER A 47 1.42 0.49 -7.35
C SER A 47 2.53 1.54 -7.34
N SER A 48 2.20 2.81 -7.10
CA SER A 48 3.19 3.89 -6.96
C SER A 48 3.56 4.06 -5.48
N LEU A 49 2.84 3.38 -4.57
CA LEU A 49 3.09 3.36 -3.14
C LEU A 49 3.36 1.93 -2.72
N VAL A 50 4.56 1.62 -2.23
CA VAL A 50 4.89 0.30 -1.71
C VAL A 50 5.65 0.50 -0.41
N VAL A 51 5.06 0.09 0.71
CA VAL A 51 5.59 0.21 2.06
C VAL A 51 5.14 -0.98 2.90
N THR A 52 5.67 -1.10 4.11
CA THR A 52 5.29 -2.10 5.09
C THR A 52 5.13 -1.33 6.39
N ALA A 53 4.17 -1.71 7.24
CA ALA A 53 3.99 -1.04 8.51
C ALA A 53 3.08 -1.82 9.43
N THR A 54 3.07 -1.45 10.71
CA THR A 54 2.20 -2.02 11.73
C THR A 54 1.09 -1.00 11.99
N VAL A 55 -0.13 -1.48 12.08
CA VAL A 55 -1.32 -0.67 12.28
C VAL A 55 -1.39 -0.22 13.75
N LYS A 56 -1.30 1.08 14.00
CA LYS A 56 -1.45 1.64 15.33
C LYS A 56 -2.94 1.81 15.64
N SER A 57 -3.71 2.43 14.73
CA SER A 57 -5.11 2.74 14.90
C SER A 57 -5.86 2.65 13.58
N MET A 58 -7.19 2.74 13.64
CA MET A 58 -8.12 2.76 12.52
C MET A 58 -9.13 3.88 12.80
N VAL A 59 -9.66 4.53 11.76
CA VAL A 59 -10.57 5.66 11.86
C VAL A 59 -11.65 5.51 10.79
N ARG A 60 -12.92 5.82 11.11
CA ARG A 60 -14.00 5.77 10.12
C ARG A 60 -13.84 6.96 9.19
N GLU A 61 -13.90 6.76 7.88
CA GLU A 61 -13.67 7.79 6.87
C GLU A 61 -14.97 8.07 6.10
N PRO A 62 -15.03 9.03 5.17
CA PRO A 62 -16.23 9.33 4.43
C PRO A 62 -16.87 8.12 3.75
N GLY A 63 -18.19 8.16 3.66
CA GLY A 63 -19.01 7.14 3.03
C GLY A 63 -18.73 5.78 3.66
N GLU A 64 -18.34 4.80 2.86
CA GLU A 64 -18.12 3.42 3.28
C GLU A 64 -16.61 3.13 3.40
N GLY A 65 -15.79 4.19 3.48
CA GLY A 65 -14.36 4.12 3.65
C GLY A 65 -13.97 3.91 5.12
N LEU A 66 -12.68 3.64 5.32
CA LEU A 66 -12.03 3.38 6.59
C LEU A 66 -10.57 3.76 6.39
N ALA A 67 -9.90 4.36 7.38
CA ALA A 67 -8.49 4.69 7.29
C ALA A 67 -7.75 3.86 8.30
N VAL A 68 -6.50 3.56 7.99
CA VAL A 68 -5.64 2.77 8.85
C VAL A 68 -4.41 3.63 9.10
N THR A 69 -4.10 3.90 10.36
CA THR A 69 -2.92 4.64 10.76
C THR A 69 -1.82 3.62 10.98
N VAL A 70 -0.68 3.78 10.30
CA VAL A 70 0.46 2.89 10.40
C VAL A 70 1.71 3.70 10.78
N SER A 71 2.84 3.04 11.05
CA SER A 71 4.05 3.73 11.53
C SER A 71 5.35 3.31 10.77
N LEU A 72 5.27 3.16 9.45
CA LEU A 72 6.40 2.86 8.52
C LEU A 72 7.51 1.88 8.94
N ILE A 73 7.27 0.58 8.83
CA ILE A 73 8.30 -0.44 9.10
C ILE A 73 9.31 -0.52 7.93
N GLY A 74 8.89 -0.18 6.71
CA GLY A 74 9.73 -0.11 5.51
C GLY A 74 9.04 0.71 4.45
N ALA A 75 9.81 1.26 3.52
CA ALA A 75 9.30 2.01 2.37
C ALA A 75 10.21 1.70 1.19
N TYR A 76 9.61 1.20 0.12
CA TYR A 76 10.32 0.75 -1.07
C TYR A 76 10.02 1.61 -2.29
N LYS A 77 8.82 2.21 -2.36
CA LYS A 77 8.40 2.99 -3.50
C LYS A 77 7.46 4.07 -2.97
N THR A 78 7.77 5.32 -3.29
CA THR A 78 7.09 6.54 -2.93
C THR A 78 7.15 7.47 -4.12
N GLY A 79 6.38 7.11 -5.14
CA GLY A 79 6.20 7.89 -6.36
C GLY A 79 5.11 8.92 -6.15
N GLY A 80 5.21 9.62 -5.02
CA GLY A 80 4.36 10.69 -4.58
C GLY A 80 4.89 11.28 -3.29
N LEU A 81 4.65 10.56 -2.18
CA LEU A 81 4.98 10.98 -0.82
C LEU A 81 6.40 11.49 -0.68
N ASP A 82 6.48 12.69 -0.12
CA ASP A 82 7.65 13.45 0.25
C ASP A 82 8.23 12.84 1.53
N LEU A 83 8.83 11.65 1.42
CA LEU A 83 9.49 11.06 2.57
C LEU A 83 10.59 12.06 2.97
N PRO A 84 10.70 12.40 4.25
CA PRO A 84 11.67 13.40 4.68
C PRO A 84 13.10 12.88 4.57
N SER A 85 14.08 13.71 4.92
CA SER A 85 15.49 13.33 4.96
C SER A 85 15.58 12.08 5.86
N PRO A 86 15.09 12.11 7.12
CA PRO A 86 15.07 10.91 7.95
C PRO A 86 14.08 9.93 7.30
N PRO A 87 14.52 8.72 6.92
CA PRO A 87 13.75 7.71 6.20
C PRO A 87 12.70 7.00 7.09
N THR A 88 12.41 5.77 6.69
CA THR A 88 11.48 4.81 7.26
C THR A 88 11.41 4.93 8.79
N GLY A 89 10.18 5.11 9.31
CA GLY A 89 9.89 5.31 10.71
C GLY A 89 9.17 6.65 10.90
N ALA A 90 8.07 6.86 10.16
CA ALA A 90 7.19 8.02 10.22
C ALA A 90 5.77 7.47 10.07
N SER A 91 4.76 8.20 10.52
CA SER A 91 3.39 7.71 10.45
C SER A 91 2.74 8.06 9.12
N LEU A 92 1.74 7.27 8.73
CA LEU A 92 0.93 7.49 7.53
C LEU A 92 -0.46 6.97 7.81
N LYS A 93 -1.50 7.66 7.33
CA LYS A 93 -2.89 7.23 7.44
C LYS A 93 -3.29 6.82 6.03
N PHE A 94 -3.54 5.55 5.77
CA PHE A 94 -3.90 5.06 4.44
C PHE A 94 -5.41 5.12 4.32
N TYR A 95 -5.90 5.84 3.32
CA TYR A 95 -7.32 5.95 3.00
C TYR A 95 -7.77 4.67 2.30
N VAL A 96 -8.64 3.85 2.89
CA VAL A 96 -9.18 2.65 2.25
C VAL A 96 -10.62 2.99 1.86
N PRO A 97 -10.98 3.05 0.57
CA PRO A 97 -12.34 3.42 0.15
C PRO A 97 -13.38 2.32 0.39
N CYS A 98 -12.98 1.18 0.96
CA CYS A 98 -13.85 0.04 1.20
C CYS A 98 -13.55 -0.53 2.57
N LYS A 99 -14.49 -0.44 3.51
CA LYS A 99 -14.30 -0.87 4.90
C LYS A 99 -14.25 -2.40 5.10
N GLN A 100 -14.47 -3.21 4.06
CA GLN A 100 -14.43 -4.67 4.14
C GLN A 100 -13.07 -5.28 3.77
N CYS A 101 -12.38 -4.74 2.75
CA CYS A 101 -11.12 -5.26 2.24
C CYS A 101 -10.19 -4.18 1.68
N PRO A 102 -8.87 -4.44 1.56
CA PRO A 102 -8.19 -5.71 1.85
C PRO A 102 -8.20 -6.03 3.36
N PRO A 103 -8.19 -7.33 3.74
CA PRO A 103 -8.29 -7.77 5.12
C PRO A 103 -7.09 -7.30 5.95
N MET A 104 -7.30 -6.34 6.83
CA MET A 104 -6.31 -5.70 7.67
C MET A 104 -6.93 -5.46 9.05
N LYS A 105 -6.13 -5.47 10.13
CA LYS A 105 -6.60 -5.33 11.51
C LYS A 105 -5.69 -4.43 12.30
N LYS A 106 -6.21 -3.94 13.42
CA LYS A 106 -5.47 -3.08 14.34
C LYS A 106 -4.40 -3.89 15.07
N GLY A 107 -3.18 -3.36 15.11
CA GLY A 107 -2.05 -3.92 15.83
C GLY A 107 -1.33 -5.08 15.17
N VAL A 108 -1.37 -5.18 13.85
CA VAL A 108 -0.72 -6.21 13.06
C VAL A 108 0.13 -5.54 11.97
N SER A 109 1.20 -6.21 11.53
CA SER A 109 2.12 -5.73 10.52
C SER A 109 1.75 -6.29 9.13
N TYR A 110 1.74 -5.38 8.15
CA TYR A 110 1.35 -5.67 6.77
C TYR A 110 2.32 -5.05 5.78
N LEU A 111 2.06 -5.36 4.52
CA LEU A 111 2.67 -4.90 3.28
C LEU A 111 1.54 -4.16 2.59
N LEU A 112 1.75 -2.90 2.23
CA LEU A 112 0.76 -2.07 1.54
C LEU A 112 1.32 -1.68 0.19
N MET A 113 0.70 -2.16 -0.89
CA MET A 113 1.03 -1.80 -2.26
C MET A 113 -0.26 -1.14 -2.72
N GLY A 114 -0.23 0.16 -2.99
CA GLY A 114 -1.38 0.98 -3.35
C GLY A 114 -0.91 2.18 -4.15
N GLN A 115 -1.52 3.35 -3.95
CA GLN A 115 -1.20 4.54 -4.74
C GLN A 115 -0.99 5.75 -3.84
N VAL A 116 -0.59 6.87 -4.44
CA VAL A 116 -0.43 8.14 -3.76
C VAL A 116 -1.16 9.18 -4.60
N GLU A 117 -1.86 10.06 -3.90
CA GLU A 117 -2.57 11.21 -4.46
C GLU A 117 -1.92 12.40 -3.77
N GLU A 118 -1.21 13.24 -4.52
CA GLU A 118 -0.45 14.39 -4.01
C GLU A 118 -1.44 15.52 -3.70
N ASN A 119 -2.30 15.26 -2.72
CA ASN A 119 -3.40 16.07 -2.24
C ASN A 119 -3.80 15.56 -0.87
N ARG A 120 -3.86 14.23 -0.68
CA ARG A 120 -4.17 13.59 0.60
C ARG A 120 -3.04 12.67 1.10
N GLY A 121 -2.04 12.41 0.27
CA GLY A 121 -0.95 11.50 0.57
C GLY A 121 -1.34 10.09 0.17
N PRO A 122 -1.19 9.08 1.04
CA PRO A 122 -1.47 7.70 0.69
C PRO A 122 -2.96 7.39 0.63
N VAL A 123 -3.30 6.61 -0.39
CA VAL A 123 -4.61 6.09 -0.66
C VAL A 123 -4.38 4.59 -0.91
N LEU A 124 -5.38 3.76 -0.64
CA LEU A 124 -5.25 2.32 -0.73
C LEU A 124 -6.49 1.78 -1.46
N PRO A 125 -6.58 1.96 -2.80
CA PRO A 125 -7.72 1.60 -3.63
C PRO A 125 -7.97 0.07 -3.70
N PRO A 126 -9.05 -0.40 -4.34
CA PRO A 126 -9.29 -1.84 -4.49
C PRO A 126 -8.17 -2.51 -5.29
N GLU A 127 -7.39 -1.78 -6.09
CA GLU A 127 -6.31 -2.27 -6.93
C GLU A 127 -5.01 -2.44 -6.11
N SER A 128 -5.11 -2.58 -4.79
CA SER A 128 -3.98 -2.68 -3.87
C SER A 128 -3.73 -4.10 -3.39
N PHE A 129 -2.47 -4.56 -3.48
CA PHE A 129 -2.06 -5.86 -2.98
C PHE A 129 -1.65 -5.64 -1.52
N VAL A 130 -2.31 -6.32 -0.59
CA VAL A 130 -2.07 -6.12 0.85
C VAL A 130 -2.09 -7.47 1.55
N VAL A 131 -1.01 -7.80 2.26
CA VAL A 131 -0.86 -9.06 2.98
C VAL A 131 -0.03 -8.82 4.25
N LEU A 132 0.05 -9.84 5.11
CA LEU A 132 0.85 -9.82 6.33
C LEU A 132 2.33 -9.71 5.94
N HIS A 133 3.13 -9.02 6.74
CA HIS A 133 4.55 -8.84 6.48
C HIS A 133 5.32 -10.15 6.73
N ARG A 134 6.41 -10.37 6.00
CA ARG A 134 7.31 -11.53 6.16
C ARG A 134 8.71 -11.04 5.78
N PRO A 135 9.80 -11.58 6.35
CA PRO A 135 11.16 -11.17 6.00
C PRO A 135 11.45 -11.35 4.51
N ASN A 136 10.98 -12.44 3.90
CA ASN A 136 11.12 -12.68 2.46
C ASN A 136 10.50 -11.55 1.65
N GLN A 137 9.26 -11.16 1.96
CA GLN A 137 8.59 -10.07 1.26
C GLN A 137 9.40 -8.78 1.42
N ASP A 138 9.89 -8.47 2.62
CA ASP A 138 10.72 -7.29 2.87
C ASP A 138 11.92 -7.25 1.92
N GLN A 139 12.67 -8.36 1.90
CA GLN A 139 13.82 -8.58 1.04
C GLN A 139 13.45 -8.41 -0.45
N ILE A 140 12.33 -9.00 -0.88
CA ILE A 140 11.88 -8.95 -2.27
C ILE A 140 11.62 -7.49 -2.68
N LEU A 141 10.84 -6.74 -1.91
CA LEU A 141 10.47 -5.38 -2.28
C LEU A 141 11.71 -4.48 -2.23
N THR A 142 12.63 -4.65 -1.28
CA THR A 142 13.88 -3.86 -1.26
C THR A 142 14.67 -4.20 -2.53
N ASN A 143 14.81 -5.49 -2.89
CA ASN A 143 15.53 -5.89 -4.10
C ASN A 143 14.90 -5.23 -5.32
N LEU A 144 13.56 -5.27 -5.42
CA LEU A 144 12.82 -4.62 -6.50
C LEU A 144 13.01 -3.10 -6.48
N SER A 145 13.15 -2.47 -5.31
CA SER A 145 13.40 -1.04 -5.19
C SER A 145 14.74 -0.67 -5.83
N LYS A 146 15.81 -1.42 -5.54
CA LYS A 146 17.14 -1.16 -6.14
C LYS A 146 17.07 -1.36 -7.65
N ARG A 147 16.54 -2.52 -8.06
CA ARG A 147 16.39 -2.97 -9.43
C ARG A 147 15.28 -2.21 -10.15
N LYS A 148 15.12 -2.50 -11.43
CA LYS A 148 14.06 -1.98 -12.28
C LYS A 148 13.13 -3.19 -12.46
N CYS A 149 11.83 -2.96 -12.67
CA CYS A 149 10.87 -4.04 -12.81
C CYS A 149 11.28 -5.05 -13.88
N PRO A 150 11.10 -6.37 -13.64
CA PRO A 150 11.36 -7.40 -14.64
C PRO A 150 10.20 -7.25 -15.62
N SER A 151 10.43 -6.53 -16.71
CA SER A 151 9.44 -6.19 -17.71
C SER A 151 10.19 -5.65 -18.92
N GLN A 152 10.47 -6.55 -19.86
CA GLN A 152 11.08 -6.19 -21.13
C GLN A 152 9.99 -6.55 -22.15
N PRO A 153 9.40 -5.57 -22.86
CA PRO A 153 8.34 -5.86 -23.81
C PRO A 153 8.95 -6.29 -25.15
N VAL A 154 8.66 -7.50 -25.60
CA VAL A 154 9.08 -8.03 -26.88
C VAL A 154 7.88 -8.83 -27.36
N SER A 24 -6.14 11.29 -7.25
CA SER A 24 -6.93 10.52 -8.21
C SER A 24 -8.36 10.38 -7.71
N PRO A 25 -9.26 11.35 -7.99
CA PRO A 25 -10.67 11.26 -7.65
C PRO A 25 -11.39 10.32 -8.64
N ASP A 26 -11.07 9.02 -8.57
CA ASP A 26 -11.61 7.99 -9.45
C ASP A 26 -11.88 6.67 -8.70
N ALA A 27 -12.25 6.82 -7.45
CA ALA A 27 -12.64 5.73 -6.55
C ALA A 27 -14.17 5.68 -6.40
N PRO A 28 -14.84 4.66 -6.95
CA PRO A 28 -16.27 4.49 -6.83
C PRO A 28 -16.62 3.88 -5.47
N THR A 29 -17.90 3.65 -5.22
CA THR A 29 -18.34 2.99 -4.00
C THR A 29 -17.64 1.60 -4.01
N CYS A 30 -17.59 0.91 -2.87
CA CYS A 30 -16.85 -0.34 -2.85
C CYS A 30 -17.72 -1.46 -3.41
N PRO A 31 -17.25 -2.19 -4.45
CA PRO A 31 -17.97 -3.29 -5.06
C PRO A 31 -17.96 -4.53 -4.16
N LYS A 32 -18.67 -5.56 -4.60
CA LYS A 32 -18.70 -6.85 -3.91
C LYS A 32 -17.37 -7.61 -3.99
N GLN A 33 -16.49 -7.31 -4.95
CA GLN A 33 -15.19 -7.96 -5.07
C GLN A 33 -14.43 -7.79 -3.76
N CYS A 34 -14.08 -8.92 -3.17
CA CYS A 34 -13.35 -8.96 -1.92
C CYS A 34 -12.29 -10.07 -2.03
N ARG A 35 -11.42 -9.95 -3.05
CA ARG A 35 -10.31 -10.87 -3.32
C ARG A 35 -9.23 -10.08 -4.04
N ARG A 36 -7.98 -10.53 -3.89
CA ARG A 36 -6.77 -9.94 -4.43
C ARG A 36 -6.41 -10.67 -5.73
N THR A 37 -5.72 -10.01 -6.66
CA THR A 37 -5.37 -10.54 -7.98
C THR A 37 -3.91 -10.24 -8.36
N GLY A 38 -3.44 -10.77 -9.49
CA GLY A 38 -2.09 -10.55 -10.02
C GLY A 38 -1.02 -11.26 -9.18
N THR A 39 0.25 -10.86 -9.33
CA THR A 39 1.37 -11.42 -8.57
C THR A 39 1.98 -10.32 -7.69
N LEU A 40 2.94 -10.65 -6.83
CA LEU A 40 3.64 -9.67 -6.02
C LEU A 40 4.48 -8.83 -6.97
N GLN A 41 5.26 -9.45 -7.84
CA GLN A 41 6.13 -8.74 -8.76
C GLN A 41 5.32 -7.88 -9.72
N SER A 42 4.28 -8.44 -10.34
CA SER A 42 3.45 -7.71 -11.31
C SER A 42 2.88 -6.44 -10.67
N ASN A 43 2.34 -6.57 -9.45
CA ASN A 43 1.70 -5.47 -8.76
C ASN A 43 2.69 -4.48 -8.18
N PHE A 44 3.82 -4.89 -7.58
CA PHE A 44 4.85 -3.96 -7.07
C PHE A 44 5.19 -2.94 -8.17
N CYS A 45 5.44 -3.47 -9.36
CA CYS A 45 5.84 -2.70 -10.51
C CYS A 45 4.73 -1.73 -10.97
N ALA A 46 3.46 -2.08 -10.78
CA ALA A 46 2.32 -1.24 -11.12
C ALA A 46 2.10 -0.11 -10.10
N SER A 47 1.93 -0.46 -8.83
CA SER A 47 1.62 0.47 -7.74
C SER A 47 2.64 1.62 -7.64
N SER A 48 2.18 2.84 -7.38
CA SER A 48 3.02 4.02 -7.16
C SER A 48 3.60 3.97 -5.74
N LEU A 49 2.94 3.27 -4.81
CA LEU A 49 3.32 3.20 -3.41
C LEU A 49 3.60 1.78 -3.02
N VAL A 50 4.76 1.51 -2.41
CA VAL A 50 5.09 0.19 -1.90
C VAL A 50 5.84 0.41 -0.59
N VAL A 51 5.24 -0.01 0.51
CA VAL A 51 5.77 0.13 1.87
C VAL A 51 5.39 -1.09 2.70
N THR A 52 5.94 -1.19 3.89
CA THR A 52 5.64 -2.22 4.87
C THR A 52 5.41 -1.46 6.18
N ALA A 53 4.42 -1.86 6.97
CA ALA A 53 4.11 -1.13 8.20
C ALA A 53 3.25 -1.98 9.14
N THR A 54 3.11 -1.51 10.38
CA THR A 54 2.27 -2.11 11.40
C THR A 54 1.10 -1.15 11.61
N VAL A 55 -0.12 -1.70 11.66
CA VAL A 55 -1.32 -0.92 11.90
C VAL A 55 -1.35 -0.50 13.37
N LYS A 56 -1.26 0.80 13.62
CA LYS A 56 -1.36 1.37 14.95
C LYS A 56 -2.84 1.50 15.30
N SER A 57 -3.61 2.13 14.42
CA SER A 57 -5.02 2.44 14.61
C SER A 57 -5.74 2.43 13.26
N MET A 58 -7.06 2.58 13.28
CA MET A 58 -7.94 2.68 12.12
C MET A 58 -8.92 3.83 12.38
N VAL A 59 -9.46 4.44 11.33
CA VAL A 59 -10.35 5.61 11.37
C VAL A 59 -11.42 5.40 10.30
N ARG A 60 -12.69 5.69 10.56
CA ARG A 60 -13.75 5.51 9.55
C ARG A 60 -13.56 6.55 8.45
N GLU A 61 -13.87 6.22 7.20
CA GLU A 61 -13.72 7.12 6.05
C GLU A 61 -15.01 7.10 5.23
N PRO A 62 -15.23 8.07 4.32
CA PRO A 62 -16.45 8.17 3.52
C PRO A 62 -16.85 6.90 2.75
N GLY A 63 -18.14 6.80 2.45
CA GLY A 63 -18.76 5.73 1.71
C GLY A 63 -18.69 4.41 2.49
N GLU A 64 -18.13 3.40 1.86
CA GLU A 64 -17.90 2.08 2.43
C GLU A 64 -16.41 1.95 2.75
N GLY A 65 -15.70 3.06 2.98
CA GLY A 65 -14.28 3.11 3.22
C GLY A 65 -13.88 3.04 4.70
N LEU A 66 -12.57 3.00 4.93
CA LEU A 66 -11.89 2.88 6.21
C LEU A 66 -10.44 3.34 5.99
N ALA A 67 -9.84 4.05 6.93
CA ALA A 67 -8.43 4.45 6.87
C ALA A 67 -7.66 3.67 7.92
N VAL A 68 -6.39 3.45 7.66
CA VAL A 68 -5.53 2.65 8.51
C VAL A 68 -4.33 3.54 8.84
N THR A 69 -4.06 3.76 10.11
CA THR A 69 -2.90 4.51 10.57
C THR A 69 -1.77 3.51 10.74
N VAL A 70 -0.65 3.78 10.08
CA VAL A 70 0.54 2.94 10.15
C VAL A 70 1.74 3.77 10.62
N SER A 71 2.88 3.14 10.90
CA SER A 71 4.07 3.80 11.45
C SER A 71 5.36 3.40 10.70
N LEU A 72 5.26 3.24 9.37
CA LEU A 72 6.37 2.96 8.42
C LEU A 72 7.46 1.98 8.90
N ILE A 73 7.23 0.68 8.82
CA ILE A 73 8.23 -0.33 9.18
C ILE A 73 9.31 -0.39 8.06
N GLY A 74 8.94 -0.10 6.81
CA GLY A 74 9.84 -0.04 5.66
C GLY A 74 9.17 0.67 4.48
N ALA A 75 9.96 1.00 3.45
CA ALA A 75 9.54 1.69 2.24
C ALA A 75 10.37 1.19 1.06
N TYR A 76 9.77 1.17 -0.14
CA TYR A 76 10.40 0.64 -1.35
C TYR A 76 10.10 1.44 -2.61
N LYS A 77 8.96 2.16 -2.68
CA LYS A 77 8.56 3.04 -3.76
C LYS A 77 7.58 4.06 -3.16
N THR A 78 7.71 5.33 -3.50
CA THR A 78 6.91 6.47 -3.07
C THR A 78 6.78 7.47 -4.23
N GLY A 79 5.97 7.09 -5.23
CA GLY A 79 5.77 7.82 -6.48
C GLY A 79 4.72 8.92 -6.28
N GLY A 80 4.84 9.62 -5.15
CA GLY A 80 4.10 10.75 -4.69
C GLY A 80 4.77 11.35 -3.45
N LEU A 81 4.67 10.65 -2.31
CA LEU A 81 5.17 11.12 -1.02
C LEU A 81 6.62 11.61 -1.00
N ASP A 82 6.81 12.77 -0.40
CA ASP A 82 8.09 13.43 -0.17
C ASP A 82 8.64 12.79 1.10
N LEU A 83 9.16 11.55 0.98
CA LEU A 83 9.69 10.85 2.15
C LEU A 83 10.72 11.76 2.83
N PRO A 84 10.60 11.95 4.15
CA PRO A 84 11.45 12.87 4.87
C PRO A 84 12.92 12.45 4.82
N SER A 85 13.81 13.42 5.04
CA SER A 85 15.25 13.19 5.10
C SER A 85 15.47 12.06 6.12
N PRO A 86 15.05 12.17 7.41
CA PRO A 86 15.16 11.05 8.33
C PRO A 86 14.14 10.04 7.80
N PRO A 87 14.56 8.87 7.31
CA PRO A 87 13.70 7.88 6.69
C PRO A 87 12.69 7.17 7.61
N THR A 88 12.33 5.95 7.21
CA THR A 88 11.34 5.03 7.75
C THR A 88 11.26 5.11 9.28
N GLY A 89 10.02 5.16 9.75
CA GLY A 89 9.59 5.34 11.13
C GLY A 89 8.61 6.53 11.25
N ALA A 90 8.10 7.04 10.12
CA ALA A 90 7.10 8.10 10.07
C ALA A 90 5.72 7.44 10.12
N SER A 91 4.71 8.16 10.59
CA SER A 91 3.33 7.71 10.66
C SER A 91 2.46 8.33 9.56
N LEU A 92 1.56 7.53 9.00
CA LEU A 92 0.69 7.91 7.86
C LEU A 92 -0.67 7.23 7.94
N LYS A 93 -1.73 7.84 7.39
CA LYS A 93 -3.08 7.26 7.30
C LYS A 93 -3.26 6.80 5.86
N PHE A 94 -3.40 5.50 5.60
CA PHE A 94 -3.68 4.97 4.27
C PHE A 94 -5.19 4.96 4.10
N TYR A 95 -5.68 5.64 3.06
CA TYR A 95 -7.10 5.76 2.73
C TYR A 95 -7.56 4.49 1.99
N VAL A 96 -8.46 3.68 2.53
CA VAL A 96 -8.99 2.50 1.83
C VAL A 96 -10.45 2.81 1.47
N PRO A 97 -10.83 2.93 0.19
CA PRO A 97 -12.23 3.17 -0.19
C PRO A 97 -13.11 1.93 0.02
N CYS A 98 -12.52 0.78 0.34
CA CYS A 98 -13.17 -0.48 0.66
C CYS A 98 -12.78 -0.94 2.06
N LYS A 99 -13.74 -0.95 2.98
CA LYS A 99 -13.52 -1.44 4.33
C LYS A 99 -13.53 -2.96 4.40
N GLN A 100 -14.02 -3.66 3.38
CA GLN A 100 -14.16 -5.12 3.38
C GLN A 100 -12.86 -5.81 2.97
N CYS A 101 -12.18 -5.28 1.96
CA CYS A 101 -10.97 -5.85 1.38
C CYS A 101 -10.07 -4.73 0.84
N PRO A 102 -8.74 -4.96 0.71
CA PRO A 102 -8.04 -6.17 1.12
C PRO A 102 -8.05 -6.33 2.65
N PRO A 103 -7.83 -7.55 3.19
CA PRO A 103 -7.92 -7.81 4.62
C PRO A 103 -6.94 -6.97 5.45
N MET A 104 -7.37 -6.53 6.63
CA MET A 104 -6.59 -5.74 7.58
C MET A 104 -7.04 -6.06 9.00
N LYS A 105 -6.17 -5.87 9.99
CA LYS A 105 -6.42 -6.03 11.44
C LYS A 105 -5.50 -5.05 12.14
N LYS A 106 -6.00 -4.43 13.20
CA LYS A 106 -5.21 -3.52 14.02
C LYS A 106 -4.11 -4.31 14.74
N GLY A 107 -2.96 -3.70 14.97
CA GLY A 107 -1.85 -4.29 15.71
C GLY A 107 -1.27 -5.53 15.05
N VAL A 108 -1.05 -5.49 13.73
CA VAL A 108 -0.42 -6.53 12.92
C VAL A 108 0.42 -5.83 11.84
N SER A 109 1.47 -6.49 11.31
CA SER A 109 2.36 -5.94 10.29
C SER A 109 2.04 -6.49 8.90
N TYR A 110 2.01 -5.59 7.92
CA TYR A 110 1.65 -5.87 6.53
C TYR A 110 2.58 -5.19 5.53
N LEU A 111 2.31 -5.52 4.26
CA LEU A 111 2.89 -5.03 3.03
C LEU A 111 1.73 -4.28 2.38
N LEU A 112 1.92 -3.00 2.05
CA LEU A 112 0.93 -2.18 1.40
C LEU A 112 1.49 -1.78 0.04
N MET A 113 0.88 -2.25 -1.04
CA MET A 113 1.25 -1.87 -2.40
C MET A 113 -0.01 -1.16 -2.90
N GLY A 114 0.04 0.14 -3.15
CA GLY A 114 -1.10 0.96 -3.55
C GLY A 114 -0.65 2.20 -4.32
N GLN A 115 -1.26 3.35 -4.06
CA GLN A 115 -0.99 4.59 -4.79
C GLN A 115 -0.76 5.74 -3.81
N VAL A 116 -0.48 6.93 -4.35
CA VAL A 116 -0.33 8.13 -3.52
C VAL A 116 -1.06 9.31 -4.16
N GLU A 117 -1.62 10.19 -3.33
CA GLU A 117 -2.25 11.40 -3.77
C GLU A 117 -1.30 12.46 -3.25
N GLU A 118 -0.63 13.18 -4.14
CA GLU A 118 0.27 14.28 -3.86
C GLU A 118 -0.62 15.50 -3.61
N ASN A 119 -1.27 15.46 -2.45
CA ASN A 119 -2.25 16.37 -1.91
C ASN A 119 -2.70 15.96 -0.51
N ARG A 120 -2.86 14.65 -0.27
CA ARG A 120 -3.36 14.11 1.00
C ARG A 120 -2.54 12.99 1.61
N GLY A 121 -1.59 12.41 0.91
CA GLY A 121 -0.80 11.28 1.38
C GLY A 121 -1.19 9.99 0.66
N PRO A 122 -0.92 8.82 1.26
CA PRO A 122 -1.16 7.52 0.64
C PRO A 122 -2.63 7.16 0.50
N VAL A 123 -2.96 6.49 -0.59
CA VAL A 123 -4.29 6.00 -0.91
C VAL A 123 -4.07 4.51 -1.21
N LEU A 124 -5.00 3.66 -0.80
CA LEU A 124 -4.90 2.21 -0.89
C LEU A 124 -6.19 1.62 -1.48
N PRO A 125 -6.40 1.68 -2.81
CA PRO A 125 -7.61 1.21 -3.48
C PRO A 125 -7.81 -0.32 -3.38
N PRO A 126 -8.94 -0.91 -3.79
CA PRO A 126 -9.16 -2.35 -3.67
C PRO A 126 -8.13 -3.19 -4.44
N GLU A 127 -7.62 -2.69 -5.57
CA GLU A 127 -6.62 -3.37 -6.40
C GLU A 127 -5.18 -3.11 -5.90
N SER A 128 -5.02 -3.06 -4.57
CA SER A 128 -3.74 -2.93 -3.88
C SER A 128 -3.27 -4.31 -3.44
N PHE A 129 -2.00 -4.69 -3.72
CA PHE A 129 -1.53 -5.98 -3.24
C PHE A 129 -1.21 -5.81 -1.75
N VAL A 130 -1.96 -6.47 -0.88
CA VAL A 130 -1.85 -6.33 0.57
C VAL A 130 -1.86 -7.73 1.20
N VAL A 131 -0.81 -8.02 1.96
CA VAL A 131 -0.59 -9.28 2.67
C VAL A 131 0.22 -9.02 3.95
N LEU A 132 0.37 -10.04 4.79
CA LEU A 132 1.17 -10.01 6.01
C LEU A 132 2.64 -9.81 5.64
N HIS A 133 3.38 -9.02 6.44
CA HIS A 133 4.79 -8.74 6.21
C HIS A 133 5.63 -9.96 6.61
N ARG A 134 6.56 -10.39 5.74
CA ARG A 134 7.52 -11.47 5.98
C ARG A 134 8.86 -11.02 5.38
N PRO A 135 10.01 -11.41 5.96
CA PRO A 135 11.33 -11.07 5.41
C PRO A 135 11.54 -11.56 3.97
N ASN A 136 10.96 -12.72 3.61
CA ASN A 136 11.04 -13.26 2.24
C ASN A 136 10.56 -12.22 1.25
N GLN A 137 9.34 -11.73 1.49
CA GLN A 137 8.72 -10.69 0.70
C GLN A 137 9.53 -9.39 0.82
N ASP A 138 9.98 -9.02 2.03
CA ASP A 138 10.76 -7.81 2.31
C ASP A 138 11.96 -7.68 1.36
N GLN A 139 12.80 -8.72 1.33
CA GLN A 139 13.97 -8.76 0.48
C GLN A 139 13.58 -8.77 -1.01
N ILE A 140 12.43 -9.35 -1.38
CA ILE A 140 11.95 -9.32 -2.76
C ILE A 140 11.61 -7.87 -3.15
N LEU A 141 10.80 -7.14 -2.36
CA LEU A 141 10.45 -5.75 -2.68
C LEU A 141 11.73 -4.90 -2.73
N THR A 142 12.69 -5.17 -1.85
CA THR A 142 13.99 -4.51 -1.83
C THR A 142 14.67 -4.70 -3.20
N ASN A 143 14.79 -5.95 -3.66
CA ASN A 143 15.36 -6.25 -4.97
C ASN A 143 14.56 -5.64 -6.10
N LEU A 144 13.24 -5.49 -5.97
CA LEU A 144 12.39 -4.90 -7.01
C LEU A 144 12.56 -3.39 -7.06
N SER A 145 12.98 -2.74 -5.99
CA SER A 145 13.25 -1.31 -6.01
C SER A 145 14.56 -1.09 -6.79
N LYS A 146 15.54 -1.98 -6.61
CA LYS A 146 16.88 -1.88 -7.21
C LYS A 146 16.85 -2.26 -8.70
N ARG A 147 16.43 -3.49 -9.02
CA ARG A 147 16.39 -3.98 -10.38
C ARG A 147 15.26 -3.29 -11.13
N LYS A 148 15.40 -3.14 -12.43
CA LYS A 148 14.30 -2.59 -13.22
C LYS A 148 13.28 -3.72 -13.34
N CYS A 149 12.01 -3.38 -13.20
CA CYS A 149 10.91 -4.33 -13.28
C CYS A 149 10.95 -5.07 -14.62
N PRO A 150 10.87 -6.42 -14.65
CA PRO A 150 10.81 -7.13 -15.91
C PRO A 150 9.39 -6.97 -16.45
N SER A 151 9.22 -5.94 -17.25
CA SER A 151 8.03 -5.57 -17.97
C SER A 151 8.55 -4.54 -18.98
N GLN A 152 9.26 -5.01 -19.99
CA GLN A 152 9.77 -4.18 -21.05
C GLN A 152 9.35 -4.92 -22.32
N PRO A 153 8.42 -4.37 -23.12
CA PRO A 153 7.90 -5.03 -24.31
C PRO A 153 8.49 -4.40 -25.58
N VAL A 154 8.09 -4.92 -26.72
CA VAL A 154 8.43 -4.44 -28.05
C VAL A 154 7.08 -4.40 -28.76
N SER A 24 -8.06 11.91 -9.08
CA SER A 24 -8.84 10.80 -8.48
C SER A 24 -10.04 10.50 -9.38
N PRO A 25 -10.16 9.29 -9.97
CA PRO A 25 -11.35 8.91 -10.71
C PRO A 25 -12.56 8.79 -9.77
N ASP A 26 -13.76 8.79 -10.33
CA ASP A 26 -15.03 8.63 -9.61
C ASP A 26 -15.34 7.15 -9.40
N ALA A 27 -14.52 6.52 -8.56
CA ALA A 27 -14.65 5.11 -8.21
C ALA A 27 -16.05 4.84 -7.62
N PRO A 28 -16.72 3.74 -7.99
CA PRO A 28 -18.08 3.43 -7.54
C PRO A 28 -18.08 2.99 -6.08
N THR A 29 -19.26 2.67 -5.55
CA THR A 29 -19.45 2.14 -4.20
C THR A 29 -18.59 0.86 -4.05
N CYS A 30 -18.31 0.41 -2.82
CA CYS A 30 -17.43 -0.74 -2.64
C CYS A 30 -18.26 -2.01 -2.84
N PRO A 31 -17.87 -2.91 -3.76
CA PRO A 31 -18.58 -4.15 -4.00
C PRO A 31 -18.32 -5.17 -2.88
N LYS A 32 -19.15 -6.21 -2.82
CA LYS A 32 -18.91 -7.29 -1.86
C LYS A 32 -17.84 -8.23 -2.39
N GLN A 33 -17.78 -8.45 -3.72
CA GLN A 33 -16.75 -9.26 -4.37
C GLN A 33 -15.37 -8.70 -4.04
N CYS A 34 -14.46 -9.60 -3.66
CA CYS A 34 -13.08 -9.29 -3.31
C CYS A 34 -12.20 -10.49 -3.68
N ARG A 35 -10.96 -10.22 -4.11
CA ARG A 35 -9.96 -11.25 -4.43
C ARG A 35 -8.58 -10.57 -4.45
N ARG A 36 -7.51 -11.34 -4.26
CA ARG A 36 -6.12 -10.90 -4.34
C ARG A 36 -5.65 -11.40 -5.71
N THR A 37 -5.14 -10.52 -6.56
CA THR A 37 -4.73 -10.82 -7.93
C THR A 37 -3.30 -10.35 -8.21
N GLY A 38 -2.80 -10.66 -9.42
CA GLY A 38 -1.46 -10.31 -9.86
C GLY A 38 -0.41 -11.17 -9.18
N THR A 39 0.81 -10.67 -9.08
CA THR A 39 1.91 -11.33 -8.37
C THR A 39 2.63 -10.22 -7.59
N LEU A 40 3.51 -10.57 -6.65
CA LEU A 40 4.22 -9.57 -5.86
C LEU A 40 5.11 -8.74 -6.78
N GLN A 41 5.79 -9.36 -7.75
CA GLN A 41 6.57 -8.61 -8.71
C GLN A 41 5.66 -7.67 -9.52
N SER A 42 4.60 -8.19 -10.14
CA SER A 42 3.71 -7.41 -11.00
C SER A 42 3.13 -6.21 -10.25
N ASN A 43 2.66 -6.48 -9.04
CA ASN A 43 2.00 -5.51 -8.19
C ASN A 43 2.98 -4.46 -7.71
N PHE A 44 4.23 -4.82 -7.39
CA PHE A 44 5.25 -3.83 -7.02
C PHE A 44 5.48 -2.86 -8.19
N CYS A 45 5.46 -3.35 -9.43
CA CYS A 45 5.62 -2.50 -10.60
C CYS A 45 4.44 -1.54 -10.74
N ALA A 46 3.21 -2.08 -10.84
CA ALA A 46 1.97 -1.36 -11.08
C ALA A 46 1.59 -0.32 -10.02
N SER A 47 1.97 -0.52 -8.76
CA SER A 47 1.69 0.43 -7.70
C SER A 47 2.63 1.65 -7.76
N SER A 48 2.18 2.80 -7.24
CA SER A 48 2.97 4.02 -7.13
C SER A 48 3.44 4.19 -5.68
N LEU A 49 2.97 3.32 -4.76
CA LEU A 49 3.28 3.31 -3.35
C LEU A 49 3.59 1.88 -2.93
N VAL A 50 4.77 1.62 -2.36
CA VAL A 50 5.13 0.31 -1.82
C VAL A 50 5.85 0.55 -0.51
N VAL A 51 5.24 0.10 0.58
CA VAL A 51 5.74 0.24 1.94
C VAL A 51 5.39 -0.99 2.78
N THR A 52 5.91 -1.07 3.98
CA THR A 52 5.63 -2.10 4.97
C THR A 52 5.44 -1.36 6.28
N ALA A 53 4.49 -1.78 7.12
CA ALA A 53 4.20 -1.09 8.36
C ALA A 53 3.44 -1.98 9.32
N THR A 54 3.24 -1.49 10.53
CA THR A 54 2.44 -2.12 11.57
C THR A 54 1.27 -1.17 11.73
N VAL A 55 0.06 -1.72 11.72
CA VAL A 55 -1.13 -0.90 11.84
C VAL A 55 -1.21 -0.47 13.31
N LYS A 56 -1.04 0.83 13.56
CA LYS A 56 -1.11 1.42 14.89
C LYS A 56 -2.56 1.57 15.29
N SER A 57 -3.40 2.04 14.37
CA SER A 57 -4.84 2.24 14.56
C SER A 57 -5.57 2.12 13.22
N MET A 58 -6.89 2.03 13.26
CA MET A 58 -7.78 2.00 12.10
C MET A 58 -8.95 2.90 12.48
N VAL A 59 -9.25 3.91 11.66
CA VAL A 59 -10.29 4.93 11.91
C VAL A 59 -11.30 4.85 10.77
N ARG A 60 -12.60 5.10 11.02
CA ARG A 60 -13.56 5.13 9.92
C ARG A 60 -13.22 6.31 9.01
N GLU A 61 -13.60 6.23 7.74
CA GLU A 61 -13.42 7.28 6.76
C GLU A 61 -14.71 7.45 5.97
N PRO A 62 -14.83 8.48 5.13
CA PRO A 62 -15.99 8.69 4.27
C PRO A 62 -16.25 7.54 3.31
N GLY A 63 -17.46 7.54 2.73
CA GLY A 63 -17.97 6.53 1.84
C GLY A 63 -18.10 5.21 2.59
N GLU A 64 -17.80 4.12 1.89
CA GLU A 64 -17.76 2.76 2.45
C GLU A 64 -16.30 2.43 2.80
N GLY A 65 -15.50 3.47 3.05
CA GLY A 65 -14.07 3.41 3.32
C GLY A 65 -13.69 3.27 4.79
N LEU A 66 -12.38 3.22 5.00
CA LEU A 66 -11.69 3.01 6.26
C LEU A 66 -10.30 3.67 6.13
N ALA A 67 -9.64 4.05 7.22
CA ALA A 67 -8.29 4.60 7.25
C ALA A 67 -7.44 3.68 8.09
N VAL A 68 -6.16 3.53 7.73
CA VAL A 68 -5.22 2.73 8.47
C VAL A 68 -4.10 3.68 8.89
N THR A 69 -3.83 3.78 10.18
CA THR A 69 -2.75 4.58 10.73
C THR A 69 -1.55 3.65 10.86
N VAL A 70 -0.40 4.04 10.32
CA VAL A 70 0.80 3.21 10.29
C VAL A 70 2.03 3.99 10.76
N SER A 71 3.17 3.31 10.95
CA SER A 71 4.41 3.93 11.45
C SER A 71 5.67 3.50 10.66
N LEU A 72 5.52 3.30 9.34
CA LEU A 72 6.58 2.96 8.36
C LEU A 72 7.67 2.02 8.85
N ILE A 73 7.42 0.70 8.83
CA ILE A 73 8.42 -0.32 9.19
C ILE A 73 9.44 -0.45 8.03
N GLY A 74 9.04 -0.07 6.81
CA GLY A 74 9.88 -0.04 5.63
C GLY A 74 9.18 0.74 4.52
N ALA A 75 9.97 1.21 3.55
CA ALA A 75 9.51 1.90 2.36
C ALA A 75 10.36 1.39 1.21
N TYR A 76 9.79 1.39 -0.01
CA TYR A 76 10.47 0.90 -1.20
C TYR A 76 10.14 1.77 -2.41
N LYS A 77 8.95 2.36 -2.49
CA LYS A 77 8.52 3.22 -3.58
C LYS A 77 7.59 4.26 -2.99
N THR A 78 7.82 5.54 -3.27
CA THR A 78 7.03 6.68 -2.90
C THR A 78 7.02 7.59 -4.12
N GLY A 79 6.33 7.17 -5.17
CA GLY A 79 6.17 7.88 -6.43
C GLY A 79 5.03 8.89 -6.30
N GLY A 80 5.05 9.59 -5.17
CA GLY A 80 4.21 10.65 -4.72
C GLY A 80 4.85 11.27 -3.49
N LEU A 81 4.64 10.62 -2.34
CA LEU A 81 5.08 11.08 -1.02
C LEU A 81 6.50 11.61 -0.99
N ASP A 82 6.56 12.84 -0.54
CA ASP A 82 7.71 13.68 -0.29
C ASP A 82 8.33 13.30 1.05
N LEU A 83 8.85 12.08 1.17
CA LEU A 83 9.40 11.58 2.44
C LEU A 83 10.49 12.53 2.95
N PRO A 84 10.44 12.93 4.23
CA PRO A 84 11.37 13.90 4.79
C PRO A 84 12.77 13.30 4.99
N SER A 85 13.73 14.13 5.46
CA SER A 85 15.08 13.68 5.79
C SER A 85 15.02 12.43 6.68
N PRO A 86 14.28 12.40 7.82
CA PRO A 86 14.14 11.19 8.61
C PRO A 86 13.35 10.15 7.78
N PRO A 87 13.95 9.00 7.42
CA PRO A 87 13.34 7.94 6.63
C PRO A 87 12.39 7.08 7.48
N THR A 88 12.24 5.82 7.04
CA THR A 88 11.48 4.74 7.66
C THR A 88 11.53 4.87 9.20
N GLY A 89 10.34 4.91 9.80
CA GLY A 89 10.09 5.12 11.21
C GLY A 89 9.06 6.23 11.44
N ALA A 90 8.50 6.83 10.38
CA ALA A 90 7.57 7.96 10.45
C ALA A 90 6.15 7.47 10.24
N SER A 91 5.17 8.17 10.82
CA SER A 91 3.77 7.75 10.76
C SER A 91 3.00 8.42 9.62
N LEU A 92 1.99 7.71 9.09
CA LEU A 92 1.09 8.12 8.00
C LEU A 92 -0.32 7.58 8.27
N LYS A 93 -1.32 8.04 7.52
CA LYS A 93 -2.71 7.59 7.54
C LYS A 93 -3.05 7.24 6.09
N PHE A 94 -3.32 5.97 5.78
CA PHE A 94 -3.61 5.53 4.42
C PHE A 94 -5.13 5.50 4.24
N TYR A 95 -5.63 6.20 3.23
CA TYR A 95 -7.06 6.18 2.88
C TYR A 95 -7.39 4.83 2.26
N VAL A 96 -8.53 4.21 2.56
CA VAL A 96 -8.94 2.96 1.92
C VAL A 96 -10.38 3.17 1.43
N PRO A 97 -10.65 3.19 0.11
CA PRO A 97 -11.99 3.31 -0.45
C PRO A 97 -12.98 2.19 -0.06
N CYS A 98 -12.49 1.10 0.53
CA CYS A 98 -13.25 -0.08 0.89
C CYS A 98 -12.90 -0.61 2.27
N LYS A 99 -13.87 -0.65 3.17
CA LYS A 99 -13.63 -1.25 4.48
C LYS A 99 -13.59 -2.78 4.37
N GLN A 100 -14.28 -3.32 3.38
CA GLN A 100 -14.43 -4.76 3.15
C GLN A 100 -13.07 -5.41 2.86
N CYS A 101 -12.32 -4.85 1.91
CA CYS A 101 -11.05 -5.36 1.42
C CYS A 101 -10.11 -4.23 1.01
N PRO A 102 -8.78 -4.47 0.95
CA PRO A 102 -8.12 -5.74 1.25
C PRO A 102 -8.23 -6.13 2.74
N PRO A 103 -8.04 -7.41 3.09
CA PRO A 103 -8.21 -7.93 4.44
C PRO A 103 -7.13 -7.39 5.40
N MET A 104 -7.49 -6.32 6.10
CA MET A 104 -6.64 -5.59 7.02
C MET A 104 -6.84 -6.14 8.43
N LYS A 105 -5.91 -5.90 9.35
CA LYS A 105 -6.01 -6.27 10.75
C LYS A 105 -5.26 -5.23 11.53
N LYS A 106 -5.85 -4.79 12.63
CA LYS A 106 -5.28 -3.79 13.50
C LYS A 106 -4.18 -4.44 14.35
N GLY A 107 -3.11 -3.72 14.67
CA GLY A 107 -2.04 -4.21 15.55
C GLY A 107 -1.31 -5.44 15.00
N VAL A 108 -1.05 -5.47 13.69
CA VAL A 108 -0.30 -6.51 12.99
C VAL A 108 0.57 -5.81 11.94
N SER A 109 1.66 -6.46 11.52
CA SER A 109 2.53 -5.95 10.46
C SER A 109 2.06 -6.45 9.09
N TYR A 110 2.11 -5.56 8.11
CA TYR A 110 1.70 -5.75 6.72
C TYR A 110 2.72 -5.14 5.75
N LEU A 111 2.42 -5.39 4.48
CA LEU A 111 3.01 -4.97 3.23
C LEU A 111 1.83 -4.31 2.54
N LEU A 112 1.99 -3.04 2.15
CA LEU A 112 0.95 -2.23 1.52
C LEU A 112 1.49 -1.76 0.18
N MET A 113 0.90 -2.22 -0.91
CA MET A 113 1.24 -1.80 -2.27
C MET A 113 -0.01 -1.11 -2.80
N GLY A 114 0.04 0.20 -3.05
CA GLY A 114 -1.10 1.02 -3.46
C GLY A 114 -0.70 2.20 -4.34
N GLN A 115 -1.29 3.37 -4.07
CA GLN A 115 -1.10 4.59 -4.84
C GLN A 115 -0.89 5.79 -3.90
N VAL A 116 -0.63 6.96 -4.48
CA VAL A 116 -0.50 8.22 -3.75
C VAL A 116 -1.23 9.29 -4.57
N GLU A 117 -1.68 10.35 -3.90
CA GLU A 117 -2.32 11.53 -4.46
C GLU A 117 -1.45 12.64 -3.87
N GLU A 118 -0.72 13.35 -4.73
CA GLU A 118 0.26 14.38 -4.34
C GLU A 118 -0.37 15.70 -3.85
N ASN A 119 -0.97 15.62 -2.66
CA ASN A 119 -1.63 16.62 -1.84
C ASN A 119 -2.46 15.99 -0.73
N ARG A 120 -2.89 14.75 -0.95
CA ARG A 120 -3.81 14.05 -0.04
C ARG A 120 -3.14 12.85 0.64
N GLY A 121 -1.90 12.54 0.26
CA GLY A 121 -1.12 11.49 0.88
C GLY A 121 -1.42 10.12 0.26
N PRO A 122 -1.08 9.04 0.99
CA PRO A 122 -1.22 7.68 0.51
C PRO A 122 -2.68 7.25 0.42
N VAL A 123 -3.06 6.67 -0.72
CA VAL A 123 -4.40 6.21 -0.99
C VAL A 123 -4.17 4.72 -1.32
N LEU A 124 -4.88 3.85 -0.62
CA LEU A 124 -4.75 2.41 -0.69
C LEU A 124 -6.04 1.79 -1.25
N PRO A 125 -6.19 1.73 -2.60
CA PRO A 125 -7.41 1.23 -3.26
C PRO A 125 -7.70 -0.24 -2.94
N PRO A 126 -8.89 -0.78 -3.29
CA PRO A 126 -9.21 -2.19 -3.06
C PRO A 126 -8.32 -3.16 -3.83
N GLU A 127 -7.69 -2.71 -4.91
CA GLU A 127 -6.85 -3.51 -5.79
C GLU A 127 -5.36 -3.38 -5.40
N SER A 128 -5.10 -3.02 -4.15
CA SER A 128 -3.77 -2.89 -3.57
C SER A 128 -3.31 -4.27 -3.10
N PHE A 129 -2.07 -4.68 -3.39
CA PHE A 129 -1.60 -5.96 -2.86
C PHE A 129 -1.29 -5.70 -1.39
N VAL A 130 -2.06 -6.32 -0.49
CA VAL A 130 -1.96 -6.10 0.94
C VAL A 130 -1.95 -7.45 1.63
N VAL A 131 -0.83 -7.76 2.29
CA VAL A 131 -0.59 -9.04 2.94
C VAL A 131 0.23 -8.85 4.21
N LEU A 132 0.32 -9.89 5.04
CA LEU A 132 1.12 -9.89 6.26
C LEU A 132 2.59 -9.73 5.89
N HIS A 133 3.35 -9.04 6.74
CA HIS A 133 4.76 -8.74 6.52
C HIS A 133 5.59 -10.01 6.70
N ARG A 134 6.47 -10.33 5.75
CA ARG A 134 7.38 -11.48 5.85
C ARG A 134 8.76 -11.05 5.36
N PRO A 135 9.86 -11.61 5.91
CA PRO A 135 11.22 -11.23 5.52
C PRO A 135 11.52 -11.58 4.06
N ASN A 136 11.03 -12.74 3.57
CA ASN A 136 11.19 -13.14 2.17
C ASN A 136 10.61 -12.08 1.24
N GLN A 137 9.36 -11.67 1.50
CA GLN A 137 8.70 -10.64 0.73
C GLN A 137 9.52 -9.33 0.82
N ASP A 138 9.86 -8.89 2.04
CA ASP A 138 10.62 -7.67 2.33
C ASP A 138 11.89 -7.57 1.47
N GLN A 139 12.64 -8.67 1.44
CA GLN A 139 13.84 -8.83 0.63
C GLN A 139 13.53 -8.73 -0.86
N ILE A 140 12.46 -9.36 -1.34
CA ILE A 140 12.08 -9.33 -2.76
C ILE A 140 11.68 -7.91 -3.15
N LEU A 141 10.89 -7.17 -2.36
CA LEU A 141 10.54 -5.78 -2.65
C LEU A 141 11.81 -4.94 -2.70
N THR A 142 12.74 -5.15 -1.76
CA THR A 142 14.03 -4.48 -1.75
C THR A 142 14.76 -4.78 -3.05
N ASN A 143 14.84 -6.04 -3.47
CA ASN A 143 15.48 -6.42 -4.70
C ASN A 143 14.76 -5.82 -5.91
N LEU A 144 13.43 -5.69 -5.88
CA LEU A 144 12.65 -5.04 -6.94
C LEU A 144 12.90 -3.54 -7.00
N SER A 145 13.26 -2.90 -5.88
CA SER A 145 13.61 -1.49 -5.85
C SER A 145 14.98 -1.32 -6.54
N LYS A 146 15.95 -2.17 -6.20
CA LYS A 146 17.29 -2.07 -6.77
C LYS A 146 17.29 -2.51 -8.23
N ARG A 147 16.60 -3.61 -8.56
CA ARG A 147 16.40 -4.14 -9.90
C ARG A 147 15.34 -3.28 -10.60
N LYS A 148 15.10 -3.58 -11.88
CA LYS A 148 14.08 -2.96 -12.70
C LYS A 148 13.16 -4.09 -13.14
N CYS A 149 11.87 -3.82 -13.27
CA CYS A 149 10.87 -4.82 -13.61
C CYS A 149 11.21 -5.52 -14.93
N PRO A 150 10.99 -6.83 -15.05
CA PRO A 150 11.20 -7.55 -16.30
C PRO A 150 9.99 -7.31 -17.18
N SER A 151 10.08 -6.31 -18.06
CA SER A 151 8.99 -5.89 -18.91
C SER A 151 9.47 -4.97 -20.04
N GLN A 152 9.88 -5.54 -21.16
CA GLN A 152 10.26 -4.81 -22.36
C GLN A 152 9.24 -5.22 -23.43
N PRO A 153 8.36 -4.32 -23.91
CA PRO A 153 7.42 -4.63 -24.98
C PRO A 153 8.16 -4.59 -26.34
N VAL A 154 8.58 -5.74 -26.87
CA VAL A 154 9.29 -5.84 -28.13
C VAL A 154 8.87 -7.10 -28.86
N SER A 24 -3.11 4.97 -13.42
CA SER A 24 -3.96 4.69 -14.57
C SER A 24 -5.43 4.70 -14.16
N PRO A 25 -6.31 5.44 -14.86
CA PRO A 25 -7.75 5.40 -14.64
C PRO A 25 -8.33 4.14 -15.30
N ASP A 26 -8.07 2.98 -14.69
CA ASP A 26 -8.55 1.69 -15.15
C ASP A 26 -8.91 0.83 -13.95
N ALA A 27 -9.89 1.32 -13.18
CA ALA A 27 -10.38 0.74 -11.94
C ALA A 27 -11.90 0.96 -11.81
N PRO A 28 -12.69 -0.08 -11.46
CA PRO A 28 -14.15 0.00 -11.40
C PRO A 28 -14.63 0.57 -10.05
N THR A 29 -15.95 0.74 -9.91
CA THR A 29 -16.56 1.17 -8.65
C THR A 29 -16.29 0.03 -7.65
N CYS A 30 -16.36 0.30 -6.34
CA CYS A 30 -16.02 -0.69 -5.32
C CYS A 30 -17.25 -1.60 -5.07
N PRO A 31 -17.16 -2.89 -5.41
CA PRO A 31 -18.26 -3.85 -5.30
C PRO A 31 -18.34 -4.45 -3.89
N LYS A 32 -19.38 -5.27 -3.65
CA LYS A 32 -19.53 -5.98 -2.38
C LYS A 32 -18.60 -7.21 -2.40
N GLN A 33 -18.22 -7.69 -3.60
CA GLN A 33 -17.29 -8.78 -3.85
C GLN A 33 -15.89 -8.34 -3.38
N CYS A 34 -14.98 -9.28 -3.18
CA CYS A 34 -13.60 -9.02 -2.79
C CYS A 34 -12.72 -10.17 -3.30
N ARG A 35 -11.60 -9.86 -3.95
CA ARG A 35 -10.70 -10.86 -4.52
C ARG A 35 -9.29 -10.27 -4.71
N ARG A 36 -8.30 -11.13 -4.96
CA ARG A 36 -6.91 -10.77 -5.24
C ARG A 36 -6.46 -11.48 -6.52
N THR A 37 -5.52 -10.85 -7.21
CA THR A 37 -4.95 -11.24 -8.49
C THR A 37 -3.47 -10.80 -8.52
N GLY A 38 -2.76 -11.17 -9.59
CA GLY A 38 -1.38 -10.77 -9.85
C GLY A 38 -0.34 -11.47 -8.97
N THR A 39 0.93 -11.13 -9.20
CA THR A 39 2.07 -11.62 -8.43
C THR A 39 2.58 -10.49 -7.53
N LEU A 40 3.59 -10.77 -6.70
CA LEU A 40 4.20 -9.73 -5.88
C LEU A 40 4.92 -8.75 -6.81
N GLN A 41 5.75 -9.21 -7.74
CA GLN A 41 6.49 -8.34 -8.64
C GLN A 41 5.56 -7.56 -9.55
N SER A 42 4.55 -8.21 -10.14
CA SER A 42 3.65 -7.56 -11.09
C SER A 42 2.87 -6.44 -10.41
N ASN A 43 2.34 -6.72 -9.21
CA ASN A 43 1.60 -5.72 -8.44
C ASN A 43 2.53 -4.62 -7.97
N PHE A 44 3.72 -4.93 -7.41
CA PHE A 44 4.68 -3.93 -6.93
C PHE A 44 4.90 -2.83 -7.98
N CYS A 45 5.16 -3.22 -9.22
CA CYS A 45 5.42 -2.28 -10.30
C CYS A 45 4.20 -1.41 -10.64
N ALA A 46 2.98 -1.93 -10.53
CA ALA A 46 1.75 -1.22 -10.84
C ALA A 46 1.37 -0.20 -9.75
N SER A 47 1.49 -0.60 -8.48
CA SER A 47 1.19 0.25 -7.34
C SER A 47 2.19 1.40 -7.26
N SER A 48 1.74 2.65 -7.17
CA SER A 48 2.61 3.80 -7.00
C SER A 48 3.17 3.84 -5.57
N LEU A 49 2.48 3.18 -4.63
CA LEU A 49 2.82 3.17 -3.22
C LEU A 49 3.15 1.76 -2.79
N VAL A 50 4.37 1.50 -2.31
CA VAL A 50 4.73 0.20 -1.79
C VAL A 50 5.52 0.46 -0.51
N VAL A 51 4.94 0.06 0.62
CA VAL A 51 5.50 0.20 1.95
C VAL A 51 5.01 -0.98 2.79
N THR A 52 5.52 -1.10 4.00
CA THR A 52 5.10 -2.09 4.97
C THR A 52 4.99 -1.33 6.28
N ALA A 53 4.05 -1.69 7.16
CA ALA A 53 3.91 -0.98 8.43
C ALA A 53 3.00 -1.73 9.39
N THR A 54 3.06 -1.35 10.67
CA THR A 54 2.20 -1.86 11.72
C THR A 54 1.08 -0.85 11.84
N VAL A 55 -0.16 -1.33 11.88
CA VAL A 55 -1.33 -0.49 12.07
C VAL A 55 -1.34 -0.03 13.53
N LYS A 56 -1.16 1.27 13.74
CA LYS A 56 -1.23 1.89 15.06
C LYS A 56 -2.68 1.93 15.51
N SER A 57 -3.62 2.29 14.62
CA SER A 57 -5.06 2.33 14.87
C SER A 57 -5.82 2.42 13.56
N MET A 58 -7.14 2.27 13.64
CA MET A 58 -8.08 2.40 12.53
C MET A 58 -9.18 3.35 13.00
N VAL A 59 -9.56 4.29 12.15
CA VAL A 59 -10.53 5.35 12.43
C VAL A 59 -11.45 5.44 11.22
N ARG A 60 -12.76 5.72 11.36
CA ARG A 60 -13.60 5.80 10.17
C ARG A 60 -13.25 7.02 9.31
N GLU A 61 -13.65 6.95 8.04
CA GLU A 61 -13.55 7.94 6.98
C GLU A 61 -14.89 8.09 6.25
N PRO A 62 -15.05 9.08 5.34
CA PRO A 62 -16.32 9.34 4.65
C PRO A 62 -16.96 8.10 4.02
N GLY A 63 -18.29 8.08 4.02
CA GLY A 63 -19.10 6.99 3.48
C GLY A 63 -18.71 5.65 4.09
N GLU A 64 -18.36 4.67 3.27
CA GLU A 64 -17.95 3.34 3.71
C GLU A 64 -16.44 3.27 4.02
N GLY A 65 -15.73 4.37 3.83
CA GLY A 65 -14.28 4.46 3.98
C GLY A 65 -13.80 4.23 5.41
N LEU A 66 -12.50 3.96 5.54
CA LEU A 66 -11.81 3.65 6.77
C LEU A 66 -10.38 4.17 6.63
N ALA A 67 -9.83 4.83 7.65
CA ALA A 67 -8.46 5.31 7.68
C ALA A 67 -7.66 4.34 8.52
N VAL A 68 -6.49 3.95 8.05
CA VAL A 68 -5.59 3.08 8.79
C VAL A 68 -4.40 3.97 9.14
N THR A 69 -4.06 4.10 10.42
CA THR A 69 -2.90 4.84 10.86
C THR A 69 -1.78 3.82 10.98
N VAL A 70 -0.61 4.09 10.42
CA VAL A 70 0.50 3.16 10.38
C VAL A 70 1.82 3.89 10.75
N SER A 71 2.94 3.16 10.92
CA SER A 71 4.21 3.76 11.35
C SER A 71 5.47 3.25 10.61
N LEU A 72 5.36 3.09 9.28
CA LEU A 72 6.45 2.73 8.33
C LEU A 72 7.50 1.69 8.78
N ILE A 73 7.20 0.39 8.72
CA ILE A 73 8.15 -0.67 9.01
C ILE A 73 9.17 -0.75 7.85
N GLY A 74 8.78 -0.41 6.62
CA GLY A 74 9.64 -0.35 5.45
C GLY A 74 8.98 0.51 4.38
N ALA A 75 9.78 1.05 3.45
CA ALA A 75 9.33 1.83 2.31
C ALA A 75 10.08 1.34 1.07
N TYR A 76 9.43 1.33 -0.09
CA TYR A 76 10.02 0.78 -1.31
C TYR A 76 9.64 1.52 -2.61
N LYS A 77 8.48 2.20 -2.68
CA LYS A 77 8.03 2.88 -3.87
C LYS A 77 7.09 3.99 -3.40
N THR A 78 7.31 5.22 -3.83
CA THR A 78 6.61 6.44 -3.46
C THR A 78 6.54 7.34 -4.69
N GLY A 79 5.74 6.93 -5.67
CA GLY A 79 5.47 7.71 -6.88
C GLY A 79 4.37 8.74 -6.63
N GLY A 80 4.37 9.29 -5.41
CA GLY A 80 3.51 10.33 -4.91
C GLY A 80 4.25 11.01 -3.77
N LEU A 81 4.19 10.41 -2.58
CA LEU A 81 4.70 10.91 -1.31
C LEU A 81 6.11 11.49 -1.29
N ASP A 82 6.19 12.65 -0.65
CA ASP A 82 7.36 13.46 -0.34
C ASP A 82 7.99 12.93 0.96
N LEU A 83 8.47 11.68 0.94
CA LEU A 83 9.11 11.10 2.13
C LEU A 83 10.22 12.04 2.60
N PRO A 84 10.31 12.33 3.91
CA PRO A 84 11.28 13.30 4.43
C PRO A 84 12.72 12.79 4.29
N SER A 85 13.69 13.65 4.66
CA SER A 85 15.11 13.28 4.65
C SER A 85 15.29 11.95 5.39
N PRO A 86 14.88 11.80 6.66
CA PRO A 86 14.97 10.52 7.35
C PRO A 86 14.00 9.52 6.67
N PRO A 87 14.48 8.33 6.23
CA PRO A 87 13.62 7.30 5.66
C PRO A 87 12.78 6.61 6.76
N THR A 88 12.41 5.38 6.48
CA THR A 88 11.55 4.48 7.23
C THR A 88 11.68 4.68 8.76
N GLY A 89 10.52 4.87 9.39
CA GLY A 89 10.33 5.16 10.80
C GLY A 89 9.65 6.53 10.96
N ALA A 90 8.49 6.69 10.31
CA ALA A 90 7.60 7.86 10.34
C ALA A 90 6.16 7.32 10.18
N SER A 91 5.15 8.05 10.64
CA SER A 91 3.76 7.61 10.58
C SER A 91 2.96 8.26 9.46
N LEU A 92 1.91 7.57 9.02
CA LEU A 92 1.04 7.94 7.90
C LEU A 92 -0.38 7.48 8.23
N LYS A 93 -1.38 8.01 7.53
CA LYS A 93 -2.79 7.64 7.63
C LYS A 93 -3.24 7.29 6.21
N PHE A 94 -3.59 6.03 5.93
CA PHE A 94 -3.95 5.55 4.60
C PHE A 94 -5.47 5.63 4.45
N TYR A 95 -5.95 6.29 3.40
CA TYR A 95 -7.35 6.40 3.07
C TYR A 95 -7.84 5.11 2.37
N VAL A 96 -8.72 4.33 2.97
CA VAL A 96 -9.30 3.14 2.34
C VAL A 96 -10.72 3.56 1.97
N PRO A 97 -11.14 3.57 0.69
CA PRO A 97 -12.47 4.04 0.30
C PRO A 97 -13.59 3.08 0.71
N CYS A 98 -13.28 1.84 1.11
CA CYS A 98 -14.23 0.79 1.47
C CYS A 98 -13.66 -0.03 2.63
N LYS A 99 -14.41 -0.19 3.73
CA LYS A 99 -13.93 -0.98 4.87
C LYS A 99 -13.93 -2.48 4.62
N GLN A 100 -14.61 -2.98 3.59
CA GLN A 100 -14.70 -4.41 3.37
C GLN A 100 -13.35 -5.03 3.09
N CYS A 101 -12.66 -4.56 2.04
CA CYS A 101 -11.39 -5.13 1.61
C CYS A 101 -10.39 -4.13 1.05
N PRO A 102 -9.08 -4.49 1.05
CA PRO A 102 -8.53 -5.73 1.62
C PRO A 102 -8.66 -5.65 3.17
N PRO A 103 -8.62 -6.78 3.91
CA PRO A 103 -8.84 -6.76 5.34
C PRO A 103 -7.77 -5.93 6.05
N MET A 104 -8.06 -5.50 7.27
CA MET A 104 -7.09 -4.77 8.09
C MET A 104 -7.43 -5.04 9.55
N LYS A 105 -6.41 -5.00 10.41
CA LYS A 105 -6.58 -5.14 11.85
C LYS A 105 -5.65 -4.16 12.52
N LYS A 106 -6.10 -3.64 13.65
CA LYS A 106 -5.31 -2.75 14.49
C LYS A 106 -4.24 -3.60 15.19
N GLY A 107 -3.01 -3.10 15.29
CA GLY A 107 -1.92 -3.75 16.00
C GLY A 107 -1.33 -4.97 15.29
N VAL A 108 -1.29 -4.97 13.95
CA VAL A 108 -0.72 -6.03 13.13
C VAL A 108 0.17 -5.39 12.05
N SER A 109 1.29 -6.03 11.69
CA SER A 109 2.19 -5.59 10.63
C SER A 109 1.84 -6.21 9.27
N TYR A 110 1.68 -5.35 8.27
CA TYR A 110 1.26 -5.70 6.92
C TYR A 110 2.22 -5.14 5.87
N LEU A 111 1.95 -5.49 4.61
CA LEU A 111 2.57 -5.08 3.37
C LEU A 111 1.46 -4.37 2.63
N LEU A 112 1.70 -3.13 2.19
CA LEU A 112 0.74 -2.32 1.50
C LEU A 112 1.28 -1.90 0.14
N MET A 113 0.65 -2.38 -0.92
CA MET A 113 0.93 -2.07 -2.30
C MET A 113 -0.36 -1.35 -2.68
N GLY A 114 -0.34 -0.04 -2.93
CA GLY A 114 -1.50 0.81 -3.21
C GLY A 114 -1.13 1.97 -4.11
N GLN A 115 -1.79 3.11 -3.94
CA GLN A 115 -1.56 4.32 -4.73
C GLN A 115 -1.40 5.51 -3.78
N VAL A 116 -1.14 6.70 -4.33
CA VAL A 116 -1.04 7.92 -3.54
C VAL A 116 -1.80 9.04 -4.24
N GLU A 117 -2.40 9.94 -3.44
CA GLU A 117 -3.07 11.11 -4.00
C GLU A 117 -2.11 12.14 -3.38
N GLU A 118 -1.35 12.84 -4.21
CA GLU A 118 -0.35 13.76 -3.72
C GLU A 118 -0.99 15.13 -3.64
N ASN A 119 -1.87 15.21 -2.63
CA ASN A 119 -2.75 16.28 -2.22
C ASN A 119 -3.45 15.89 -0.92
N ARG A 120 -3.76 14.60 -0.75
CA ARG A 120 -4.51 14.10 0.40
C ARG A 120 -3.73 13.12 1.25
N GLY A 121 -2.65 12.55 0.75
CA GLY A 121 -1.87 11.53 1.44
C GLY A 121 -2.03 10.17 0.75
N PRO A 122 -1.51 9.10 1.36
CA PRO A 122 -1.65 7.76 0.82
C PRO A 122 -3.11 7.34 0.79
N VAL A 123 -3.48 6.72 -0.32
CA VAL A 123 -4.79 6.18 -0.58
C VAL A 123 -4.59 4.67 -0.67
N LEU A 124 -5.67 3.89 -0.56
CA LEU A 124 -5.51 2.45 -0.54
C LEU A 124 -6.80 1.82 -1.13
N PRO A 125 -6.98 1.87 -2.46
CA PRO A 125 -8.19 1.39 -3.15
C PRO A 125 -8.37 -0.13 -3.01
N PRO A 126 -9.52 -0.71 -3.40
CA PRO A 126 -9.71 -2.16 -3.38
C PRO A 126 -8.73 -2.89 -4.30
N GLU A 127 -8.14 -2.18 -5.28
CA GLU A 127 -7.12 -2.60 -6.22
C GLU A 127 -5.71 -2.48 -5.58
N SER A 128 -5.60 -2.77 -4.28
CA SER A 128 -4.35 -2.78 -3.51
C SER A 128 -4.02 -4.21 -3.05
N PHE A 129 -2.77 -4.68 -3.23
CA PHE A 129 -2.35 -5.99 -2.73
C PHE A 129 -1.92 -5.80 -1.26
N VAL A 130 -2.62 -6.46 -0.33
CA VAL A 130 -2.39 -6.31 1.11
C VAL A 130 -2.35 -7.68 1.78
N VAL A 131 -1.22 -7.97 2.40
CA VAL A 131 -0.91 -9.24 3.06
C VAL A 131 -0.07 -8.96 4.31
N LEU A 132 0.12 -9.96 5.18
CA LEU A 132 0.96 -9.83 6.36
C LEU A 132 2.42 -9.60 5.95
N HIS A 133 3.17 -8.88 6.79
CA HIS A 133 4.59 -8.65 6.53
C HIS A 133 5.36 -9.94 6.77
N ARG A 134 6.41 -10.20 5.99
CA ARG A 134 7.32 -11.34 6.14
C ARG A 134 8.71 -10.83 5.79
N PRO A 135 9.80 -11.36 6.37
CA PRO A 135 11.15 -10.88 6.09
C PRO A 135 11.55 -11.14 4.63
N ASN A 136 11.17 -12.30 4.08
CA ASN A 136 11.44 -12.59 2.67
C ASN A 136 10.80 -11.54 1.75
N GLN A 137 9.52 -11.23 2.00
CA GLN A 137 8.82 -10.19 1.26
C GLN A 137 9.56 -8.85 1.43
N ASP A 138 9.93 -8.49 2.66
CA ASP A 138 10.60 -7.23 2.99
C ASP A 138 11.84 -7.02 2.11
N GLN A 139 12.77 -7.98 2.13
CA GLN A 139 14.00 -7.90 1.33
C GLN A 139 13.68 -7.90 -0.16
N ILE A 140 12.68 -8.67 -0.63
CA ILE A 140 12.32 -8.71 -2.05
C ILE A 140 11.84 -7.33 -2.50
N LEU A 141 10.91 -6.68 -1.79
CA LEU A 141 10.42 -5.38 -2.19
C LEU A 141 11.57 -4.36 -2.09
N THR A 142 12.49 -4.52 -1.12
CA THR A 142 13.66 -3.67 -1.00
C THR A 142 14.51 -3.82 -2.28
N ASN A 143 14.76 -5.05 -2.72
CA ASN A 143 15.51 -5.31 -3.94
C ASN A 143 14.82 -4.67 -5.13
N LEU A 144 13.51 -4.90 -5.28
CA LEU A 144 12.72 -4.37 -6.37
C LEU A 144 12.78 -2.84 -6.39
N SER A 145 12.85 -2.17 -5.23
CA SER A 145 12.95 -0.72 -5.15
C SER A 145 14.17 -0.23 -5.93
N LYS A 146 15.36 -0.72 -5.57
CA LYS A 146 16.62 -0.27 -6.17
C LYS A 146 16.78 -0.81 -7.59
N ARG A 147 16.39 -2.06 -7.85
CA ARG A 147 16.41 -2.68 -9.16
C ARG A 147 15.35 -2.05 -10.07
N LYS A 148 15.30 -2.45 -11.34
CA LYS A 148 14.27 -2.00 -12.25
C LYS A 148 13.19 -3.06 -12.35
N CYS A 149 11.98 -2.62 -12.66
CA CYS A 149 10.87 -3.53 -12.87
C CYS A 149 11.10 -4.43 -14.08
N PRO A 150 10.53 -5.65 -14.08
CA PRO A 150 10.61 -6.53 -15.23
C PRO A 150 9.63 -5.96 -16.24
N SER A 151 10.15 -5.12 -17.12
CA SER A 151 9.45 -4.41 -18.16
C SER A 151 10.52 -3.98 -19.15
N GLN A 152 11.00 -4.95 -19.92
CA GLN A 152 12.05 -4.79 -20.89
C GLN A 152 11.67 -5.71 -22.05
N PRO A 153 11.45 -5.19 -23.26
CA PRO A 153 11.11 -6.03 -24.40
C PRO A 153 12.32 -6.91 -24.78
N VAL A 154 12.04 -8.06 -25.38
CA VAL A 154 13.00 -9.02 -25.91
C VAL A 154 12.26 -9.84 -26.97
N SER A 24 -8.45 9.80 -8.34
CA SER A 24 -9.72 10.33 -8.87
C SER A 24 -10.92 9.86 -8.02
N PRO A 25 -11.89 10.72 -7.69
CA PRO A 25 -13.07 10.36 -6.89
C PRO A 25 -14.19 9.76 -7.76
N ASP A 26 -13.91 8.64 -8.41
CA ASP A 26 -14.84 7.97 -9.35
C ASP A 26 -14.98 6.47 -9.09
N ALA A 27 -14.90 6.13 -7.82
CA ALA A 27 -15.08 4.79 -7.27
C ALA A 27 -16.35 4.74 -6.40
N PRO A 28 -17.30 3.85 -6.68
CA PRO A 28 -18.56 3.72 -5.95
C PRO A 28 -18.38 3.00 -4.59
N THR A 29 -19.51 2.60 -4.01
CA THR A 29 -19.60 1.82 -2.77
C THR A 29 -18.74 0.56 -2.94
N CYS A 30 -18.36 -0.16 -1.88
CA CYS A 30 -17.45 -1.29 -2.07
C CYS A 30 -18.24 -2.53 -2.50
N PRO A 31 -17.69 -3.39 -3.39
CA PRO A 31 -18.38 -4.61 -3.80
C PRO A 31 -18.48 -5.58 -2.62
N LYS A 32 -19.47 -6.47 -2.72
CA LYS A 32 -19.66 -7.53 -1.75
C LYS A 32 -18.55 -8.58 -1.95
N GLN A 33 -18.22 -8.89 -3.21
CA GLN A 33 -17.14 -9.78 -3.59
C GLN A 33 -15.82 -9.11 -3.21
N CYS A 34 -14.82 -9.91 -2.84
CA CYS A 34 -13.45 -9.47 -2.54
C CYS A 34 -12.50 -10.59 -2.89
N ARG A 35 -11.26 -10.22 -3.24
CA ARG A 35 -10.16 -11.12 -3.54
C ARG A 35 -8.86 -10.31 -3.38
N ARG A 36 -7.75 -11.05 -3.32
CA ARG A 36 -6.38 -10.59 -3.28
C ARG A 36 -6.03 -10.33 -4.75
N THR A 37 -4.94 -9.65 -5.01
CA THR A 37 -4.57 -9.27 -6.37
C THR A 37 -3.34 -10.10 -6.68
N GLY A 38 -3.26 -10.47 -7.95
CA GLY A 38 -2.34 -11.29 -8.67
C GLY A 38 -0.92 -11.45 -8.18
N THR A 39 0.00 -11.18 -9.08
CA THR A 39 1.41 -11.30 -8.84
C THR A 39 1.99 -10.11 -8.15
N LEU A 40 2.96 -10.39 -7.27
CA LEU A 40 3.66 -9.43 -6.44
C LEU A 40 4.61 -8.62 -7.30
N GLN A 41 5.50 -9.25 -8.07
CA GLN A 41 6.50 -8.54 -8.86
C GLN A 41 5.87 -7.61 -9.90
N SER A 42 4.70 -7.97 -10.44
CA SER A 42 3.98 -7.13 -11.38
C SER A 42 3.34 -5.94 -10.65
N ASN A 43 2.57 -6.23 -9.58
CA ASN A 43 1.93 -5.18 -8.77
C ASN A 43 2.93 -4.20 -8.16
N PHE A 44 4.10 -4.67 -7.71
CA PHE A 44 5.17 -3.82 -7.18
C PHE A 44 5.63 -2.79 -8.22
N CYS A 45 5.77 -3.21 -9.49
CA CYS A 45 6.12 -2.31 -10.58
C CYS A 45 4.99 -1.32 -10.86
N ALA A 46 3.73 -1.76 -10.85
CA ALA A 46 2.59 -0.91 -11.18
C ALA A 46 2.34 0.18 -10.13
N SER A 47 2.18 -0.23 -8.87
CA SER A 47 1.85 0.66 -7.75
C SER A 47 2.85 1.81 -7.64
N SER A 48 2.41 2.98 -7.18
CA SER A 48 3.26 4.14 -6.94
C SER A 48 3.64 4.26 -5.44
N LEU A 49 2.94 3.56 -4.55
CA LEU A 49 3.23 3.57 -3.12
C LEU A 49 3.50 2.13 -2.69
N VAL A 50 4.72 1.83 -2.25
CA VAL A 50 5.08 0.49 -1.81
C VAL A 50 5.85 0.65 -0.51
N VAL A 51 5.26 0.17 0.59
CA VAL A 51 5.80 0.30 1.95
C VAL A 51 5.46 -0.94 2.80
N THR A 52 6.06 -1.04 3.97
CA THR A 52 5.83 -2.06 4.99
C THR A 52 5.62 -1.33 6.31
N ALA A 53 4.71 -1.82 7.16
CA ALA A 53 4.39 -1.15 8.41
C ALA A 53 3.54 -2.04 9.30
N THR A 54 3.24 -1.56 10.49
CA THR A 54 2.38 -2.18 11.47
C THR A 54 1.17 -1.27 11.60
N VAL A 55 -0.03 -1.84 11.62
CA VAL A 55 -1.25 -1.07 11.82
C VAL A 55 -1.25 -0.63 13.27
N LYS A 56 -1.13 0.67 13.50
CA LYS A 56 -1.17 1.27 14.82
C LYS A 56 -2.64 1.41 15.24
N SER A 57 -3.43 2.05 14.38
CA SER A 57 -4.85 2.35 14.58
C SER A 57 -5.59 2.27 13.25
N MET A 58 -6.92 2.39 13.30
CA MET A 58 -7.84 2.43 12.17
C MET A 58 -8.90 3.49 12.52
N VAL A 59 -9.51 4.11 11.50
CA VAL A 59 -10.48 5.21 11.60
C VAL A 59 -11.51 5.04 10.47
N ARG A 60 -12.82 5.19 10.69
CA ARG A 60 -13.82 5.13 9.61
C ARG A 60 -13.60 6.32 8.67
N GLU A 61 -13.85 6.18 7.37
CA GLU A 61 -13.61 7.25 6.38
C GLU A 61 -14.73 7.36 5.33
N PRO A 62 -14.76 8.43 4.50
CA PRO A 62 -15.81 8.68 3.51
C PRO A 62 -16.03 7.56 2.50
N GLY A 63 -17.18 7.59 1.81
CA GLY A 63 -17.56 6.54 0.88
C GLY A 63 -17.95 5.37 1.78
N GLU A 64 -17.31 4.22 1.61
CA GLU A 64 -17.50 3.05 2.45
C GLU A 64 -16.11 2.75 3.04
N GLY A 65 -15.24 3.77 3.09
CA GLY A 65 -13.86 3.70 3.50
C GLY A 65 -13.54 3.54 4.97
N LEU A 66 -12.24 3.40 5.18
CA LEU A 66 -11.54 3.14 6.42
C LEU A 66 -10.12 3.66 6.21
N ALA A 67 -9.52 4.40 7.14
CA ALA A 67 -8.13 4.85 7.06
C ALA A 67 -7.34 4.07 8.08
N VAL A 68 -6.25 3.44 7.65
CA VAL A 68 -5.39 2.63 8.50
C VAL A 68 -4.21 3.52 8.89
N THR A 69 -3.96 3.71 10.19
CA THR A 69 -2.83 4.48 10.67
C THR A 69 -1.65 3.51 10.74
N VAL A 70 -0.51 3.85 10.13
CA VAL A 70 0.69 3.01 10.13
C VAL A 70 1.89 3.87 10.52
N SER A 71 3.06 3.24 10.82
CA SER A 71 4.25 3.99 11.27
C SER A 71 5.53 3.62 10.47
N LEU A 72 5.33 3.35 9.17
CA LEU A 72 6.37 3.09 8.15
C LEU A 72 7.59 2.29 8.61
N ILE A 73 7.51 0.96 8.70
CA ILE A 73 8.67 0.14 9.05
C ILE A 73 9.70 0.19 7.91
N GLY A 74 9.26 0.15 6.65
CA GLY A 74 10.12 0.24 5.48
C GLY A 74 9.33 0.84 4.31
N ALA A 75 10.04 1.33 3.30
CA ALA A 75 9.52 1.90 2.07
C ALA A 75 10.40 1.39 0.92
N TYR A 76 9.78 1.19 -0.24
CA TYR A 76 10.42 0.67 -1.44
C TYR A 76 10.14 1.59 -2.63
N LYS A 77 8.99 2.28 -2.65
CA LYS A 77 8.65 3.24 -3.67
C LYS A 77 7.72 4.28 -3.03
N THR A 78 7.96 5.55 -3.35
CA THR A 78 7.24 6.73 -2.97
C THR A 78 7.23 7.65 -4.19
N GLY A 79 6.50 7.27 -5.23
CA GLY A 79 6.44 7.99 -6.50
C GLY A 79 5.44 9.14 -6.46
N GLY A 80 5.28 9.76 -5.29
CA GLY A 80 4.46 10.91 -5.03
C GLY A 80 4.88 11.61 -3.74
N LEU A 81 4.84 10.87 -2.62
CA LEU A 81 5.16 11.38 -1.29
C LEU A 81 6.62 11.74 -1.19
N ASP A 82 6.86 12.92 -0.64
CA ASP A 82 8.16 13.47 -0.34
C ASP A 82 8.57 12.96 1.03
N LEU A 83 9.32 11.85 1.07
CA LEU A 83 9.82 11.36 2.35
C LEU A 83 10.88 12.40 2.78
N PRO A 84 10.86 12.85 4.04
CA PRO A 84 11.73 13.90 4.53
C PRO A 84 13.19 13.47 4.73
N SER A 85 14.01 14.42 5.19
CA SER A 85 15.41 14.24 5.55
C SER A 85 15.64 12.88 6.26
N PRO A 86 15.02 12.59 7.41
CA PRO A 86 15.14 11.28 8.04
C PRO A 86 14.32 10.26 7.23
N PRO A 87 14.93 9.16 6.73
CA PRO A 87 14.20 8.16 5.97
C PRO A 87 13.17 7.41 6.82
N THR A 88 12.62 6.34 6.22
CA THR A 88 11.56 5.51 6.74
C THR A 88 11.59 5.21 8.25
N GLY A 89 10.45 5.50 8.87
CA GLY A 89 10.14 5.41 10.27
C GLY A 89 9.08 6.44 10.67
N ALA A 90 8.36 7.04 9.70
CA ALA A 90 7.38 8.10 9.90
C ALA A 90 5.96 7.56 9.82
N SER A 91 4.97 8.34 10.22
CA SER A 91 3.58 7.88 10.25
C SER A 91 2.79 8.34 9.02
N LEU A 92 1.76 7.58 8.65
CA LEU A 92 0.84 7.90 7.57
C LEU A 92 -0.52 7.26 7.84
N LYS A 93 -1.61 7.82 7.31
CA LYS A 93 -2.95 7.25 7.42
C LYS A 93 -3.29 6.83 5.98
N PHE A 94 -3.41 5.55 5.68
CA PHE A 94 -3.68 5.08 4.32
C PHE A 94 -5.18 5.03 4.10
N TYR A 95 -5.68 5.77 3.11
CA TYR A 95 -7.09 5.84 2.74
C TYR A 95 -7.52 4.56 2.02
N VAL A 96 -8.40 3.76 2.60
CA VAL A 96 -8.93 2.57 1.95
C VAL A 96 -10.38 2.95 1.59
N PRO A 97 -10.81 3.00 0.32
CA PRO A 97 -12.18 3.32 -0.06
C PRO A 97 -13.18 2.20 0.28
N CYS A 98 -12.69 1.07 0.79
CA CYS A 98 -13.41 -0.12 1.18
C CYS A 98 -13.07 -0.53 2.61
N LYS A 99 -14.06 -0.59 3.50
CA LYS A 99 -13.81 -1.08 4.85
C LYS A 99 -13.64 -2.60 4.83
N GLN A 100 -14.23 -3.27 3.84
CA GLN A 100 -14.25 -4.71 3.70
C GLN A 100 -12.88 -5.31 3.36
N CYS A 101 -12.18 -4.68 2.40
CA CYS A 101 -10.92 -5.18 1.89
C CYS A 101 -9.98 -4.05 1.44
N PRO A 102 -8.67 -4.33 1.27
CA PRO A 102 -8.02 -5.64 1.48
C PRO A 102 -8.10 -6.06 2.96
N PRO A 103 -7.97 -7.36 3.26
CA PRO A 103 -8.14 -7.91 4.61
C PRO A 103 -7.13 -7.38 5.63
N MET A 104 -7.49 -6.31 6.33
CA MET A 104 -6.69 -5.60 7.33
C MET A 104 -6.98 -6.08 8.75
N LYS A 105 -6.09 -5.81 9.71
CA LYS A 105 -6.24 -6.09 11.14
C LYS A 105 -5.39 -5.09 11.91
N LYS A 106 -5.91 -4.60 13.03
CA LYS A 106 -5.18 -3.69 13.91
C LYS A 106 -4.09 -4.48 14.64
N GLY A 107 -2.94 -3.86 14.92
CA GLY A 107 -1.86 -4.45 15.68
C GLY A 107 -1.21 -5.65 15.00
N VAL A 108 -1.16 -5.67 13.66
CA VAL A 108 -0.51 -6.67 12.83
C VAL A 108 0.38 -5.92 11.85
N SER A 109 1.41 -6.58 11.31
CA SER A 109 2.34 -5.99 10.37
C SER A 109 2.02 -6.49 8.96
N TYR A 110 2.04 -5.56 8.00
CA TYR A 110 1.69 -5.76 6.61
C TYR A 110 2.70 -5.15 5.64
N LEU A 111 2.44 -5.40 4.36
CA LEU A 111 3.08 -4.94 3.15
C LEU A 111 1.92 -4.22 2.47
N LEU A 112 2.10 -2.95 2.14
CA LEU A 112 1.09 -2.12 1.50
C LEU A 112 1.61 -1.68 0.15
N MET A 113 0.99 -2.14 -0.95
CA MET A 113 1.31 -1.72 -2.30
C MET A 113 0.02 -1.05 -2.74
N GLY A 114 0.03 0.25 -2.97
CA GLY A 114 -1.12 1.08 -3.30
C GLY A 114 -0.65 2.25 -4.17
N GLN A 115 -1.25 3.42 -3.97
CA GLN A 115 -0.97 4.57 -4.80
C GLN A 115 -0.76 5.81 -3.92
N VAL A 116 -0.43 6.93 -4.55
CA VAL A 116 -0.25 8.20 -3.90
C VAL A 116 -1.02 9.25 -4.69
N GLU A 117 -1.83 10.05 -4.02
CA GLU A 117 -2.53 11.16 -4.65
C GLU A 117 -1.75 12.30 -4.02
N GLU A 118 -1.00 13.04 -4.82
CA GLU A 118 -0.12 14.09 -4.33
C GLU A 118 -0.97 15.34 -4.12
N ASN A 119 -1.78 15.26 -3.07
CA ASN A 119 -2.65 16.27 -2.53
C ASN A 119 -2.99 15.83 -1.11
N ARG A 120 -3.35 14.56 -0.94
CA ARG A 120 -3.78 13.96 0.32
C ARG A 120 -2.78 12.90 0.81
N GLY A 121 -1.75 12.63 0.00
CA GLY A 121 -0.66 11.72 0.32
C GLY A 121 -1.06 10.29 -0.04
N PRO A 122 -1.04 9.34 0.90
CA PRO A 122 -1.30 7.94 0.61
C PRO A 122 -2.77 7.59 0.39
N VAL A 123 -2.98 6.64 -0.52
CA VAL A 123 -4.27 6.08 -0.84
C VAL A 123 -4.00 4.57 -1.03
N LEU A 124 -5.00 3.73 -0.77
CA LEU A 124 -4.86 2.27 -0.80
C LEU A 124 -6.16 1.67 -1.38
N PRO A 125 -6.37 1.73 -2.72
CA PRO A 125 -7.59 1.29 -3.39
C PRO A 125 -7.82 -0.24 -3.25
N PRO A 126 -8.96 -0.82 -3.66
CA PRO A 126 -9.16 -2.27 -3.56
C PRO A 126 -8.16 -3.06 -4.41
N GLU A 127 -7.54 -2.40 -5.39
CA GLU A 127 -6.55 -2.96 -6.32
C GLU A 127 -5.12 -2.85 -5.75
N SER A 128 -4.99 -2.76 -4.44
CA SER A 128 -3.71 -2.72 -3.73
C SER A 128 -3.25 -4.12 -3.34
N PHE A 129 -1.98 -4.50 -3.58
CA PHE A 129 -1.51 -5.81 -3.12
C PHE A 129 -1.20 -5.60 -1.64
N VAL A 130 -1.97 -6.25 -0.76
CA VAL A 130 -1.85 -6.08 0.68
C VAL A 130 -1.92 -7.44 1.35
N VAL A 131 -0.85 -7.79 2.05
CA VAL A 131 -0.71 -9.04 2.77
C VAL A 131 0.11 -8.79 4.04
N LEU A 132 0.13 -9.77 4.95
CA LEU A 132 0.92 -9.69 6.15
C LEU A 132 2.40 -9.65 5.78
N HIS A 133 3.21 -9.02 6.63
CA HIS A 133 4.63 -8.94 6.40
C HIS A 133 5.22 -10.35 6.58
N ARG A 134 6.09 -10.74 5.67
CA ARG A 134 6.80 -12.01 5.71
C ARG A 134 8.23 -11.71 5.33
N PRO A 135 9.22 -12.41 5.91
CA PRO A 135 10.62 -12.10 5.66
C PRO A 135 11.01 -12.27 4.19
N ASN A 136 10.61 -13.37 3.55
CA ASN A 136 11.03 -13.59 2.16
C ASN A 136 10.42 -12.52 1.24
N GLN A 137 9.17 -12.11 1.49
CA GLN A 137 8.54 -11.03 0.73
C GLN A 137 9.33 -9.74 0.92
N ASP A 138 9.79 -9.46 2.14
CA ASP A 138 10.57 -8.27 2.50
C ASP A 138 11.81 -8.19 1.60
N GLN A 139 12.55 -9.30 1.50
CA GLN A 139 13.69 -9.41 0.61
C GLN A 139 13.29 -9.24 -0.85
N ILE A 140 12.22 -9.89 -1.32
CA ILE A 140 11.81 -9.81 -2.72
C ILE A 140 11.53 -8.36 -3.11
N LEU A 141 10.78 -7.61 -2.31
CA LEU A 141 10.45 -6.23 -2.60
C LEU A 141 11.72 -5.39 -2.56
N THR A 142 12.64 -5.66 -1.62
CA THR A 142 13.93 -4.98 -1.55
C THR A 142 14.74 -5.22 -2.82
N ASN A 143 14.75 -6.47 -3.32
CA ASN A 143 15.44 -6.81 -4.54
C ASN A 143 14.84 -6.01 -5.68
N LEU A 144 13.51 -6.06 -5.85
CA LEU A 144 12.80 -5.33 -6.90
C LEU A 144 13.03 -3.82 -6.81
N SER A 145 13.20 -3.29 -5.61
CA SER A 145 13.47 -1.88 -5.34
C SER A 145 14.84 -1.48 -5.92
N LYS A 146 15.89 -2.25 -5.60
CA LYS A 146 17.25 -1.95 -6.06
C LYS A 146 17.37 -2.24 -7.56
N ARG A 147 16.73 -3.32 -8.03
CA ARG A 147 16.64 -3.74 -9.41
C ARG A 147 15.64 -2.83 -10.15
N LYS A 148 15.48 -3.04 -11.45
CA LYS A 148 14.51 -2.34 -12.27
C LYS A 148 13.59 -3.38 -12.88
N CYS A 149 12.35 -2.98 -13.16
CA CYS A 149 11.30 -3.84 -13.69
C CYS A 149 11.72 -4.45 -15.03
N PRO A 150 11.18 -5.63 -15.38
CA PRO A 150 11.44 -6.27 -16.66
C PRO A 150 10.67 -5.53 -17.75
N SER A 151 11.34 -4.57 -18.38
CA SER A 151 10.80 -3.69 -19.38
C SER A 151 11.53 -3.95 -20.71
N GLN A 152 11.50 -5.21 -21.16
CA GLN A 152 12.06 -5.63 -22.43
C GLN A 152 10.80 -6.03 -23.20
N PRO A 153 10.45 -5.28 -24.27
CA PRO A 153 9.23 -5.51 -25.01
C PRO A 153 9.50 -6.04 -26.42
N VAL A 154 8.42 -6.11 -27.19
CA VAL A 154 8.31 -6.47 -28.59
C VAL A 154 7.31 -5.47 -29.15
N SER A 24 -6.28 9.52 -9.76
CA SER A 24 -7.63 9.40 -10.32
C SER A 24 -8.67 9.24 -9.20
N PRO A 25 -9.71 10.09 -9.13
CA PRO A 25 -10.87 9.88 -8.26
C PRO A 25 -11.93 9.04 -8.97
N ASP A 26 -11.57 7.80 -9.34
CA ASP A 26 -12.40 6.87 -10.12
C ASP A 26 -12.77 5.61 -9.34
N ALA A 27 -13.06 5.81 -8.07
CA ALA A 27 -13.41 4.76 -7.11
C ALA A 27 -14.79 5.01 -6.48
N PRO A 28 -15.84 4.38 -7.02
CA PRO A 28 -17.21 4.44 -6.52
C PRO A 28 -17.37 3.55 -5.28
N THR A 29 -18.62 3.33 -4.88
CA THR A 29 -18.99 2.45 -3.77
C THR A 29 -18.23 1.13 -3.91
N CYS A 30 -17.85 0.54 -2.77
CA CYS A 30 -17.03 -0.67 -2.77
C CYS A 30 -17.90 -1.92 -2.95
N PRO A 31 -17.60 -2.78 -3.93
CA PRO A 31 -18.30 -4.04 -4.11
C PRO A 31 -17.92 -5.05 -3.02
N LYS A 32 -18.73 -6.08 -2.81
CA LYS A 32 -18.41 -7.12 -1.82
C LYS A 32 -17.32 -8.10 -2.27
N GLN A 33 -16.99 -8.10 -3.56
CA GLN A 33 -15.94 -8.91 -4.16
C GLN A 33 -14.64 -8.69 -3.36
N CYS A 34 -13.97 -9.80 -3.03
CA CYS A 34 -12.77 -9.82 -2.22
C CYS A 34 -11.84 -10.94 -2.71
N ARG A 35 -10.88 -10.58 -3.58
CA ARG A 35 -9.94 -11.51 -4.19
C ARG A 35 -8.61 -10.82 -4.45
N ARG A 36 -7.55 -11.60 -4.54
CA ARG A 36 -6.18 -11.22 -4.76
C ARG A 36 -5.87 -11.47 -6.24
N THR A 37 -5.24 -10.50 -6.89
CA THR A 37 -4.91 -10.47 -8.31
C THR A 37 -3.40 -10.29 -8.53
N GLY A 38 -2.94 -10.48 -9.76
CA GLY A 38 -1.56 -10.33 -10.23
C GLY A 38 -0.54 -11.11 -9.39
N THR A 39 0.76 -10.80 -9.56
CA THR A 39 1.82 -11.39 -8.74
C THR A 39 2.34 -10.28 -7.82
N LEU A 40 3.17 -10.63 -6.83
CA LEU A 40 3.77 -9.61 -5.98
C LEU A 40 4.67 -8.72 -6.82
N GLN A 41 5.43 -9.28 -7.76
CA GLN A 41 6.30 -8.52 -8.64
C GLN A 41 5.47 -7.57 -9.51
N SER A 42 4.45 -8.09 -10.20
CA SER A 42 3.57 -7.32 -11.06
C SER A 42 2.99 -6.13 -10.28
N ASN A 43 2.37 -6.42 -9.14
CA ASN A 43 1.70 -5.41 -8.34
C ASN A 43 2.68 -4.41 -7.74
N PHE A 44 3.90 -4.83 -7.35
CA PHE A 44 4.93 -3.91 -6.85
C PHE A 44 5.24 -2.84 -7.91
N CYS A 45 5.29 -3.25 -9.18
CA CYS A 45 5.56 -2.35 -10.28
C CYS A 45 4.35 -1.48 -10.62
N ALA A 46 3.14 -2.05 -10.66
CA ALA A 46 1.89 -1.34 -10.98
C ALA A 46 1.56 -0.24 -9.97
N SER A 47 1.88 -0.45 -8.70
CA SER A 47 1.67 0.52 -7.64
C SER A 47 2.74 1.64 -7.69
N SER A 48 2.38 2.87 -7.35
CA SER A 48 3.30 4.01 -7.26
C SER A 48 3.75 4.14 -5.77
N LEU A 49 3.17 3.33 -4.88
CA LEU A 49 3.37 3.31 -3.45
C LEU A 49 3.67 1.87 -3.03
N VAL A 50 4.80 1.62 -2.39
CA VAL A 50 5.13 0.32 -1.86
C VAL A 50 5.86 0.57 -0.55
N VAL A 51 5.24 0.16 0.57
CA VAL A 51 5.74 0.34 1.93
C VAL A 51 5.26 -0.83 2.80
N THR A 52 5.88 -1.05 3.96
CA THR A 52 5.46 -2.05 4.95
C THR A 52 5.31 -1.26 6.23
N ALA A 53 4.34 -1.59 7.09
CA ALA A 53 4.17 -0.89 8.35
C ALA A 53 3.28 -1.66 9.32
N THR A 54 3.37 -1.31 10.60
CA THR A 54 2.53 -1.87 11.64
C THR A 54 1.27 -1.03 11.69
N VAL A 55 0.09 -1.66 11.73
CA VAL A 55 -1.16 -0.94 11.86
C VAL A 55 -1.25 -0.50 13.32
N LYS A 56 -1.19 0.81 13.52
CA LYS A 56 -1.25 1.48 14.81
C LYS A 56 -2.71 1.62 15.20
N SER A 57 -3.56 2.07 14.27
CA SER A 57 -4.99 2.29 14.46
C SER A 57 -5.70 2.14 13.11
N MET A 58 -7.02 2.06 13.13
CA MET A 58 -7.96 2.00 12.02
C MET A 58 -9.09 2.95 12.37
N VAL A 59 -9.35 3.92 11.51
CA VAL A 59 -10.34 4.98 11.71
C VAL A 59 -11.32 4.96 10.53
N ARG A 60 -12.57 5.36 10.72
CA ARG A 60 -13.54 5.46 9.63
C ARG A 60 -13.12 6.58 8.68
N GLU A 61 -13.52 6.48 7.41
CA GLU A 61 -13.27 7.48 6.38
C GLU A 61 -14.50 7.67 5.48
N PRO A 62 -14.53 8.71 4.63
CA PRO A 62 -15.62 8.96 3.68
C PRO A 62 -15.84 7.79 2.72
N GLY A 63 -17.02 7.77 2.08
CA GLY A 63 -17.42 6.68 1.21
C GLY A 63 -17.53 5.41 2.06
N GLU A 64 -17.23 4.26 1.47
CA GLU A 64 -17.19 2.99 2.18
C GLU A 64 -15.77 2.81 2.77
N GLY A 65 -15.00 3.89 2.90
CA GLY A 65 -13.63 3.86 3.33
C GLY A 65 -13.35 3.63 4.80
N LEU A 66 -12.07 3.38 5.05
CA LEU A 66 -11.42 3.11 6.32
C LEU A 66 -9.98 3.63 6.16
N ALA A 67 -9.45 4.37 7.12
CA ALA A 67 -8.07 4.85 7.11
C ALA A 67 -7.28 3.89 7.97
N VAL A 68 -6.24 3.30 7.41
CA VAL A 68 -5.37 2.44 8.20
C VAL A 68 -4.22 3.36 8.58
N THR A 69 -3.95 3.51 9.88
CA THR A 69 -2.91 4.37 10.39
C THR A 69 -1.73 3.47 10.69
N VAL A 70 -0.56 3.78 10.15
CA VAL A 70 0.62 2.95 10.26
C VAL A 70 1.86 3.78 10.64
N SER A 71 3.02 3.14 10.87
CA SER A 71 4.25 3.84 11.31
C SER A 71 5.53 3.45 10.54
N LEU A 72 5.45 3.27 9.21
CA LEU A 72 6.55 2.96 8.30
C LEU A 72 7.62 1.96 8.77
N ILE A 73 7.36 0.65 8.69
CA ILE A 73 8.36 -0.36 9.03
C ILE A 73 9.35 -0.51 7.87
N GLY A 74 8.95 -0.27 6.63
CA GLY A 74 9.79 -0.28 5.44
C GLY A 74 9.18 0.60 4.37
N ALA A 75 9.99 1.03 3.41
CA ALA A 75 9.59 1.81 2.26
C ALA A 75 10.42 1.30 1.08
N TYR A 76 9.81 1.26 -0.10
CA TYR A 76 10.46 0.70 -1.29
C TYR A 76 10.24 1.60 -2.50
N LYS A 77 9.10 2.30 -2.59
CA LYS A 77 8.79 3.26 -3.63
C LYS A 77 7.71 4.18 -3.06
N THR A 78 7.86 5.48 -3.23
CA THR A 78 6.96 6.53 -2.77
C THR A 78 7.02 7.63 -3.83
N GLY A 79 6.49 7.33 -5.01
CA GLY A 79 6.51 8.20 -6.18
C GLY A 79 5.35 9.19 -6.14
N GLY A 80 5.12 9.79 -4.98
CA GLY A 80 4.15 10.81 -4.72
C GLY A 80 4.37 11.54 -3.38
N LEU A 81 4.90 10.86 -2.35
CA LEU A 81 5.23 11.48 -1.08
C LEU A 81 6.61 12.10 -1.14
N ASP A 82 6.75 13.22 -0.47
CA ASP A 82 8.00 13.95 -0.31
C ASP A 82 8.53 13.59 1.07
N LEU A 83 8.84 12.30 1.27
CA LEU A 83 9.31 11.80 2.57
C LEU A 83 10.56 12.56 3.00
N PRO A 84 10.71 12.86 4.30
CA PRO A 84 11.82 13.66 4.80
C PRO A 84 13.14 12.91 4.80
N SER A 85 14.21 13.66 5.06
CA SER A 85 15.60 13.20 5.20
C SER A 85 15.66 11.90 6.01
N PRO A 86 15.14 11.83 7.26
CA PRO A 86 15.11 10.57 8.00
C PRO A 86 14.01 9.70 7.33
N PRO A 87 14.39 8.55 6.75
CA PRO A 87 13.51 7.63 6.05
C PRO A 87 12.57 6.90 7.01
N THR A 88 12.18 5.70 6.58
CA THR A 88 11.24 4.77 7.19
C THR A 88 11.29 4.81 8.74
N GLY A 89 10.11 5.06 9.32
CA GLY A 89 9.86 5.24 10.74
C GLY A 89 8.79 6.30 11.05
N ALA A 90 8.26 7.00 10.03
CA ALA A 90 7.27 8.06 10.21
C ALA A 90 5.86 7.46 10.13
N SER A 91 4.85 8.16 10.63
CA SER A 91 3.48 7.70 10.64
C SER A 91 2.63 8.41 9.59
N LEU A 92 1.70 7.65 8.99
CA LEU A 92 0.81 8.07 7.90
C LEU A 92 -0.51 7.33 8.01
N LYS A 93 -1.56 7.85 7.37
CA LYS A 93 -2.88 7.23 7.28
C LYS A 93 -3.02 6.88 5.80
N PHE A 94 -3.21 5.62 5.48
CA PHE A 94 -3.44 5.16 4.12
C PHE A 94 -4.94 5.10 3.89
N TYR A 95 -5.41 5.83 2.87
CA TYR A 95 -6.83 5.91 2.56
C TYR A 95 -7.26 4.62 1.88
N VAL A 96 -8.11 3.81 2.49
CA VAL A 96 -8.63 2.61 1.83
C VAL A 96 -10.08 2.98 1.50
N PRO A 97 -10.49 3.10 0.23
CA PRO A 97 -11.89 3.42 -0.10
C PRO A 97 -12.83 2.25 0.18
N CYS A 98 -12.28 1.05 0.45
CA CYS A 98 -13.03 -0.15 0.76
C CYS A 98 -12.72 -0.67 2.16
N LYS A 99 -13.70 -0.63 3.05
CA LYS A 99 -13.54 -1.20 4.40
C LYS A 99 -13.80 -2.71 4.34
N GLN A 100 -14.50 -3.17 3.29
CA GLN A 100 -14.92 -4.55 3.09
C GLN A 100 -13.68 -5.45 3.02
N CYS A 101 -12.74 -5.13 2.14
CA CYS A 101 -11.49 -5.83 1.88
C CYS A 101 -10.52 -4.86 1.17
N PRO A 102 -9.20 -5.13 1.10
CA PRO A 102 -8.49 -6.31 1.60
C PRO A 102 -8.61 -6.41 3.13
N PRO A 103 -8.75 -7.64 3.70
CA PRO A 103 -8.96 -7.83 5.12
C PRO A 103 -7.73 -7.40 5.94
N MET A 104 -7.84 -6.22 6.55
CA MET A 104 -6.82 -5.57 7.34
C MET A 104 -7.03 -5.95 8.81
N LYS A 105 -5.97 -5.83 9.62
CA LYS A 105 -6.07 -6.07 11.05
C LYS A 105 -5.19 -5.10 11.80
N LYS A 106 -5.74 -4.57 12.89
CA LYS A 106 -5.05 -3.70 13.80
C LYS A 106 -4.09 -4.56 14.62
N GLY A 107 -2.91 -4.04 14.97
CA GLY A 107 -1.96 -4.77 15.81
C GLY A 107 -1.35 -5.95 15.05
N VAL A 108 -0.94 -5.71 13.80
CA VAL A 108 -0.27 -6.62 12.90
C VAL A 108 0.59 -5.73 11.99
N SER A 109 1.59 -6.31 11.32
CA SER A 109 2.43 -5.61 10.36
C SER A 109 2.06 -6.10 8.97
N TYR A 110 1.85 -5.16 8.06
CA TYR A 110 1.41 -5.37 6.68
C TYR A 110 2.38 -4.77 5.67
N LEU A 111 2.13 -5.12 4.40
CA LEU A 111 2.75 -4.70 3.17
C LEU A 111 1.59 -4.01 2.45
N LEU A 112 1.78 -2.75 2.08
CA LEU A 112 0.80 -1.90 1.43
C LEU A 112 1.39 -1.52 0.08
N MET A 113 0.79 -1.97 -1.01
CA MET A 113 1.17 -1.64 -2.37
C MET A 113 -0.06 -0.96 -2.95
N GLY A 114 0.00 0.34 -3.26
CA GLY A 114 -1.13 1.14 -3.74
C GLY A 114 -0.66 2.32 -4.57
N GLN A 115 -1.19 3.51 -4.34
CA GLN A 115 -0.85 4.73 -5.07
C GLN A 115 -0.67 5.88 -4.06
N VAL A 116 -0.38 7.07 -4.57
CA VAL A 116 -0.27 8.28 -3.76
C VAL A 116 -0.99 9.37 -4.58
N GLU A 117 -1.68 10.29 -3.91
CA GLU A 117 -2.35 11.44 -4.52
C GLU A 117 -1.73 12.64 -3.83
N GLU A 118 -0.98 13.48 -4.57
CA GLU A 118 -0.31 14.65 -4.01
C GLU A 118 -1.37 15.75 -3.80
N ASN A 119 -2.18 15.55 -2.77
CA ASN A 119 -3.24 16.40 -2.24
C ASN A 119 -3.67 15.84 -0.89
N ARG A 120 -3.79 14.51 -0.79
CA ARG A 120 -4.29 13.81 0.41
C ARG A 120 -3.26 12.87 1.01
N GLY A 121 -2.12 12.69 0.33
CA GLY A 121 -1.09 11.75 0.76
C GLY A 121 -1.34 10.38 0.14
N PRO A 122 -0.93 9.29 0.79
CA PRO A 122 -1.05 7.97 0.20
C PRO A 122 -2.50 7.47 0.16
N VAL A 123 -2.83 6.78 -0.93
CA VAL A 123 -4.14 6.25 -1.20
C VAL A 123 -3.92 4.77 -1.50
N LEU A 124 -4.74 3.91 -0.94
CA LEU A 124 -4.64 2.45 -1.01
C LEU A 124 -5.94 1.93 -1.63
N PRO A 125 -6.12 2.11 -2.96
CA PRO A 125 -7.34 1.76 -3.71
C PRO A 125 -7.62 0.24 -3.79
N PRO A 126 -8.75 -0.21 -4.36
CA PRO A 126 -9.06 -1.63 -4.50
C PRO A 126 -8.01 -2.41 -5.29
N GLU A 127 -7.22 -1.76 -6.14
CA GLU A 127 -6.19 -2.37 -6.97
C GLU A 127 -4.86 -2.50 -6.20
N SER A 128 -4.91 -2.54 -4.87
CA SER A 128 -3.74 -2.59 -4.01
C SER A 128 -3.44 -4.03 -3.56
N PHE A 129 -2.16 -4.41 -3.52
CA PHE A 129 -1.78 -5.72 -3.02
C PHE A 129 -1.49 -5.51 -1.53
N VAL A 130 -2.27 -6.17 -0.68
CA VAL A 130 -2.18 -5.98 0.77
C VAL A 130 -2.14 -7.35 1.45
N VAL A 131 -1.04 -7.63 2.15
CA VAL A 131 -0.78 -8.88 2.85
C VAL A 131 0.04 -8.59 4.10
N LEU A 132 0.17 -9.58 4.98
CA LEU A 132 1.01 -9.46 6.16
C LEU A 132 2.48 -9.37 5.74
N HIS A 133 3.22 -8.53 6.46
CA HIS A 133 4.65 -8.32 6.33
C HIS A 133 5.35 -9.59 6.82
N ARG A 134 6.36 -10.06 6.09
CA ARG A 134 7.22 -11.21 6.43
C ARG A 134 8.63 -10.88 5.94
N PRO A 135 9.71 -11.47 6.49
CA PRO A 135 11.07 -11.10 6.11
C PRO A 135 11.39 -11.45 4.65
N ASN A 136 10.93 -12.61 4.17
CA ASN A 136 11.14 -13.00 2.77
C ASN A 136 10.59 -11.95 1.82
N GLN A 137 9.32 -11.57 1.99
CA GLN A 137 8.68 -10.53 1.20
C GLN A 137 9.44 -9.22 1.33
N ASP A 138 9.86 -8.84 2.54
CA ASP A 138 10.55 -7.59 2.82
C ASP A 138 11.80 -7.47 1.94
N GLN A 139 12.62 -8.53 1.96
CA GLN A 139 13.81 -8.62 1.13
C GLN A 139 13.46 -8.57 -0.36
N ILE A 140 12.38 -9.23 -0.80
CA ILE A 140 11.95 -9.23 -2.19
C ILE A 140 11.57 -7.82 -2.63
N LEU A 141 10.73 -7.08 -1.89
CA LEU A 141 10.32 -5.74 -2.28
C LEU A 141 11.56 -4.83 -2.31
N THR A 142 12.51 -5.02 -1.38
CA THR A 142 13.77 -4.29 -1.37
C THR A 142 14.54 -4.60 -2.66
N ASN A 143 14.63 -5.87 -3.07
CA ASN A 143 15.30 -6.26 -4.30
C ASN A 143 14.61 -5.64 -5.52
N LEU A 144 13.28 -5.57 -5.51
CA LEU A 144 12.50 -4.95 -6.57
C LEU A 144 12.68 -3.43 -6.59
N SER A 145 13.06 -2.81 -5.48
CA SER A 145 13.37 -1.38 -5.40
C SER A 145 14.76 -1.12 -6.02
N LYS A 146 15.69 -2.07 -5.85
CA LYS A 146 17.04 -2.00 -6.39
C LYS A 146 17.04 -2.28 -7.89
N ARG A 147 16.40 -3.36 -8.35
CA ARG A 147 16.28 -3.67 -9.76
C ARG A 147 15.25 -2.75 -10.41
N LYS A 148 15.33 -2.58 -11.73
CA LYS A 148 14.32 -1.80 -12.43
C LYS A 148 13.16 -2.77 -12.66
N CYS A 149 11.92 -2.29 -12.72
CA CYS A 149 10.82 -3.19 -13.03
C CYS A 149 10.99 -3.69 -14.47
N PRO A 150 11.05 -5.00 -14.72
CA PRO A 150 11.22 -5.53 -16.06
C PRO A 150 9.93 -5.40 -16.87
N SER A 151 10.10 -5.45 -18.19
CA SER A 151 9.08 -5.45 -19.22
C SER A 151 9.88 -5.97 -20.42
N GLN A 152 10.06 -7.29 -20.49
CA GLN A 152 10.80 -7.90 -21.59
C GLN A 152 9.81 -8.77 -22.36
N PRO A 153 9.51 -8.40 -23.61
CA PRO A 153 8.66 -9.21 -24.45
C PRO A 153 9.51 -10.28 -25.12
N VAL A 154 8.84 -11.38 -25.45
CA VAL A 154 9.30 -12.55 -26.16
C VAL A 154 7.95 -13.02 -26.68
N SER A 24 -5.34 11.75 -8.44
CA SER A 24 -6.40 10.76 -8.18
C SER A 24 -7.06 10.37 -9.49
N PRO A 25 -7.20 9.07 -9.76
CA PRO A 25 -8.03 8.60 -10.85
C PRO A 25 -9.51 8.79 -10.49
N ASP A 26 -10.36 8.35 -11.39
CA ASP A 26 -11.82 8.30 -11.35
C ASP A 26 -12.32 7.18 -10.43
N ALA A 27 -11.69 7.08 -9.26
CA ALA A 27 -11.90 6.08 -8.23
C ALA A 27 -13.39 5.93 -7.89
N PRO A 28 -14.00 4.76 -8.17
CA PRO A 28 -15.42 4.51 -8.00
C PRO A 28 -15.75 3.95 -6.61
N THR A 29 -17.00 3.50 -6.48
CA THR A 29 -17.54 2.84 -5.30
C THR A 29 -16.67 1.59 -5.01
N CYS A 30 -16.80 1.02 -3.81
CA CYS A 30 -16.05 -0.16 -3.44
C CYS A 30 -16.83 -1.36 -4.00
N PRO A 31 -16.24 -2.20 -4.88
CA PRO A 31 -16.93 -3.36 -5.40
C PRO A 31 -17.04 -4.43 -4.31
N LYS A 32 -18.03 -5.31 -4.43
CA LYS A 32 -18.21 -6.45 -3.50
C LYS A 32 -17.07 -7.48 -3.60
N GLN A 33 -16.19 -7.35 -4.60
CA GLN A 33 -15.01 -8.19 -4.78
C GLN A 33 -14.17 -8.07 -3.52
N CYS A 34 -13.79 -9.21 -2.96
CA CYS A 34 -13.04 -9.25 -1.71
C CYS A 34 -11.98 -10.35 -1.85
N ARG A 35 -10.99 -10.10 -2.72
CA ARG A 35 -9.84 -10.96 -3.03
C ARG A 35 -8.76 -10.03 -3.58
N ARG A 36 -7.53 -10.53 -3.65
CA ARG A 36 -6.33 -9.86 -4.12
C ARG A 36 -5.91 -10.60 -5.38
N THR A 37 -5.42 -9.91 -6.40
CA THR A 37 -5.06 -10.45 -7.70
C THR A 37 -3.63 -10.07 -8.09
N GLY A 38 -3.13 -10.59 -9.21
CA GLY A 38 -1.79 -10.32 -9.72
C GLY A 38 -0.69 -10.97 -8.87
N THR A 39 0.58 -10.74 -9.21
CA THR A 39 1.70 -11.28 -8.43
C THR A 39 2.28 -10.16 -7.56
N LEU A 40 3.11 -10.50 -6.58
CA LEU A 40 3.77 -9.48 -5.78
C LEU A 40 4.71 -8.70 -6.69
N GLN A 41 5.52 -9.40 -7.51
CA GLN A 41 6.50 -8.74 -8.35
C GLN A 41 5.80 -7.83 -9.37
N SER A 42 4.77 -8.31 -10.07
CA SER A 42 4.00 -7.53 -11.02
C SER A 42 3.35 -6.31 -10.33
N ASN A 43 2.70 -6.53 -9.19
CA ASN A 43 1.98 -5.46 -8.51
C ASN A 43 2.94 -4.42 -7.94
N PHE A 44 4.14 -4.81 -7.47
CA PHE A 44 5.16 -3.86 -6.98
C PHE A 44 5.51 -2.86 -8.10
N CYS A 45 5.54 -3.32 -9.35
CA CYS A 45 5.78 -2.48 -10.50
C CYS A 45 4.61 -1.52 -10.76
N ALA A 46 3.37 -2.03 -10.69
CA ALA A 46 2.17 -1.27 -10.97
C ALA A 46 1.94 -0.16 -9.92
N SER A 47 1.94 -0.56 -8.64
CA SER A 47 1.75 0.33 -7.50
C SER A 47 2.87 1.38 -7.46
N SER A 48 2.56 2.65 -7.16
CA SER A 48 3.58 3.69 -7.02
C SER A 48 3.97 3.82 -5.53
N LEU A 49 3.26 3.12 -4.65
CA LEU A 49 3.45 3.09 -3.22
C LEU A 49 3.74 1.66 -2.82
N VAL A 50 4.91 1.41 -2.20
CA VAL A 50 5.23 0.08 -1.70
C VAL A 50 6.00 0.37 -0.40
N VAL A 51 5.38 -0.02 0.73
CA VAL A 51 5.90 0.19 2.07
C VAL A 51 5.46 -0.97 2.95
N THR A 52 6.04 -1.09 4.14
CA THR A 52 5.72 -2.07 5.15
C THR A 52 5.54 -1.30 6.45
N ALA A 53 4.60 -1.69 7.29
CA ALA A 53 4.35 -0.99 8.55
C ALA A 53 3.49 -1.85 9.47
N THR A 54 3.31 -1.37 10.70
CA THR A 54 2.46 -1.98 11.70
C THR A 54 1.28 -1.05 11.91
N VAL A 55 0.07 -1.61 11.95
CA VAL A 55 -1.17 -0.85 12.07
C VAL A 55 -1.30 -0.38 13.52
N LYS A 56 -1.22 0.93 13.72
CA LYS A 56 -1.38 1.57 15.01
C LYS A 56 -2.86 1.86 15.29
N SER A 57 -3.61 2.33 14.30
CA SER A 57 -5.04 2.60 14.37
C SER A 57 -5.71 2.34 13.04
N MET A 58 -7.05 2.34 13.06
CA MET A 58 -7.95 2.20 11.94
C MET A 58 -9.06 3.21 12.23
N VAL A 59 -9.39 4.07 11.26
CA VAL A 59 -10.37 5.15 11.42
C VAL A 59 -11.45 4.99 10.34
N ARG A 60 -12.72 5.26 10.66
CA ARG A 60 -13.77 5.22 9.65
C ARG A 60 -13.58 6.44 8.74
N GLU A 61 -13.77 6.27 7.44
CA GLU A 61 -13.56 7.28 6.39
C GLU A 61 -14.88 7.43 5.59
N PRO A 62 -14.99 8.36 4.61
CA PRO A 62 -16.16 8.49 3.77
C PRO A 62 -16.39 7.25 2.88
N GLY A 63 -17.61 7.10 2.36
CA GLY A 63 -18.03 5.97 1.55
C GLY A 63 -17.93 4.67 2.36
N GLU A 64 -17.76 3.56 1.67
CA GLU A 64 -17.55 2.23 2.26
C GLU A 64 -16.13 2.13 2.87
N GLY A 65 -15.35 3.20 2.81
CA GLY A 65 -13.97 3.29 3.23
C GLY A 65 -13.68 3.15 4.72
N LEU A 66 -12.37 3.09 4.98
CA LEU A 66 -11.68 2.89 6.25
C LEU A 66 -10.25 3.36 6.02
N ALA A 67 -9.61 4.02 6.98
CA ALA A 67 -8.22 4.43 6.88
C ALA A 67 -7.42 3.57 7.84
N VAL A 68 -6.16 3.36 7.51
CA VAL A 68 -5.26 2.56 8.31
C VAL A 68 -4.12 3.51 8.66
N THR A 69 -3.85 3.69 9.95
CA THR A 69 -2.79 4.54 10.47
C THR A 69 -1.64 3.61 10.80
N VAL A 70 -0.46 3.87 10.24
CA VAL A 70 0.70 3.00 10.41
C VAL A 70 1.93 3.85 10.72
N SER A 71 3.05 3.21 11.09
CA SER A 71 4.25 3.91 11.51
C SER A 71 5.50 3.51 10.70
N LEU A 72 5.31 3.24 9.40
CA LEU A 72 6.34 2.93 8.38
C LEU A 72 7.56 2.11 8.84
N ILE A 73 7.45 0.79 8.90
CA ILE A 73 8.57 -0.09 9.24
C ILE A 73 9.61 -0.17 8.09
N GLY A 74 9.18 -0.05 6.83
CA GLY A 74 10.08 -0.06 5.70
C GLY A 74 9.42 0.59 4.50
N ALA A 75 10.23 1.00 3.54
CA ALA A 75 9.78 1.59 2.29
C ALA A 75 10.62 0.98 1.19
N TYR A 76 10.02 0.93 0.00
CA TYR A 76 10.62 0.34 -1.18
C TYR A 76 10.27 1.17 -2.42
N LYS A 77 9.16 1.91 -2.40
CA LYS A 77 8.72 2.76 -3.48
C LYS A 77 7.81 3.82 -2.87
N THR A 78 8.10 5.10 -3.09
CA THR A 78 7.36 6.28 -2.66
C THR A 78 7.39 7.21 -3.84
N GLY A 79 6.71 6.83 -4.91
CA GLY A 79 6.69 7.55 -6.18
C GLY A 79 5.67 8.68 -6.17
N GLY A 80 5.42 9.29 -5.01
CA GLY A 80 4.44 10.32 -4.80
C GLY A 80 4.88 11.29 -3.71
N LEU A 81 5.04 10.79 -2.48
CA LEU A 81 5.41 11.64 -1.36
C LEU A 81 6.90 11.90 -1.35
N ASP A 82 7.26 13.08 -0.85
CA ASP A 82 8.62 13.54 -0.65
C ASP A 82 8.99 13.10 0.77
N LEU A 83 9.70 11.97 0.86
CA LEU A 83 10.08 11.41 2.17
C LEU A 83 11.00 12.40 2.89
N PRO A 84 10.95 12.48 4.23
CA PRO A 84 11.73 13.44 4.97
C PRO A 84 13.23 13.11 4.92
N SER A 85 14.03 13.97 5.55
CA SER A 85 15.47 13.81 5.68
C SER A 85 15.83 12.42 6.24
N PRO A 86 15.42 12.03 7.46
CA PRO A 86 15.69 10.69 7.94
C PRO A 86 14.83 9.72 7.10
N PRO A 87 15.34 8.53 6.75
CA PRO A 87 14.53 7.55 6.04
C PRO A 87 13.44 6.96 6.95
N THR A 88 12.84 5.91 6.44
CA THR A 88 11.72 5.18 7.00
C THR A 88 11.79 5.02 8.52
N GLY A 89 10.67 5.36 9.16
CA GLY A 89 10.42 5.42 10.59
C GLY A 89 9.65 6.71 10.80
N ALA A 90 8.49 6.80 10.16
CA ALA A 90 7.59 7.96 10.14
C ALA A 90 6.18 7.41 10.01
N SER A 91 5.17 8.22 10.26
CA SER A 91 3.77 7.82 10.25
C SER A 91 3.06 8.28 8.99
N LEU A 92 2.09 7.50 8.53
CA LEU A 92 1.22 7.79 7.39
C LEU A 92 -0.16 7.19 7.65
N LYS A 93 -1.18 7.71 6.97
CA LYS A 93 -2.57 7.31 7.08
C LYS A 93 -2.99 6.96 5.66
N PHE A 94 -3.30 5.68 5.42
CA PHE A 94 -3.62 5.16 4.10
C PHE A 94 -5.13 5.07 3.95
N TYR A 95 -5.66 5.76 2.95
CA TYR A 95 -7.08 5.82 2.65
C TYR A 95 -7.51 4.55 1.91
N VAL A 96 -8.35 3.70 2.49
CA VAL A 96 -8.88 2.51 1.81
C VAL A 96 -10.32 2.92 1.43
N PRO A 97 -10.70 2.93 0.15
CA PRO A 97 -12.09 3.24 -0.26
C PRO A 97 -13.06 2.09 0.08
N CYS A 98 -12.56 1.00 0.67
CA CYS A 98 -13.26 -0.22 1.04
C CYS A 98 -12.93 -0.55 2.50
N LYS A 99 -13.74 -1.38 3.17
CA LYS A 99 -13.43 -1.82 4.54
C LYS A 99 -13.56 -3.32 4.76
N GLN A 100 -14.09 -4.09 3.80
CA GLN A 100 -14.16 -5.54 3.93
C GLN A 100 -12.83 -6.13 3.49
N CYS A 101 -12.32 -5.69 2.33
CA CYS A 101 -11.02 -6.06 1.80
C CYS A 101 -10.18 -4.83 1.43
N PRO A 102 -8.84 -4.96 1.35
CA PRO A 102 -8.06 -6.17 1.65
C PRO A 102 -8.18 -6.48 3.15
N PRO A 103 -8.05 -7.76 3.57
CA PRO A 103 -8.23 -8.18 4.95
C PRO A 103 -7.22 -7.55 5.91
N MET A 104 -7.64 -6.46 6.56
CA MET A 104 -6.82 -5.66 7.46
C MET A 104 -7.06 -6.12 8.90
N LYS A 105 -6.12 -5.77 9.80
CA LYS A 105 -6.18 -6.01 11.24
C LYS A 105 -5.36 -4.96 11.96
N LYS A 106 -5.87 -4.48 13.09
CA LYS A 106 -5.12 -3.53 13.92
C LYS A 106 -4.08 -4.32 14.72
N GLY A 107 -2.92 -3.73 14.99
CA GLY A 107 -1.88 -4.37 15.79
C GLY A 107 -1.32 -5.60 15.09
N VAL A 108 -1.00 -5.47 13.79
CA VAL A 108 -0.38 -6.48 12.95
C VAL A 108 0.52 -5.73 11.96
N SER A 109 1.64 -6.33 11.54
CA SER A 109 2.53 -5.76 10.52
C SER A 109 2.16 -6.30 9.15
N TYR A 110 2.04 -5.39 8.18
CA TYR A 110 1.63 -5.63 6.81
C TYR A 110 2.61 -5.00 5.81
N LEU A 111 2.35 -5.33 4.55
CA LEU A 111 2.97 -4.87 3.32
C LEU A 111 1.81 -4.16 2.64
N LEU A 112 1.99 -2.88 2.29
CA LEU A 112 0.99 -2.07 1.63
C LEU A 112 1.59 -1.69 0.28
N MET A 113 0.98 -2.19 -0.81
CA MET A 113 1.34 -1.87 -2.18
C MET A 113 0.09 -1.20 -2.73
N GLY A 114 0.12 0.08 -3.05
CA GLY A 114 -1.05 0.86 -3.49
C GLY A 114 -0.62 2.08 -4.31
N GLN A 115 -1.19 3.25 -4.03
CA GLN A 115 -0.86 4.49 -4.73
C GLN A 115 -0.70 5.65 -3.75
N VAL A 116 -0.33 6.83 -4.24
CA VAL A 116 -0.20 8.04 -3.43
C VAL A 116 -0.96 9.19 -4.12
N GLU A 117 -1.56 10.10 -3.34
CA GLU A 117 -2.34 11.24 -3.85
C GLU A 117 -1.71 12.50 -3.25
N GLU A 118 -1.12 13.34 -4.10
CA GLU A 118 -0.39 14.53 -3.67
C GLU A 118 -1.35 15.69 -3.38
N ASN A 119 -2.19 15.52 -2.36
CA ASN A 119 -3.12 16.51 -1.84
C ASN A 119 -3.67 16.08 -0.48
N ARG A 120 -3.96 14.78 -0.32
CA ARG A 120 -4.58 14.23 0.88
C ARG A 120 -3.68 13.30 1.66
N GLY A 121 -2.79 12.62 0.97
CA GLY A 121 -1.91 11.62 1.54
C GLY A 121 -2.00 10.34 0.70
N PRO A 122 -1.44 9.22 1.18
CA PRO A 122 -1.46 7.99 0.42
C PRO A 122 -2.87 7.39 0.37
N VAL A 123 -3.09 6.51 -0.60
CA VAL A 123 -4.37 5.87 -0.87
C VAL A 123 -4.07 4.37 -1.03
N LEU A 124 -5.05 3.51 -0.83
CA LEU A 124 -4.87 2.07 -0.85
C LEU A 124 -6.15 1.42 -1.42
N PRO A 125 -6.38 1.49 -2.74
CA PRO A 125 -7.60 1.00 -3.40
C PRO A 125 -7.72 -0.53 -3.35
N PRO A 126 -8.84 -1.14 -3.82
CA PRO A 126 -8.95 -2.61 -3.87
C PRO A 126 -7.91 -3.23 -4.82
N GLU A 127 -7.28 -2.42 -5.69
CA GLU A 127 -6.21 -2.78 -6.60
C GLU A 127 -4.84 -2.72 -5.89
N SER A 128 -4.78 -3.02 -4.59
CA SER A 128 -3.58 -2.96 -3.77
C SER A 128 -3.17 -4.36 -3.30
N PHE A 129 -1.91 -4.76 -3.49
CA PHE A 129 -1.45 -6.03 -2.99
C PHE A 129 -1.13 -5.80 -1.52
N VAL A 130 -1.90 -6.41 -0.62
CA VAL A 130 -1.80 -6.20 0.81
C VAL A 130 -1.80 -7.55 1.49
N VAL A 131 -0.74 -7.82 2.27
CA VAL A 131 -0.51 -9.08 2.97
C VAL A 131 0.33 -8.85 4.23
N LEU A 132 0.51 -9.91 5.02
CA LEU A 132 1.34 -9.95 6.23
C LEU A 132 2.80 -9.72 5.84
N HIS A 133 3.50 -8.85 6.57
CA HIS A 133 4.93 -8.61 6.36
C HIS A 133 5.71 -9.88 6.76
N ARG A 134 6.54 -10.43 5.87
CA ARG A 134 7.39 -11.61 6.15
C ARG A 134 8.76 -11.41 5.49
N PRO A 135 9.83 -12.08 5.94
CA PRO A 135 11.19 -11.88 5.44
C PRO A 135 11.41 -12.22 3.97
N ASN A 136 10.89 -13.35 3.47
CA ASN A 136 11.03 -13.69 2.04
C ASN A 136 10.50 -12.57 1.15
N GLN A 137 9.34 -12.03 1.52
CA GLN A 137 8.74 -10.91 0.81
C GLN A 137 9.62 -9.67 0.99
N ASP A 138 10.10 -9.40 2.20
CA ASP A 138 10.95 -8.24 2.51
C ASP A 138 12.16 -8.18 1.59
N GLN A 139 12.87 -9.30 1.46
CA GLN A 139 14.00 -9.45 0.56
C GLN A 139 13.56 -9.12 -0.86
N ILE A 140 12.46 -9.72 -1.31
CA ILE A 140 11.96 -9.59 -2.67
C ILE A 140 11.68 -8.12 -2.97
N LEU A 141 10.90 -7.41 -2.15
CA LEU A 141 10.56 -6.03 -2.44
C LEU A 141 11.81 -5.15 -2.47
N THR A 142 12.82 -5.47 -1.64
CA THR A 142 14.09 -4.76 -1.64
C THR A 142 14.81 -4.99 -2.98
N ASN A 143 14.88 -6.25 -3.45
CA ASN A 143 15.47 -6.59 -4.75
C ASN A 143 14.73 -5.89 -5.88
N LEU A 144 13.40 -5.86 -5.81
CA LEU A 144 12.53 -5.23 -6.81
C LEU A 144 12.72 -3.72 -6.81
N SER A 145 12.95 -3.11 -5.64
CA SER A 145 13.24 -1.68 -5.51
C SER A 145 14.52 -1.37 -6.27
N LYS A 146 15.55 -2.20 -6.08
CA LYS A 146 16.85 -2.04 -6.70
C LYS A 146 16.74 -2.26 -8.21
N ARG A 147 16.11 -3.35 -8.65
CA ARG A 147 15.93 -3.62 -10.06
C ARG A 147 14.97 -2.60 -10.66
N LYS A 148 14.94 -2.56 -11.99
CA LYS A 148 14.01 -1.71 -12.72
C LYS A 148 13.00 -2.67 -13.35
N CYS A 149 11.71 -2.48 -13.07
CA CYS A 149 10.64 -3.37 -13.52
C CYS A 149 10.55 -3.54 -15.05
N PRO A 150 9.92 -4.63 -15.53
CA PRO A 150 9.70 -4.83 -16.96
C PRO A 150 8.56 -3.95 -17.47
N SER A 151 8.66 -3.53 -18.72
CA SER A 151 7.65 -2.76 -19.43
C SER A 151 7.67 -3.29 -20.86
N GLN A 152 7.05 -4.45 -21.04
CA GLN A 152 6.91 -5.11 -22.33
C GLN A 152 5.66 -6.00 -22.21
N PRO A 153 4.58 -5.71 -22.94
CA PRO A 153 3.30 -6.42 -22.84
C PRO A 153 2.97 -7.39 -24.00
N VAL A 154 3.92 -8.21 -24.44
CA VAL A 154 3.72 -9.22 -25.49
C VAL A 154 4.48 -10.46 -25.04
N SER A 24 -9.23 11.05 -8.83
CA SER A 24 -10.65 11.21 -9.20
C SER A 24 -11.54 10.66 -8.09
N PRO A 25 -12.68 11.28 -7.76
CA PRO A 25 -13.67 10.71 -6.87
C PRO A 25 -14.56 9.72 -7.64
N ASP A 26 -13.99 8.63 -8.15
CA ASP A 26 -14.70 7.62 -8.95
C ASP A 26 -14.60 6.25 -8.27
N ALA A 27 -15.08 6.22 -7.04
CA ALA A 27 -15.04 5.07 -6.15
C ALA A 27 -16.31 5.01 -5.30
N PRO A 28 -17.32 4.25 -5.74
CA PRO A 28 -18.62 4.13 -5.11
C PRO A 28 -18.58 3.11 -3.97
N THR A 29 -19.75 2.72 -3.50
CA THR A 29 -19.97 1.68 -2.49
C THR A 29 -19.18 0.42 -2.93
N CYS A 30 -18.63 -0.35 -2.00
CA CYS A 30 -17.79 -1.49 -2.30
C CYS A 30 -18.58 -2.77 -2.58
N PRO A 31 -18.14 -3.64 -3.51
CA PRO A 31 -18.77 -4.93 -3.76
C PRO A 31 -18.40 -5.90 -2.64
N LYS A 32 -19.25 -6.90 -2.39
CA LYS A 32 -18.98 -7.91 -1.35
C LYS A 32 -17.90 -8.91 -1.80
N GLN A 33 -17.71 -9.10 -3.11
CA GLN A 33 -16.66 -9.97 -3.63
C GLN A 33 -15.30 -9.35 -3.28
N CYS A 34 -14.40 -10.21 -2.83
CA CYS A 34 -13.06 -9.83 -2.41
C CYS A 34 -12.10 -10.97 -2.74
N ARG A 35 -11.05 -10.62 -3.50
CA ARG A 35 -10.01 -11.48 -4.06
C ARG A 35 -8.78 -10.61 -4.30
N ARG A 36 -7.63 -11.24 -4.52
CA ARG A 36 -6.36 -10.63 -4.86
C ARG A 36 -5.96 -11.16 -6.25
N THR A 37 -5.22 -10.39 -7.04
CA THR A 37 -4.79 -10.67 -8.41
C THR A 37 -3.29 -10.40 -8.59
N GLY A 38 -2.77 -10.69 -9.79
CA GLY A 38 -1.40 -10.44 -10.23
C GLY A 38 -0.34 -11.29 -9.51
N THR A 39 0.90 -10.81 -9.54
CA THR A 39 2.04 -11.38 -8.85
C THR A 39 2.60 -10.27 -7.96
N LEU A 40 3.41 -10.60 -6.96
CA LEU A 40 4.04 -9.58 -6.13
C LEU A 40 4.99 -8.72 -6.98
N GLN A 41 5.70 -9.32 -7.94
CA GLN A 41 6.58 -8.61 -8.82
C GLN A 41 5.81 -7.64 -9.73
N SER A 42 4.81 -8.13 -10.45
CA SER A 42 4.04 -7.32 -11.39
C SER A 42 3.39 -6.16 -10.63
N ASN A 43 2.77 -6.48 -9.49
CA ASN A 43 2.03 -5.51 -8.69
C ASN A 43 2.96 -4.48 -8.06
N PHE A 44 4.17 -4.83 -7.62
CA PHE A 44 5.13 -3.86 -7.07
C PHE A 44 5.45 -2.74 -8.08
N CYS A 45 5.65 -3.12 -9.35
CA CYS A 45 5.92 -2.17 -10.43
C CYS A 45 4.65 -1.38 -10.80
N ALA A 46 3.47 -2.01 -10.72
CA ALA A 46 2.21 -1.39 -11.04
C ALA A 46 1.87 -0.24 -10.08
N SER A 47 2.13 -0.41 -8.78
CA SER A 47 1.85 0.56 -7.74
C SER A 47 2.83 1.73 -7.69
N SER A 48 2.35 2.90 -7.29
CA SER A 48 3.11 4.14 -7.08
C SER A 48 3.60 4.19 -5.62
N LEU A 49 3.07 3.34 -4.75
CA LEU A 49 3.35 3.29 -3.32
C LEU A 49 3.65 1.86 -2.92
N VAL A 50 4.81 1.60 -2.32
CA VAL A 50 5.17 0.30 -1.82
C VAL A 50 5.93 0.52 -0.51
N VAL A 51 5.35 0.07 0.61
CA VAL A 51 5.95 0.14 1.94
C VAL A 51 5.50 -1.07 2.77
N THR A 52 6.14 -1.29 3.92
CA THR A 52 5.76 -2.32 4.88
C THR A 52 5.56 -1.53 6.17
N ALA A 53 4.56 -1.85 6.98
CA ALA A 53 4.33 -1.14 8.22
C ALA A 53 3.41 -1.93 9.15
N THR A 54 3.41 -1.53 10.42
CA THR A 54 2.53 -2.10 11.43
C THR A 54 1.31 -1.20 11.48
N VAL A 55 0.12 -1.79 11.35
CA VAL A 55 -1.13 -1.07 11.47
C VAL A 55 -1.24 -0.75 12.95
N LYS A 56 -1.16 0.52 13.32
CA LYS A 56 -1.26 0.96 14.69
C LYS A 56 -2.73 1.24 14.99
N SER A 57 -3.41 1.97 14.11
CA SER A 57 -4.79 2.40 14.32
C SER A 57 -5.56 2.32 13.00
N MET A 58 -6.90 2.42 13.06
CA MET A 58 -7.80 2.45 11.91
C MET A 58 -8.87 3.49 12.21
N VAL A 59 -9.07 4.49 11.36
CA VAL A 59 -9.99 5.62 11.56
C VAL A 59 -11.06 5.60 10.46
N ARG A 60 -12.29 6.02 10.78
CA ARG A 60 -13.40 6.04 9.84
C ARG A 60 -13.18 7.15 8.82
N GLU A 61 -13.52 6.89 7.56
CA GLU A 61 -13.33 7.81 6.43
C GLU A 61 -14.63 7.89 5.59
N PRO A 62 -14.74 8.83 4.63
CA PRO A 62 -15.94 9.01 3.80
C PRO A 62 -16.31 7.79 2.93
N GLY A 63 -17.50 7.86 2.32
CA GLY A 63 -17.99 6.80 1.43
C GLY A 63 -18.15 5.54 2.24
N GLU A 64 -17.48 4.47 1.82
CA GLU A 64 -17.41 3.18 2.50
C GLU A 64 -15.96 2.95 2.97
N GLY A 65 -15.16 4.02 3.07
CA GLY A 65 -13.75 3.94 3.40
C GLY A 65 -13.43 3.72 4.88
N LEU A 66 -12.14 3.48 5.11
CA LEU A 66 -11.49 3.26 6.40
C LEU A 66 -10.02 3.64 6.18
N ALA A 67 -9.43 4.49 7.04
CA ALA A 67 -8.04 4.92 6.93
C ALA A 67 -7.23 4.04 7.86
N VAL A 68 -6.23 3.38 7.34
CA VAL A 68 -5.36 2.53 8.14
C VAL A 68 -4.17 3.42 8.50
N THR A 69 -3.90 3.58 9.79
CA THR A 69 -2.80 4.40 10.28
C THR A 69 -1.63 3.44 10.51
N VAL A 70 -0.50 3.71 9.88
CA VAL A 70 0.68 2.86 9.90
C VAL A 70 1.90 3.65 10.37
N SER A 71 3.02 2.98 10.67
CA SER A 71 4.22 3.62 11.22
C SER A 71 5.55 3.17 10.57
N LEU A 72 5.59 3.08 9.24
CA LEU A 72 6.77 2.76 8.40
C LEU A 72 7.79 1.73 8.88
N ILE A 73 7.55 0.44 8.70
CA ILE A 73 8.51 -0.63 9.03
C ILE A 73 9.56 -0.76 7.90
N GLY A 74 9.24 -0.33 6.68
CA GLY A 74 10.15 -0.30 5.53
C GLY A 74 9.49 0.46 4.39
N ALA A 75 10.28 0.94 3.43
CA ALA A 75 9.82 1.69 2.27
C ALA A 75 10.63 1.30 1.03
N TYR A 76 9.96 1.30 -0.13
CA TYR A 76 10.57 0.87 -1.39
C TYR A 76 10.21 1.79 -2.57
N LYS A 77 9.01 2.38 -2.59
CA LYS A 77 8.55 3.33 -3.57
C LYS A 77 7.56 4.28 -2.88
N THR A 78 7.70 5.58 -3.09
CA THR A 78 6.86 6.68 -2.62
C THR A 78 6.90 7.65 -3.79
N GLY A 79 6.14 7.37 -4.83
CA GLY A 79 6.06 8.15 -6.07
C GLY A 79 5.12 9.33 -5.95
N GLY A 80 5.12 9.94 -4.77
CA GLY A 80 4.35 11.09 -4.41
C GLY A 80 4.85 11.65 -3.09
N LEU A 81 4.63 10.87 -2.02
CA LEU A 81 4.97 11.27 -0.66
C LEU A 81 6.45 11.56 -0.59
N ASP A 82 6.75 12.75 -0.10
CA ASP A 82 8.09 13.20 0.12
C ASP A 82 8.61 12.58 1.42
N LEU A 83 9.24 11.40 1.30
CA LEU A 83 9.85 10.79 2.47
C LEU A 83 10.98 11.73 2.86
N PRO A 84 11.07 12.13 4.13
CA PRO A 84 12.05 13.10 4.57
C PRO A 84 13.46 12.53 4.67
N SER A 85 14.43 13.39 5.02
CA SER A 85 15.81 13.02 5.27
C SER A 85 15.87 11.72 6.10
N PRO A 86 15.30 11.66 7.33
CA PRO A 86 15.26 10.42 8.07
C PRO A 86 14.34 9.45 7.33
N PRO A 87 14.82 8.27 6.92
CA PRO A 87 14.05 7.21 6.28
C PRO A 87 13.08 6.57 7.28
N THR A 88 12.75 5.31 7.00
CA THR A 88 11.80 4.43 7.68
C THR A 88 11.75 4.75 9.18
N GLY A 89 10.55 5.07 9.68
CA GLY A 89 10.32 5.50 11.06
C GLY A 89 9.45 6.76 11.15
N ALA A 90 8.42 6.90 10.31
CA ALA A 90 7.44 7.99 10.33
C ALA A 90 6.06 7.36 10.14
N SER A 91 4.98 8.09 10.42
CA SER A 91 3.63 7.55 10.34
C SER A 91 2.84 8.16 9.19
N LEU A 92 1.86 7.39 8.69
CA LEU A 92 1.04 7.74 7.53
C LEU A 92 -0.38 7.22 7.75
N LYS A 93 -1.37 7.76 7.04
CA LYS A 93 -2.76 7.32 7.07
C LYS A 93 -3.10 6.89 5.64
N PHE A 94 -3.35 5.60 5.41
CA PHE A 94 -3.61 5.05 4.09
C PHE A 94 -5.12 4.98 3.89
N TYR A 95 -5.64 5.69 2.90
CA TYR A 95 -7.05 5.75 2.59
C TYR A 95 -7.47 4.46 1.89
N VAL A 96 -8.30 3.62 2.51
CA VAL A 96 -8.82 2.41 1.86
C VAL A 96 -10.27 2.75 1.50
N PRO A 97 -10.67 2.82 0.22
CA PRO A 97 -12.03 3.21 -0.18
C PRO A 97 -13.08 2.11 0.08
N CYS A 98 -12.67 0.98 0.67
CA CYS A 98 -13.49 -0.16 1.00
C CYS A 98 -13.16 -0.63 2.41
N LYS A 99 -14.10 -0.52 3.34
CA LYS A 99 -13.92 -1.03 4.70
C LYS A 99 -13.99 -2.56 4.75
N GLN A 100 -14.41 -3.20 3.65
CA GLN A 100 -14.52 -4.65 3.57
C GLN A 100 -13.17 -5.31 3.25
N CYS A 101 -12.44 -4.81 2.26
CA CYS A 101 -11.18 -5.39 1.78
C CYS A 101 -10.23 -4.32 1.18
N PRO A 102 -8.93 -4.62 0.99
CA PRO A 102 -8.24 -5.86 1.35
C PRO A 102 -8.31 -6.09 2.86
N PRO A 103 -8.30 -7.35 3.33
CA PRO A 103 -8.47 -7.69 4.73
C PRO A 103 -7.31 -7.22 5.62
N MET A 104 -7.52 -6.08 6.26
CA MET A 104 -6.58 -5.45 7.17
C MET A 104 -6.93 -5.90 8.60
N LYS A 105 -5.99 -5.74 9.54
CA LYS A 105 -6.14 -6.02 10.96
C LYS A 105 -5.30 -5.03 11.74
N LYS A 106 -5.80 -4.59 12.88
CA LYS A 106 -5.09 -3.70 13.80
C LYS A 106 -4.02 -4.49 14.57
N GLY A 107 -2.84 -3.90 14.75
CA GLY A 107 -1.72 -4.42 15.52
C GLY A 107 -0.89 -5.49 14.83
N VAL A 108 -0.95 -5.55 13.51
CA VAL A 108 -0.29 -6.54 12.68
C VAL A 108 0.60 -5.81 11.67
N SER A 109 1.75 -6.39 11.31
CA SER A 109 2.63 -5.83 10.29
C SER A 109 2.27 -6.40 8.92
N TYR A 110 2.07 -5.51 7.96
CA TYR A 110 1.65 -5.75 6.59
C TYR A 110 2.64 -5.15 5.59
N LEU A 111 2.39 -5.47 4.33
CA LEU A 111 3.04 -5.02 3.11
C LEU A 111 1.88 -4.33 2.41
N LEU A 112 2.04 -3.06 2.06
CA LEU A 112 1.02 -2.23 1.44
C LEU A 112 1.59 -1.78 0.10
N MET A 113 0.96 -2.23 -0.99
CA MET A 113 1.31 -1.83 -2.35
C MET A 113 0.06 -1.14 -2.84
N GLY A 114 0.08 0.17 -3.10
CA GLY A 114 -1.06 1.00 -3.48
C GLY A 114 -0.61 2.21 -4.31
N GLN A 115 -1.23 3.38 -4.13
CA GLN A 115 -0.95 4.59 -4.89
C GLN A 115 -0.80 5.80 -3.95
N VAL A 116 -0.47 6.98 -4.50
CA VAL A 116 -0.37 8.22 -3.73
C VAL A 116 -1.13 9.32 -4.50
N GLU A 117 -1.69 10.28 -3.78
CA GLU A 117 -2.51 11.38 -4.26
C GLU A 117 -1.98 12.66 -3.60
N GLU A 118 -1.41 13.60 -4.36
CA GLU A 118 -0.76 14.84 -3.89
C GLU A 118 -1.74 15.89 -3.31
N ASN A 119 -2.36 15.54 -2.19
CA ASN A 119 -3.29 16.28 -1.34
C ASN A 119 -3.95 15.39 -0.30
N ARG A 120 -4.03 14.10 -0.62
CA ARG A 120 -4.69 13.08 0.19
C ARG A 120 -3.76 12.05 0.79
N GLY A 121 -2.48 12.10 0.40
CA GLY A 121 -1.48 11.20 0.90
C GLY A 121 -1.64 9.81 0.28
N PRO A 122 -1.26 8.74 1.00
CA PRO A 122 -1.32 7.40 0.45
C PRO A 122 -2.76 6.91 0.38
N VAL A 123 -3.08 6.31 -0.75
CA VAL A 123 -4.36 5.74 -1.05
C VAL A 123 -4.09 4.27 -1.31
N LEU A 124 -5.00 3.41 -0.87
CA LEU A 124 -4.86 1.96 -0.92
C LEU A 124 -6.14 1.39 -1.56
N PRO A 125 -6.29 1.54 -2.90
CA PRO A 125 -7.48 1.14 -3.67
C PRO A 125 -7.70 -0.39 -3.70
N PRO A 126 -8.79 -0.91 -4.29
CA PRO A 126 -9.03 -2.35 -4.37
C PRO A 126 -7.92 -3.12 -5.12
N GLU A 127 -7.24 -2.48 -6.08
CA GLU A 127 -6.11 -3.01 -6.84
C GLU A 127 -4.79 -2.83 -6.05
N SER A 128 -4.80 -3.02 -4.73
CA SER A 128 -3.62 -2.96 -3.88
C SER A 128 -3.22 -4.36 -3.42
N PHE A 129 -1.95 -4.74 -3.60
CA PHE A 129 -1.52 -6.03 -3.09
C PHE A 129 -1.21 -5.78 -1.61
N VAL A 130 -2.00 -6.40 -0.73
CA VAL A 130 -1.91 -6.19 0.72
C VAL A 130 -1.93 -7.53 1.42
N VAL A 131 -0.86 -7.86 2.13
CA VAL A 131 -0.68 -9.13 2.85
C VAL A 131 0.18 -8.89 4.09
N LEU A 132 0.25 -9.88 4.98
CA LEU A 132 1.10 -9.82 6.16
C LEU A 132 2.57 -9.75 5.73
N HIS A 133 3.34 -8.92 6.41
CA HIS A 133 4.78 -8.76 6.21
C HIS A 133 5.48 -10.07 6.61
N ARG A 134 6.56 -10.42 5.90
CA ARG A 134 7.43 -11.57 6.14
C ARG A 134 8.83 -11.07 5.75
N PRO A 135 9.93 -11.54 6.37
CA PRO A 135 11.27 -11.09 5.99
C PRO A 135 11.58 -11.49 4.55
N ASN A 136 11.19 -12.71 4.15
CA ASN A 136 11.35 -13.21 2.80
C ASN A 136 10.73 -12.24 1.78
N GLN A 137 9.51 -11.77 2.05
CA GLN A 137 8.83 -10.79 1.22
C GLN A 137 9.56 -9.43 1.27
N ASP A 138 10.04 -9.00 2.42
CA ASP A 138 10.76 -7.73 2.59
C ASP A 138 11.99 -7.70 1.66
N GLN A 139 12.76 -8.79 1.69
CA GLN A 139 13.92 -9.03 0.84
C GLN A 139 13.51 -8.98 -0.64
N ILE A 140 12.35 -9.55 -1.02
CA ILE A 140 11.86 -9.51 -2.40
C ILE A 140 11.60 -8.06 -2.82
N LEU A 141 10.84 -7.26 -2.05
CA LEU A 141 10.53 -5.88 -2.44
C LEU A 141 11.83 -5.07 -2.48
N THR A 142 12.77 -5.36 -1.59
CA THR A 142 14.09 -4.74 -1.55
C THR A 142 14.77 -5.02 -2.91
N ASN A 143 14.80 -6.27 -3.35
CA ASN A 143 15.35 -6.65 -4.66
C ASN A 143 14.64 -5.93 -5.80
N LEU A 144 13.32 -5.79 -5.74
CA LEU A 144 12.53 -5.13 -6.78
C LEU A 144 12.75 -3.61 -6.81
N SER A 145 13.07 -3.00 -5.67
CA SER A 145 13.40 -1.58 -5.57
C SER A 145 14.78 -1.35 -6.18
N LYS A 146 15.70 -2.31 -5.98
CA LYS A 146 17.10 -2.25 -6.41
C LYS A 146 17.21 -2.49 -7.91
N ARG A 147 16.58 -3.55 -8.45
CA ARG A 147 16.56 -3.82 -9.89
C ARG A 147 15.54 -2.90 -10.60
N LYS A 148 15.62 -2.85 -11.93
CA LYS A 148 14.67 -2.12 -12.77
C LYS A 148 13.43 -3.00 -12.94
N CYS A 149 12.30 -2.41 -13.32
CA CYS A 149 11.09 -3.19 -13.59
C CYS A 149 11.21 -3.83 -14.98
N PRO A 150 10.95 -5.14 -15.11
CA PRO A 150 11.04 -5.85 -16.38
C PRO A 150 9.80 -5.53 -17.23
N SER A 151 10.01 -4.81 -18.32
CA SER A 151 9.00 -4.46 -19.28
C SER A 151 9.73 -4.08 -20.57
N GLN A 152 10.10 -5.07 -21.37
CA GLN A 152 10.73 -4.83 -22.66
C GLN A 152 9.71 -5.32 -23.70
N PRO A 153 9.14 -4.40 -24.50
CA PRO A 153 8.15 -4.72 -25.52
C PRO A 153 8.83 -4.98 -26.86
N VAL A 154 7.99 -5.26 -27.85
CA VAL A 154 8.27 -5.46 -29.27
C VAL A 154 7.00 -4.90 -29.89
N SER A 24 -1.00 7.04 -12.04
CA SER A 24 -1.92 6.45 -13.02
C SER A 24 -3.30 6.21 -12.38
N PRO A 25 -4.39 6.79 -12.90
CA PRO A 25 -5.73 6.50 -12.43
C PRO A 25 -6.39 5.38 -13.27
N ASP A 26 -5.74 4.22 -13.37
CA ASP A 26 -6.19 3.09 -14.20
C ASP A 26 -6.80 1.91 -13.47
N ALA A 27 -7.46 2.19 -12.37
CA ALA A 27 -8.18 1.27 -11.51
C ALA A 27 -9.62 1.78 -11.30
N PRO A 28 -10.62 0.88 -11.12
CA PRO A 28 -12.02 1.26 -10.99
C PRO A 28 -12.40 1.68 -9.56
N THR A 29 -13.68 2.01 -9.38
CA THR A 29 -14.32 2.34 -8.10
C THR A 29 -14.31 1.07 -7.24
N CYS A 30 -14.73 1.11 -5.97
CA CYS A 30 -14.64 -0.06 -5.10
C CYS A 30 -15.84 -1.00 -5.35
N PRO A 31 -15.62 -2.24 -5.84
CA PRO A 31 -16.66 -3.22 -6.07
C PRO A 31 -16.96 -4.03 -4.80
N LYS A 32 -17.96 -4.91 -4.90
CA LYS A 32 -18.33 -5.83 -3.83
C LYS A 32 -17.38 -7.01 -3.67
N GLN A 33 -16.46 -7.22 -4.61
CA GLN A 33 -15.43 -8.27 -4.53
C GLN A 33 -14.59 -8.07 -3.26
N CYS A 34 -14.19 -9.17 -2.64
CA CYS A 34 -13.31 -9.23 -1.49
C CYS A 34 -12.44 -10.49 -1.59
N ARG A 35 -11.43 -10.42 -2.45
CA ARG A 35 -10.37 -11.39 -2.72
C ARG A 35 -9.19 -10.54 -3.16
N ARG A 36 -7.98 -11.06 -3.09
CA ARG A 36 -6.77 -10.42 -3.53
C ARG A 36 -6.41 -11.02 -4.88
N THR A 37 -5.81 -10.25 -5.78
CA THR A 37 -5.45 -10.70 -7.11
C THR A 37 -4.04 -10.21 -7.48
N GLY A 38 -3.51 -10.68 -8.61
CA GLY A 38 -2.17 -10.38 -9.09
C GLY A 38 -1.08 -11.09 -8.28
N THR A 39 0.16 -10.93 -8.72
CA THR A 39 1.32 -11.48 -8.03
C THR A 39 2.00 -10.33 -7.27
N LEU A 40 2.94 -10.65 -6.38
CA LEU A 40 3.69 -9.62 -5.67
C LEU A 40 4.51 -8.83 -6.70
N GLN A 41 5.13 -9.50 -7.66
CA GLN A 41 6.00 -8.87 -8.64
C GLN A 41 5.22 -7.98 -9.61
N SER A 42 4.06 -8.41 -10.09
CA SER A 42 3.23 -7.63 -11.00
C SER A 42 2.73 -6.38 -10.26
N ASN A 43 2.13 -6.59 -9.08
CA ASN A 43 1.52 -5.52 -8.32
C ASN A 43 2.56 -4.53 -7.80
N PHE A 44 3.77 -4.96 -7.40
CA PHE A 44 4.82 -4.04 -6.95
C PHE A 44 5.20 -3.05 -8.06
N CYS A 45 5.26 -3.49 -9.31
CA CYS A 45 5.62 -2.63 -10.43
C CYS A 45 4.52 -1.60 -10.71
N ALA A 46 3.25 -2.02 -10.66
CA ALA A 46 2.10 -1.18 -10.95
C ALA A 46 1.87 -0.09 -9.91
N SER A 47 1.80 -0.46 -8.63
CA SER A 47 1.49 0.43 -7.51
C SER A 47 2.47 1.62 -7.44
N SER A 48 1.98 2.84 -7.18
CA SER A 48 2.83 4.01 -6.99
C SER A 48 3.37 4.06 -5.55
N LEU A 49 2.80 3.27 -4.65
CA LEU A 49 3.14 3.24 -3.23
C LEU A 49 3.44 1.81 -2.81
N VAL A 50 4.64 1.56 -2.29
CA VAL A 50 5.00 0.26 -1.76
C VAL A 50 5.75 0.54 -0.46
N VAL A 51 5.16 0.14 0.66
CA VAL A 51 5.69 0.31 2.01
C VAL A 51 5.20 -0.85 2.88
N THR A 52 5.73 -0.96 4.10
CA THR A 52 5.30 -1.94 5.09
C THR A 52 5.08 -1.15 6.36
N ALA A 53 4.10 -1.51 7.18
CA ALA A 53 3.87 -0.81 8.43
C ALA A 53 2.99 -1.63 9.38
N THR A 54 2.92 -1.20 10.63
CA THR A 54 2.09 -1.78 11.66
C THR A 54 0.90 -0.86 11.82
N VAL A 55 -0.31 -1.42 11.79
CA VAL A 55 -1.53 -0.67 11.98
C VAL A 55 -1.60 -0.26 13.44
N LYS A 56 -1.51 1.04 13.69
CA LYS A 56 -1.58 1.66 15.00
C LYS A 56 -3.05 1.79 15.41
N SER A 57 -3.92 2.20 14.50
CA SER A 57 -5.37 2.30 14.72
C SER A 57 -6.08 2.23 13.37
N MET A 58 -7.40 2.02 13.39
CA MET A 58 -8.30 2.00 12.25
C MET A 58 -9.49 2.86 12.65
N VAL A 59 -9.89 3.82 11.83
CA VAL A 59 -10.96 4.77 12.14
C VAL A 59 -11.89 4.90 10.93
N ARG A 60 -13.19 5.15 11.11
CA ARG A 60 -14.11 5.24 9.98
C ARG A 60 -13.84 6.51 9.17
N GLU A 61 -14.22 6.47 7.90
CA GLU A 61 -13.99 7.52 6.91
C GLU A 61 -15.27 7.85 6.12
N PRO A 62 -15.23 8.85 5.22
CA PRO A 62 -16.36 9.19 4.35
C PRO A 62 -16.73 8.01 3.42
N GLY A 63 -18.02 7.86 3.15
CA GLY A 63 -18.57 6.78 2.35
C GLY A 63 -18.43 5.45 3.09
N GLU A 64 -18.33 4.35 2.35
CA GLU A 64 -18.09 3.03 2.93
C GLU A 64 -16.63 2.91 3.44
N GLY A 65 -15.85 3.99 3.35
CA GLY A 65 -14.45 4.05 3.69
C GLY A 65 -14.07 3.73 5.13
N LEU A 66 -12.78 3.47 5.27
CA LEU A 66 -12.08 3.13 6.50
C LEU A 66 -10.66 3.71 6.37
N ALA A 67 -10.11 4.30 7.43
CA ALA A 67 -8.75 4.80 7.45
C ALA A 67 -7.94 3.84 8.28
N VAL A 68 -6.69 3.64 7.88
CA VAL A 68 -5.76 2.80 8.60
C VAL A 68 -4.61 3.76 8.97
N THR A 69 -4.30 3.87 10.26
CA THR A 69 -3.20 4.69 10.75
C THR A 69 -2.01 3.75 10.94
N VAL A 70 -0.83 4.11 10.46
CA VAL A 70 0.36 3.28 10.50
C VAL A 70 1.60 4.04 10.96
N SER A 71 2.75 3.36 11.12
CA SER A 71 4.00 3.93 11.65
C SER A 71 5.27 3.51 10.84
N LEU A 72 5.16 3.36 9.51
CA LEU A 72 6.26 3.06 8.56
C LEU A 72 7.35 2.06 9.01
N ILE A 73 7.11 0.75 8.90
CA ILE A 73 8.10 -0.30 9.22
C ILE A 73 9.12 -0.46 8.07
N GLY A 74 8.75 -0.11 6.84
CA GLY A 74 9.62 -0.16 5.66
C GLY A 74 9.03 0.65 4.51
N ALA A 75 9.84 0.98 3.52
CA ALA A 75 9.48 1.67 2.30
C ALA A 75 10.33 1.11 1.16
N TYR A 76 9.77 1.14 -0.06
CA TYR A 76 10.44 0.63 -1.28
C TYR A 76 10.13 1.53 -2.47
N LYS A 77 8.97 2.21 -2.46
CA LYS A 77 8.52 3.11 -3.49
C LYS A 77 7.55 4.10 -2.83
N THR A 78 7.79 5.39 -3.03
CA THR A 78 7.01 6.53 -2.61
C THR A 78 6.99 7.45 -3.81
N GLY A 79 6.19 7.07 -4.80
CA GLY A 79 6.00 7.79 -6.05
C GLY A 79 4.96 8.90 -5.87
N GLY A 80 4.95 9.52 -4.69
CA GLY A 80 4.05 10.54 -4.25
C GLY A 80 4.60 11.24 -3.00
N LEU A 81 4.54 10.55 -1.85
CA LEU A 81 4.92 11.10 -0.55
C LEU A 81 6.35 11.64 -0.52
N ASP A 82 6.49 12.82 0.06
CA ASP A 82 7.74 13.53 0.31
C ASP A 82 8.24 13.15 1.71
N LEU A 83 8.80 11.94 1.81
CA LEU A 83 9.40 11.44 3.05
C LEU A 83 10.61 12.32 3.42
N PRO A 84 10.79 12.66 4.70
CA PRO A 84 11.84 13.58 5.13
C PRO A 84 13.23 12.90 5.19
N SER A 85 14.26 13.68 5.54
CA SER A 85 15.63 13.21 5.69
C SER A 85 15.69 11.94 6.54
N PRO A 86 15.16 11.90 7.79
CA PRO A 86 15.13 10.67 8.56
C PRO A 86 14.13 9.71 7.88
N PRO A 87 14.57 8.54 7.38
CA PRO A 87 13.75 7.59 6.64
C PRO A 87 12.77 6.85 7.57
N THR A 88 12.41 5.64 7.15
CA THR A 88 11.45 4.71 7.71
C THR A 88 11.40 4.79 9.24
N GLY A 89 10.19 5.04 9.75
CA GLY A 89 9.91 5.25 11.15
C GLY A 89 9.24 6.62 11.32
N ALA A 90 8.12 6.85 10.65
CA ALA A 90 7.26 8.02 10.72
C ALA A 90 5.82 7.52 10.50
N SER A 91 4.81 8.29 10.87
CA SER A 91 3.43 7.86 10.79
C SER A 91 2.67 8.39 9.55
N LEU A 92 1.69 7.61 9.10
CA LEU A 92 0.84 7.91 7.95
C LEU A 92 -0.59 7.42 8.21
N LYS A 93 -1.53 7.88 7.40
CA LYS A 93 -2.94 7.50 7.42
C LYS A 93 -3.29 7.11 5.99
N PHE A 94 -3.73 5.86 5.76
CA PHE A 94 -4.06 5.31 4.45
C PHE A 94 -5.57 5.32 4.31
N TYR A 95 -6.07 5.95 3.25
CA TYR A 95 -7.48 6.02 2.91
C TYR A 95 -7.93 4.74 2.22
N VAL A 96 -8.90 4.00 2.75
CA VAL A 96 -9.46 2.80 2.11
C VAL A 96 -10.91 3.16 1.78
N PRO A 97 -11.40 3.07 0.53
CA PRO A 97 -12.77 3.45 0.18
C PRO A 97 -13.85 2.44 0.61
N CYS A 98 -13.47 1.31 1.24
CA CYS A 98 -14.32 0.22 1.69
C CYS A 98 -13.66 -0.44 2.91
N LYS A 99 -14.33 -1.42 3.55
CA LYS A 99 -13.84 -2.07 4.78
C LYS A 99 -13.77 -3.61 4.78
N GLN A 100 -14.24 -4.32 3.74
CA GLN A 100 -14.14 -5.78 3.74
C GLN A 100 -12.73 -6.21 3.37
N CYS A 101 -12.22 -5.68 2.26
CA CYS A 101 -10.93 -5.96 1.66
C CYS A 101 -10.18 -4.66 1.29
N PRO A 102 -8.84 -4.70 1.19
CA PRO A 102 -8.02 -5.88 1.46
C PRO A 102 -8.08 -6.24 2.97
N PRO A 103 -7.80 -7.50 3.34
CA PRO A 103 -7.91 -8.00 4.72
C PRO A 103 -6.97 -7.34 5.72
N MET A 104 -7.40 -6.23 6.31
CA MET A 104 -6.69 -5.41 7.28
C MET A 104 -7.17 -5.73 8.70
N LYS A 105 -6.35 -5.45 9.72
CA LYS A 105 -6.68 -5.60 11.15
C LYS A 105 -5.89 -4.57 11.96
N LYS A 106 -6.42 -4.17 13.11
CA LYS A 106 -5.75 -3.26 14.02
C LYS A 106 -4.68 -4.04 14.81
N GLY A 107 -3.47 -3.46 14.98
CA GLY A 107 -2.40 -4.05 15.78
C GLY A 107 -1.72 -5.23 15.10
N VAL A 108 -1.43 -5.16 13.80
CA VAL A 108 -0.75 -6.17 13.01
C VAL A 108 0.17 -5.45 12.02
N SER A 109 1.27 -6.10 11.59
CA SER A 109 2.18 -5.56 10.58
C SER A 109 1.88 -6.16 9.20
N TYR A 110 1.77 -5.30 8.22
CA TYR A 110 1.41 -5.62 6.84
C TYR A 110 2.33 -4.95 5.82
N LEU A 111 2.13 -5.33 4.57
CA LEU A 111 2.74 -4.85 3.34
C LEU A 111 1.61 -4.07 2.69
N LEU A 112 1.81 -2.80 2.35
CA LEU A 112 0.82 -1.98 1.67
C LEU A 112 1.38 -1.64 0.30
N MET A 113 0.74 -2.16 -0.75
CA MET A 113 1.05 -1.87 -2.14
C MET A 113 -0.20 -1.14 -2.59
N GLY A 114 -0.14 0.14 -2.92
CA GLY A 114 -1.29 0.98 -3.26
C GLY A 114 -0.87 2.19 -4.10
N GLN A 115 -1.50 3.35 -3.88
CA GLN A 115 -1.25 4.57 -4.67
C GLN A 115 -1.10 5.76 -3.71
N VAL A 116 -0.82 6.94 -4.24
CA VAL A 116 -0.72 8.15 -3.44
C VAL A 116 -1.38 9.34 -4.15
N GLU A 117 -2.18 10.08 -3.39
CA GLU A 117 -2.87 11.27 -3.87
C GLU A 117 -2.06 12.27 -3.02
N GLU A 118 -1.23 13.12 -3.63
CA GLU A 118 -0.37 14.01 -2.89
C GLU A 118 -1.14 15.29 -2.53
N ASN A 119 -2.17 15.10 -1.71
CA ASN A 119 -3.14 16.09 -1.24
C ASN A 119 -4.00 15.48 -0.13
N ARG A 120 -4.26 14.17 -0.21
CA ARG A 120 -5.12 13.45 0.72
C ARG A 120 -4.33 12.43 1.54
N GLY A 121 -3.10 12.14 1.10
CA GLY A 121 -2.23 11.14 1.69
C GLY A 121 -2.26 9.87 0.84
N PRO A 122 -1.64 8.80 1.33
CA PRO A 122 -1.67 7.52 0.64
C PRO A 122 -3.10 7.01 0.58
N VAL A 123 -3.49 6.52 -0.59
CA VAL A 123 -4.82 6.01 -0.87
C VAL A 123 -4.54 4.52 -1.13
N LEU A 124 -5.37 3.69 -0.53
CA LEU A 124 -5.25 2.24 -0.53
C LEU A 124 -6.57 1.63 -1.03
N PRO A 125 -6.81 1.63 -2.35
CA PRO A 125 -8.03 1.07 -2.95
C PRO A 125 -8.13 -0.45 -2.70
N PRO A 126 -9.26 -1.11 -3.01
CA PRO A 126 -9.38 -2.56 -2.88
C PRO A 126 -8.39 -3.33 -3.77
N GLU A 127 -7.89 -2.71 -4.85
CA GLU A 127 -6.88 -3.30 -5.73
C GLU A 127 -5.46 -3.09 -5.19
N SER A 128 -5.31 -2.89 -3.88
CA SER A 128 -4.04 -2.77 -3.19
C SER A 128 -3.65 -4.14 -2.66
N PHE A 129 -2.46 -4.65 -3.02
CA PHE A 129 -2.05 -5.96 -2.53
C PHE A 129 -1.61 -5.76 -1.08
N VAL A 130 -2.33 -6.34 -0.12
CA VAL A 130 -2.01 -6.25 1.29
C VAL A 130 -1.99 -7.64 1.89
N VAL A 131 -0.87 -7.97 2.53
CA VAL A 131 -0.61 -9.24 3.18
C VAL A 131 0.22 -8.97 4.43
N LEU A 132 0.36 -9.97 5.31
CA LEU A 132 1.15 -9.86 6.52
C LEU A 132 2.61 -9.65 6.12
N HIS A 133 3.30 -8.76 6.82
CA HIS A 133 4.72 -8.52 6.58
C HIS A 133 5.51 -9.78 6.93
N ARG A 134 6.40 -10.23 6.04
CA ARG A 134 7.31 -11.35 6.24
C ARG A 134 8.65 -10.96 5.61
N PRO A 135 9.79 -11.41 6.14
CA PRO A 135 11.10 -11.02 5.65
C PRO A 135 11.41 -11.49 4.23
N ASN A 136 10.98 -12.69 3.84
CA ASN A 136 11.17 -13.20 2.47
C ASN A 136 10.57 -12.22 1.46
N GLN A 137 9.29 -11.87 1.65
CA GLN A 137 8.57 -10.89 0.84
C GLN A 137 9.28 -9.54 0.90
N ASP A 138 9.69 -9.11 2.09
CA ASP A 138 10.30 -7.81 2.32
C ASP A 138 11.56 -7.62 1.48
N GLN A 139 12.40 -8.65 1.48
CA GLN A 139 13.60 -8.70 0.67
C GLN A 139 13.23 -8.62 -0.81
N ILE A 140 12.15 -9.28 -1.26
CA ILE A 140 11.71 -9.22 -2.66
C ILE A 140 11.39 -7.77 -3.03
N LEU A 141 10.62 -7.02 -2.24
CA LEU A 141 10.27 -5.64 -2.56
C LEU A 141 11.54 -4.78 -2.64
N THR A 142 12.49 -5.01 -1.73
CA THR A 142 13.79 -4.35 -1.71
C THR A 142 14.52 -4.65 -3.03
N ASN A 143 14.61 -5.92 -3.40
CA ASN A 143 15.33 -6.42 -4.56
C ASN A 143 14.67 -5.92 -5.86
N LEU A 144 13.35 -5.77 -5.87
CA LEU A 144 12.58 -5.22 -6.99
C LEU A 144 12.78 -3.72 -7.09
N SER A 145 12.91 -2.98 -5.98
CA SER A 145 13.20 -1.54 -6.03
C SER A 145 14.58 -1.32 -6.66
N LYS A 146 15.52 -2.24 -6.42
CA LYS A 146 16.85 -2.18 -7.02
C LYS A 146 16.78 -2.59 -8.49
N ARG A 147 16.06 -3.65 -8.88
CA ARG A 147 15.87 -4.02 -10.27
C ARG A 147 14.90 -3.00 -10.91
N LYS A 148 14.64 -3.12 -12.21
CA LYS A 148 13.65 -2.27 -12.89
C LYS A 148 12.64 -3.19 -13.54
N CYS A 149 11.39 -2.76 -13.61
CA CYS A 149 10.30 -3.58 -14.12
C CYS A 149 10.46 -3.78 -15.64
N PRO A 150 10.50 -5.02 -16.14
CA PRO A 150 10.58 -5.29 -17.56
C PRO A 150 9.20 -5.06 -18.18
N SER A 151 8.99 -3.88 -18.75
CA SER A 151 7.75 -3.50 -19.40
C SER A 151 8.14 -2.65 -20.60
N GLN A 152 8.62 -3.33 -21.64
CA GLN A 152 8.99 -2.76 -22.92
C GLN A 152 7.99 -3.35 -23.92
N PRO A 153 7.18 -2.55 -24.62
CA PRO A 153 6.15 -3.07 -25.53
C PRO A 153 6.80 -3.58 -26.83
N VAL A 154 7.40 -4.77 -26.78
CA VAL A 154 8.14 -5.37 -27.88
C VAL A 154 7.77 -6.84 -28.03
N SER A 24 -4.38 5.26 -12.27
CA SER A 24 -5.75 5.78 -12.39
C SER A 24 -6.08 6.62 -11.16
N PRO A 25 -7.09 7.50 -11.21
CA PRO A 25 -7.52 8.32 -10.08
C PRO A 25 -8.03 7.43 -8.94
N ASP A 26 -8.03 7.97 -7.71
CA ASP A 26 -8.40 7.27 -6.48
C ASP A 26 -9.87 7.08 -6.17
N ALA A 27 -10.67 6.90 -7.22
CA ALA A 27 -12.14 6.79 -7.21
C ALA A 27 -12.65 6.08 -5.94
N PRO A 28 -13.21 6.82 -4.96
CA PRO A 28 -13.65 6.30 -3.68
C PRO A 28 -14.91 5.45 -3.85
N THR A 29 -14.68 4.23 -4.32
CA THR A 29 -15.68 3.24 -4.66
C THR A 29 -15.11 1.88 -4.23
N CYS A 30 -15.98 0.95 -3.82
CA CYS A 30 -15.58 -0.38 -3.38
C CYS A 30 -16.39 -1.45 -4.13
N PRO A 31 -15.77 -2.50 -4.69
CA PRO A 31 -16.51 -3.59 -5.34
C PRO A 31 -17.23 -4.42 -4.28
N LYS A 32 -18.26 -5.15 -4.71
CA LYS A 32 -18.95 -6.02 -3.73
C LYS A 32 -18.10 -7.27 -3.51
N GLN A 33 -17.63 -7.90 -4.58
CA GLN A 33 -16.73 -9.05 -4.57
C GLN A 33 -15.36 -8.63 -4.00
N CYS A 34 -14.50 -9.58 -3.65
CA CYS A 34 -13.15 -9.31 -3.17
C CYS A 34 -12.21 -10.46 -3.55
N ARG A 35 -11.30 -10.26 -4.50
CA ARG A 35 -10.31 -11.22 -4.99
C ARG A 35 -8.94 -10.54 -5.10
N ARG A 36 -7.88 -11.33 -5.25
CA ARG A 36 -6.48 -10.93 -5.40
C ARG A 36 -5.97 -11.74 -6.60
N THR A 37 -5.17 -11.13 -7.45
CA THR A 37 -4.66 -11.70 -8.71
C THR A 37 -3.26 -11.18 -9.06
N GLY A 38 -2.68 -11.69 -10.14
CA GLY A 38 -1.37 -11.28 -10.65
C GLY A 38 -0.25 -11.92 -9.83
N THR A 39 0.94 -11.31 -9.84
CA THR A 39 2.11 -11.73 -9.06
C THR A 39 2.51 -10.57 -8.17
N LEU A 40 3.30 -10.84 -7.12
CA LEU A 40 3.81 -9.78 -6.24
C LEU A 40 4.70 -8.86 -7.05
N GLN A 41 5.52 -9.41 -7.95
CA GLN A 41 6.43 -8.64 -8.77
C GLN A 41 5.68 -7.69 -9.69
N SER A 42 4.68 -8.18 -10.44
CA SER A 42 3.95 -7.34 -11.37
C SER A 42 3.17 -6.26 -10.60
N ASN A 43 2.53 -6.64 -9.50
CA ASN A 43 1.80 -5.70 -8.65
C ASN A 43 2.72 -4.64 -8.04
N PHE A 44 3.91 -4.97 -7.53
CA PHE A 44 4.86 -3.96 -7.01
C PHE A 44 5.12 -2.88 -8.06
N CYS A 45 5.38 -3.32 -9.29
CA CYS A 45 5.66 -2.43 -10.41
C CYS A 45 4.44 -1.59 -10.78
N ALA A 46 3.23 -2.16 -10.70
CA ALA A 46 1.97 -1.47 -10.96
C ALA A 46 1.72 -0.37 -9.92
N SER A 47 1.81 -0.70 -8.64
CA SER A 47 1.61 0.24 -7.54
C SER A 47 2.64 1.38 -7.60
N SER A 48 2.29 2.59 -7.18
CA SER A 48 3.21 3.72 -7.10
C SER A 48 3.66 3.93 -5.64
N LEU A 49 3.03 3.22 -4.71
CA LEU A 49 3.28 3.26 -3.29
C LEU A 49 3.50 1.83 -2.84
N VAL A 50 4.66 1.50 -2.30
CA VAL A 50 4.96 0.18 -1.76
C VAL A 50 5.70 0.40 -0.46
N VAL A 51 5.10 0.00 0.66
CA VAL A 51 5.65 0.13 2.00
C VAL A 51 5.21 -1.06 2.86
N THR A 52 5.81 -1.21 4.03
CA THR A 52 5.45 -2.20 5.03
C THR A 52 5.33 -1.42 6.32
N ALA A 53 4.40 -1.74 7.20
CA ALA A 53 4.25 -1.02 8.45
C ALA A 53 3.36 -1.77 9.43
N THR A 54 3.42 -1.39 10.70
CA THR A 54 2.59 -1.92 11.76
C THR A 54 1.36 -1.02 11.81
N VAL A 55 0.16 -1.60 11.80
CA VAL A 55 -1.06 -0.83 11.93
C VAL A 55 -1.17 -0.40 13.39
N LYS A 56 -1.05 0.91 13.63
CA LYS A 56 -1.12 1.51 14.96
C LYS A 56 -2.55 1.76 15.38
N SER A 57 -3.43 2.11 14.45
CA SER A 57 -4.83 2.47 14.70
C SER A 57 -5.62 2.33 13.40
N MET A 58 -6.95 2.43 13.50
CA MET A 58 -7.90 2.43 12.39
C MET A 58 -8.97 3.46 12.75
N VAL A 59 -9.47 4.20 11.76
CA VAL A 59 -10.48 5.26 11.96
C VAL A 59 -11.44 5.26 10.76
N ARG A 60 -12.74 5.58 10.91
CA ARG A 60 -13.61 5.67 9.74
C ARG A 60 -13.18 6.84 8.86
N GLU A 61 -13.44 6.69 7.57
CA GLU A 61 -13.21 7.64 6.49
C GLU A 61 -14.56 7.94 5.82
N PRO A 62 -14.63 8.87 4.84
CA PRO A 62 -15.86 9.13 4.11
C PRO A 62 -16.29 7.90 3.30
N GLY A 63 -17.60 7.75 3.11
CA GLY A 63 -18.19 6.66 2.36
C GLY A 63 -17.94 5.30 3.00
N GLU A 64 -17.83 4.25 2.17
CA GLU A 64 -17.52 2.89 2.59
C GLU A 64 -16.04 2.72 3.00
N GLY A 65 -15.28 3.81 3.07
CA GLY A 65 -13.85 3.76 3.36
C GLY A 65 -13.51 3.52 4.83
N LEU A 66 -12.22 3.28 5.08
CA LEU A 66 -11.63 3.05 6.39
C LEU A 66 -10.19 3.56 6.28
N ALA A 67 -9.69 4.28 7.29
CA ALA A 67 -8.32 4.75 7.36
C ALA A 67 -7.56 3.78 8.23
N VAL A 68 -6.36 3.42 7.80
CA VAL A 68 -5.49 2.55 8.58
C VAL A 68 -4.29 3.43 8.90
N THR A 69 -3.99 3.58 10.19
CA THR A 69 -2.88 4.39 10.67
C THR A 69 -1.69 3.45 10.77
N VAL A 70 -0.53 3.82 10.22
CA VAL A 70 0.63 2.95 10.19
C VAL A 70 1.90 3.71 10.62
N SER A 71 3.02 3.02 10.88
CA SER A 71 4.26 3.65 11.38
C SER A 71 5.53 3.27 10.61
N LEU A 72 5.44 3.12 9.28
CA LEU A 72 6.54 2.86 8.32
C LEU A 72 7.66 1.90 8.77
N ILE A 73 7.45 0.59 8.66
CA ILE A 73 8.48 -0.40 8.99
C ILE A 73 9.48 -0.49 7.80
N GLY A 74 9.04 -0.23 6.58
CA GLY A 74 9.85 -0.18 5.37
C GLY A 74 9.12 0.64 4.32
N ALA A 75 9.88 1.19 3.38
CA ALA A 75 9.43 1.95 2.22
C ALA A 75 10.29 1.46 1.05
N TYR A 76 9.65 1.20 -0.08
CA TYR A 76 10.31 0.64 -1.25
C TYR A 76 10.02 1.40 -2.54
N LYS A 77 8.87 2.06 -2.66
CA LYS A 77 8.49 2.89 -3.78
C LYS A 77 7.52 3.92 -3.22
N THR A 78 7.72 5.21 -3.49
CA THR A 78 6.95 6.34 -2.97
C THR A 78 6.90 7.40 -4.05
N GLY A 79 6.17 7.09 -5.12
CA GLY A 79 6.05 7.92 -6.31
C GLY A 79 4.98 8.99 -6.16
N GLY A 80 4.92 9.59 -4.96
CA GLY A 80 4.07 10.70 -4.62
C GLY A 80 4.29 11.31 -3.23
N LEU A 81 4.97 10.63 -2.29
CA LEU A 81 5.13 11.13 -0.94
C LEU A 81 6.30 12.07 -0.80
N ASP A 82 6.16 12.97 0.15
CA ASP A 82 7.14 13.95 0.59
C ASP A 82 7.69 13.44 1.91
N LEU A 83 8.35 12.27 1.84
CA LEU A 83 9.02 11.66 2.99
C LEU A 83 10.08 12.65 3.48
N PRO A 84 10.39 12.70 4.78
CA PRO A 84 11.33 13.67 5.32
C PRO A 84 12.78 13.34 4.91
N SER A 85 13.73 14.16 5.37
CA SER A 85 15.15 13.93 5.15
C SER A 85 15.51 12.50 5.59
N PRO A 86 15.31 12.07 6.85
CA PRO A 86 15.58 10.68 7.22
C PRO A 86 14.52 9.78 6.54
N PRO A 87 14.89 8.54 6.16
CA PRO A 87 13.97 7.59 5.55
C PRO A 87 13.01 6.98 6.57
N THR A 88 12.55 5.78 6.24
CA THR A 88 11.59 4.92 6.93
C THR A 88 11.69 5.08 8.46
N GLY A 89 10.53 5.24 9.11
CA GLY A 89 10.37 5.48 10.53
C GLY A 89 9.59 6.76 10.78
N ALA A 90 8.35 6.85 10.24
CA ALA A 90 7.39 7.93 10.42
C ALA A 90 5.99 7.33 10.27
N SER A 91 4.95 8.05 10.70
CA SER A 91 3.58 7.56 10.69
C SER A 91 2.72 8.24 9.62
N LEU A 92 1.78 7.47 9.07
CA LEU A 92 0.88 7.83 7.98
C LEU A 92 -0.52 7.29 8.25
N LYS A 93 -1.49 7.67 7.40
CA LYS A 93 -2.87 7.21 7.39
C LYS A 93 -3.16 6.81 5.96
N PHE A 94 -3.43 5.53 5.68
CA PHE A 94 -3.73 5.05 4.34
C PHE A 94 -5.24 5.04 4.17
N TYR A 95 -5.72 5.78 3.17
CA TYR A 95 -7.13 5.83 2.82
C TYR A 95 -7.51 4.54 2.10
N VAL A 96 -8.35 3.68 2.68
CA VAL A 96 -8.84 2.47 2.02
C VAL A 96 -10.28 2.82 1.63
N PRO A 97 -10.70 2.78 0.35
CA PRO A 97 -12.07 3.07 -0.04
C PRO A 97 -13.04 1.91 0.28
N CYS A 98 -12.54 0.81 0.84
CA CYS A 98 -13.29 -0.38 1.24
C CYS A 98 -13.07 -0.62 2.72
N LYS A 99 -14.13 -0.96 3.45
CA LYS A 99 -14.03 -1.31 4.87
C LYS A 99 -13.89 -2.81 5.14
N GLN A 100 -14.24 -3.69 4.19
CA GLN A 100 -14.21 -5.14 4.39
C GLN A 100 -13.00 -5.84 3.79
N CYS A 101 -12.35 -5.25 2.79
CA CYS A 101 -11.12 -5.76 2.17
C CYS A 101 -10.15 -4.59 2.01
N PRO A 102 -8.82 -4.83 1.95
CA PRO A 102 -8.14 -6.12 2.11
C PRO A 102 -8.23 -6.60 3.59
N PRO A 103 -7.86 -7.86 3.90
CA PRO A 103 -7.97 -8.43 5.24
C PRO A 103 -6.95 -7.80 6.21
N MET A 104 -7.21 -6.58 6.68
CA MET A 104 -6.32 -5.81 7.53
C MET A 104 -6.65 -6.02 9.01
N LYS A 105 -5.68 -5.84 9.90
CA LYS A 105 -5.88 -5.93 11.35
C LYS A 105 -5.01 -4.91 12.05
N LYS A 106 -5.54 -4.37 13.13
CA LYS A 106 -4.82 -3.45 14.00
C LYS A 106 -3.77 -4.23 14.81
N GLY A 107 -2.64 -3.62 15.15
CA GLY A 107 -1.61 -4.22 15.98
C GLY A 107 -0.95 -5.43 15.33
N VAL A 108 -0.74 -5.38 14.02
CA VAL A 108 -0.06 -6.40 13.21
C VAL A 108 0.74 -5.64 12.13
N SER A 109 1.84 -6.23 11.65
CA SER A 109 2.63 -5.66 10.58
C SER A 109 2.20 -6.23 9.22
N TYR A 110 1.95 -5.33 8.28
CA TYR A 110 1.44 -5.58 6.92
C TYR A 110 2.36 -4.98 5.86
N LEU A 111 2.05 -5.30 4.61
CA LEU A 111 2.64 -4.87 3.34
C LEU A 111 1.49 -4.14 2.66
N LEU A 112 1.69 -2.89 2.24
CA LEU A 112 0.71 -2.08 1.55
C LEU A 112 1.29 -1.69 0.19
N MET A 113 0.70 -2.17 -0.91
CA MET A 113 1.10 -1.78 -2.26
C MET A 113 -0.13 -1.11 -2.80
N GLY A 114 -0.10 0.19 -3.05
CA GLY A 114 -1.22 1.02 -3.48
C GLY A 114 -0.70 2.16 -4.35
N GLN A 115 -1.20 3.37 -4.15
CA GLN A 115 -0.74 4.59 -4.83
C GLN A 115 -0.75 5.74 -3.83
N VAL A 116 -0.28 6.91 -4.24
CA VAL A 116 -0.29 8.12 -3.41
C VAL A 116 -1.12 9.17 -4.16
N GLU A 117 -1.86 10.01 -3.43
CA GLU A 117 -2.61 11.11 -3.99
C GLU A 117 -1.99 12.36 -3.39
N GLU A 118 -1.36 13.14 -4.26
CA GLU A 118 -0.58 14.33 -3.97
C GLU A 118 -1.53 15.52 -3.72
N ASN A 119 -2.33 15.41 -2.66
CA ASN A 119 -3.30 16.33 -2.08
C ASN A 119 -4.04 15.74 -0.89
N ARG A 120 -4.13 14.39 -0.82
CA ARG A 120 -4.90 13.71 0.20
C ARG A 120 -4.07 12.84 1.13
N GLY A 121 -3.01 12.24 0.63
CA GLY A 121 -2.11 11.38 1.37
C GLY A 121 -1.95 10.03 0.64
N PRO A 122 -1.37 9.02 1.30
CA PRO A 122 -1.27 7.69 0.72
C PRO A 122 -2.66 7.06 0.70
N VAL A 123 -2.97 6.42 -0.42
CA VAL A 123 -4.24 5.81 -0.68
C VAL A 123 -3.99 4.34 -0.93
N LEU A 124 -5.01 3.51 -0.71
CA LEU A 124 -4.87 2.07 -0.81
C LEU A 124 -6.14 1.56 -1.52
N PRO A 125 -6.23 1.78 -2.85
CA PRO A 125 -7.41 1.44 -3.67
C PRO A 125 -7.67 -0.07 -3.69
N PRO A 126 -8.82 -0.57 -4.19
CA PRO A 126 -9.12 -1.99 -4.12
C PRO A 126 -8.18 -2.86 -4.98
N GLU A 127 -7.46 -2.28 -5.96
CA GLU A 127 -6.46 -2.96 -6.79
C GLU A 127 -5.07 -2.96 -6.11
N SER A 128 -5.03 -2.84 -4.79
CA SER A 128 -3.80 -2.86 -4.01
C SER A 128 -3.44 -4.30 -3.62
N PHE A 129 -2.15 -4.64 -3.60
CA PHE A 129 -1.69 -5.95 -3.14
C PHE A 129 -1.38 -5.75 -1.67
N VAL A 130 -2.12 -6.41 -0.78
CA VAL A 130 -1.97 -6.21 0.65
C VAL A 130 -1.98 -7.55 1.36
N VAL A 131 -0.94 -7.82 2.15
CA VAL A 131 -0.72 -9.07 2.88
C VAL A 131 0.09 -8.78 4.15
N LEU A 132 0.23 -9.79 5.00
CA LEU A 132 1.03 -9.74 6.22
C LEU A 132 2.51 -9.54 5.86
N HIS A 133 3.26 -8.76 6.65
CA HIS A 133 4.69 -8.55 6.47
C HIS A 133 5.43 -9.81 6.94
N ARG A 134 6.29 -10.38 6.10
CA ARG A 134 7.14 -11.54 6.42
C ARG A 134 8.53 -11.30 5.81
N PRO A 135 9.60 -11.93 6.33
CA PRO A 135 10.97 -11.69 5.87
C PRO A 135 11.20 -11.97 4.39
N ASN A 136 10.77 -13.13 3.89
CA ASN A 136 11.04 -13.49 2.50
C ASN A 136 10.46 -12.44 1.54
N GLN A 137 9.20 -12.06 1.78
CA GLN A 137 8.47 -11.04 1.06
C GLN A 137 9.21 -9.70 1.13
N ASP A 138 9.65 -9.30 2.32
CA ASP A 138 10.33 -8.04 2.60
C ASP A 138 11.54 -7.87 1.69
N GLN A 139 12.41 -8.90 1.66
CA GLN A 139 13.56 -8.90 0.78
C GLN A 139 13.14 -8.88 -0.69
N ILE A 140 12.05 -9.54 -1.10
CA ILE A 140 11.57 -9.50 -2.48
C ILE A 140 11.17 -8.07 -2.86
N LEU A 141 10.41 -7.33 -2.05
CA LEU A 141 10.06 -5.94 -2.35
C LEU A 141 11.33 -5.09 -2.38
N THR A 142 12.29 -5.35 -1.49
CA THR A 142 13.58 -4.66 -1.48
C THR A 142 14.32 -4.93 -2.81
N ASN A 143 14.33 -6.18 -3.28
CA ASN A 143 14.94 -6.54 -4.56
C ASN A 143 14.29 -5.77 -5.70
N LEU A 144 12.95 -5.71 -5.70
CA LEU A 144 12.15 -5.00 -6.69
C LEU A 144 12.42 -3.49 -6.64
N SER A 145 12.76 -2.95 -5.48
CA SER A 145 13.11 -1.54 -5.31
C SER A 145 14.47 -1.28 -5.97
N LYS A 146 15.47 -2.14 -5.74
CA LYS A 146 16.82 -1.96 -6.28
C LYS A 146 16.91 -2.28 -7.77
N ARG A 147 16.16 -3.28 -8.24
CA ARG A 147 16.08 -3.64 -9.63
C ARG A 147 15.20 -2.64 -10.38
N LYS A 148 15.17 -2.75 -11.71
CA LYS A 148 14.33 -1.95 -12.58
C LYS A 148 13.13 -2.85 -12.90
N CYS A 149 11.91 -2.30 -12.83
CA CYS A 149 10.74 -3.06 -13.20
C CYS A 149 10.74 -3.36 -14.71
N PRO A 150 10.24 -4.54 -15.12
CA PRO A 150 10.12 -4.89 -16.52
C PRO A 150 9.19 -3.86 -17.18
N SER A 151 9.72 -3.18 -18.17
CA SER A 151 9.08 -2.11 -18.90
C SER A 151 9.37 -2.45 -20.36
N GLN A 152 8.71 -3.50 -20.84
CA GLN A 152 8.92 -4.03 -22.17
C GLN A 152 7.61 -4.09 -22.96
N PRO A 153 7.51 -3.27 -24.01
CA PRO A 153 6.39 -3.23 -24.95
C PRO A 153 6.97 -3.71 -26.30
N VAL A 154 6.36 -3.30 -27.40
CA VAL A 154 6.77 -3.54 -28.77
C VAL A 154 6.77 -2.14 -29.37
N SER A 24 -7.05 14.56 -12.28
CA SER A 24 -7.29 13.54 -13.30
C SER A 24 -8.38 12.58 -12.84
N PRO A 25 -9.40 12.31 -13.65
CA PRO A 25 -10.49 11.39 -13.33
C PRO A 25 -10.09 9.95 -13.68
N ASP A 26 -9.04 9.44 -13.05
CA ASP A 26 -8.46 8.13 -13.33
C ASP A 26 -8.08 7.38 -12.06
N ALA A 27 -9.12 6.98 -11.33
CA ALA A 27 -9.05 6.17 -10.12
C ALA A 27 -10.42 5.49 -9.93
N PRO A 28 -10.51 4.15 -9.98
CA PRO A 28 -11.77 3.42 -9.91
C PRO A 28 -12.28 3.30 -8.48
N THR A 29 -13.59 3.06 -8.35
CA THR A 29 -14.28 2.84 -7.09
C THR A 29 -13.95 1.45 -6.53
N CYS A 30 -14.26 1.20 -5.26
CA CYS A 30 -14.06 -0.10 -4.61
C CYS A 30 -15.26 -1.00 -4.92
N PRO A 31 -15.10 -2.09 -5.71
CA PRO A 31 -16.17 -3.03 -5.97
C PRO A 31 -16.48 -3.87 -4.72
N LYS A 32 -17.50 -4.70 -4.84
CA LYS A 32 -17.95 -5.63 -3.79
C LYS A 32 -16.96 -6.76 -3.52
N GLN A 33 -16.01 -7.00 -4.42
CA GLN A 33 -14.97 -8.04 -4.32
C GLN A 33 -14.21 -7.88 -2.99
N CYS A 34 -13.85 -8.99 -2.37
CA CYS A 34 -13.17 -9.02 -1.08
C CYS A 34 -12.03 -10.06 -1.14
N ARG A 35 -11.25 -10.07 -2.22
CA ARG A 35 -10.09 -10.93 -2.39
C ARG A 35 -9.04 -10.18 -3.20
N ARG A 36 -7.78 -10.58 -3.02
CA ARG A 36 -6.60 -9.98 -3.65
C ARG A 36 -6.33 -10.69 -4.97
N THR A 37 -5.83 -9.99 -5.99
CA THR A 37 -5.59 -10.52 -7.33
C THR A 37 -4.21 -10.07 -7.84
N GLY A 38 -3.79 -10.58 -8.99
CA GLY A 38 -2.46 -10.32 -9.57
C GLY A 38 -1.37 -11.08 -8.81
N THR A 39 -0.10 -10.83 -9.14
CA THR A 39 1.03 -11.42 -8.42
C THR A 39 1.68 -10.31 -7.60
N LEU A 40 2.63 -10.67 -6.73
CA LEU A 40 3.40 -9.71 -5.95
C LEU A 40 4.24 -8.86 -6.90
N GLN A 41 4.91 -9.49 -7.86
CA GLN A 41 5.75 -8.82 -8.85
C GLN A 41 4.91 -7.87 -9.71
N SER A 42 3.77 -8.34 -10.25
CA SER A 42 2.87 -7.52 -11.06
C SER A 42 2.45 -6.27 -10.26
N ASN A 43 1.91 -6.49 -9.05
CA ASN A 43 1.42 -5.42 -8.22
C ASN A 43 2.53 -4.46 -7.81
N PHE A 44 3.73 -4.93 -7.47
CA PHE A 44 4.85 -4.03 -7.16
C PHE A 44 5.13 -3.08 -8.33
N CYS A 45 5.14 -3.58 -9.58
CA CYS A 45 5.34 -2.73 -10.74
C CYS A 45 4.19 -1.73 -10.90
N ALA A 46 2.95 -2.20 -10.74
CA ALA A 46 1.75 -1.39 -10.94
C ALA A 46 1.69 -0.24 -9.94
N SER A 47 1.68 -0.55 -8.65
CA SER A 47 1.55 0.40 -7.54
C SER A 47 2.60 1.51 -7.57
N SER A 48 2.21 2.76 -7.24
CA SER A 48 3.13 3.90 -7.14
C SER A 48 3.61 4.04 -5.68
N LEU A 49 3.01 3.28 -4.76
CA LEU A 49 3.32 3.26 -3.35
C LEU A 49 3.63 1.83 -2.95
N VAL A 50 4.80 1.56 -2.40
CA VAL A 50 5.15 0.23 -1.90
C VAL A 50 5.90 0.47 -0.60
N VAL A 51 5.31 0.05 0.52
CA VAL A 51 5.84 0.21 1.88
C VAL A 51 5.36 -0.95 2.74
N THR A 52 5.89 -1.06 3.96
CA THR A 52 5.48 -2.03 4.96
C THR A 52 5.33 -1.25 6.27
N ALA A 53 4.34 -1.57 7.10
CA ALA A 53 4.11 -0.83 8.33
C ALA A 53 3.20 -1.58 9.30
N THR A 54 3.24 -1.19 10.57
CA THR A 54 2.38 -1.72 11.62
C THR A 54 1.20 -0.76 11.76
N VAL A 55 -0.01 -1.30 11.72
CA VAL A 55 -1.23 -0.55 11.92
C VAL A 55 -1.26 -0.14 13.39
N LYS A 56 -1.18 1.15 13.66
CA LYS A 56 -1.28 1.71 15.01
C LYS A 56 -2.74 1.94 15.38
N SER A 57 -3.53 2.44 14.43
CA SER A 57 -4.92 2.81 14.64
C SER A 57 -5.73 2.55 13.37
N MET A 58 -7.05 2.56 13.49
CA MET A 58 -8.04 2.42 12.42
C MET A 58 -9.16 3.36 12.79
N VAL A 59 -9.62 4.21 11.87
CA VAL A 59 -10.64 5.21 12.17
C VAL A 59 -11.61 5.27 10.98
N ARG A 60 -12.84 5.75 11.19
CA ARG A 60 -13.83 5.93 10.12
C ARG A 60 -13.36 7.03 9.18
N GLU A 61 -13.76 6.91 7.91
CA GLU A 61 -13.52 7.85 6.82
C GLU A 61 -14.77 7.99 5.96
N PRO A 62 -14.82 8.94 5.00
CA PRO A 62 -15.94 9.08 4.08
C PRO A 62 -16.11 7.84 3.19
N GLY A 63 -17.29 7.75 2.57
CA GLY A 63 -17.70 6.62 1.75
C GLY A 63 -17.86 5.40 2.63
N GLU A 64 -17.66 4.22 2.07
CA GLU A 64 -17.67 2.97 2.83
C GLU A 64 -16.26 2.75 3.43
N GLY A 65 -15.41 3.77 3.33
CA GLY A 65 -14.03 3.77 3.72
C GLY A 65 -13.73 3.74 5.21
N LEU A 66 -12.44 3.56 5.48
CA LEU A 66 -11.81 3.39 6.77
C LEU A 66 -10.37 3.89 6.59
N ALA A 67 -9.81 4.62 7.54
CA ALA A 67 -8.42 5.09 7.49
C ALA A 67 -7.61 4.14 8.34
N VAL A 68 -6.58 3.55 7.78
CA VAL A 68 -5.70 2.69 8.54
C VAL A 68 -4.50 3.60 8.82
N THR A 69 -4.16 3.80 10.09
CA THR A 69 -3.03 4.62 10.48
C THR A 69 -1.88 3.67 10.75
N VAL A 70 -0.75 3.87 10.09
CA VAL A 70 0.42 2.99 10.18
C VAL A 70 1.63 3.79 10.64
N SER A 71 2.80 3.17 10.90
CA SER A 71 4.00 3.86 11.40
C SER A 71 5.32 3.42 10.71
N LEU A 72 5.28 3.32 9.38
CA LEU A 72 6.42 2.99 8.50
C LEU A 72 7.48 1.97 8.95
N ILE A 73 7.25 0.67 8.84
CA ILE A 73 8.27 -0.34 9.17
C ILE A 73 9.34 -0.40 8.05
N GLY A 74 8.98 -0.05 6.82
CA GLY A 74 9.92 0.03 5.71
C GLY A 74 9.25 0.73 4.54
N ALA A 75 10.04 1.18 3.58
CA ALA A 75 9.59 1.83 2.36
C ALA A 75 10.47 1.33 1.22
N TYR A 76 9.88 1.26 0.04
CA TYR A 76 10.56 0.84 -1.17
C TYR A 76 10.28 1.88 -2.25
N LYS A 77 9.00 2.24 -2.47
CA LYS A 77 8.57 3.17 -3.49
C LYS A 77 7.62 4.17 -2.85
N THR A 78 7.93 5.46 -2.96
CA THR A 78 7.16 6.58 -2.43
C THR A 78 7.15 7.66 -3.51
N GLY A 79 6.59 7.35 -4.68
CA GLY A 79 6.60 8.27 -5.82
C GLY A 79 5.49 9.31 -5.77
N GLY A 80 5.05 9.66 -4.56
CA GLY A 80 4.05 10.66 -4.28
C GLY A 80 4.03 11.14 -2.82
N LEU A 81 5.00 10.74 -1.97
CA LEU A 81 5.11 11.21 -0.59
C LEU A 81 6.37 12.02 -0.41
N ASP A 82 6.18 13.04 0.40
CA ASP A 82 7.17 13.98 0.87
C ASP A 82 7.73 13.36 2.16
N LEU A 83 8.54 12.31 2.01
CA LEU A 83 9.15 11.66 3.16
C LEU A 83 10.01 12.71 3.88
N PRO A 84 9.80 12.95 5.18
CA PRO A 84 10.49 14.00 5.92
C PRO A 84 11.88 13.55 6.41
N SER A 85 12.53 14.42 7.19
CA SER A 85 13.81 14.16 7.82
C SER A 85 13.74 12.81 8.55
N PRO A 86 12.79 12.56 9.47
CA PRO A 86 12.67 11.24 10.08
C PRO A 86 12.18 10.24 8.99
N PRO A 87 12.99 9.23 8.61
CA PRO A 87 12.64 8.21 7.64
C PRO A 87 11.68 7.21 8.29
N THR A 88 11.73 5.98 7.79
CA THR A 88 10.99 4.83 8.24
C THR A 88 10.83 4.88 9.77
N GLY A 89 9.57 4.81 10.21
CA GLY A 89 9.08 4.93 11.58
C GLY A 89 7.95 5.96 11.69
N ALA A 90 7.78 6.85 10.70
CA ALA A 90 6.80 7.93 10.74
C ALA A 90 5.39 7.41 10.44
N SER A 91 4.36 8.12 10.93
CA SER A 91 2.99 7.66 10.78
C SER A 91 2.20 8.34 9.66
N LEU A 92 1.46 7.52 8.89
CA LEU A 92 0.68 7.89 7.71
C LEU A 92 -0.73 7.33 7.81
N LYS A 93 -1.73 7.96 7.19
CA LYS A 93 -3.11 7.47 7.14
C LYS A 93 -3.35 6.98 5.73
N PHE A 94 -3.56 5.68 5.56
CA PHE A 94 -3.88 5.09 4.28
C PHE A 94 -5.39 5.10 4.16
N TYR A 95 -5.90 5.79 3.15
CA TYR A 95 -7.32 5.86 2.86
C TYR A 95 -7.75 4.55 2.24
N VAL A 96 -8.58 3.75 2.91
CA VAL A 96 -9.09 2.52 2.35
C VAL A 96 -10.55 2.83 2.00
N PRO A 97 -10.98 2.85 0.71
CA PRO A 97 -12.38 3.12 0.32
C PRO A 97 -13.37 2.00 0.71
N CYS A 98 -12.92 0.97 1.43
CA CYS A 98 -13.70 -0.13 1.96
C CYS A 98 -13.12 -0.55 3.31
N LYS A 99 -13.86 -1.37 4.07
CA LYS A 99 -13.46 -1.90 5.38
C LYS A 99 -13.49 -3.42 5.45
N GLN A 100 -14.25 -4.07 4.57
CA GLN A 100 -14.39 -5.53 4.51
C GLN A 100 -13.06 -6.16 4.09
N CYS A 101 -12.42 -5.57 3.08
CA CYS A 101 -11.13 -5.98 2.54
C CYS A 101 -10.34 -4.74 2.11
N PRO A 102 -9.01 -4.84 1.90
CA PRO A 102 -8.18 -6.02 2.12
C PRO A 102 -8.19 -6.43 3.60
N PRO A 103 -7.89 -7.70 3.94
CA PRO A 103 -7.96 -8.21 5.30
C PRO A 103 -6.84 -7.63 6.18
N MET A 104 -7.05 -6.41 6.64
CA MET A 104 -6.19 -5.63 7.52
C MET A 104 -6.64 -5.87 8.96
N LYS A 105 -5.73 -5.74 9.94
CA LYS A 105 -6.05 -5.84 11.36
C LYS A 105 -5.30 -4.74 12.08
N LYS A 106 -5.93 -4.17 13.10
CA LYS A 106 -5.30 -3.16 13.95
C LYS A 106 -4.22 -3.83 14.78
N GLY A 107 -3.09 -3.17 15.01
CA GLY A 107 -2.02 -3.68 15.87
C GLY A 107 -1.23 -4.83 15.27
N VAL A 108 -1.06 -4.88 13.95
CA VAL A 108 -0.39 -5.95 13.21
C VAL A 108 0.45 -5.31 12.09
N SER A 109 1.50 -5.98 11.62
CA SER A 109 2.36 -5.47 10.55
C SER A 109 1.96 -6.05 9.19
N TYR A 110 1.84 -5.16 8.21
CA TYR A 110 1.39 -5.42 6.85
C TYR A 110 2.36 -4.84 5.82
N LEU A 111 2.13 -5.22 4.58
CA LEU A 111 2.77 -4.82 3.33
C LEU A 111 1.66 -4.10 2.59
N LEU A 112 1.91 -2.86 2.14
CA LEU A 112 0.94 -2.05 1.45
C LEU A 112 1.54 -1.69 0.09
N MET A 113 0.93 -2.18 -0.99
CA MET A 113 1.31 -1.86 -2.36
C MET A 113 0.04 -1.18 -2.85
N GLY A 114 0.08 0.13 -3.12
CA GLY A 114 -1.08 0.92 -3.50
C GLY A 114 -0.66 2.14 -4.30
N GLN A 115 -1.28 3.27 -4.03
CA GLN A 115 -1.06 4.52 -4.76
C GLN A 115 -0.92 5.64 -3.73
N VAL A 116 -0.57 6.82 -4.18
CA VAL A 116 -0.50 7.99 -3.33
C VAL A 116 -1.21 9.11 -4.08
N GLU A 117 -1.86 10.03 -3.35
CA GLU A 117 -2.48 11.19 -3.93
C GLU A 117 -1.64 12.30 -3.28
N GLU A 118 -0.86 13.03 -4.08
CA GLU A 118 0.02 14.04 -3.54
C GLU A 118 -0.80 15.32 -3.48
N ASN A 119 -1.61 15.35 -2.43
CA ASN A 119 -2.62 16.31 -2.03
C ASN A 119 -3.34 15.83 -0.77
N ARG A 120 -3.37 14.50 -0.54
CA ARG A 120 -4.06 13.81 0.56
C ARG A 120 -3.19 12.89 1.40
N GLY A 121 -2.20 12.29 0.76
CA GLY A 121 -1.31 11.30 1.34
C GLY A 121 -1.59 9.94 0.67
N PRO A 122 -1.24 8.82 1.30
CA PRO A 122 -1.40 7.51 0.68
C PRO A 122 -2.87 7.09 0.62
N VAL A 123 -3.25 6.49 -0.50
CA VAL A 123 -4.58 5.97 -0.76
C VAL A 123 -4.37 4.44 -0.92
N LEU A 124 -5.38 3.62 -0.64
CA LEU A 124 -5.21 2.17 -0.66
C LEU A 124 -6.50 1.46 -1.14
N PRO A 125 -6.80 1.50 -2.45
CA PRO A 125 -7.98 0.87 -3.05
C PRO A 125 -7.89 -0.67 -3.00
N PRO A 126 -8.95 -1.43 -3.33
CA PRO A 126 -8.89 -2.89 -3.34
C PRO A 126 -7.97 -3.45 -4.43
N GLU A 127 -7.50 -2.62 -5.36
CA GLU A 127 -6.57 -3.03 -6.41
C GLU A 127 -5.15 -2.88 -5.87
N SER A 128 -4.96 -2.93 -4.55
CA SER A 128 -3.71 -2.87 -3.82
C SER A 128 -3.35 -4.26 -3.31
N PHE A 129 -2.08 -4.66 -3.41
CA PHE A 129 -1.63 -5.95 -2.86
C PHE A 129 -1.34 -5.66 -1.39
N VAL A 130 -2.13 -6.26 -0.50
CA VAL A 130 -2.05 -6.03 0.94
C VAL A 130 -2.09 -7.38 1.65
N VAL A 131 -1.00 -7.69 2.33
CA VAL A 131 -0.74 -8.95 3.02
C VAL A 131 0.08 -8.68 4.27
N LEU A 132 0.23 -9.68 5.13
CA LEU A 132 1.04 -9.58 6.32
C LEU A 132 2.51 -9.38 5.93
N HIS A 133 3.21 -8.49 6.64
CA HIS A 133 4.64 -8.25 6.45
C HIS A 133 5.36 -9.55 6.82
N ARG A 134 6.22 -10.05 5.95
CA ARG A 134 7.00 -11.27 6.12
C ARG A 134 8.38 -11.05 5.50
N PRO A 135 9.46 -11.65 6.03
CA PRO A 135 10.81 -11.42 5.55
C PRO A 135 11.04 -11.86 4.09
N ASN A 136 10.44 -12.98 3.68
CA ASN A 136 10.54 -13.46 2.29
C ASN A 136 10.12 -12.38 1.31
N GLN A 137 8.95 -11.79 1.58
CA GLN A 137 8.41 -10.72 0.79
C GLN A 137 9.30 -9.48 0.91
N ASP A 138 9.74 -9.13 2.13
CA ASP A 138 10.55 -7.94 2.42
C ASP A 138 11.77 -7.85 1.51
N GLN A 139 12.53 -8.95 1.45
CA GLN A 139 13.69 -9.08 0.58
C GLN A 139 13.29 -8.98 -0.90
N ILE A 140 12.24 -9.69 -1.32
CA ILE A 140 11.82 -9.71 -2.72
C ILE A 140 11.44 -8.30 -3.16
N LEU A 141 10.61 -7.56 -2.41
CA LEU A 141 10.19 -6.22 -2.78
C LEU A 141 11.40 -5.29 -2.82
N THR A 142 12.35 -5.45 -1.90
CA THR A 142 13.59 -4.66 -1.91
C THR A 142 14.35 -4.96 -3.20
N ASN A 143 14.50 -6.23 -3.59
CA ASN A 143 15.16 -6.61 -4.85
C ASN A 143 14.42 -5.99 -6.03
N LEU A 144 13.08 -6.04 -6.02
CA LEU A 144 12.24 -5.47 -7.06
C LEU A 144 12.34 -3.94 -7.12
N SER A 145 12.69 -3.28 -6.02
CA SER A 145 12.89 -1.85 -5.95
C SER A 145 14.20 -1.49 -6.68
N LYS A 146 15.24 -2.32 -6.52
CA LYS A 146 16.51 -2.13 -7.22
C LYS A 146 16.33 -2.44 -8.70
N ARG A 147 15.86 -3.65 -9.00
CA ARG A 147 15.65 -4.15 -10.35
C ARG A 147 14.62 -3.27 -11.05
N LYS A 148 14.58 -3.38 -12.37
CA LYS A 148 13.62 -2.70 -13.22
C LYS A 148 12.52 -3.68 -13.60
N CYS A 149 11.31 -3.17 -13.87
CA CYS A 149 10.18 -4.01 -14.26
C CYS A 149 10.40 -4.62 -15.66
N PRO A 150 9.74 -5.73 -15.99
CA PRO A 150 9.81 -6.34 -17.31
C PRO A 150 8.88 -5.60 -18.26
N SER A 151 9.43 -4.75 -19.14
CA SER A 151 8.68 -4.03 -20.16
C SER A 151 9.53 -4.01 -21.43
N GLN A 152 9.76 -5.20 -21.99
CA GLN A 152 10.59 -5.45 -23.16
C GLN A 152 9.87 -6.54 -23.95
N PRO A 153 9.86 -6.50 -25.29
CA PRO A 153 9.25 -7.56 -26.09
C PRO A 153 10.15 -8.79 -26.08
N VAL A 154 9.67 -9.86 -26.71
CA VAL A 154 10.40 -11.10 -26.90
C VAL A 154 10.68 -11.18 -28.39
N SER A 24 -1.53 9.96 -9.46
CA SER A 24 -2.15 9.25 -10.59
C SER A 24 -3.58 8.85 -10.23
N PRO A 25 -4.60 9.48 -10.85
CA PRO A 25 -6.00 9.18 -10.64
C PRO A 25 -6.44 8.07 -11.60
N ASP A 26 -5.71 6.96 -11.57
CA ASP A 26 -5.90 5.81 -12.42
C ASP A 26 -6.33 4.64 -11.53
N ALA A 27 -7.55 4.77 -11.02
CA ALA A 27 -8.15 3.84 -10.09
C ALA A 27 -9.65 3.72 -10.41
N PRO A 28 -10.20 2.50 -10.46
CA PRO A 28 -11.61 2.26 -10.70
C PRO A 28 -12.43 2.53 -9.43
N THR A 29 -13.74 2.36 -9.52
CA THR A 29 -14.65 2.48 -8.39
C THR A 29 -14.51 1.21 -7.54
N CYS A 30 -14.96 1.22 -6.28
CA CYS A 30 -14.83 0.08 -5.39
C CYS A 30 -16.00 -0.88 -5.70
N PRO A 31 -15.72 -2.13 -6.11
CA PRO A 31 -16.74 -3.13 -6.41
C PRO A 31 -17.20 -3.86 -5.15
N LYS A 32 -18.28 -4.64 -5.28
CA LYS A 32 -18.80 -5.50 -4.21
C LYS A 32 -17.84 -6.68 -3.91
N GLN A 33 -16.89 -6.95 -4.79
CA GLN A 33 -15.89 -8.02 -4.68
C GLN A 33 -15.03 -7.82 -3.43
N CYS A 34 -14.47 -8.91 -2.90
CA CYS A 34 -13.58 -8.89 -1.75
C CYS A 34 -12.55 -10.03 -1.89
N ARG A 35 -11.56 -9.89 -2.79
CA ARG A 35 -10.48 -10.88 -2.94
C ARG A 35 -9.28 -10.19 -3.59
N ARG A 36 -8.06 -10.67 -3.35
CA ARG A 36 -6.83 -10.11 -3.89
C ARG A 36 -6.50 -10.82 -5.20
N THR A 37 -5.93 -10.11 -6.17
CA THR A 37 -5.61 -10.66 -7.48
C THR A 37 -4.23 -10.18 -7.94
N GLY A 38 -3.69 -10.87 -8.95
CA GLY A 38 -2.41 -10.56 -9.58
C GLY A 38 -1.23 -11.05 -8.77
N THR A 39 -0.05 -10.95 -9.37
CA THR A 39 1.20 -11.42 -8.78
C THR A 39 1.89 -10.27 -8.06
N LEU A 40 2.79 -10.60 -7.14
CA LEU A 40 3.49 -9.62 -6.33
C LEU A 40 4.38 -8.75 -7.21
N GLN A 41 5.12 -9.32 -8.16
CA GLN A 41 5.94 -8.54 -9.05
C GLN A 41 5.12 -7.56 -9.88
N SER A 42 3.97 -8.00 -10.42
CA SER A 42 3.16 -7.12 -11.25
C SER A 42 2.64 -5.96 -10.40
N ASN A 43 2.00 -6.29 -9.27
CA ASN A 43 1.38 -5.30 -8.41
C ASN A 43 2.41 -4.34 -7.81
N PHE A 44 3.64 -4.77 -7.47
CA PHE A 44 4.69 -3.87 -6.97
C PHE A 44 5.10 -2.85 -8.03
N CYS A 45 5.06 -3.24 -9.30
CA CYS A 45 5.34 -2.37 -10.42
C CYS A 45 4.19 -1.42 -10.72
N ALA A 46 2.95 -1.91 -10.65
CA ALA A 46 1.77 -1.11 -10.91
C ALA A 46 1.64 0.04 -9.90
N SER A 47 1.72 -0.29 -8.61
CA SER A 47 1.55 0.64 -7.49
C SER A 47 2.59 1.78 -7.52
N SER A 48 2.24 2.94 -6.95
CA SER A 48 3.16 4.06 -6.83
C SER A 48 3.54 4.31 -5.36
N LEU A 49 2.93 3.57 -4.44
CA LEU A 49 3.22 3.59 -3.01
C LEU A 49 3.48 2.17 -2.60
N VAL A 50 4.67 1.85 -2.10
CA VAL A 50 4.97 0.50 -1.63
C VAL A 50 5.74 0.67 -0.33
N VAL A 51 5.15 0.24 0.79
CA VAL A 51 5.68 0.39 2.13
C VAL A 51 5.26 -0.82 3.00
N THR A 52 5.80 -0.93 4.21
CA THR A 52 5.45 -1.95 5.17
C THR A 52 5.21 -1.23 6.50
N ALA A 53 4.21 -1.64 7.28
CA ALA A 53 3.93 -0.97 8.54
C ALA A 53 3.07 -1.82 9.46
N THR A 54 2.97 -1.43 10.73
CA THR A 54 2.12 -2.05 11.72
C THR A 54 0.94 -1.10 11.84
N VAL A 55 -0.27 -1.65 11.68
CA VAL A 55 -1.47 -0.88 11.85
C VAL A 55 -1.58 -0.58 13.33
N LYS A 56 -1.46 0.69 13.71
CA LYS A 56 -1.61 1.13 15.08
C LYS A 56 -3.09 1.31 15.38
N SER A 57 -3.82 1.93 14.47
CA SER A 57 -5.24 2.23 14.61
C SER A 57 -5.94 2.15 13.25
N MET A 58 -7.26 2.20 13.27
CA MET A 58 -8.15 2.25 12.11
C MET A 58 -9.26 3.24 12.48
N VAL A 59 -9.47 4.26 11.65
CA VAL A 59 -10.42 5.37 11.86
C VAL A 59 -11.42 5.35 10.71
N ARG A 60 -12.67 5.76 10.92
CA ARG A 60 -13.67 5.81 9.84
C ARG A 60 -13.37 7.01 8.94
N GLU A 61 -13.77 6.93 7.68
CA GLU A 61 -13.51 7.92 6.64
C GLU A 61 -14.77 8.13 5.79
N PRO A 62 -14.78 9.06 4.81
CA PRO A 62 -15.91 9.28 3.92
C PRO A 62 -16.50 8.00 3.31
N GLY A 63 -17.83 7.97 3.24
CA GLY A 63 -18.61 6.91 2.65
C GLY A 63 -18.42 5.60 3.39
N GLU A 64 -18.14 4.53 2.65
CA GLU A 64 -17.84 3.21 3.20
C GLU A 64 -16.33 3.10 3.54
N GLY A 65 -15.61 4.22 3.44
CA GLY A 65 -14.18 4.27 3.63
C GLY A 65 -13.77 4.05 5.08
N LEU A 66 -12.48 3.77 5.23
CA LEU A 66 -11.81 3.44 6.47
C LEU A 66 -10.35 3.84 6.28
N ALA A 67 -9.74 4.56 7.22
CA ALA A 67 -8.33 4.93 7.17
C ALA A 67 -7.58 4.01 8.12
N VAL A 68 -6.42 3.54 7.69
CA VAL A 68 -5.59 2.67 8.50
C VAL A 68 -4.44 3.57 8.96
N THR A 69 -4.23 3.69 10.27
CA THR A 69 -3.16 4.50 10.83
C THR A 69 -1.98 3.54 11.00
N VAL A 70 -0.85 3.90 10.40
CA VAL A 70 0.36 3.11 10.36
C VAL A 70 1.56 3.89 10.92
N SER A 71 2.71 3.23 11.10
CA SER A 71 3.90 3.87 11.68
C SER A 71 5.20 3.47 10.94
N LEU A 72 5.13 3.31 9.60
CA LEU A 72 6.27 3.02 8.70
C LEU A 72 7.35 2.06 9.22
N ILE A 73 7.11 0.75 9.14
CA ILE A 73 8.09 -0.29 9.51
C ILE A 73 9.12 -0.43 8.37
N GLY A 74 8.78 0.00 7.15
CA GLY A 74 9.67 0.03 5.99
C GLY A 74 9.04 0.85 4.86
N ALA A 75 9.83 1.13 3.82
CA ALA A 75 9.40 1.81 2.61
C ALA A 75 10.17 1.22 1.42
N TYR A 76 9.61 1.30 0.22
CA TYR A 76 10.27 0.87 -1.03
C TYR A 76 10.03 1.91 -2.13
N LYS A 77 8.82 2.47 -2.25
CA LYS A 77 8.50 3.53 -3.21
C LYS A 77 7.50 4.49 -2.56
N THR A 78 7.68 5.80 -2.76
CA THR A 78 6.85 6.92 -2.34
C THR A 78 6.79 7.87 -3.52
N GLY A 79 6.15 7.42 -4.59
CA GLY A 79 5.97 8.12 -5.86
C GLY A 79 4.78 9.06 -5.76
N GLY A 80 4.83 9.88 -4.71
CA GLY A 80 3.90 10.93 -4.39
C GLY A 80 4.37 11.70 -3.16
N LEU A 81 4.36 11.02 -2.00
CA LEU A 81 4.70 11.62 -0.72
C LEU A 81 6.11 12.15 -0.69
N ASP A 82 6.22 13.41 -0.29
CA ASP A 82 7.47 14.09 -0.09
C ASP A 82 7.88 13.67 1.31
N LEU A 83 8.54 12.50 1.40
CA LEU A 83 8.99 11.98 2.69
C LEU A 83 9.98 12.97 3.30
N PRO A 84 10.03 13.09 4.64
CA PRO A 84 10.95 14.05 5.25
C PRO A 84 12.40 13.55 5.07
N SER A 85 13.36 14.42 5.40
CA SER A 85 14.78 14.13 5.36
C SER A 85 15.12 12.77 6.02
N PRO A 86 14.73 12.50 7.28
CA PRO A 86 14.95 11.18 7.86
C PRO A 86 14.03 10.16 7.17
N PRO A 87 14.51 8.94 6.84
CA PRO A 87 13.74 7.89 6.18
C PRO A 87 12.70 7.27 7.12
N THR A 88 12.32 6.01 6.84
CA THR A 88 11.41 5.15 7.57
C THR A 88 11.48 5.38 9.10
N GLY A 89 10.30 5.42 9.73
CA GLY A 89 10.12 5.71 11.14
C GLY A 89 9.36 7.03 11.25
N ALA A 90 8.11 7.05 10.77
CA ALA A 90 7.15 8.16 10.77
C ALA A 90 5.76 7.52 10.66
N SER A 91 4.68 8.25 10.98
CA SER A 91 3.31 7.73 10.89
C SER A 91 2.54 8.36 9.74
N LEU A 92 1.49 7.67 9.27
CA LEU A 92 0.58 8.07 8.18
C LEU A 92 -0.79 7.43 8.40
N LYS A 93 -1.79 7.88 7.62
CA LYS A 93 -3.16 7.36 7.57
C LYS A 93 -3.38 6.98 6.13
N PHE A 94 -3.55 5.69 5.82
CA PHE A 94 -3.77 5.21 4.46
C PHE A 94 -5.28 5.16 4.23
N TYR A 95 -5.77 5.91 3.25
CA TYR A 95 -7.18 5.98 2.88
C TYR A 95 -7.61 4.71 2.16
N VAL A 96 -8.60 3.98 2.66
CA VAL A 96 -9.15 2.80 2.01
C VAL A 96 -10.61 3.20 1.68
N PRO A 97 -11.06 3.13 0.41
CA PRO A 97 -12.41 3.57 0.06
C PRO A 97 -13.53 2.63 0.53
N CYS A 98 -13.18 1.44 1.02
CA CYS A 98 -14.10 0.39 1.45
C CYS A 98 -13.52 -0.34 2.66
N LYS A 99 -14.37 -1.02 3.45
CA LYS A 99 -13.94 -1.72 4.67
C LYS A 99 -13.98 -3.25 4.56
N GLN A 100 -14.69 -3.84 3.57
CA GLN A 100 -14.72 -5.29 3.43
C GLN A 100 -13.35 -5.84 3.07
N CYS A 101 -12.69 -5.29 2.05
CA CYS A 101 -11.35 -5.67 1.61
C CYS A 101 -10.48 -4.44 1.34
N PRO A 102 -9.14 -4.57 1.30
CA PRO A 102 -8.38 -5.80 1.58
C PRO A 102 -8.50 -6.23 3.06
N PRO A 103 -8.26 -7.51 3.39
CA PRO A 103 -8.41 -8.03 4.74
C PRO A 103 -7.35 -7.44 5.69
N MET A 104 -7.70 -6.31 6.32
CA MET A 104 -6.87 -5.51 7.20
C MET A 104 -7.23 -5.72 8.67
N LYS A 105 -6.22 -5.80 9.55
CA LYS A 105 -6.42 -5.92 10.99
C LYS A 105 -5.51 -4.96 11.72
N LYS A 106 -6.10 -4.33 12.73
CA LYS A 106 -5.42 -3.44 13.64
C LYS A 106 -4.45 -4.29 14.48
N GLY A 107 -3.29 -3.75 14.82
CA GLY A 107 -2.31 -4.40 15.69
C GLY A 107 -1.51 -5.53 15.04
N VAL A 108 -1.38 -5.49 13.72
CA VAL A 108 -0.73 -6.48 12.88
C VAL A 108 0.17 -5.73 11.90
N SER A 109 1.25 -6.37 11.43
CA SER A 109 2.19 -5.80 10.48
C SER A 109 1.86 -6.30 9.08
N TYR A 110 1.78 -5.36 8.14
CA TYR A 110 1.39 -5.54 6.75
C TYR A 110 2.41 -4.94 5.78
N LEU A 111 2.18 -5.29 4.52
CA LEU A 111 2.82 -4.88 3.30
C LEU A 111 1.69 -4.16 2.57
N LEU A 112 1.91 -2.92 2.19
CA LEU A 112 0.91 -2.07 1.56
C LEU A 112 1.51 -1.65 0.22
N MET A 113 0.90 -2.12 -0.87
CA MET A 113 1.24 -1.74 -2.24
C MET A 113 -0.02 -1.04 -2.69
N GLY A 114 0.03 0.28 -2.94
CA GLY A 114 -1.10 1.13 -3.29
C GLY A 114 -0.62 2.37 -4.08
N GLN A 115 -1.22 3.54 -3.83
CA GLN A 115 -0.92 4.77 -4.56
C GLN A 115 -0.86 5.95 -3.57
N VAL A 116 -0.54 7.13 -4.08
CA VAL A 116 -0.53 8.36 -3.30
C VAL A 116 -1.33 9.39 -4.07
N GLU A 117 -2.24 10.10 -3.40
CA GLU A 117 -2.97 11.17 -4.03
C GLU A 117 -2.47 12.36 -3.23
N GLU A 118 -1.75 13.27 -3.89
CA GLU A 118 -1.15 14.41 -3.20
C GLU A 118 -2.22 15.49 -3.24
N ASN A 119 -3.14 15.33 -2.32
CA ASN A 119 -4.35 16.11 -2.11
C ASN A 119 -5.00 15.64 -0.81
N ARG A 120 -4.90 14.33 -0.52
CA ARG A 120 -5.49 13.66 0.64
C ARG A 120 -4.54 12.71 1.35
N GLY A 121 -3.38 12.39 0.78
CA GLY A 121 -2.36 11.55 1.39
C GLY A 121 -2.26 10.17 0.70
N PRO A 122 -1.65 9.17 1.35
CA PRO A 122 -1.54 7.84 0.78
C PRO A 122 -2.92 7.20 0.70
N VAL A 123 -3.17 6.54 -0.42
CA VAL A 123 -4.42 5.91 -0.72
C VAL A 123 -4.11 4.44 -0.96
N LEU A 124 -5.06 3.59 -0.61
CA LEU A 124 -4.92 2.15 -0.64
C LEU A 124 -6.23 1.58 -1.23
N PRO A 125 -6.44 1.73 -2.55
CA PRO A 125 -7.66 1.32 -3.24
C PRO A 125 -7.79 -0.21 -3.30
N PRO A 126 -8.91 -0.76 -3.81
CA PRO A 126 -9.05 -2.20 -3.97
C PRO A 126 -7.98 -2.82 -4.86
N GLU A 127 -7.24 -2.06 -5.68
CA GLU A 127 -6.17 -2.61 -6.53
C GLU A 127 -4.84 -2.70 -5.78
N SER A 128 -4.89 -2.74 -4.44
CA SER A 128 -3.70 -2.75 -3.60
C SER A 128 -3.35 -4.15 -3.15
N PHE A 129 -2.12 -4.62 -3.40
CA PHE A 129 -1.69 -5.93 -2.90
C PHE A 129 -1.42 -5.69 -1.42
N VAL A 130 -2.22 -6.30 -0.54
CA VAL A 130 -2.13 -6.07 0.90
C VAL A 130 -2.17 -7.40 1.64
N VAL A 131 -1.06 -7.74 2.29
CA VAL A 131 -0.86 -8.97 3.03
C VAL A 131 0.02 -8.69 4.25
N LEU A 132 0.13 -9.66 5.14
CA LEU A 132 0.97 -9.57 6.33
C LEU A 132 2.44 -9.45 5.90
N HIS A 133 3.20 -8.62 6.60
CA HIS A 133 4.63 -8.43 6.34
C HIS A 133 5.37 -9.71 6.75
N ARG A 134 6.36 -10.10 5.95
CA ARG A 134 7.25 -11.23 6.19
C ARG A 134 8.63 -10.81 5.67
N PRO A 135 9.74 -11.29 6.28
CA PRO A 135 11.09 -10.91 5.90
C PRO A 135 11.44 -11.44 4.50
N ASN A 136 10.95 -12.63 4.16
CA ASN A 136 11.13 -13.19 2.83
C ASN A 136 10.53 -12.26 1.77
N GLN A 137 9.33 -11.71 2.01
CA GLN A 137 8.72 -10.75 1.11
C GLN A 137 9.52 -9.46 1.08
N ASP A 138 9.95 -8.95 2.24
CA ASP A 138 10.73 -7.72 2.38
C ASP A 138 11.95 -7.73 1.45
N GLN A 139 12.69 -8.82 1.52
CA GLN A 139 13.86 -9.11 0.71
C GLN A 139 13.49 -9.15 -0.79
N ILE A 140 12.41 -9.84 -1.15
CA ILE A 140 11.93 -9.93 -2.52
C ILE A 140 11.62 -8.52 -3.04
N LEU A 141 10.85 -7.70 -2.32
CA LEU A 141 10.46 -6.37 -2.77
C LEU A 141 11.71 -5.48 -2.89
N THR A 142 12.71 -5.67 -2.04
CA THR A 142 13.98 -4.95 -2.13
C THR A 142 14.67 -5.29 -3.46
N ASN A 143 14.64 -6.57 -3.89
CA ASN A 143 15.20 -6.94 -5.19
C ASN A 143 14.47 -6.20 -6.31
N LEU A 144 13.15 -6.11 -6.21
CA LEU A 144 12.31 -5.42 -7.18
C LEU A 144 12.58 -3.91 -7.17
N SER A 145 12.97 -3.33 -6.04
CA SER A 145 13.35 -1.91 -5.96
C SER A 145 14.61 -1.70 -6.80
N LYS A 146 15.62 -2.56 -6.64
CA LYS A 146 16.88 -2.43 -7.36
C LYS A 146 16.66 -2.67 -8.85
N ARG A 147 16.00 -3.77 -9.21
CA ARG A 147 15.80 -4.17 -10.60
C ARG A 147 14.73 -3.35 -11.30
N LYS A 148 14.74 -3.40 -12.63
CA LYS A 148 13.72 -2.73 -13.44
C LYS A 148 12.45 -3.57 -13.36
N CYS A 149 11.28 -2.97 -13.56
CA CYS A 149 10.04 -3.74 -13.60
C CYS A 149 10.00 -4.67 -14.81
N PRO A 150 9.39 -5.87 -14.69
CA PRO A 150 9.40 -6.84 -15.76
C PRO A 150 8.38 -6.45 -16.85
N SER A 151 8.89 -5.72 -17.85
CA SER A 151 8.18 -5.28 -19.04
C SER A 151 9.21 -4.91 -20.10
N GLN A 152 9.68 -5.92 -20.82
CA GLN A 152 10.59 -5.82 -21.95
C GLN A 152 9.77 -6.30 -23.17
N PRO A 153 10.11 -5.97 -24.42
CA PRO A 153 9.39 -6.47 -25.60
C PRO A 153 9.75 -7.94 -25.90
N VAL A 154 9.81 -8.79 -24.88
CA VAL A 154 10.06 -10.23 -24.89
C VAL A 154 9.65 -10.67 -23.50
N SER A 24 -6.80 12.43 -7.70
CA SER A 24 -7.55 11.19 -7.40
C SER A 24 -7.90 10.45 -8.68
N PRO A 25 -7.59 9.15 -8.75
CA PRO A 25 -8.25 8.28 -9.70
C PRO A 25 -9.73 8.21 -9.31
N ASP A 26 -10.58 8.52 -10.28
CA ASP A 26 -12.04 8.56 -10.35
C ASP A 26 -12.69 7.18 -10.26
N ALA A 27 -12.15 6.36 -9.38
CA ALA A 27 -12.56 5.00 -9.07
C ALA A 27 -13.98 4.98 -8.47
N PRO A 28 -14.78 3.92 -8.71
CA PRO A 28 -16.16 3.80 -8.26
C PRO A 28 -16.27 3.39 -6.79
N THR A 29 -17.52 3.22 -6.33
CA THR A 29 -17.89 2.75 -4.99
C THR A 29 -17.27 1.33 -4.78
N CYS A 30 -17.42 0.72 -3.61
CA CYS A 30 -16.73 -0.56 -3.37
C CYS A 30 -17.53 -1.74 -3.92
N PRO A 31 -16.90 -2.60 -4.73
CA PRO A 31 -17.51 -3.79 -5.29
C PRO A 31 -17.60 -4.90 -4.25
N LYS A 32 -18.27 -6.00 -4.61
CA LYS A 32 -18.39 -7.20 -3.77
C LYS A 32 -17.10 -8.04 -3.86
N GLN A 33 -16.21 -7.73 -4.80
CA GLN A 33 -14.90 -8.35 -4.97
C GLN A 33 -14.16 -8.14 -3.66
N CYS A 34 -13.73 -9.24 -3.05
CA CYS A 34 -13.09 -9.22 -1.74
C CYS A 34 -12.03 -10.32 -1.68
N ARG A 35 -11.12 -10.34 -2.66
CA ARG A 35 -9.97 -11.24 -2.77
C ARG A 35 -8.86 -10.42 -3.42
N ARG A 36 -7.62 -10.88 -3.27
CA ARG A 36 -6.40 -10.29 -3.75
C ARG A 36 -5.95 -11.16 -4.94
N THR A 37 -5.31 -10.57 -5.94
CA THR A 37 -4.90 -11.22 -7.17
C THR A 37 -3.51 -10.70 -7.59
N GLY A 38 -2.99 -11.28 -8.66
CA GLY A 38 -1.74 -10.89 -9.30
C GLY A 38 -0.51 -11.43 -8.59
N THR A 39 0.62 -11.26 -9.28
CA THR A 39 1.95 -11.61 -8.79
C THR A 39 2.47 -10.44 -7.96
N LEU A 40 3.41 -10.74 -7.05
CA LEU A 40 4.04 -9.72 -6.22
C LEU A 40 4.82 -8.78 -7.10
N GLN A 41 5.62 -9.30 -8.03
CA GLN A 41 6.45 -8.47 -8.89
C GLN A 41 5.58 -7.56 -9.74
N SER A 42 4.57 -8.10 -10.43
CA SER A 42 3.77 -7.29 -11.34
C SER A 42 2.98 -6.22 -10.57
N ASN A 43 2.43 -6.58 -9.39
CA ASN A 43 1.75 -5.59 -8.55
C ASN A 43 2.74 -4.54 -8.09
N PHE A 44 3.92 -4.89 -7.59
CA PHE A 44 4.96 -3.92 -7.17
C PHE A 44 5.24 -2.93 -8.31
N CYS A 45 5.34 -3.42 -9.56
CA CYS A 45 5.53 -2.56 -10.72
C CYS A 45 4.34 -1.62 -10.93
N ALA A 46 3.10 -2.13 -10.84
CA ALA A 46 1.88 -1.34 -11.06
C ALA A 46 1.66 -0.27 -9.97
N SER A 47 1.93 -0.61 -8.71
CA SER A 47 1.75 0.28 -7.57
C SER A 47 2.89 1.31 -7.48
N SER A 48 2.57 2.60 -7.31
CA SER A 48 3.55 3.66 -7.11
C SER A 48 3.85 3.80 -5.60
N LEU A 49 3.10 3.06 -4.76
CA LEU A 49 3.22 2.98 -3.32
C LEU A 49 3.54 1.54 -2.92
N VAL A 50 4.72 1.29 -2.36
CA VAL A 50 5.07 -0.02 -1.87
C VAL A 50 5.80 0.23 -0.56
N VAL A 51 5.19 -0.19 0.55
CA VAL A 51 5.68 0.01 1.90
C VAL A 51 5.24 -1.18 2.76
N THR A 52 5.79 -1.30 3.95
CA THR A 52 5.43 -2.31 4.94
C THR A 52 5.29 -1.57 6.25
N ALA A 53 4.31 -1.94 7.07
CA ALA A 53 4.12 -1.32 8.36
C ALA A 53 3.24 -2.15 9.27
N THR A 54 3.17 -1.76 10.53
CA THR A 54 2.33 -2.36 11.55
C THR A 54 1.24 -1.33 11.83
N VAL A 55 0.00 -1.80 11.87
CA VAL A 55 -1.17 -0.94 12.05
C VAL A 55 -1.25 -0.47 13.51
N LYS A 56 -1.08 0.83 13.74
CA LYS A 56 -1.22 1.44 15.05
C LYS A 56 -2.72 1.58 15.35
N SER A 57 -3.48 2.20 14.45
CA SER A 57 -4.89 2.51 14.60
C SER A 57 -5.63 2.31 13.28
N MET A 58 -6.97 2.31 13.34
CA MET A 58 -7.92 2.23 12.23
C MET A 58 -9.05 3.18 12.57
N VAL A 59 -9.60 3.91 11.59
CA VAL A 59 -10.63 4.93 11.80
C VAL A 59 -11.61 4.83 10.63
N ARG A 60 -12.91 5.07 10.81
CA ARG A 60 -13.84 5.07 9.68
C ARG A 60 -13.62 6.33 8.85
N GLU A 61 -13.65 6.20 7.53
CA GLU A 61 -13.45 7.27 6.56
C GLU A 61 -14.74 7.43 5.74
N PRO A 62 -14.84 8.52 4.95
CA PRO A 62 -16.04 8.83 4.19
C PRO A 62 -16.55 7.72 3.27
N GLY A 63 -17.87 7.75 3.04
CA GLY A 63 -18.56 6.84 2.14
C GLY A 63 -18.29 5.41 2.57
N GLU A 64 -17.81 4.59 1.64
CA GLU A 64 -17.57 3.17 1.87
C GLU A 64 -16.14 2.93 2.41
N GLY A 65 -15.40 3.98 2.78
CA GLY A 65 -14.02 3.90 3.21
C GLY A 65 -13.73 3.54 4.67
N LEU A 66 -12.45 3.32 4.95
CA LEU A 66 -11.81 3.00 6.22
C LEU A 66 -10.36 3.51 6.14
N ALA A 67 -9.82 4.12 7.19
CA ALA A 67 -8.43 4.57 7.25
C ALA A 67 -7.65 3.60 8.11
N VAL A 68 -6.35 3.49 7.84
CA VAL A 68 -5.43 2.68 8.61
C VAL A 68 -4.23 3.57 8.93
N THR A 69 -3.90 3.73 10.20
CA THR A 69 -2.76 4.51 10.66
C THR A 69 -1.63 3.51 10.91
N VAL A 70 -0.46 3.72 10.32
CA VAL A 70 0.68 2.81 10.41
C VAL A 70 1.95 3.57 10.82
N SER A 71 3.05 2.87 11.09
CA SER A 71 4.29 3.48 11.60
C SER A 71 5.56 3.11 10.78
N LEU A 72 5.43 2.98 9.47
CA LEU A 72 6.50 2.73 8.47
C LEU A 72 7.59 1.73 8.90
N ILE A 73 7.35 0.44 8.81
CA ILE A 73 8.38 -0.56 9.10
C ILE A 73 9.35 -0.68 7.91
N GLY A 74 8.92 -0.41 6.69
CA GLY A 74 9.74 -0.38 5.49
C GLY A 74 9.07 0.44 4.40
N ALA A 75 9.86 0.93 3.47
CA ALA A 75 9.44 1.68 2.30
C ALA A 75 10.32 1.18 1.16
N TYR A 76 9.75 0.98 -0.02
CA TYR A 76 10.44 0.43 -1.17
C TYR A 76 10.19 1.24 -2.46
N LYS A 77 9.02 1.86 -2.62
CA LYS A 77 8.66 2.64 -3.78
C LYS A 77 7.66 3.68 -3.27
N THR A 78 7.93 4.95 -3.53
CA THR A 78 7.19 6.11 -3.07
C THR A 78 7.18 7.18 -4.16
N GLY A 79 6.50 6.88 -5.26
CA GLY A 79 6.30 7.79 -6.39
C GLY A 79 5.13 8.72 -6.13
N GLY A 80 5.09 9.28 -4.93
CA GLY A 80 4.12 10.24 -4.47
C GLY A 80 4.47 10.75 -3.08
N LEU A 81 4.76 9.84 -2.15
CA LEU A 81 5.17 10.22 -0.80
C LEU A 81 6.52 10.92 -0.87
N ASP A 82 6.51 12.12 -0.34
CA ASP A 82 7.61 13.04 -0.15
C ASP A 82 8.42 12.58 1.06
N LEU A 83 9.03 11.40 0.97
CA LEU A 83 9.82 10.88 2.08
C LEU A 83 10.93 11.90 2.41
N PRO A 84 11.01 12.38 3.66
CA PRO A 84 11.93 13.42 4.06
C PRO A 84 13.36 12.88 4.20
N SER A 85 14.27 13.72 4.66
CA SER A 85 15.66 13.34 4.92
C SER A 85 15.71 12.06 5.76
N PRO A 86 15.05 11.94 6.93
CA PRO A 86 15.04 10.67 7.65
C PRO A 86 14.19 9.68 6.86
N PRO A 87 14.64 8.44 6.64
CA PRO A 87 13.90 7.41 5.91
C PRO A 87 12.76 6.85 6.78
N THR A 88 12.40 5.60 6.46
CA THR A 88 11.43 4.74 7.10
C THR A 88 11.40 4.98 8.62
N GLY A 89 10.20 5.15 9.16
CA GLY A 89 9.95 5.48 10.57
C GLY A 89 8.99 6.66 10.74
N ALA A 90 8.26 7.07 9.69
CA ALA A 90 7.32 8.19 9.71
C ALA A 90 5.90 7.60 9.70
N SER A 91 5.01 8.07 10.59
CA SER A 91 3.66 7.53 10.68
C SER A 91 2.80 8.06 9.54
N LEU A 92 2.00 7.18 8.93
CA LEU A 92 1.17 7.52 7.77
C LEU A 92 -0.25 6.97 7.92
N LYS A 93 -1.21 7.52 7.16
CA LYS A 93 -2.63 7.21 7.19
C LYS A 93 -3.06 6.79 5.78
N PHE A 94 -3.45 5.53 5.60
CA PHE A 94 -3.80 4.98 4.30
C PHE A 94 -5.31 5.03 4.14
N TYR A 95 -5.77 5.70 3.09
CA TYR A 95 -7.18 5.79 2.73
C TYR A 95 -7.57 4.50 2.04
N VAL A 96 -8.44 3.67 2.63
CA VAL A 96 -8.94 2.47 2.00
C VAL A 96 -10.37 2.84 1.57
N PRO A 97 -10.71 2.91 0.28
CA PRO A 97 -12.05 3.30 -0.18
C PRO A 97 -13.10 2.18 0.01
N CYS A 98 -12.72 1.09 0.67
CA CYS A 98 -13.53 -0.07 1.00
C CYS A 98 -13.24 -0.46 2.45
N LYS A 99 -14.21 -1.05 3.14
CA LYS A 99 -14.05 -1.58 4.49
C LYS A 99 -14.27 -3.10 4.49
N GLN A 100 -14.68 -3.66 3.35
CA GLN A 100 -14.92 -5.06 3.07
C GLN A 100 -13.57 -5.81 3.01
N CYS A 101 -12.68 -5.39 2.12
CA CYS A 101 -11.35 -5.91 1.84
C CYS A 101 -10.37 -4.78 1.49
N PRO A 102 -9.04 -5.01 1.49
CA PRO A 102 -8.34 -6.27 1.81
C PRO A 102 -8.32 -6.55 3.33
N PRO A 103 -8.26 -7.82 3.74
CA PRO A 103 -8.32 -8.24 5.14
C PRO A 103 -7.07 -7.78 5.89
N MET A 104 -7.25 -6.84 6.82
CA MET A 104 -6.19 -6.24 7.61
C MET A 104 -6.71 -6.14 9.04
N LYS A 105 -5.82 -5.93 10.02
CA LYS A 105 -6.15 -5.89 11.43
C LYS A 105 -5.28 -4.87 12.14
N LYS A 106 -5.81 -4.28 13.21
CA LYS A 106 -5.04 -3.37 14.03
C LYS A 106 -3.99 -4.22 14.76
N GLY A 107 -2.80 -3.67 15.02
CA GLY A 107 -1.75 -4.33 15.77
C GLY A 107 -1.17 -5.55 15.07
N VAL A 108 -1.09 -5.57 13.73
CA VAL A 108 -0.49 -6.63 12.94
C VAL A 108 0.35 -5.96 11.84
N SER A 109 1.36 -6.66 11.33
CA SER A 109 2.32 -6.15 10.35
C SER A 109 2.02 -6.67 8.95
N TYR A 110 1.99 -5.77 7.98
CA TYR A 110 1.64 -6.05 6.61
C TYR A 110 2.52 -5.32 5.59
N LEU A 111 2.26 -5.65 4.32
CA LEU A 111 2.81 -5.12 3.08
C LEU A 111 1.63 -4.42 2.43
N LEU A 112 1.80 -3.16 2.04
CA LEU A 112 0.80 -2.35 1.38
C LEU A 112 1.36 -1.98 0.02
N MET A 113 0.75 -2.46 -1.06
CA MET A 113 1.11 -2.11 -2.43
C MET A 113 -0.15 -1.45 -2.97
N GLY A 114 -0.13 -0.15 -3.27
CA GLY A 114 -1.28 0.65 -3.70
C GLY A 114 -0.83 1.87 -4.52
N GLN A 115 -1.42 3.04 -4.29
CA GLN A 115 -1.03 4.29 -4.94
C GLN A 115 -0.89 5.43 -3.90
N VAL A 116 -0.47 6.62 -4.33
CA VAL A 116 -0.38 7.78 -3.45
C VAL A 116 -1.06 8.97 -4.12
N GLU A 117 -1.79 9.75 -3.34
CA GLU A 117 -2.44 10.98 -3.75
C GLU A 117 -1.59 12.12 -3.21
N GLU A 118 -0.95 12.89 -4.10
CA GLU A 118 -0.18 14.07 -3.75
C GLU A 118 -1.22 15.18 -3.63
N ASN A 119 -2.10 14.99 -2.66
CA ASN A 119 -3.27 15.76 -2.29
C ASN A 119 -3.59 15.48 -0.83
N ARG A 120 -3.52 14.21 -0.38
CA ARG A 120 -3.88 13.82 0.99
C ARG A 120 -3.01 12.73 1.61
N GLY A 121 -2.16 12.05 0.84
CA GLY A 121 -1.33 10.95 1.33
C GLY A 121 -1.65 9.64 0.61
N PRO A 122 -1.23 8.48 1.16
CA PRO A 122 -1.42 7.19 0.49
C PRO A 122 -2.89 6.77 0.40
N VAL A 123 -3.24 6.17 -0.73
CA VAL A 123 -4.57 5.67 -1.04
C VAL A 123 -4.34 4.18 -1.37
N LEU A 124 -5.11 3.31 -0.73
CA LEU A 124 -4.98 1.87 -0.80
C LEU A 124 -6.29 1.25 -1.33
N PRO A 125 -6.54 1.26 -2.65
CA PRO A 125 -7.76 0.76 -3.28
C PRO A 125 -7.94 -0.76 -3.16
N PRO A 126 -9.08 -1.36 -3.57
CA PRO A 126 -9.25 -2.81 -3.55
C PRO A 126 -8.26 -3.55 -4.45
N GLU A 127 -7.68 -2.90 -5.46
CA GLU A 127 -6.73 -3.52 -6.40
C GLU A 127 -5.30 -3.53 -5.82
N SER A 128 -5.15 -3.46 -4.49
CA SER A 128 -3.87 -3.37 -3.81
C SER A 128 -3.40 -4.75 -3.37
N PHE A 129 -2.13 -5.10 -3.60
CA PHE A 129 -1.62 -6.38 -3.09
C PHE A 129 -1.34 -6.12 -1.61
N VAL A 130 -2.10 -6.76 -0.71
CA VAL A 130 -2.00 -6.53 0.73
C VAL A 130 -1.99 -7.85 1.49
N VAL A 131 -0.87 -8.16 2.14
CA VAL A 131 -0.62 -9.41 2.85
C VAL A 131 0.28 -9.16 4.07
N LEU A 132 0.44 -10.16 4.94
CA LEU A 132 1.30 -10.08 6.11
C LEU A 132 2.75 -9.91 5.67
N HIS A 133 3.55 -9.20 6.46
CA HIS A 133 4.97 -9.03 6.20
C HIS A 133 5.71 -10.32 6.57
N ARG A 134 6.67 -10.76 5.74
CA ARG A 134 7.52 -11.93 6.02
C ARG A 134 8.92 -11.63 5.48
N PRO A 135 10.03 -12.04 6.13
CA PRO A 135 11.39 -11.74 5.70
C PRO A 135 11.73 -12.04 4.24
N ASN A 136 11.24 -13.15 3.68
CA ASN A 136 11.50 -13.46 2.27
C ASN A 136 10.82 -12.43 1.37
N GLN A 137 9.54 -12.12 1.63
CA GLN A 137 8.81 -11.09 0.90
C GLN A 137 9.53 -9.75 1.03
N ASP A 138 9.96 -9.39 2.24
CA ASP A 138 10.70 -8.17 2.57
C ASP A 138 11.87 -8.02 1.61
N GLN A 139 12.72 -9.04 1.55
CA GLN A 139 13.89 -9.09 0.67
C GLN A 139 13.49 -8.93 -0.80
N ILE A 140 12.43 -9.60 -1.26
CA ILE A 140 12.01 -9.53 -2.66
C ILE A 140 11.64 -8.09 -3.01
N LEU A 141 10.87 -7.38 -2.19
CA LEU A 141 10.49 -6.01 -2.49
C LEU A 141 11.74 -5.12 -2.42
N THR A 142 12.68 -5.36 -1.49
CA THR A 142 13.94 -4.63 -1.42
C THR A 142 14.73 -4.83 -2.72
N ASN A 143 14.70 -6.04 -3.31
CA ASN A 143 15.34 -6.30 -4.60
C ASN A 143 14.67 -5.45 -5.70
N LEU A 144 13.35 -5.37 -5.69
CA LEU A 144 12.55 -4.57 -6.64
C LEU A 144 12.73 -3.06 -6.42
N SER A 145 13.12 -2.62 -5.23
CA SER A 145 13.41 -1.22 -4.95
C SER A 145 14.74 -0.84 -5.63
N LYS A 146 15.67 -1.80 -5.70
CA LYS A 146 16.97 -1.67 -6.36
C LYS A 146 16.79 -1.76 -7.89
N ARG A 147 16.37 -2.92 -8.39
CA ARG A 147 16.23 -3.22 -9.80
C ARG A 147 15.01 -2.53 -10.37
N LYS A 148 15.07 -2.13 -11.64
CA LYS A 148 13.92 -1.56 -12.32
C LYS A 148 12.99 -2.71 -12.70
N CYS A 149 11.75 -2.40 -13.08
CA CYS A 149 10.86 -3.45 -13.57
C CYS A 149 11.15 -3.51 -15.07
N PRO A 150 11.54 -4.66 -15.66
CA PRO A 150 11.74 -4.74 -17.09
C PRO A 150 10.38 -5.01 -17.75
N SER A 151 9.72 -3.95 -18.15
CA SER A 151 8.39 -3.95 -18.74
C SER A 151 8.24 -2.61 -19.46
N GLN A 152 8.74 -2.58 -20.69
CA GLN A 152 8.79 -1.39 -21.53
C GLN A 152 7.84 -1.65 -22.72
N PRO A 153 6.96 -0.71 -23.06
CA PRO A 153 6.02 -0.85 -24.15
C PRO A 153 6.74 -0.68 -25.49
N VAL A 154 6.02 -0.94 -26.58
CA VAL A 154 6.52 -0.75 -27.94
C VAL A 154 6.02 0.65 -28.25
N SER A 24 -4.79 11.38 -11.28
CA SER A 24 -5.32 10.08 -10.85
C SER A 24 -5.72 9.22 -12.07
N PRO A 25 -5.42 7.91 -12.04
CA PRO A 25 -5.87 6.96 -13.07
C PRO A 25 -7.35 6.55 -12.86
N ASP A 26 -7.95 5.95 -13.89
CA ASP A 26 -9.35 5.55 -13.97
C ASP A 26 -9.58 4.18 -13.30
N ALA A 27 -9.47 4.18 -11.98
CA ALA A 27 -9.69 3.00 -11.17
C ALA A 27 -11.15 2.51 -11.31
N PRO A 28 -11.37 1.18 -11.38
CA PRO A 28 -12.71 0.61 -11.47
C PRO A 28 -13.47 0.80 -10.15
N THR A 29 -14.77 0.47 -10.18
CA THR A 29 -15.64 0.52 -9.01
C THR A 29 -15.09 -0.40 -7.90
N CYS A 30 -15.54 -0.12 -6.67
CA CYS A 30 -15.25 -0.89 -5.48
C CYS A 30 -16.47 -1.81 -5.30
N PRO A 31 -16.37 -3.10 -5.64
CA PRO A 31 -17.46 -4.04 -5.45
C PRO A 31 -17.53 -4.48 -3.99
N LYS A 32 -18.63 -5.13 -3.61
CA LYS A 32 -18.75 -5.67 -2.26
C LYS A 32 -17.93 -6.97 -2.18
N GLN A 33 -17.54 -7.55 -3.31
CA GLN A 33 -16.69 -8.73 -3.45
C GLN A 33 -15.28 -8.43 -2.88
N CYS A 34 -14.50 -9.48 -2.62
CA CYS A 34 -13.16 -9.41 -2.09
C CYS A 34 -12.27 -10.44 -2.80
N ARG A 35 -11.41 -9.98 -3.71
CA ARG A 35 -10.43 -10.83 -4.41
C ARG A 35 -9.19 -9.98 -4.70
N ARG A 36 -8.10 -10.62 -5.05
CA ARG A 36 -6.81 -10.01 -5.40
C ARG A 36 -6.32 -10.71 -6.65
N THR A 37 -5.59 -10.02 -7.53
CA THR A 37 -5.12 -10.50 -8.82
C THR A 37 -3.64 -10.15 -9.05
N GLY A 38 -3.08 -10.60 -10.18
CA GLY A 38 -1.68 -10.35 -10.54
C GLY A 38 -0.74 -11.17 -9.65
N THR A 39 0.53 -10.75 -9.54
CA THR A 39 1.53 -11.36 -8.66
C THR A 39 2.07 -10.28 -7.72
N LEU A 40 2.96 -10.63 -6.79
CA LEU A 40 3.60 -9.64 -5.91
C LEU A 40 4.48 -8.74 -6.78
N GLN A 41 5.32 -9.33 -7.63
CA GLN A 41 6.22 -8.58 -8.48
C GLN A 41 5.45 -7.66 -9.42
N SER A 42 4.39 -8.17 -10.06
CA SER A 42 3.57 -7.40 -10.99
C SER A 42 2.89 -6.25 -10.26
N ASN A 43 2.26 -6.51 -9.11
CA ASN A 43 1.59 -5.48 -8.32
C ASN A 43 2.59 -4.45 -7.79
N PHE A 44 3.80 -4.83 -7.38
CA PHE A 44 4.83 -3.87 -6.95
C PHE A 44 5.11 -2.85 -8.07
N CYS A 45 5.17 -3.32 -9.32
CA CYS A 45 5.39 -2.45 -10.47
C CYS A 45 4.13 -1.60 -10.79
N ALA A 46 2.92 -2.13 -10.58
CA ALA A 46 1.67 -1.44 -10.84
C ALA A 46 1.36 -0.33 -9.82
N SER A 47 1.67 -0.56 -8.55
CA SER A 47 1.41 0.37 -7.47
C SER A 47 2.44 1.51 -7.47
N SER A 48 2.02 2.71 -7.05
CA SER A 48 2.92 3.86 -6.91
C SER A 48 3.42 3.93 -5.45
N LEU A 49 2.82 3.15 -4.56
CA LEU A 49 3.09 3.14 -3.14
C LEU A 49 3.39 1.72 -2.72
N VAL A 50 4.57 1.44 -2.18
CA VAL A 50 4.91 0.12 -1.67
C VAL A 50 5.67 0.34 -0.38
N VAL A 51 5.09 -0.08 0.74
CA VAL A 51 5.61 0.10 2.08
C VAL A 51 5.18 -1.09 2.96
N THR A 52 5.71 -1.16 4.16
CA THR A 52 5.34 -2.15 5.17
C THR A 52 5.10 -1.35 6.43
N ALA A 53 4.12 -1.74 7.24
CA ALA A 53 3.78 -0.99 8.43
C ALA A 53 3.01 -1.85 9.43
N THR A 54 2.80 -1.31 10.64
CA THR A 54 2.01 -1.96 11.67
C THR A 54 0.87 -0.98 11.98
N VAL A 55 -0.35 -1.50 12.04
CA VAL A 55 -1.54 -0.69 12.26
C VAL A 55 -1.56 -0.22 13.71
N LYS A 56 -1.43 1.09 13.93
CA LYS A 56 -1.53 1.71 15.25
C LYS A 56 -3.02 1.88 15.58
N SER A 57 -3.77 2.49 14.66
CA SER A 57 -5.19 2.78 14.82
C SER A 57 -5.92 2.54 13.50
N MET A 58 -7.24 2.51 13.56
CA MET A 58 -8.15 2.40 12.43
C MET A 58 -9.19 3.43 12.81
N VAL A 59 -9.44 4.40 11.94
CA VAL A 59 -10.34 5.52 12.21
C VAL A 59 -11.38 5.52 11.09
N ARG A 60 -12.63 5.90 11.37
CA ARG A 60 -13.62 6.00 10.30
C ARG A 60 -13.18 7.07 9.30
N GLU A 61 -13.61 6.91 8.06
CA GLU A 61 -13.40 7.85 6.95
C GLU A 61 -14.74 7.94 6.19
N PRO A 62 -14.89 8.84 5.20
CA PRO A 62 -16.14 9.05 4.50
C PRO A 62 -16.77 7.79 3.90
N GLY A 63 -18.09 7.70 4.08
CA GLY A 63 -18.93 6.64 3.55
C GLY A 63 -18.48 5.28 4.07
N GLU A 64 -18.19 4.35 3.16
CA GLU A 64 -17.67 3.02 3.48
C GLU A 64 -16.18 3.05 3.87
N GLY A 65 -15.57 4.23 3.89
CA GLY A 65 -14.15 4.42 4.14
C GLY A 65 -13.71 4.08 5.56
N LEU A 66 -12.42 3.82 5.68
CA LEU A 66 -11.70 3.53 6.90
C LEU A 66 -10.27 4.03 6.67
N ALA A 67 -9.63 4.68 7.65
CA ALA A 67 -8.25 5.12 7.56
C ALA A 67 -7.44 4.22 8.46
N VAL A 68 -6.44 3.55 7.91
CA VAL A 68 -5.56 2.73 8.69
C VAL A 68 -4.41 3.67 9.06
N THR A 69 -4.14 3.85 10.35
CA THR A 69 -3.08 4.71 10.84
C THR A 69 -1.91 3.79 11.11
N VAL A 70 -0.77 4.07 10.51
CA VAL A 70 0.42 3.24 10.60
C VAL A 70 1.62 4.09 11.06
N SER A 71 2.78 3.45 11.26
CA SER A 71 4.00 4.19 11.63
C SER A 71 5.25 3.74 10.86
N LEU A 72 5.09 3.55 9.54
CA LEU A 72 6.15 3.21 8.55
C LEU A 72 7.23 2.22 9.00
N ILE A 73 6.99 0.91 8.96
CA ILE A 73 8.01 -0.08 9.32
C ILE A 73 9.03 -0.31 8.19
N GLY A 74 8.66 -0.12 6.92
CA GLY A 74 9.56 -0.23 5.78
C GLY A 74 9.00 0.56 4.61
N ALA A 75 9.85 0.94 3.66
CA ALA A 75 9.49 1.71 2.48
C ALA A 75 10.29 1.17 1.30
N TYR A 76 9.64 1.08 0.14
CA TYR A 76 10.22 0.51 -1.07
C TYR A 76 9.88 1.36 -2.30
N LYS A 77 8.72 2.03 -2.31
CA LYS A 77 8.32 2.92 -3.37
C LYS A 77 7.39 3.95 -2.72
N THR A 78 7.68 5.23 -2.92
CA THR A 78 6.94 6.41 -2.51
C THR A 78 7.01 7.41 -3.65
N GLY A 79 6.53 7.00 -4.81
CA GLY A 79 6.58 7.77 -6.06
C GLY A 79 5.42 8.76 -6.12
N GLY A 80 5.21 9.46 -5.01
CA GLY A 80 4.23 10.50 -4.77
C GLY A 80 4.46 11.17 -3.41
N LEU A 81 4.73 10.38 -2.36
CA LEU A 81 4.97 10.92 -1.03
C LEU A 81 6.30 11.63 -0.89
N ASP A 82 6.19 12.84 -0.39
CA ASP A 82 7.27 13.74 -0.04
C ASP A 82 7.72 13.27 1.34
N LEU A 83 8.44 12.15 1.34
CA LEU A 83 9.01 11.60 2.57
C LEU A 83 9.93 12.63 3.22
N PRO A 84 10.06 12.62 4.55
CA PRO A 84 10.96 13.52 5.23
C PRO A 84 12.40 13.20 4.84
N SER A 85 13.31 14.03 5.32
CA SER A 85 14.73 13.90 5.15
C SER A 85 15.17 12.45 5.50
N PRO A 86 15.01 11.96 6.74
CA PRO A 86 15.33 10.57 7.03
C PRO A 86 14.23 9.64 6.48
N PRO A 87 14.55 8.37 6.14
CA PRO A 87 13.63 7.37 5.63
C PRO A 87 12.64 6.85 6.69
N THR A 88 12.16 5.64 6.47
CA THR A 88 11.20 4.86 7.24
C THR A 88 11.24 5.10 8.75
N GLY A 89 10.13 5.47 9.34
CA GLY A 89 9.95 5.81 10.75
C GLY A 89 9.14 7.11 10.90
N ALA A 90 7.93 7.16 10.32
CA ALA A 90 7.02 8.28 10.42
C ALA A 90 5.59 7.74 10.31
N SER A 91 4.61 8.45 10.87
CA SER A 91 3.22 8.05 10.78
C SER A 91 2.56 8.58 9.51
N LEU A 92 1.55 7.82 9.05
CA LEU A 92 0.73 8.11 7.89
C LEU A 92 -0.63 7.47 8.09
N LYS A 93 -1.69 8.02 7.50
CA LYS A 93 -3.03 7.45 7.53
C LYS A 93 -3.31 7.02 6.08
N PHE A 94 -3.41 5.72 5.85
CA PHE A 94 -3.68 5.15 4.54
C PHE A 94 -5.19 5.18 4.35
N TYR A 95 -5.63 5.90 3.33
CA TYR A 95 -7.02 6.11 3.03
C TYR A 95 -7.56 4.83 2.38
N VAL A 96 -8.46 4.10 3.02
CA VAL A 96 -9.08 2.91 2.42
C VAL A 96 -10.51 3.37 2.10
N PRO A 97 -10.90 3.49 0.82
CA PRO A 97 -12.22 4.00 0.47
C PRO A 97 -13.38 3.03 0.75
N CYS A 98 -13.06 1.75 1.05
CA CYS A 98 -14.02 0.69 1.34
C CYS A 98 -13.41 -0.17 2.45
N LYS A 99 -14.06 -0.26 3.61
CA LYS A 99 -13.57 -1.01 4.77
C LYS A 99 -13.75 -2.53 4.58
N GLN A 100 -14.40 -2.99 3.52
CA GLN A 100 -14.68 -4.39 3.25
C GLN A 100 -13.38 -5.20 3.17
N CYS A 101 -12.48 -4.83 2.25
CA CYS A 101 -11.22 -5.49 1.94
C CYS A 101 -10.22 -4.46 1.39
N PRO A 102 -8.90 -4.77 1.35
CA PRO A 102 -8.27 -6.03 1.74
C PRO A 102 -8.38 -6.33 3.25
N PRO A 103 -8.17 -7.60 3.66
CA PRO A 103 -8.31 -8.03 5.05
C PRO A 103 -7.28 -7.38 5.96
N MET A 104 -7.71 -6.88 7.12
CA MET A 104 -6.86 -6.17 8.08
C MET A 104 -7.35 -6.36 9.51
N LYS A 105 -6.50 -6.00 10.47
CA LYS A 105 -6.72 -5.97 11.92
C LYS A 105 -5.86 -4.87 12.49
N LYS A 106 -6.34 -4.25 13.55
CA LYS A 106 -5.56 -3.24 14.27
C LYS A 106 -4.42 -3.99 14.96
N GLY A 107 -3.26 -3.36 15.15
CA GLY A 107 -2.13 -3.92 15.86
C GLY A 107 -1.54 -5.15 15.19
N VAL A 108 -1.42 -5.17 13.86
CA VAL A 108 -0.80 -6.24 13.10
C VAL A 108 0.07 -5.58 12.03
N SER A 109 1.16 -6.26 11.64
CA SER A 109 2.09 -5.78 10.63
C SER A 109 1.74 -6.35 9.26
N TYR A 110 1.80 -5.49 8.25
CA TYR A 110 1.42 -5.75 6.85
C TYR A 110 2.44 -5.19 5.86
N LEU A 111 2.17 -5.50 4.59
CA LEU A 111 2.82 -5.08 3.34
C LEU A 111 1.66 -4.41 2.61
N LEU A 112 1.82 -3.15 2.22
CA LEU A 112 0.81 -2.33 1.58
C LEU A 112 1.34 -1.88 0.23
N MET A 113 0.71 -2.33 -0.84
CA MET A 113 1.01 -1.94 -2.20
C MET A 113 -0.25 -1.25 -2.70
N GLY A 114 -0.21 0.05 -2.95
CA GLY A 114 -1.35 0.88 -3.34
C GLY A 114 -0.94 2.10 -4.18
N GLN A 115 -1.54 3.26 -3.94
CA GLN A 115 -1.32 4.48 -4.71
C GLN A 115 -1.09 5.68 -3.80
N VAL A 116 -0.78 6.82 -4.41
CA VAL A 116 -0.58 8.10 -3.73
C VAL A 116 -1.30 9.16 -4.57
N GLU A 117 -1.87 10.17 -3.92
CA GLU A 117 -2.57 11.30 -4.51
C GLU A 117 -1.90 12.52 -3.86
N GLU A 118 -1.20 13.35 -4.66
CA GLU A 118 -0.39 14.51 -4.21
C GLU A 118 -1.23 15.71 -3.69
N ASN A 119 -1.96 15.50 -2.60
CA ASN A 119 -2.78 16.37 -1.78
C ASN A 119 -3.59 15.61 -0.76
N ARG A 120 -3.82 14.33 -1.05
CA ARG A 120 -4.66 13.43 -0.25
C ARG A 120 -3.81 12.35 0.41
N GLY A 121 -2.52 12.27 0.12
CA GLY A 121 -1.61 11.32 0.69
C GLY A 121 -1.81 9.90 0.17
N PRO A 122 -1.42 8.88 0.95
CA PRO A 122 -1.49 7.49 0.53
C PRO A 122 -2.93 7.02 0.49
N VAL A 123 -3.32 6.47 -0.65
CA VAL A 123 -4.64 5.95 -0.92
C VAL A 123 -4.41 4.45 -1.18
N LEU A 124 -5.17 3.63 -0.46
CA LEU A 124 -5.05 2.18 -0.46
C LEU A 124 -6.39 1.56 -0.92
N PRO A 125 -6.67 1.53 -2.24
CA PRO A 125 -7.93 1.02 -2.81
C PRO A 125 -8.10 -0.51 -2.63
N PRO A 126 -9.27 -1.10 -2.92
CA PRO A 126 -9.50 -2.54 -2.70
C PRO A 126 -8.59 -3.45 -3.54
N GLU A 127 -8.12 -2.99 -4.70
CA GLU A 127 -7.24 -3.72 -5.60
C GLU A 127 -5.76 -3.53 -5.21
N SER A 128 -5.47 -3.19 -3.96
CA SER A 128 -4.12 -3.06 -3.41
C SER A 128 -3.63 -4.45 -3.01
N PHE A 129 -2.35 -4.78 -3.21
CA PHE A 129 -1.84 -6.06 -2.74
C PHE A 129 -1.52 -5.86 -1.26
N VAL A 130 -2.25 -6.53 -0.37
CA VAL A 130 -2.11 -6.37 1.07
C VAL A 130 -2.12 -7.73 1.75
N VAL A 131 -1.03 -8.03 2.45
CA VAL A 131 -0.82 -9.25 3.21
C VAL A 131 -0.02 -8.93 4.46
N LEU A 132 0.06 -9.86 5.40
CA LEU A 132 0.85 -9.68 6.61
C LEU A 132 2.33 -9.60 6.24
N HIS A 133 3.09 -8.84 7.05
CA HIS A 133 4.52 -8.63 6.85
C HIS A 133 5.27 -9.93 7.13
N ARG A 134 6.17 -10.33 6.23
CA ARG A 134 7.04 -11.50 6.38
C ARG A 134 8.40 -11.11 5.82
N PRO A 135 9.52 -11.64 6.35
CA PRO A 135 10.87 -11.25 5.95
C PRO A 135 11.21 -11.54 4.47
N ASN A 136 10.75 -12.67 3.94
CA ASN A 136 11.00 -13.04 2.55
C ASN A 136 10.44 -11.96 1.61
N GLN A 137 9.18 -11.57 1.84
CA GLN A 137 8.51 -10.51 1.11
C GLN A 137 9.31 -9.21 1.27
N ASP A 138 9.72 -8.87 2.49
CA ASP A 138 10.45 -7.64 2.83
C ASP A 138 11.68 -7.51 1.92
N GLN A 139 12.48 -8.58 1.82
CA GLN A 139 13.64 -8.63 0.94
C GLN A 139 13.25 -8.52 -0.54
N ILE A 140 12.18 -9.20 -0.98
CA ILE A 140 11.73 -9.17 -2.37
C ILE A 140 11.42 -7.72 -2.77
N LEU A 141 10.63 -6.98 -1.98
CA LEU A 141 10.25 -5.63 -2.32
C LEU A 141 11.49 -4.73 -2.32
N THR A 142 12.47 -5.01 -1.45
CA THR A 142 13.73 -4.26 -1.42
C THR A 142 14.53 -4.53 -2.71
N ASN A 143 14.57 -5.76 -3.20
CA ASN A 143 15.23 -6.09 -4.47
C ASN A 143 14.55 -5.34 -5.61
N LEU A 144 13.21 -5.40 -5.63
CA LEU A 144 12.37 -4.73 -6.63
C LEU A 144 12.45 -3.21 -6.53
N SER A 145 12.80 -2.66 -5.36
CA SER A 145 13.00 -1.24 -5.13
C SER A 145 14.25 -0.77 -5.85
N LYS A 146 15.39 -1.39 -5.56
CA LYS A 146 16.66 -0.94 -6.12
C LYS A 146 16.79 -1.25 -7.61
N ARG A 147 16.35 -2.42 -8.06
CA ARG A 147 16.32 -2.79 -9.46
C ARG A 147 15.18 -2.07 -10.19
N LYS A 148 15.23 -2.04 -11.52
CA LYS A 148 14.12 -1.48 -12.30
C LYS A 148 13.13 -2.64 -12.52
N CYS A 149 11.86 -2.34 -12.77
CA CYS A 149 10.90 -3.40 -13.05
C CYS A 149 11.24 -4.15 -14.35
N PRO A 150 10.94 -5.46 -14.46
CA PRO A 150 11.20 -6.27 -15.64
C PRO A 150 10.24 -5.87 -16.77
N SER A 151 10.71 -5.00 -17.67
CA SER A 151 9.89 -4.45 -18.75
C SER A 151 10.78 -4.08 -19.94
N GLN A 152 11.22 -5.12 -20.66
CA GLN A 152 12.01 -5.04 -21.88
C GLN A 152 11.10 -5.68 -22.95
N PRO A 153 10.62 -4.92 -23.96
CA PRO A 153 9.67 -5.40 -24.96
C PRO A 153 10.33 -6.11 -26.14
N VAL A 154 9.50 -6.66 -27.03
CA VAL A 154 9.87 -7.30 -28.29
C VAL A 154 9.66 -6.26 -29.37
N SER A 24 -3.25 13.37 -10.21
CA SER A 24 -3.83 12.34 -9.33
C SER A 24 -3.74 10.97 -10.02
N PRO A 25 -3.36 9.89 -9.34
CA PRO A 25 -3.28 8.56 -9.95
C PRO A 25 -4.67 8.04 -10.35
N ASP A 26 -4.69 6.96 -11.14
CA ASP A 26 -5.89 6.27 -11.64
C ASP A 26 -6.41 5.24 -10.64
N ALA A 27 -6.46 5.64 -9.38
CA ALA A 27 -6.94 4.82 -8.27
C ALA A 27 -8.36 4.33 -8.60
N PRO A 28 -8.56 3.01 -8.76
CA PRO A 28 -9.84 2.44 -9.16
C PRO A 28 -10.90 2.39 -8.07
N THR A 29 -12.14 2.31 -8.52
CA THR A 29 -13.33 2.16 -7.68
C THR A 29 -13.26 0.81 -6.96
N CYS A 30 -14.07 0.67 -5.90
CA CYS A 30 -14.17 -0.56 -5.14
C CYS A 30 -15.17 -1.49 -5.86
N PRO A 31 -14.73 -2.65 -6.38
CA PRO A 31 -15.63 -3.63 -6.98
C PRO A 31 -16.46 -4.23 -5.85
N LYS A 32 -17.65 -4.72 -6.18
CA LYS A 32 -18.53 -5.20 -5.13
C LYS A 32 -17.97 -6.47 -4.50
N GLN A 33 -17.53 -7.41 -5.35
CA GLN A 33 -16.90 -8.63 -4.82
C GLN A 33 -15.55 -8.21 -4.18
N CYS A 34 -14.92 -9.06 -3.39
CA CYS A 34 -13.61 -8.83 -2.77
C CYS A 34 -12.76 -10.08 -2.94
N ARG A 35 -11.63 -9.96 -3.67
CA ARG A 35 -10.70 -11.04 -4.05
C ARG A 35 -9.29 -10.49 -4.31
N ARG A 36 -8.28 -11.37 -4.38
CA ARG A 36 -6.89 -11.07 -4.70
C ARG A 36 -6.57 -11.81 -6.00
N THR A 37 -5.94 -11.13 -6.96
CA THR A 37 -5.48 -11.69 -8.23
C THR A 37 -4.14 -11.03 -8.58
N GLY A 38 -3.53 -11.47 -9.68
CA GLY A 38 -2.23 -10.99 -10.11
C GLY A 38 -1.11 -11.56 -9.23
N THR A 39 0.07 -10.96 -9.31
CA THR A 39 1.25 -11.42 -8.58
C THR A 39 1.80 -10.26 -7.76
N LEU A 40 2.66 -10.59 -6.78
CA LEU A 40 3.32 -9.57 -5.98
C LEU A 40 4.22 -8.75 -6.89
N GLN A 41 4.98 -9.37 -7.80
CA GLN A 41 5.88 -8.65 -8.67
C GLN A 41 5.11 -7.69 -9.57
N SER A 42 4.03 -8.14 -10.23
CA SER A 42 3.26 -7.29 -11.11
C SER A 42 2.68 -6.12 -10.33
N ASN A 43 2.01 -6.42 -9.22
CA ASN A 43 1.36 -5.40 -8.41
C ASN A 43 2.39 -4.39 -7.91
N PHE A 44 3.57 -4.80 -7.42
CA PHE A 44 4.60 -3.89 -6.92
C PHE A 44 4.95 -2.82 -7.96
N CYS A 45 5.24 -3.25 -9.20
CA CYS A 45 5.66 -2.36 -10.26
C CYS A 45 4.56 -1.36 -10.63
N ALA A 46 3.29 -1.79 -10.65
CA ALA A 46 2.16 -0.93 -10.92
C ALA A 46 1.95 0.11 -9.80
N SER A 47 1.70 -0.36 -8.57
CA SER A 47 1.39 0.49 -7.43
C SER A 47 2.45 1.57 -7.25
N SER A 48 2.09 2.85 -7.21
CA SER A 48 3.09 3.91 -7.04
C SER A 48 3.43 4.06 -5.55
N LEU A 49 2.74 3.32 -4.68
CA LEU A 49 2.93 3.25 -3.25
C LEU A 49 3.29 1.82 -2.88
N VAL A 50 4.45 1.58 -2.27
CA VAL A 50 4.83 0.26 -1.79
C VAL A 50 5.59 0.53 -0.50
N VAL A 51 5.03 0.09 0.63
CA VAL A 51 5.58 0.28 1.97
C VAL A 51 5.15 -0.90 2.84
N THR A 52 5.75 -1.04 4.01
CA THR A 52 5.40 -2.05 5.01
C THR A 52 5.17 -1.29 6.31
N ALA A 53 4.16 -1.66 7.10
CA ALA A 53 3.88 -0.96 8.33
C ALA A 53 3.10 -1.83 9.31
N THR A 54 3.01 -1.38 10.56
CA THR A 54 2.23 -2.02 11.61
C THR A 54 1.14 -1.01 11.92
N VAL A 55 -0.10 -1.49 11.97
CA VAL A 55 -1.26 -0.66 12.18
C VAL A 55 -1.30 -0.23 13.63
N LYS A 56 -1.13 1.07 13.89
CA LYS A 56 -1.24 1.64 15.22
C LYS A 56 -2.71 1.62 15.62
N SER A 57 -3.61 2.13 14.77
CA SER A 57 -5.06 2.19 14.99
C SER A 57 -5.79 2.29 13.65
N MET A 58 -7.12 2.12 13.68
CA MET A 58 -8.03 2.12 12.54
C MET A 58 -9.26 2.92 12.93
N VAL A 59 -9.71 3.81 12.04
CA VAL A 59 -10.84 4.72 12.25
C VAL A 59 -11.68 4.72 10.99
N ARG A 60 -13.01 4.91 11.07
CA ARG A 60 -13.86 4.99 9.89
C ARG A 60 -13.68 6.34 9.21
N GLU A 61 -13.76 6.35 7.89
CA GLU A 61 -13.54 7.49 6.99
C GLU A 61 -14.76 7.75 6.11
N PRO A 62 -14.76 8.88 5.36
CA PRO A 62 -15.87 9.26 4.50
C PRO A 62 -16.21 8.19 3.46
N GLY A 63 -17.49 8.21 3.04
CA GLY A 63 -18.05 7.23 2.13
C GLY A 63 -18.30 5.98 2.96
N GLU A 64 -17.74 4.85 2.54
CA GLU A 64 -17.80 3.58 3.26
C GLU A 64 -16.37 3.17 3.63
N GLY A 65 -15.48 4.16 3.73
CA GLY A 65 -14.08 3.96 3.97
C GLY A 65 -13.63 3.76 5.41
N LEU A 66 -12.32 3.58 5.53
CA LEU A 66 -11.59 3.29 6.76
C LEU A 66 -10.19 3.88 6.58
N ALA A 67 -9.65 4.55 7.61
CA ALA A 67 -8.31 5.08 7.65
C ALA A 67 -7.52 4.13 8.51
N VAL A 68 -6.43 3.60 7.96
CA VAL A 68 -5.55 2.76 8.72
C VAL A 68 -4.37 3.67 9.06
N THR A 69 -4.08 3.81 10.35
CA THR A 69 -2.99 4.65 10.81
C THR A 69 -1.83 3.72 11.10
N VAL A 70 -0.68 3.98 10.49
CA VAL A 70 0.49 3.12 10.60
C VAL A 70 1.73 3.96 10.91
N SER A 71 2.88 3.33 11.16
CA SER A 71 4.09 4.06 11.57
C SER A 71 5.35 3.65 10.77
N LEU A 72 5.18 3.48 9.45
CA LEU A 72 6.23 3.17 8.44
C LEU A 72 7.34 2.20 8.90
N ILE A 73 7.09 0.91 8.88
CA ILE A 73 8.07 -0.12 9.26
C ILE A 73 9.11 -0.35 8.13
N GLY A 74 8.77 -0.07 6.87
CA GLY A 74 9.64 -0.15 5.71
C GLY A 74 9.01 0.64 4.56
N ALA A 75 9.81 0.98 3.55
CA ALA A 75 9.37 1.75 2.39
C ALA A 75 10.20 1.31 1.18
N TYR A 76 9.60 1.41 -0.02
CA TYR A 76 10.23 0.95 -1.27
C TYR A 76 9.87 1.88 -2.44
N LYS A 77 8.60 2.21 -2.66
CA LYS A 77 8.12 2.99 -3.78
C LYS A 77 7.20 4.05 -3.17
N THR A 78 7.46 5.33 -3.42
CA THR A 78 6.78 6.50 -2.89
C THR A 78 6.66 7.55 -3.99
N GLY A 79 5.88 7.24 -5.02
CA GLY A 79 5.66 8.06 -6.19
C GLY A 79 4.54 9.08 -5.96
N GLY A 80 4.56 9.69 -4.78
CA GLY A 80 3.66 10.74 -4.37
C GLY A 80 4.24 11.49 -3.18
N LEU A 81 4.35 10.80 -2.04
CA LEU A 81 4.80 11.41 -0.80
C LEU A 81 6.27 11.74 -0.84
N ASP A 82 6.55 12.97 -0.45
CA ASP A 82 7.87 13.53 -0.30
C ASP A 82 8.30 13.12 1.10
N LEU A 83 8.75 11.87 1.26
CA LEU A 83 9.26 11.40 2.54
C LEU A 83 10.43 12.31 2.91
N PRO A 84 10.54 12.69 4.20
CA PRO A 84 11.57 13.63 4.61
C PRO A 84 12.95 12.97 4.61
N SER A 85 13.97 13.79 4.86
CA SER A 85 15.35 13.37 4.98
C SER A 85 15.44 12.11 5.86
N PRO A 86 15.01 12.10 7.15
CA PRO A 86 15.01 10.87 7.94
C PRO A 86 14.02 9.87 7.32
N PRO A 87 14.48 8.69 6.87
CA PRO A 87 13.65 7.65 6.27
C PRO A 87 12.71 6.99 7.27
N THR A 88 12.37 5.74 6.96
CA THR A 88 11.43 4.86 7.64
C THR A 88 11.43 5.04 9.18
N GLY A 89 10.22 5.31 9.70
CA GLY A 89 9.95 5.61 11.10
C GLY A 89 9.04 6.83 11.33
N ALA A 90 8.12 7.12 10.39
CA ALA A 90 7.18 8.24 10.47
C ALA A 90 5.75 7.70 10.31
N SER A 91 4.73 8.43 10.76
CA SER A 91 3.36 7.94 10.70
C SER A 91 2.59 8.48 9.50
N LEU A 92 1.58 7.73 9.06
CA LEU A 92 0.72 8.02 7.92
C LEU A 92 -0.67 7.44 8.18
N LYS A 93 -1.67 7.92 7.43
CA LYS A 93 -3.06 7.47 7.46
C LYS A 93 -3.44 7.11 6.03
N PHE A 94 -3.70 5.82 5.76
CA PHE A 94 -4.00 5.30 4.43
C PHE A 94 -5.51 5.19 4.24
N TYR A 95 -6.03 5.88 3.22
CA TYR A 95 -7.46 5.93 2.94
C TYR A 95 -7.91 4.67 2.20
N VAL A 96 -8.74 3.83 2.82
CA VAL A 96 -9.32 2.65 2.20
C VAL A 96 -10.79 3.05 1.91
N PRO A 97 -11.32 2.98 0.67
CA PRO A 97 -12.68 3.43 0.35
C PRO A 97 -13.82 2.47 0.74
N CYS A 98 -13.47 1.25 1.20
CA CYS A 98 -14.35 0.17 1.59
C CYS A 98 -13.79 -0.43 2.87
N LYS A 99 -14.55 -0.44 3.98
CA LYS A 99 -14.06 -0.90 5.28
C LYS A 99 -13.89 -2.42 5.39
N GLN A 100 -14.46 -3.23 4.51
CA GLN A 100 -14.40 -4.69 4.65
C GLN A 100 -13.11 -5.32 4.12
N CYS A 101 -12.47 -4.74 3.11
CA CYS A 101 -11.28 -5.30 2.46
C CYS A 101 -10.26 -4.19 2.21
N PRO A 102 -8.95 -4.50 2.10
CA PRO A 102 -8.32 -5.83 2.13
C PRO A 102 -8.41 -6.47 3.53
N PRO A 103 -8.14 -7.77 3.66
CA PRO A 103 -8.12 -8.46 4.94
C PRO A 103 -6.98 -7.90 5.80
N MET A 104 -7.30 -7.06 6.79
CA MET A 104 -6.35 -6.37 7.63
C MET A 104 -6.85 -6.38 9.08
N LYS A 105 -5.98 -6.09 10.05
CA LYS A 105 -6.33 -5.98 11.48
C LYS A 105 -5.52 -4.86 12.13
N LYS A 106 -6.04 -4.28 13.21
CA LYS A 106 -5.34 -3.27 14.00
C LYS A 106 -4.30 -3.99 14.86
N GLY A 107 -3.13 -3.37 15.03
CA GLY A 107 -2.04 -3.85 15.88
C GLY A 107 -1.21 -4.96 15.24
N VAL A 108 -1.22 -5.07 13.92
CA VAL A 108 -0.55 -6.12 13.18
C VAL A 108 0.20 -5.52 12.00
N SER A 109 1.22 -6.22 11.51
CA SER A 109 2.13 -5.80 10.46
C SER A 109 1.69 -6.33 9.09
N TYR A 110 1.68 -5.44 8.09
CA TYR A 110 1.24 -5.68 6.72
C TYR A 110 2.15 -4.99 5.71
N LEU A 111 1.96 -5.35 4.45
CA LEU A 111 2.58 -4.84 3.22
C LEU A 111 1.44 -4.08 2.56
N LEU A 112 1.67 -2.82 2.18
CA LEU A 112 0.70 -1.98 1.52
C LEU A 112 1.25 -1.63 0.14
N MET A 113 0.59 -2.11 -0.91
CA MET A 113 0.95 -1.79 -2.29
C MET A 113 -0.32 -1.10 -2.81
N GLY A 114 -0.30 0.19 -3.14
CA GLY A 114 -1.47 0.96 -3.55
C GLY A 114 -1.09 2.21 -4.34
N GLN A 115 -1.70 3.36 -4.02
CA GLN A 115 -1.41 4.63 -4.69
C GLN A 115 -1.24 5.79 -3.69
N VAL A 116 -0.82 6.96 -4.16
CA VAL A 116 -0.65 8.15 -3.34
C VAL A 116 -1.28 9.37 -4.02
N GLU A 117 -1.94 10.24 -3.24
CA GLU A 117 -2.69 11.41 -3.67
C GLU A 117 -2.15 12.70 -3.03
N GLU A 118 -1.62 13.57 -3.88
CA GLU A 118 -0.99 14.85 -3.58
C GLU A 118 -2.01 15.92 -3.12
N ASN A 119 -2.68 15.70 -1.98
CA ASN A 119 -3.64 16.47 -1.21
C ASN A 119 -4.43 15.66 -0.20
N ARG A 120 -4.51 14.35 -0.47
CA ARG A 120 -5.30 13.40 0.31
C ARG A 120 -4.45 12.38 1.05
N GLY A 121 -3.13 12.40 0.84
CA GLY A 121 -2.22 11.47 1.45
C GLY A 121 -2.28 10.14 0.70
N PRO A 122 -1.80 9.05 1.29
CA PRO A 122 -1.83 7.77 0.61
C PRO A 122 -3.26 7.21 0.59
N VAL A 123 -3.61 6.56 -0.52
CA VAL A 123 -4.90 6.01 -0.79
C VAL A 123 -4.65 4.53 -1.13
N LEU A 124 -5.35 3.65 -0.44
CA LEU A 124 -5.20 2.20 -0.52
C LEU A 124 -6.52 1.56 -0.96
N PRO A 125 -6.85 1.60 -2.27
CA PRO A 125 -8.07 1.00 -2.81
C PRO A 125 -8.05 -0.53 -2.67
N PRO A 126 -9.18 -1.26 -2.81
CA PRO A 126 -9.19 -2.71 -2.59
C PRO A 126 -8.38 -3.53 -3.61
N GLU A 127 -8.04 -2.96 -4.78
CA GLU A 127 -7.18 -3.64 -5.76
C GLU A 127 -5.69 -3.44 -5.42
N SER A 128 -5.41 -3.15 -4.15
CA SER A 128 -4.08 -3.01 -3.60
C SER A 128 -3.63 -4.39 -3.15
N PHE A 129 -2.37 -4.76 -3.40
CA PHE A 129 -1.89 -6.04 -2.91
C PHE A 129 -1.57 -5.79 -1.44
N VAL A 130 -2.31 -6.41 -0.52
CA VAL A 130 -2.16 -6.18 0.90
C VAL A 130 -2.22 -7.53 1.60
N VAL A 131 -1.11 -7.88 2.24
CA VAL A 131 -0.90 -9.15 2.90
C VAL A 131 -0.07 -8.94 4.17
N LEU A 132 0.03 -9.99 4.99
CA LEU A 132 0.79 -9.97 6.23
C LEU A 132 2.27 -9.76 5.92
N HIS A 133 2.92 -8.83 6.63
CA HIS A 133 4.35 -8.57 6.44
C HIS A 133 5.13 -9.80 6.88
N ARG A 134 6.15 -10.15 6.10
CA ARG A 134 7.10 -11.24 6.34
C ARG A 134 8.50 -10.67 6.07
N PRO A 135 9.58 -11.28 6.59
CA PRO A 135 10.94 -10.85 6.30
C PRO A 135 11.31 -11.17 4.86
N ASN A 136 10.93 -12.36 4.37
CA ASN A 136 11.26 -12.83 3.03
C ASN A 136 10.72 -11.87 1.96
N GLN A 137 9.49 -11.40 2.17
CA GLN A 137 8.87 -10.42 1.30
C GLN A 137 9.64 -9.10 1.31
N ASP A 138 10.15 -8.65 2.46
CA ASP A 138 10.81 -7.35 2.63
C ASP A 138 12.00 -7.25 1.66
N GLN A 139 12.84 -8.29 1.67
CA GLN A 139 13.99 -8.37 0.79
C GLN A 139 13.56 -8.44 -0.67
N ILE A 140 12.43 -9.07 -0.99
CA ILE A 140 11.92 -9.16 -2.35
C ILE A 140 11.44 -7.79 -2.83
N LEU A 141 10.65 -7.04 -2.06
CA LEU A 141 10.23 -5.71 -2.46
C LEU A 141 11.48 -4.81 -2.62
N THR A 142 12.46 -4.96 -1.73
CA THR A 142 13.73 -4.24 -1.83
C THR A 142 14.43 -4.63 -3.14
N ASN A 143 14.51 -5.93 -3.47
CA ASN A 143 15.08 -6.41 -4.72
C ASN A 143 14.34 -5.79 -5.89
N LEU A 144 13.01 -5.78 -5.86
CA LEU A 144 12.17 -5.24 -6.94
C LEU A 144 12.40 -3.75 -7.14
N SER A 145 12.68 -3.00 -6.07
CA SER A 145 13.00 -1.59 -6.14
C SER A 145 14.37 -1.43 -6.80
N LYS A 146 15.36 -2.18 -6.32
CA LYS A 146 16.75 -2.08 -6.77
C LYS A 146 16.92 -2.58 -8.21
N ARG A 147 16.19 -3.63 -8.62
CA ARG A 147 16.14 -4.19 -9.96
C ARG A 147 15.28 -3.30 -10.86
N LYS A 148 15.18 -3.64 -12.16
CA LYS A 148 14.30 -2.92 -13.08
C LYS A 148 13.02 -3.77 -13.18
N CYS A 149 11.87 -3.12 -13.31
CA CYS A 149 10.61 -3.83 -13.51
C CYS A 149 10.60 -4.48 -14.90
N PRO A 150 9.77 -5.51 -15.16
CA PRO A 150 9.65 -6.12 -16.46
C PRO A 150 8.94 -5.14 -17.41
N SER A 151 9.69 -4.53 -18.33
CA SER A 151 9.18 -3.58 -19.31
C SER A 151 9.98 -3.75 -20.59
N GLN A 152 10.01 -4.98 -21.11
CA GLN A 152 10.64 -5.32 -22.37
C GLN A 152 9.53 -5.80 -23.31
N PRO A 153 9.23 -5.06 -24.39
CA PRO A 153 8.26 -5.49 -25.39
C PRO A 153 9.01 -6.01 -26.62
N VAL A 154 8.40 -7.02 -27.25
CA VAL A 154 8.79 -7.69 -28.48
C VAL A 154 7.46 -8.19 -29.04
N SER A 24 -10.47 11.15 -8.82
CA SER A 24 -11.51 10.97 -9.86
C SER A 24 -12.79 10.40 -9.24
N PRO A 25 -13.89 11.17 -9.16
CA PRO A 25 -15.10 10.76 -8.43
C PRO A 25 -16.03 9.87 -9.27
N ASP A 26 -15.54 8.72 -9.69
CA ASP A 26 -16.26 7.78 -10.55
C ASP A 26 -16.01 6.32 -10.17
N ALA A 27 -16.37 6.02 -8.93
CA ALA A 27 -16.33 4.67 -8.34
C ALA A 27 -17.49 4.55 -7.34
N PRO A 28 -18.34 3.52 -7.43
CA PRO A 28 -19.44 3.25 -6.51
C PRO A 28 -18.95 2.50 -5.27
N THR A 29 -19.89 2.06 -4.43
CA THR A 29 -19.66 1.26 -3.23
C THR A 29 -18.76 0.05 -3.57
N CYS A 30 -18.02 -0.45 -2.57
CA CYS A 30 -17.07 -1.52 -2.79
C CYS A 30 -17.81 -2.86 -2.69
N PRO A 31 -17.68 -3.75 -3.70
CA PRO A 31 -18.40 -5.02 -3.77
C PRO A 31 -17.88 -6.05 -2.76
N LYS A 32 -18.58 -7.20 -2.71
CA LYS A 32 -18.23 -8.33 -1.86
C LYS A 32 -17.06 -9.16 -2.42
N GLN A 33 -16.78 -9.07 -3.72
CA GLN A 33 -15.68 -9.80 -4.34
C GLN A 33 -14.36 -9.40 -3.69
N CYS A 34 -13.57 -10.40 -3.32
CA CYS A 34 -12.32 -10.22 -2.60
C CYS A 34 -11.37 -11.38 -2.92
N ARG A 35 -10.72 -11.31 -4.09
CA ARG A 35 -9.80 -12.32 -4.63
C ARG A 35 -8.58 -11.58 -5.14
N ARG A 36 -7.44 -12.24 -5.26
CA ARG A 36 -6.19 -11.64 -5.66
C ARG A 36 -5.87 -12.11 -7.07
N THR A 37 -5.12 -11.31 -7.85
CA THR A 37 -4.67 -11.69 -9.19
C THR A 37 -3.18 -11.33 -9.33
N GLY A 38 -2.58 -11.72 -10.45
CA GLY A 38 -1.20 -11.40 -10.79
C GLY A 38 -0.23 -12.01 -9.78
N THR A 39 0.95 -11.39 -9.65
CA THR A 39 1.98 -11.82 -8.73
C THR A 39 2.40 -10.63 -7.88
N LEU A 40 3.18 -10.88 -6.82
CA LEU A 40 3.73 -9.81 -5.99
C LEU A 40 4.67 -8.98 -6.84
N GLN A 41 5.48 -9.61 -7.68
CA GLN A 41 6.47 -8.92 -8.48
C GLN A 41 5.81 -7.99 -9.50
N SER A 42 4.74 -8.42 -10.19
CA SER A 42 4.04 -7.56 -11.12
C SER A 42 3.34 -6.41 -10.39
N ASN A 43 2.56 -6.74 -9.35
CA ASN A 43 1.89 -5.73 -8.52
C ASN A 43 2.85 -4.68 -7.99
N PHE A 44 4.02 -5.07 -7.49
CA PHE A 44 5.02 -4.15 -6.94
C PHE A 44 5.36 -3.01 -7.90
N CYS A 45 5.52 -3.29 -9.20
CA CYS A 45 5.83 -2.25 -10.18
C CYS A 45 4.60 -1.40 -10.55
N ALA A 46 3.39 -1.98 -10.56
CA ALA A 46 2.17 -1.24 -10.88
C ALA A 46 1.85 -0.19 -9.79
N SER A 47 2.07 -0.54 -8.52
CA SER A 47 1.84 0.35 -7.40
C SER A 47 2.84 1.52 -7.40
N SER A 48 2.37 2.75 -7.27
CA SER A 48 3.21 3.94 -7.17
C SER A 48 3.71 4.11 -5.71
N LEU A 49 3.19 3.30 -4.78
CA LEU A 49 3.54 3.31 -3.36
C LEU A 49 3.75 1.87 -2.93
N VAL A 50 4.92 1.54 -2.37
CA VAL A 50 5.18 0.21 -1.85
C VAL A 50 5.88 0.38 -0.52
N VAL A 51 5.24 -0.08 0.56
CA VAL A 51 5.74 0.04 1.92
C VAL A 51 5.29 -1.16 2.75
N THR A 52 5.84 -1.31 3.94
CA THR A 52 5.50 -2.31 4.94
C THR A 52 5.26 -1.55 6.21
N ALA A 53 4.22 -1.90 6.95
CA ALA A 53 3.87 -1.17 8.14
C ALA A 53 3.17 -2.06 9.15
N THR A 54 2.97 -1.54 10.36
CA THR A 54 2.25 -2.20 11.42
C THR A 54 1.06 -1.28 11.67
N VAL A 55 -0.14 -1.83 11.63
CA VAL A 55 -1.34 -1.04 11.85
C VAL A 55 -1.36 -0.67 13.33
N LYS A 56 -1.22 0.62 13.61
CA LYS A 56 -1.29 1.18 14.95
C LYS A 56 -2.77 1.31 15.32
N SER A 57 -3.55 1.98 14.47
CA SER A 57 -4.99 2.14 14.61
C SER A 57 -5.65 2.12 13.22
N MET A 58 -6.98 2.10 13.23
CA MET A 58 -7.85 2.13 12.06
C MET A 58 -8.93 3.15 12.41
N VAL A 59 -9.26 4.05 11.49
CA VAL A 59 -10.21 5.13 11.73
C VAL A 59 -11.26 5.10 10.61
N ARG A 60 -12.54 5.41 10.90
CA ARG A 60 -13.55 5.42 9.83
C ARG A 60 -13.28 6.62 8.94
N GLU A 61 -13.37 6.41 7.63
CA GLU A 61 -13.18 7.41 6.59
C GLU A 61 -14.51 7.63 5.85
N PRO A 62 -14.61 8.68 5.02
CA PRO A 62 -15.82 8.94 4.26
C PRO A 62 -16.19 7.78 3.33
N GLY A 63 -17.46 7.79 2.90
CA GLY A 63 -18.01 6.77 2.04
C GLY A 63 -17.95 5.40 2.70
N GLU A 64 -17.72 4.33 1.94
CA GLU A 64 -17.63 2.96 2.46
C GLU A 64 -16.18 2.63 2.87
N GLY A 65 -15.31 3.64 3.00
CA GLY A 65 -13.90 3.51 3.30
C GLY A 65 -13.56 3.35 4.78
N LEU A 66 -12.26 3.17 5.04
CA LEU A 66 -11.60 2.96 6.32
C LEU A 66 -10.17 3.49 6.16
N ALA A 67 -9.60 4.15 7.17
CA ALA A 67 -8.23 4.63 7.17
C ALA A 67 -7.44 3.65 8.00
N VAL A 68 -6.20 3.42 7.61
CA VAL A 68 -5.29 2.57 8.33
C VAL A 68 -4.13 3.47 8.75
N THR A 69 -3.84 3.56 10.04
CA THR A 69 -2.80 4.40 10.61
C THR A 69 -1.63 3.47 10.91
N VAL A 70 -0.44 3.85 10.46
CA VAL A 70 0.77 3.04 10.57
C VAL A 70 1.99 3.88 10.97
N SER A 71 3.15 3.24 11.18
CA SER A 71 4.40 3.89 11.62
C SER A 71 5.61 3.47 10.76
N LEU A 72 5.43 3.35 9.44
CA LEU A 72 6.46 3.02 8.43
C LEU A 72 7.51 2.00 8.87
N ILE A 73 7.20 0.70 8.81
CA ILE A 73 8.17 -0.35 9.14
C ILE A 73 9.20 -0.53 8.01
N GLY A 74 8.80 -0.31 6.75
CA GLY A 74 9.68 -0.37 5.58
C GLY A 74 9.07 0.42 4.43
N ALA A 75 9.88 0.77 3.44
CA ALA A 75 9.48 1.46 2.22
C ALA A 75 10.35 0.95 1.08
N TYR A 76 9.81 0.99 -0.14
CA TYR A 76 10.49 0.48 -1.33
C TYR A 76 10.30 1.38 -2.55
N LYS A 77 9.22 2.19 -2.58
CA LYS A 77 8.90 3.18 -3.60
C LYS A 77 7.94 4.16 -2.93
N THR A 78 8.13 5.45 -3.20
CA THR A 78 7.38 6.60 -2.73
C THR A 78 7.41 7.61 -3.87
N GLY A 79 6.66 7.31 -4.93
CA GLY A 79 6.48 8.12 -6.13
C GLY A 79 5.41 9.16 -5.89
N GLY A 80 5.55 9.87 -4.78
CA GLY A 80 4.71 10.94 -4.34
C GLY A 80 5.21 11.61 -3.06
N LEU A 81 5.11 10.90 -1.93
CA LEU A 81 5.44 11.42 -0.60
C LEU A 81 6.90 11.83 -0.52
N ASP A 82 7.12 13.03 0.00
CA ASP A 82 8.44 13.57 0.25
C ASP A 82 8.92 12.99 1.59
N LEU A 83 9.58 11.83 1.54
CA LEU A 83 10.16 11.27 2.75
C LEU A 83 11.28 12.22 3.20
N PRO A 84 11.40 12.47 4.52
CA PRO A 84 12.35 13.41 5.06
C PRO A 84 13.80 12.91 4.95
N SER A 85 14.73 13.70 5.50
CA SER A 85 16.14 13.39 5.60
C SER A 85 16.32 11.92 6.02
N PRO A 86 15.78 11.46 7.18
CA PRO A 86 15.87 10.05 7.51
C PRO A 86 14.76 9.33 6.70
N PRO A 87 14.99 8.08 6.29
CA PRO A 87 14.05 7.22 5.59
C PRO A 87 12.89 6.77 6.52
N THR A 88 12.32 5.61 6.17
CA THR A 88 11.24 4.90 6.85
C THR A 88 11.30 5.03 8.39
N GLY A 89 10.12 5.19 9.00
CA GLY A 89 9.89 5.41 10.42
C GLY A 89 8.89 6.52 10.73
N ALA A 90 8.33 7.20 9.73
CA ALA A 90 7.37 8.29 9.94
C ALA A 90 5.96 7.70 9.99
N SER A 91 5.04 8.28 10.75
CA SER A 91 3.68 7.80 10.82
C SER A 91 2.94 8.24 9.57
N LEU A 92 1.95 7.47 9.12
CA LEU A 92 1.11 7.81 7.98
C LEU A 92 -0.30 7.25 8.18
N LYS A 93 -1.28 7.78 7.44
CA LYS A 93 -2.66 7.31 7.43
C LYS A 93 -3.05 7.06 5.98
N PHE A 94 -3.36 5.81 5.63
CA PHE A 94 -3.68 5.39 4.27
C PHE A 94 -5.19 5.32 4.10
N TYR A 95 -5.71 6.04 3.10
CA TYR A 95 -7.11 6.04 2.73
C TYR A 95 -7.47 4.73 2.01
N VAL A 96 -8.32 3.87 2.58
CA VAL A 96 -8.77 2.64 1.92
C VAL A 96 -10.24 2.90 1.56
N PRO A 97 -10.64 2.94 0.27
CA PRO A 97 -12.03 3.17 -0.12
C PRO A 97 -12.95 1.96 0.16
N CYS A 98 -12.42 0.88 0.73
CA CYS A 98 -13.14 -0.34 1.01
C CYS A 98 -12.86 -0.78 2.44
N LYS A 99 -13.86 -0.76 3.32
CA LYS A 99 -13.67 -1.26 4.69
C LYS A 99 -13.77 -2.79 4.77
N GLN A 100 -14.26 -3.45 3.72
CA GLN A 100 -14.50 -4.90 3.68
C GLN A 100 -13.25 -5.72 3.34
N CYS A 101 -12.39 -5.20 2.47
CA CYS A 101 -11.18 -5.85 1.96
C CYS A 101 -10.20 -4.79 1.45
N PRO A 102 -8.90 -5.13 1.26
CA PRO A 102 -8.27 -6.42 1.56
C PRO A 102 -8.25 -6.69 3.08
N PRO A 103 -8.23 -7.96 3.51
CA PRO A 103 -8.29 -8.33 4.92
C PRO A 103 -7.00 -8.00 5.66
N MET A 104 -7.10 -7.19 6.72
CA MET A 104 -6.01 -6.72 7.55
C MET A 104 -6.52 -6.58 8.99
N LYS A 105 -5.62 -6.56 9.98
CA LYS A 105 -6.00 -6.52 11.40
C LYS A 105 -5.16 -5.47 12.12
N LYS A 106 -5.77 -4.81 13.10
CA LYS A 106 -5.09 -3.85 13.96
C LYS A 106 -4.00 -4.55 14.77
N GLY A 107 -2.85 -3.90 14.99
CA GLY A 107 -1.76 -4.42 15.81
C GLY A 107 -1.06 -5.62 15.17
N VAL A 108 -0.92 -5.65 13.85
CA VAL A 108 -0.28 -6.69 13.06
C VAL A 108 0.50 -5.99 11.94
N SER A 109 1.49 -6.69 11.36
CA SER A 109 2.37 -6.17 10.32
C SER A 109 1.95 -6.67 8.93
N TYR A 110 1.88 -5.76 7.97
CA TYR A 110 1.46 -6.00 6.59
C TYR A 110 2.37 -5.29 5.59
N LEU A 111 2.25 -5.69 4.32
CA LEU A 111 2.89 -5.17 3.11
C LEU A 111 1.75 -4.50 2.37
N LEU A 112 1.90 -3.22 2.04
CA LEU A 112 0.90 -2.39 1.39
C LEU A 112 1.49 -1.88 0.08
N MET A 113 0.84 -2.23 -1.03
CA MET A 113 1.22 -1.80 -2.36
C MET A 113 0.01 -1.05 -2.90
N GLY A 114 0.09 0.27 -3.12
CA GLY A 114 -1.00 1.14 -3.54
C GLY A 114 -0.49 2.29 -4.41
N GLN A 115 -0.99 3.51 -4.21
CA GLN A 115 -0.59 4.72 -4.93
C GLN A 115 -0.42 5.87 -3.92
N VAL A 116 0.01 7.04 -4.39
CA VAL A 116 0.11 8.25 -3.55
C VAL A 116 -0.57 9.41 -4.26
N GLU A 117 -1.42 10.15 -3.55
CA GLU A 117 -2.06 11.35 -4.08
C GLU A 117 -1.30 12.47 -3.38
N GLU A 118 -0.55 13.28 -4.13
CA GLU A 118 0.27 14.37 -3.60
C GLU A 118 -0.67 15.56 -3.34
N ASN A 119 -1.60 15.36 -2.42
CA ASN A 119 -2.64 16.27 -1.96
C ASN A 119 -3.16 15.85 -0.59
N ARG A 120 -3.37 14.54 -0.38
CA ARG A 120 -3.91 13.97 0.86
C ARG A 120 -3.04 12.87 1.45
N GLY A 121 -1.97 12.49 0.75
CA GLY A 121 -1.01 11.52 1.24
C GLY A 121 -1.23 10.16 0.59
N PRO A 122 -0.87 9.07 1.28
CA PRO A 122 -0.97 7.74 0.73
C PRO A 122 -2.44 7.32 0.63
N VAL A 123 -2.78 6.71 -0.49
CA VAL A 123 -4.10 6.18 -0.77
C VAL A 123 -3.86 4.68 -1.01
N LEU A 124 -4.86 3.84 -0.76
CA LEU A 124 -4.69 2.39 -0.85
C LEU A 124 -5.94 1.85 -1.57
N PRO A 125 -5.97 1.94 -2.91
CA PRO A 125 -7.12 1.56 -3.75
C PRO A 125 -7.49 0.07 -3.66
N PRO A 126 -8.63 -0.39 -4.22
CA PRO A 126 -9.01 -1.80 -4.15
C PRO A 126 -8.04 -2.73 -4.88
N GLU A 127 -7.22 -2.20 -5.80
CA GLU A 127 -6.19 -2.92 -6.53
C GLU A 127 -4.86 -2.98 -5.78
N SER A 128 -4.90 -2.83 -4.45
CA SER A 128 -3.69 -2.84 -3.64
C SER A 128 -3.34 -4.27 -3.24
N PHE A 129 -2.09 -4.69 -3.45
CA PHE A 129 -1.66 -6.01 -3.01
C PHE A 129 -1.36 -5.85 -1.52
N VAL A 130 -2.11 -6.54 -0.66
CA VAL A 130 -2.01 -6.42 0.79
C VAL A 130 -1.93 -7.81 1.41
N VAL A 131 -0.82 -8.13 2.07
CA VAL A 131 -0.55 -9.42 2.71
C VAL A 131 0.27 -9.20 3.98
N LEU A 132 0.40 -10.23 4.82
CA LEU A 132 1.17 -10.18 6.06
C LEU A 132 2.66 -9.98 5.75
N HIS A 133 3.33 -9.10 6.48
CA HIS A 133 4.77 -8.86 6.33
C HIS A 133 5.56 -10.10 6.75
N ARG A 134 6.67 -10.41 6.08
CA ARG A 134 7.62 -11.48 6.37
C ARG A 134 9.01 -11.02 5.88
N PRO A 135 10.11 -11.46 6.50
CA PRO A 135 11.45 -10.99 6.14
C PRO A 135 11.85 -11.45 4.73
N ASN A 136 11.40 -12.64 4.34
CA ASN A 136 11.62 -13.15 2.99
C ASN A 136 10.97 -12.25 1.94
N GLN A 137 9.74 -11.78 2.19
CA GLN A 137 9.05 -10.86 1.29
C GLN A 137 9.71 -9.50 1.32
N ASP A 138 10.10 -9.01 2.51
CA ASP A 138 10.82 -7.75 2.69
C ASP A 138 12.00 -7.68 1.72
N GLN A 139 12.85 -8.69 1.79
CA GLN A 139 14.02 -8.88 0.94
C GLN A 139 13.64 -8.88 -0.55
N ILE A 140 12.56 -9.57 -0.93
CA ILE A 140 12.11 -9.63 -2.31
C ILE A 140 11.74 -8.23 -2.81
N LEU A 141 10.95 -7.46 -2.06
CA LEU A 141 10.53 -6.11 -2.45
C LEU A 141 11.77 -5.22 -2.54
N THR A 142 12.72 -5.34 -1.60
CA THR A 142 13.98 -4.60 -1.63
C THR A 142 14.76 -4.92 -2.91
N ASN A 143 14.83 -6.19 -3.30
CA ASN A 143 15.53 -6.58 -4.54
C ASN A 143 14.79 -6.04 -5.75
N LEU A 144 13.46 -6.10 -5.75
CA LEU A 144 12.65 -5.53 -6.83
C LEU A 144 12.88 -4.02 -6.90
N SER A 145 13.11 -3.34 -5.76
CA SER A 145 13.37 -1.91 -5.69
C SER A 145 14.70 -1.56 -6.36
N LYS A 146 15.72 -2.40 -6.27
CA LYS A 146 16.98 -2.16 -6.98
C LYS A 146 16.78 -2.47 -8.46
N ARG A 147 16.08 -3.56 -8.75
CA ARG A 147 15.74 -3.95 -10.11
C ARG A 147 14.72 -2.95 -10.67
N LYS A 148 14.38 -3.16 -11.92
CA LYS A 148 13.39 -2.44 -12.70
C LYS A 148 12.61 -3.51 -13.45
N CYS A 149 11.29 -3.40 -13.53
CA CYS A 149 10.50 -4.40 -14.24
C CYS A 149 10.80 -4.34 -15.74
N PRO A 150 10.74 -5.49 -16.44
CA PRO A 150 10.91 -5.55 -17.88
C PRO A 150 9.60 -5.10 -18.54
N SER A 151 9.56 -3.86 -19.00
CA SER A 151 8.40 -3.25 -19.63
C SER A 151 8.90 -2.29 -20.71
N GLN A 152 9.39 -2.86 -21.83
CA GLN A 152 9.91 -2.09 -22.96
C GLN A 152 8.96 -2.32 -24.14
N PRO A 153 8.23 -1.29 -24.59
CA PRO A 153 7.37 -1.34 -25.75
C PRO A 153 8.11 -0.67 -26.92
N VAL A 154 7.36 -0.27 -27.95
CA VAL A 154 7.84 0.47 -29.11
C VAL A 154 6.72 1.47 -29.36
#